data_1PPJ
#
_entry.id   1PPJ
#
_cell.length_a   128.530
_cell.length_b   168.748
_cell.length_c   231.533
_cell.angle_alpha   90.00
_cell.angle_beta   90.00
_cell.angle_gamma   90.00
#
_symmetry.space_group_name_H-M   'P 21 21 21'
#
loop_
_entity.id
_entity.type
_entity.pdbx_description
1 polymer 'Ubiquinol-cytochrome C reductase complex core protein I, mitochondrial'
2 polymer 'Ubiquinol-cytochrome C reductase complex core protein 2, mitochondrial'
3 polymer 'Cytochrome b'
4 polymer 'Cytochrome c1, heme protein, mitochondrial'
5 polymer 'Ubiquinol-cytochrome C reductase iron-sulfur subunit, mitochondrial'
6 polymer 'Ubiquinol-cytochrome C reductase complex 14 kDa protein'
7 polymer 'Ubiquinol-cytochrome C reductase complex ubiquinone-binding protein QP-C'
8 polymer 'Ubiquinol-cytochrome C reductase complex 11 kDa protein'
9 polymer 'Ubiquinol-cytochrome C reductase iron-sulfur subunit, mitochondrial'
10 polymer 'Ubiquinol-cytochrome C reductase complex 7.2 kDa protein'
11 non-polymer 'hexyl beta-D-glucopyranoside'
12 non-polymer 'PHOSPHATE ION'
13 non-polymer 'AZIDE ION'
14 non-polymer GLYCEROL
15 non-polymer 'PROTOPORPHYRIN IX CONTAINING FE'
16 non-polymer 'STIGMATELLIN A'
17 non-polymer 1,2-dioleoyl-sn-glycero-3-phosphoethanolamine
18 non-polymer '2-METHYL-BUTYRIC ACID 3-(3-FORMYLAMINO-2-HYDROXY-BENZOYLAMINO)-8-HEPTYL-2,6-DIMETHYL-4,9-DIOXO-[1,5]DIOXONAN-7-YL ESTER'
19 non-polymer 'HEME C'
20 non-polymer CARDIOLIPIN
21 non-polymer 'FE2/S2 (INORGANIC) CLUSTER'
22 water water
#
loop_
_entity_poly.entity_id
_entity_poly.type
_entity_poly.pdbx_seq_one_letter_code
_entity_poly.pdbx_strand_id
1 'polypeptide(L)'
;TATYAQALQSVPETQVSQLDNGLRVASEQSSQPTCTVGVWIDAGSRYESEKNNGAGYFVEHLAFKGTKNRPGNALEKEVE
SMGAHLNAYSTREHTAYYIKALSKDLPKAVELLADIVQNCSLEDSQIEKERDVILQELQENDTSMRDVVFNYLHATAFQG
TPLAQSVEGPSENVRKLSRADLTEYLSRHYKAPRMVLAAAGGLEHRQLLDLAQKHFSGLSGTYDEDAVPTLSPCRFTGSQ
ICHREDGLPLAHVAIAVEGPGWAHPDNVALQVANAIIGHYDCTYGGGAHLSSPLASIAATNKLCQSFQTFNICYADTGLL
GAHFVCDHMSIDDMMFVLQGQWMRLCTSATESEVLRGKNLLRNALVSHLDGTTPVCEDIGRSLLTYGRRIPLAEWESRIA
EVDARVVREVCSKYFYDQCPAVAGFGPIEQLPDYNRIRSGMFWLRF
;
A,N
2 'polypeptide(L)'
;SLKVAPKVKATEAPAGVPPHPQDLEFTRLPNGLVIASLENYAPASRIGLFIKAGSRYENSNNLGTSHLLRLASSLTTKGA
SSFKITRGIEAVGGKLSVTSTRENMAYTVECLRDDVDILMEFLLNVTTAPEFRRWEVAALQPQLRIDKAVALQNPQAHVI
ENLHAAAYRNALANSLYCPDYRIGKVTPVELHDYVQNHFTSARMALIGLGVSHPVLKQVAEQFLNIRGGLGLSGAKAKYH
GGEIREQNGDSLVHAALVAESAAIGSAEANAFSVLQHVLGAGPHVKRGSNATSSLYQAVAKGVHQPFDVSAFNASYSDSG
LFGFYTISQAASAGDVIKAAYNQVKTIAQGNLSNPDVQAAKNKLKAGYLMSVESSEGFLDEVGSQALAAGSYTPPSTVLQ
QIDAVADADVINAAKKFVSGRKSMAASGNLGHTPFIDEL
;
B,O
3 'polypeptide(L)'
;MTNIRKSHPLMKIVNNAFIDLPAPSNISSWWNFGSLLGICLILQILTGLFLAMHYTSDTTTAFSSVTHICRDVNYGWIIR
YMHANGASMFFICLYMHVGRGLYYGSYTFLETWNIGVILLLTVMATAFMGYVLPWGQMSFWGATVITNLLSAIPYIGTNL
VEWIWGGFSVDKATLTRFFAFHFILPFIIMAIAMVHLLFLHETGSNNPTGISSDVDKIPFHPYYTIKDILGALLLILALM
LLVLFAPDLLGDPDNYTPANPLNTPPHIKPEWYFLFAYAILRSIPNKLGGVLALAFSILILALIPLLHTSKQRSMMFRPL
SQCLFWALVADLLTLTWIGGQPVEHPYITIGQLASVLYFLLILVLMPTAGTIENKLLKW
;
C,P
4 'polypeptide(L)'
;SDLELHPPSYPWSHRGLLSSLDHTSIRRGFQVYKQVCSSCHSMDYVAYRHLVGVCYTEDEAKALAEEVEVQDGPNEDGEM
FMRPGKLSDYFPKPYPNPEAARAANNGALPPDLSYIVRARHGGEDYVFSLLTGYCEPPTGVSLREGLYFNPYFPGQAIGM
APPIYNEVLEFDDGTPATMSQVAKDVCTFLRWAAEPEHDHRKRMGLKMLLMMGLLLPLVYAMKRHKWSVLKSRKLAYRPP
K
;
D,Q
5 'polypeptide(L)'
;SHTDIKVPDFSDYRRPEVLDSTKSSKESSEARKGFSYLVTATTTVGVAYAAKNVVSQFVSSMSASADVLAMSKIEIKLSD
IPEGKNMAFKWRGKPLFVRHRTKKEIDQEAAVEVSQLRDPQHDLERVKKPEWVILIGVCTHLGCVPIANAGDFGGYYCPC
HGSHYDASGRIRKGPAPLNLEVPSYEFTSDDMVIVG
;
E,R
6 'polypeptide(L)'
;AGRPAVSASSRWLEGIRKWYYNAAGFNKLGLMRDDTIHENDDVKEAIRRLPENLYDDRVFRIKRALDLSMRQQILPKEQW
TKYEEDKSYLEPYLKEVIRERKEREEWAKK
;
F,S
7 'polypeptide(L)'
;GRQFGHLTRVRHVITYSLSPFEQRAFPHYFSKGIPNVLRRTRACILRVAPPFVAFYLVYTWGTQEFEKSKRKNPAAYEND
R
;
G,T
8 'polypeptide(L)' GDPKEEEEEEEELVDPLTTVREQCEQLEKCVKARERLELCDERVSSRSQTEEDCTEELLDFLHARDHCVAHKLFNSLK H,U
9 'polypeptide(L)' MLSVAARSGPFAPVLSATSRGVAGALRPLVQAAVPATSESPVLDLKLSVLCRESLRGQAAGRPLVASVSLNVPASVRY I,V
10 'polypeptide(L)' VAPTLTARLYSLLFRRTSTFALTIVVGALFFERAFDQGADAIYEHINEGKLWKHIKHKYENK J,W
#
# COMPACT_ATOMS: atom_id res chain seq x y z
N ALA A 2 47.36 15.17 40.47
CA ALA A 2 47.03 16.56 40.06
C ALA A 2 45.70 16.62 39.34
N THR A 3 45.13 17.81 39.23
CA THR A 3 43.87 17.99 38.53
C THR A 3 44.23 18.17 37.07
N TYR A 4 43.25 18.05 36.20
CA TYR A 4 43.45 18.22 34.77
C TYR A 4 44.04 19.60 34.53
N ALA A 5 43.71 20.54 35.42
CA ALA A 5 44.17 21.92 35.31
C ALA A 5 45.67 22.10 35.60
N GLN A 6 46.16 21.46 36.65
CA GLN A 6 47.58 21.58 36.98
C GLN A 6 48.42 20.81 35.98
N ALA A 7 47.88 19.72 35.47
CA ALA A 7 48.59 18.91 34.49
C ALA A 7 48.81 19.73 33.23
N LEU A 8 47.83 20.56 32.88
CA LEU A 8 47.93 21.40 31.69
C LEU A 8 49.10 22.37 31.76
N GLN A 9 49.34 22.91 32.95
CA GLN A 9 50.41 23.88 33.17
C GLN A 9 51.79 23.24 33.35
N SER A 10 51.89 21.92 33.22
CA SER A 10 53.17 21.24 33.40
C SER A 10 53.81 20.77 32.10
N VAL A 11 53.15 21.03 30.97
CA VAL A 11 53.68 20.64 29.68
C VAL A 11 54.81 21.60 29.34
N PRO A 12 56.00 21.07 29.00
CA PRO A 12 57.11 21.97 28.68
C PRO A 12 56.69 22.94 27.57
N GLU A 13 57.08 24.20 27.69
CA GLU A 13 56.74 25.19 26.68
C GLU A 13 57.60 24.94 25.45
N THR A 14 57.00 25.07 24.28
CA THR A 14 57.72 24.85 23.03
C THR A 14 58.66 26.03 22.78
N GLN A 15 59.92 25.72 22.52
CA GLN A 15 60.95 26.74 22.28
C GLN A 15 61.11 27.04 20.80
N VAL A 16 61.09 28.33 20.45
CA VAL A 16 61.21 28.73 19.06
C VAL A 16 62.34 29.72 18.80
N SER A 17 63.14 29.43 17.78
CA SER A 17 64.26 30.29 17.38
C SER A 17 64.18 30.48 15.86
N GLN A 18 65.00 31.37 15.31
CA GLN A 18 65.00 31.59 13.87
C GLN A 18 66.39 31.94 13.37
N LEU A 19 66.78 31.31 12.27
CA LEU A 19 68.08 31.54 11.67
C LEU A 19 68.06 32.80 10.82
N ASP A 20 69.24 33.23 10.39
CA ASP A 20 69.37 34.43 9.57
C ASP A 20 68.64 34.33 8.25
N ASN A 21 68.61 33.14 7.67
CA ASN A 21 67.95 32.96 6.38
C ASN A 21 66.43 32.83 6.51
N GLY A 22 65.91 32.97 7.72
CA GLY A 22 64.47 32.90 7.91
C GLY A 22 63.90 31.59 8.43
N LEU A 23 64.70 30.53 8.40
CA LEU A 23 64.23 29.23 8.87
C LEU A 23 63.88 29.25 10.35
N ARG A 24 62.68 28.78 10.67
CA ARG A 24 62.26 28.71 12.06
C ARG A 24 62.61 27.33 12.61
N VAL A 25 63.10 27.32 13.84
CA VAL A 25 63.51 26.10 14.52
C VAL A 25 62.67 26.01 15.80
N ALA A 26 61.87 24.95 15.93
CA ALA A 26 61.03 24.79 17.11
C ALA A 26 61.10 23.39 17.71
N SER A 27 61.05 23.30 19.03
CA SER A 27 61.14 22.00 19.69
C SER A 27 60.45 21.96 21.04
N GLU A 28 60.06 20.74 21.43
CA GLU A 28 59.45 20.50 22.72
C GLU A 28 60.26 19.35 23.30
N GLN A 29 60.96 19.63 24.39
CA GLN A 29 61.80 18.65 25.04
C GLN A 29 61.04 17.78 26.05
N SER A 30 61.35 16.49 26.04
CA SER A 30 60.76 15.53 26.96
C SER A 30 61.96 14.67 27.35
N SER A 31 61.72 13.55 28.01
CA SER A 31 62.84 12.69 28.38
C SER A 31 62.85 11.38 27.62
N GLN A 32 62.08 11.34 26.53
CA GLN A 32 61.99 10.14 25.68
C GLN A 32 63.37 9.83 25.06
N PRO A 33 63.76 8.55 25.03
CA PRO A 33 65.05 8.17 24.46
C PRO A 33 64.99 8.14 22.94
N THR A 34 63.83 8.51 22.41
CA THR A 34 63.60 8.56 20.97
C THR A 34 63.05 9.94 20.64
N CYS A 35 62.99 10.27 19.36
CA CYS A 35 62.48 11.57 18.96
C CYS A 35 62.02 11.54 17.53
N THR A 36 61.43 12.64 17.12
CA THR A 36 60.95 12.82 15.78
C THR A 36 61.38 14.23 15.45
N VAL A 37 62.01 14.39 14.29
CA VAL A 37 62.46 15.69 13.85
C VAL A 37 62.12 15.77 12.37
N GLY A 38 61.70 16.95 11.92
CA GLY A 38 61.34 17.05 10.52
C GLY A 38 61.24 18.48 10.02
N VAL A 39 60.96 18.59 8.72
CA VAL A 39 60.83 19.88 8.07
C VAL A 39 59.44 20.03 7.51
N TRP A 40 58.74 21.07 7.94
CA TRP A 40 57.40 21.35 7.46
C TRP A 40 57.57 22.56 6.54
N ILE A 41 56.92 22.50 5.39
CA ILE A 41 57.02 23.54 4.37
C ILE A 41 55.69 24.12 3.87
N ASP A 42 55.67 25.43 3.68
CA ASP A 42 54.47 26.07 3.15
C ASP A 42 54.49 25.85 1.66
N ALA A 43 54.16 24.64 1.24
CA ALA A 43 54.13 24.29 -0.16
C ALA A 43 53.09 23.18 -0.31
N GLY A 44 52.31 23.27 -1.36
CA GLY A 44 51.26 22.30 -1.63
C GLY A 44 50.59 22.65 -2.93
N SER A 45 49.65 21.83 -3.37
CA SER A 45 48.95 22.09 -4.62
C SER A 45 48.21 23.42 -4.71
N ARG A 46 47.92 24.06 -3.58
CA ARG A 46 47.22 25.36 -3.62
C ARG A 46 48.17 26.36 -4.24
N TYR A 47 49.47 26.06 -4.18
CA TYR A 47 50.52 26.93 -4.72
C TYR A 47 50.83 26.59 -6.17
N GLU A 48 50.26 25.51 -6.66
CA GLU A 48 50.49 25.09 -8.03
C GLU A 48 49.46 25.67 -9.02
N SER A 49 49.87 25.75 -10.28
CA SER A 49 49.01 26.24 -11.35
C SER A 49 48.62 25.01 -12.15
N GLU A 50 47.74 25.18 -13.13
CA GLU A 50 47.30 24.05 -13.93
C GLU A 50 48.43 23.37 -14.68
N LYS A 51 49.47 24.14 -15.01
CA LYS A 51 50.61 23.64 -15.75
C LYS A 51 51.50 22.69 -14.94
N ASN A 52 51.73 23.02 -13.67
CA ASN A 52 52.58 22.20 -12.81
C ASN A 52 51.89 21.50 -11.64
N ASN A 53 50.57 21.44 -11.67
CA ASN A 53 49.81 20.77 -10.62
C ASN A 53 50.31 19.32 -10.57
N GLY A 54 50.80 18.91 -9.39
CA GLY A 54 51.31 17.56 -9.22
C GLY A 54 52.80 17.58 -9.03
N ALA A 55 53.40 18.75 -9.25
CA ALA A 55 54.84 18.92 -9.08
C ALA A 55 55.29 18.55 -7.67
N GLY A 56 54.61 19.11 -6.67
CA GLY A 56 54.97 18.83 -5.29
C GLY A 56 54.94 17.36 -4.92
N TYR A 57 53.92 16.66 -5.44
CA TYR A 57 53.76 15.24 -5.17
C TYR A 57 54.85 14.47 -5.86
N PHE A 58 55.25 14.93 -7.04
CA PHE A 58 56.30 14.27 -7.82
C PHE A 58 57.60 14.38 -7.02
N VAL A 59 57.84 15.56 -6.46
CA VAL A 59 59.04 15.80 -5.67
C VAL A 59 59.07 14.87 -4.45
N GLU A 60 57.90 14.66 -3.83
CA GLU A 60 57.82 13.79 -2.67
C GLU A 60 58.32 12.40 -3.06
N HIS A 61 58.04 12.01 -4.29
CA HIS A 61 58.46 10.70 -4.79
C HIS A 61 59.97 10.62 -5.01
N LEU A 62 60.59 11.78 -5.22
CA LEU A 62 62.01 11.84 -5.48
C LEU A 62 62.86 12.16 -4.25
N ALA A 63 62.26 12.86 -3.29
CA ALA A 63 62.94 13.28 -2.06
C ALA A 63 63.87 12.27 -1.39
N PHE A 64 63.47 11.00 -1.33
CA PHE A 64 64.31 9.99 -0.67
C PHE A 64 65.05 9.07 -1.64
N LYS A 65 65.07 9.41 -2.93
CA LYS A 65 65.73 8.57 -3.93
C LYS A 65 67.22 8.87 -4.14
N GLY A 66 67.82 9.70 -3.29
CA GLY A 66 69.22 10.03 -3.45
C GLY A 66 69.54 11.51 -3.54
N THR A 67 70.63 11.91 -2.91
CA THR A 67 71.07 13.30 -2.92
C THR A 67 72.45 13.37 -3.52
N LYS A 68 72.92 14.57 -3.83
CA LYS A 68 74.23 14.74 -4.43
C LYS A 68 75.30 14.15 -3.51
N ASN A 69 75.08 14.25 -2.21
CA ASN A 69 76.03 13.73 -1.23
C ASN A 69 75.83 12.25 -0.95
N ARG A 70 74.60 11.79 -1.15
CA ARG A 70 74.27 10.38 -0.92
C ARG A 70 73.44 9.88 -2.09
N PRO A 71 74.09 9.57 -3.21
CA PRO A 71 73.43 9.07 -4.42
C PRO A 71 72.71 7.74 -4.25
N GLY A 72 71.68 7.56 -5.07
CA GLY A 72 70.88 6.35 -5.06
C GLY A 72 70.34 5.94 -3.70
N ASN A 73 70.52 4.66 -3.36
CA ASN A 73 70.04 4.10 -2.10
C ASN A 73 70.95 4.36 -0.91
N ALA A 74 71.94 5.23 -1.06
CA ALA A 74 72.84 5.53 0.04
C ALA A 74 72.14 6.20 1.20
N LEU A 75 71.23 7.12 0.91
CA LEU A 75 70.48 7.82 1.95
C LEU A 75 69.64 6.81 2.70
N GLU A 76 69.04 5.92 1.92
CA GLU A 76 68.18 4.85 2.39
C GLU A 76 68.93 3.93 3.35
N LYS A 77 70.08 3.43 2.90
CA LYS A 77 70.91 2.54 3.72
C LYS A 77 71.29 3.16 5.06
N GLU A 78 71.59 4.45 5.04
CA GLU A 78 72.00 5.16 6.24
C GLU A 78 70.85 5.29 7.25
N VAL A 79 69.67 5.62 6.75
CA VAL A 79 68.49 5.75 7.60
C VAL A 79 68.17 4.39 8.25
N GLU A 80 68.10 3.36 7.42
CA GLU A 80 67.83 1.99 7.87
C GLU A 80 68.85 1.41 8.84
N SER A 81 70.13 1.56 8.53
CA SER A 81 71.18 1.03 9.39
C SER A 81 71.20 1.57 10.82
N MET A 82 70.63 2.75 11.03
CA MET A 82 70.59 3.32 12.39
C MET A 82 69.22 3.05 12.99
N GLY A 83 68.41 2.29 12.26
CA GLY A 83 67.08 1.94 12.73
C GLY A 83 66.07 3.07 12.74
N ALA A 84 66.34 4.12 11.95
CA ALA A 84 65.44 5.25 11.88
C ALA A 84 64.35 5.01 10.85
N HIS A 85 63.36 5.89 10.85
CA HIS A 85 62.25 5.80 9.90
C HIS A 85 62.11 7.15 9.24
N LEU A 86 62.00 7.15 7.91
CA LEU A 86 61.87 8.39 7.15
C LEU A 86 60.51 8.36 6.45
N ASN A 87 59.71 9.40 6.64
CA ASN A 87 58.39 9.46 6.02
C ASN A 87 58.09 10.85 5.49
N ALA A 88 57.00 10.98 4.74
CA ALA A 88 56.62 12.26 4.17
C ALA A 88 55.15 12.27 3.78
N TYR A 89 54.63 13.47 3.58
CA TYR A 89 53.25 13.64 3.17
C TYR A 89 53.08 15.03 2.57
N SER A 90 52.12 15.12 1.66
CA SER A 90 51.80 16.37 0.98
C SER A 90 50.30 16.58 1.07
N THR A 91 49.90 17.83 1.29
CA THR A 91 48.50 18.19 1.34
C THR A 91 48.37 19.40 0.42
N ARG A 92 47.18 19.96 0.34
CA ARG A 92 46.99 21.11 -0.53
C ARG A 92 47.76 22.37 -0.08
N GLU A 93 48.16 22.45 1.19
CA GLU A 93 48.90 23.61 1.69
C GLU A 93 50.25 23.32 2.34
N HIS A 94 50.42 22.11 2.87
CA HIS A 94 51.68 21.78 3.54
C HIS A 94 52.35 20.48 3.06
N THR A 95 53.66 20.47 3.20
CA THR A 95 54.47 19.32 2.84
C THR A 95 55.42 19.08 4.02
N ALA A 96 55.61 17.82 4.37
CA ALA A 96 56.49 17.49 5.49
C ALA A 96 57.36 16.26 5.24
N TYR A 97 58.57 16.31 5.75
CA TYR A 97 59.54 15.25 5.64
C TYR A 97 60.01 15.12 7.05
N TYR A 98 59.87 13.95 7.65
CA TYR A 98 60.30 13.77 9.01
C TYR A 98 60.94 12.41 9.29
N ILE A 99 61.76 12.37 10.34
CA ILE A 99 62.47 11.16 10.73
C ILE A 99 62.23 10.80 12.20
N LYS A 100 62.03 9.52 12.47
CA LYS A 100 61.83 9.06 13.84
C LYS A 100 63.16 8.36 14.08
N ALA A 101 63.84 8.70 15.17
CA ALA A 101 65.15 8.09 15.44
C ALA A 101 65.46 8.13 16.93
N LEU A 102 66.55 7.49 17.32
CA LEU A 102 66.95 7.50 18.71
C LEU A 102 67.40 8.92 18.98
N SER A 103 67.14 9.43 20.18
CA SER A 103 67.54 10.79 20.52
C SER A 103 69.03 11.05 20.33
N LYS A 104 69.85 10.04 20.56
CA LYS A 104 71.28 10.20 20.42
C LYS A 104 71.69 10.40 18.97
N ASP A 105 70.80 10.06 18.04
CA ASP A 105 71.12 10.21 16.61
C ASP A 105 70.59 11.52 16.00
N LEU A 106 70.14 12.44 16.83
CA LEU A 106 69.61 13.70 16.34
C LEU A 106 70.51 14.47 15.37
N PRO A 107 71.84 14.46 15.60
CA PRO A 107 72.71 15.19 14.67
C PRO A 107 72.66 14.65 13.25
N LYS A 108 72.73 13.33 13.11
CA LYS A 108 72.71 12.72 11.78
C LYS A 108 71.32 12.89 11.16
N ALA A 109 70.30 12.86 12.01
CA ALA A 109 68.93 13.03 11.52
C ALA A 109 68.76 14.42 10.91
N VAL A 110 69.29 15.44 11.59
CA VAL A 110 69.17 16.80 11.08
C VAL A 110 69.99 16.97 9.80
N GLU A 111 71.15 16.31 9.73
CA GLU A 111 72.00 16.41 8.56
C GLU A 111 71.29 15.81 7.35
N LEU A 112 70.70 14.64 7.54
CA LEU A 112 69.98 13.94 6.48
C LEU A 112 68.81 14.76 5.96
N LEU A 113 68.07 15.38 6.86
CA LEU A 113 66.93 16.21 6.46
C LEU A 113 67.43 17.41 5.66
N ALA A 114 68.50 18.02 6.15
CA ALA A 114 69.09 19.17 5.48
C ALA A 114 69.51 18.75 4.08
N ASP A 115 70.16 17.58 4.00
CA ASP A 115 70.64 17.06 2.73
C ASP A 115 69.46 16.80 1.78
N ILE A 116 68.41 16.16 2.29
CA ILE A 116 67.22 15.87 1.51
C ILE A 116 66.57 17.12 0.93
N VAL A 117 66.28 18.08 1.80
CA VAL A 117 65.65 19.33 1.41
C VAL A 117 66.45 20.27 0.50
N GLN A 118 67.78 20.13 0.50
CA GLN A 118 68.61 21.02 -0.32
C GLN A 118 69.36 20.36 -1.48
N ASN A 119 69.78 19.12 -1.32
CA ASN A 119 70.55 18.46 -2.36
C ASN A 119 69.94 17.27 -3.13
N CYS A 120 68.61 17.21 -3.21
CA CYS A 120 67.94 16.14 -3.93
C CYS A 120 68.49 16.02 -5.35
N SER A 121 68.86 14.80 -5.74
CA SER A 121 69.42 14.53 -7.06
C SER A 121 68.47 14.83 -8.20
N LEU A 122 67.31 14.19 -8.19
CA LEU A 122 66.33 14.36 -9.27
C LEU A 122 66.93 13.82 -10.55
N GLU A 123 67.51 12.62 -10.48
CA GLU A 123 68.14 11.99 -11.64
C GLU A 123 67.07 11.68 -12.69
N ASP A 124 67.32 12.10 -13.93
CA ASP A 124 66.40 11.88 -15.04
C ASP A 124 65.80 10.49 -15.13
N SER A 125 66.62 9.46 -14.86
CA SER A 125 66.13 8.09 -14.91
C SER A 125 65.19 7.81 -13.75
N GLN A 126 65.47 8.40 -12.59
CA GLN A 126 64.61 8.19 -11.43
C GLN A 126 63.27 8.86 -11.70
N ILE A 127 63.31 10.02 -12.34
CA ILE A 127 62.12 10.78 -12.66
C ILE A 127 61.21 9.97 -13.58
N GLU A 128 61.81 9.22 -14.50
CA GLU A 128 61.01 8.41 -15.41
C GLU A 128 60.37 7.22 -14.68
N LYS A 129 61.09 6.69 -13.68
CA LYS A 129 60.58 5.55 -12.95
C LYS A 129 59.40 5.99 -12.10
N GLU A 130 59.57 7.09 -11.36
CA GLU A 130 58.52 7.60 -10.50
C GLU A 130 57.29 7.98 -11.30
N ARG A 131 57.49 8.36 -12.56
CA ARG A 131 56.36 8.72 -13.42
C ARG A 131 55.38 7.54 -13.48
N ASP A 132 55.92 6.33 -13.68
CA ASP A 132 55.07 5.14 -13.76
C ASP A 132 54.48 4.77 -12.40
N VAL A 133 55.24 4.98 -11.34
CA VAL A 133 54.77 4.68 -9.98
C VAL A 133 53.55 5.55 -9.69
N ILE A 134 53.68 6.84 -9.95
CA ILE A 134 52.58 7.78 -9.73
C ILE A 134 51.33 7.43 -10.55
N LEU A 135 51.51 7.04 -11.81
CA LEU A 135 50.36 6.68 -12.63
C LEU A 135 49.63 5.50 -12.01
N GLN A 136 50.40 4.55 -11.49
CA GLN A 136 49.79 3.38 -10.86
C GLN A 136 49.11 3.77 -9.56
N GLU A 137 49.65 4.75 -8.84
CA GLU A 137 49.04 5.18 -7.60
C GLU A 137 47.73 5.90 -7.93
N LEU A 138 47.66 6.57 -9.07
CA LEU A 138 46.45 7.24 -9.47
C LEU A 138 45.36 6.20 -9.69
N GLN A 139 45.73 5.07 -10.31
CA GLN A 139 44.77 4.01 -10.56
C GLN A 139 44.27 3.41 -9.25
N GLU A 140 45.18 3.24 -8.28
CA GLU A 140 44.81 2.67 -6.99
C GLU A 140 43.88 3.63 -6.25
N ASN A 141 44.21 4.91 -6.26
CA ASN A 141 43.38 5.91 -5.60
C ASN A 141 41.95 5.92 -6.16
N ASP A 142 41.82 5.59 -7.44
CA ASP A 142 40.52 5.56 -8.10
C ASP A 142 39.63 4.51 -7.45
N THR A 143 40.25 3.51 -6.81
CA THR A 143 39.47 2.45 -6.18
C THR A 143 39.06 2.79 -4.75
N SER A 144 39.54 3.93 -4.25
CA SER A 144 39.20 4.39 -2.91
C SER A 144 38.06 5.40 -3.03
N MET A 145 36.84 4.92 -2.87
CA MET A 145 35.68 5.80 -2.99
C MET A 145 35.75 7.01 -2.06
N ARG A 146 36.35 6.84 -0.88
CA ARG A 146 36.45 7.93 0.06
C ARG A 146 37.36 9.03 -0.46
N ASP A 147 38.52 8.65 -0.98
CA ASP A 147 39.46 9.63 -1.52
C ASP A 147 38.87 10.32 -2.74
N VAL A 148 38.11 9.57 -3.54
CA VAL A 148 37.49 10.12 -4.73
C VAL A 148 36.47 11.16 -4.34
N VAL A 149 35.57 10.83 -3.43
CA VAL A 149 34.53 11.77 -3.02
C VAL A 149 35.10 13.04 -2.39
N PHE A 150 36.18 12.91 -1.62
CA PHE A 150 36.77 14.11 -1.02
C PHE A 150 37.47 14.97 -2.07
N ASN A 151 38.06 14.36 -3.09
CA ASN A 151 38.70 15.16 -4.13
C ASN A 151 37.60 15.86 -4.91
N TYR A 152 36.46 15.18 -5.07
CA TYR A 152 35.33 15.76 -5.79
C TYR A 152 34.76 16.93 -5.02
N LEU A 153 34.68 16.82 -3.69
CA LEU A 153 34.15 17.88 -2.86
C LEU A 153 34.98 19.16 -3.07
N HIS A 154 36.31 19.01 -3.06
CA HIS A 154 37.20 20.16 -3.25
C HIS A 154 37.07 20.69 -4.67
N ALA A 155 36.95 19.79 -5.63
CA ALA A 155 36.85 20.20 -7.03
C ALA A 155 35.63 21.08 -7.25
N THR A 156 34.50 20.74 -6.64
CA THR A 156 33.29 21.53 -6.82
C THR A 156 33.19 22.71 -5.87
N ALA A 157 33.50 22.51 -4.58
CA ALA A 157 33.41 23.58 -3.59
C ALA A 157 34.35 24.74 -3.91
N PHE A 158 35.57 24.42 -4.36
CA PHE A 158 36.54 25.45 -4.72
C PHE A 158 36.80 25.53 -6.22
N GLN A 159 35.80 25.20 -7.03
CA GLN A 159 35.92 25.23 -8.48
C GLN A 159 36.48 26.56 -9.00
N GLY A 160 37.42 26.47 -9.93
CA GLY A 160 38.01 27.67 -10.50
C GLY A 160 39.15 28.29 -9.71
N THR A 161 39.52 27.66 -8.61
CA THR A 161 40.61 28.13 -7.76
C THR A 161 41.65 27.01 -7.56
N PRO A 162 42.84 27.37 -7.03
CA PRO A 162 43.89 26.38 -6.81
C PRO A 162 43.50 25.28 -5.81
N LEU A 163 42.56 25.58 -4.93
CA LEU A 163 42.13 24.60 -3.93
C LEU A 163 41.28 23.49 -4.53
N ALA A 164 40.81 23.70 -5.77
CA ALA A 164 39.99 22.71 -6.44
C ALA A 164 40.86 21.57 -6.93
N GLN A 165 42.15 21.84 -7.09
CA GLN A 165 43.13 20.86 -7.56
C GLN A 165 43.43 19.75 -6.54
N SER A 166 43.72 18.56 -7.07
CA SER A 166 44.05 17.43 -6.23
C SER A 166 45.54 17.60 -5.96
N VAL A 167 46.03 16.87 -4.97
CA VAL A 167 47.45 16.97 -4.60
C VAL A 167 48.31 16.27 -5.65
N GLU A 168 47.84 15.11 -6.10
CA GLU A 168 48.55 14.29 -7.08
C GLU A 168 48.58 14.88 -8.50
N GLY A 169 47.61 15.72 -8.82
CA GLY A 169 47.54 16.33 -10.14
C GLY A 169 46.88 15.41 -11.16
N PRO A 170 46.50 15.96 -12.33
CA PRO A 170 45.87 15.19 -13.40
C PRO A 170 46.91 14.27 -14.02
N SER A 171 46.48 13.14 -14.56
CA SER A 171 47.41 12.20 -15.16
C SER A 171 48.25 12.77 -16.30
N GLU A 172 47.70 13.71 -17.06
CA GLU A 172 48.47 14.27 -18.17
C GLU A 172 49.64 15.10 -17.64
N ASN A 173 49.48 15.70 -16.47
CA ASN A 173 50.57 16.49 -15.88
C ASN A 173 51.66 15.52 -15.42
N VAL A 174 51.25 14.37 -14.90
CA VAL A 174 52.19 13.35 -14.44
C VAL A 174 53.03 12.85 -15.62
N ARG A 175 52.41 12.71 -16.78
CA ARG A 175 53.11 12.24 -17.98
C ARG A 175 54.03 13.29 -18.59
N LYS A 176 53.74 14.57 -18.34
CA LYS A 176 54.53 15.65 -18.93
C LYS A 176 55.47 16.48 -18.03
N LEU A 177 55.30 16.42 -16.72
CA LEU A 177 56.19 17.19 -15.85
C LEU A 177 57.65 16.83 -16.15
N SER A 178 58.48 17.87 -16.29
CA SER A 178 59.90 17.69 -16.60
C SER A 178 60.77 18.06 -15.41
N ARG A 179 62.04 17.68 -15.45
CA ARG A 179 62.96 18.01 -14.36
C ARG A 179 62.98 19.52 -14.22
N ALA A 180 62.97 20.21 -15.36
CA ALA A 180 62.99 21.67 -15.37
C ALA A 180 61.83 22.16 -14.52
N ASP A 181 60.64 21.59 -14.77
CA ASP A 181 59.45 21.96 -14.03
C ASP A 181 59.66 21.77 -12.53
N LEU A 182 60.26 20.64 -12.17
CA LEU A 182 60.50 20.33 -10.76
C LEU A 182 61.56 21.22 -10.11
N THR A 183 62.72 21.36 -10.76
CA THR A 183 63.76 22.21 -10.18
C THR A 183 63.21 23.63 -10.02
N GLU A 184 62.37 24.03 -10.96
CA GLU A 184 61.76 25.35 -10.95
C GLU A 184 60.86 25.44 -9.72
N TYR A 185 59.97 24.45 -9.56
CA TYR A 185 59.06 24.41 -8.42
C TYR A 185 59.86 24.52 -7.13
N LEU A 186 60.92 23.73 -7.05
CA LEU A 186 61.79 23.69 -5.89
C LEU A 186 62.49 25.01 -5.56
N SER A 187 63.12 25.62 -6.56
CA SER A 187 63.82 26.88 -6.31
C SER A 187 62.84 27.93 -5.77
N ARG A 188 61.60 27.86 -6.25
CA ARG A 188 60.58 28.82 -5.86
C ARG A 188 59.96 28.61 -4.49
N HIS A 189 59.68 27.36 -4.13
CA HIS A 189 59.03 27.07 -2.85
C HIS A 189 59.89 26.62 -1.68
N TYR A 190 60.93 25.83 -1.94
CA TYR A 190 61.80 25.36 -0.88
C TYR A 190 62.85 26.40 -0.47
N LYS A 191 62.38 27.44 0.21
CA LYS A 191 63.22 28.53 0.70
C LYS A 191 63.12 28.47 2.23
N ALA A 192 64.15 28.94 2.92
CA ALA A 192 64.16 28.93 4.39
C ALA A 192 62.97 29.61 5.07
N PRO A 193 62.52 30.78 4.55
CA PRO A 193 61.40 31.49 5.16
C PRO A 193 60.08 30.73 5.07
N ARG A 194 60.07 29.68 4.26
CA ARG A 194 58.87 28.88 4.07
C ARG A 194 58.94 27.55 4.79
N MET A 195 60.01 27.36 5.58
CA MET A 195 60.21 26.11 6.27
C MET A 195 60.30 26.23 7.79
N VAL A 196 60.01 25.12 8.46
CA VAL A 196 60.08 25.02 9.90
C VAL A 196 60.75 23.70 10.25
N LEU A 197 61.83 23.77 11.01
CA LEU A 197 62.51 22.57 11.43
C LEU A 197 61.94 22.32 12.82
N ALA A 198 61.20 21.23 12.95
CA ALA A 198 60.59 20.92 14.23
C ALA A 198 61.10 19.59 14.80
N ALA A 199 61.07 19.47 16.12
CA ALA A 199 61.54 18.26 16.78
C ALA A 199 60.89 18.15 18.14
N ALA A 200 60.60 16.91 18.54
CA ALA A 200 59.99 16.63 19.82
C ALA A 200 60.64 15.34 20.35
N GLY A 201 60.92 15.30 21.65
CA GLY A 201 61.54 14.10 22.21
C GLY A 201 62.65 14.47 23.16
N GLY A 202 63.56 13.52 23.40
CA GLY A 202 64.67 13.76 24.30
C GLY A 202 65.85 14.51 23.67
N LEU A 203 65.71 15.82 23.59
CA LEU A 203 66.73 16.69 23.03
C LEU A 203 66.53 18.09 23.58
N GLU A 204 67.56 18.93 23.47
CA GLU A 204 67.45 20.30 23.94
C GLU A 204 67.37 21.25 22.75
N HIS A 205 66.63 22.34 22.91
CA HIS A 205 66.48 23.32 21.85
C HIS A 205 67.84 23.81 21.37
N ARG A 206 68.72 24.16 22.31
CA ARG A 206 70.06 24.66 21.97
C ARG A 206 70.83 23.73 21.03
N GLN A 207 70.70 22.42 21.24
CA GLN A 207 71.38 21.45 20.39
C GLN A 207 70.76 21.48 19.00
N LEU A 208 69.43 21.49 18.95
CA LEU A 208 68.72 21.52 17.67
C LEU A 208 69.08 22.80 16.90
N LEU A 209 69.11 23.92 17.62
CA LEU A 209 69.43 25.20 17.00
C LEU A 209 70.82 25.20 16.40
N ASP A 210 71.81 24.69 17.14
CA ASP A 210 73.17 24.66 16.61
C ASP A 210 73.24 23.74 15.40
N LEU A 211 72.55 22.59 15.46
CA LEU A 211 72.54 21.68 14.34
C LEU A 211 71.89 22.34 13.13
N ALA A 212 70.91 23.20 13.37
CA ALA A 212 70.21 23.90 12.30
C ALA A 212 71.15 24.92 11.68
N GLN A 213 71.87 25.66 12.53
CA GLN A 213 72.80 26.66 12.05
C GLN A 213 73.86 25.95 11.19
N LYS A 214 74.35 24.82 11.69
CA LYS A 214 75.35 24.05 10.99
C LYS A 214 74.92 23.46 9.64
N HIS A 215 73.73 22.88 9.60
CA HIS A 215 73.25 22.23 8.38
C HIS A 215 72.26 22.96 7.48
N PHE A 216 71.58 24.00 7.97
CA PHE A 216 70.61 24.70 7.12
C PHE A 216 70.94 26.15 6.73
N SER A 217 72.05 26.68 7.21
CA SER A 217 72.43 28.07 6.90
C SER A 217 72.52 28.41 5.42
N GLY A 218 72.95 27.43 4.61
CA GLY A 218 73.09 27.67 3.19
C GLY A 218 71.77 27.83 2.48
N LEU A 219 70.70 27.35 3.11
CA LEU A 219 69.36 27.43 2.54
C LEU A 219 69.04 28.89 2.23
N SER A 220 68.55 29.14 1.03
CA SER A 220 68.21 30.50 0.60
C SER A 220 67.10 31.10 1.45
N GLY A 221 67.21 32.38 1.73
CA GLY A 221 66.21 33.06 2.52
C GLY A 221 65.80 34.34 1.82
N THR A 222 66.15 34.44 0.53
CA THR A 222 65.83 35.62 -0.26
C THR A 222 64.76 35.40 -1.31
N TYR A 223 65.14 34.67 -2.37
CA TYR A 223 64.26 34.42 -3.51
C TYR A 223 64.35 35.67 -4.35
N ASP A 224 63.63 36.71 -3.91
CA ASP A 224 63.60 38.00 -4.59
C ASP A 224 62.33 38.77 -4.22
N GLU A 225 61.62 39.23 -5.25
CA GLU A 225 60.38 39.98 -5.03
C GLU A 225 59.29 39.56 -6.02
N ASP A 226 59.70 39.33 -7.27
CA ASP A 226 58.76 38.95 -8.32
C ASP A 226 58.36 37.48 -8.23
N ALA A 227 59.16 36.68 -7.54
CA ALA A 227 58.91 35.25 -7.40
C ALA A 227 58.70 34.80 -5.95
N VAL A 228 57.76 35.43 -5.27
CA VAL A 228 57.44 35.07 -3.89
C VAL A 228 55.99 34.57 -3.85
N PRO A 229 55.78 33.28 -4.18
CA PRO A 229 54.46 32.66 -4.19
C PRO A 229 53.55 32.98 -3.01
N THR A 230 52.62 33.91 -3.23
CA THR A 230 51.68 34.31 -2.19
C THR A 230 50.33 33.66 -2.51
N LEU A 231 49.49 33.47 -1.50
CA LEU A 231 48.18 32.83 -1.71
C LEU A 231 47.02 33.81 -1.83
N SER A 232 46.19 33.61 -2.86
CA SER A 232 45.02 34.45 -3.07
C SER A 232 43.87 33.74 -2.39
N PRO A 233 42.86 34.48 -1.92
CA PRO A 233 41.76 33.77 -1.27
C PRO A 233 41.10 32.87 -2.31
N CYS A 234 40.46 31.78 -1.87
CA CYS A 234 39.80 30.87 -2.80
C CYS A 234 38.30 30.92 -2.61
N ARG A 235 37.60 31.28 -3.68
CA ARG A 235 36.15 31.41 -3.66
C ARG A 235 35.48 30.04 -3.45
N PHE A 236 34.43 29.99 -2.60
CA PHE A 236 33.69 28.75 -2.32
C PHE A 236 32.42 28.86 -3.15
N THR A 237 31.97 27.74 -3.74
CA THR A 237 30.77 27.74 -4.57
C THR A 237 29.74 26.70 -4.13
N GLY A 238 28.52 27.16 -3.87
CA GLY A 238 27.46 26.24 -3.49
C GLY A 238 27.26 25.48 -4.76
N SER A 239 27.45 24.17 -4.69
CA SER A 239 27.29 23.36 -5.90
C SER A 239 27.18 21.88 -5.62
N GLN A 240 27.04 21.09 -6.68
CA GLN A 240 26.92 19.64 -6.53
C GLN A 240 27.61 18.89 -7.66
N ILE A 241 28.25 17.78 -7.33
CA ILE A 241 28.90 16.93 -8.32
C ILE A 241 28.45 15.53 -7.96
N CYS A 242 27.77 14.89 -8.91
CA CYS A 242 27.25 13.55 -8.69
C CYS A 242 27.79 12.58 -9.73
N HIS A 243 28.62 11.65 -9.29
CA HIS A 243 29.17 10.65 -10.20
C HIS A 243 28.40 9.37 -9.95
N ARG A 244 27.40 9.15 -10.77
CA ARG A 244 26.57 7.97 -10.61
C ARG A 244 27.22 6.72 -11.17
N GLU A 245 27.32 5.70 -10.33
CA GLU A 245 27.91 4.42 -10.71
C GLU A 245 27.18 3.31 -9.95
N ASP A 246 26.06 2.86 -10.51
CA ASP A 246 25.26 1.81 -9.87
C ASP A 246 25.98 0.48 -9.70
N GLY A 247 27.18 0.37 -10.26
CA GLY A 247 27.94 -0.86 -10.13
C GLY A 247 28.64 -0.99 -8.79
N LEU A 248 28.80 0.13 -8.10
CA LEU A 248 29.43 0.13 -6.80
C LEU A 248 28.38 -0.26 -5.74
N PRO A 249 28.77 -1.12 -4.77
CA PRO A 249 27.84 -1.56 -3.73
C PRO A 249 27.30 -0.53 -2.73
N LEU A 250 28.10 0.46 -2.37
CA LEU A 250 27.64 1.48 -1.42
C LEU A 250 27.92 2.88 -1.95
N ALA A 251 27.05 3.81 -1.58
CA ALA A 251 27.19 5.19 -2.00
C ALA A 251 27.99 5.97 -0.97
N HIS A 252 28.79 6.92 -1.44
CA HIS A 252 29.59 7.75 -0.56
C HIS A 252 29.12 9.16 -0.83
N VAL A 253 28.85 9.91 0.23
CA VAL A 253 28.38 11.28 0.08
C VAL A 253 29.12 12.17 1.06
N ALA A 254 29.55 13.32 0.57
CA ALA A 254 30.26 14.28 1.39
C ALA A 254 29.57 15.60 1.14
N ILE A 255 29.23 16.30 2.22
CA ILE A 255 28.56 17.59 2.11
C ILE A 255 29.20 18.57 3.09
N ALA A 256 29.37 19.83 2.67
CA ALA A 256 29.98 20.81 3.53
C ALA A 256 29.64 22.26 3.19
N VAL A 257 29.71 23.11 4.21
CA VAL A 257 29.46 24.53 4.02
C VAL A 257 30.85 25.12 4.13
N GLU A 258 31.02 26.40 3.81
CA GLU A 258 32.36 26.98 3.89
C GLU A 258 32.78 27.24 5.32
N GLY A 259 33.97 26.75 5.68
CA GLY A 259 34.51 26.95 7.02
C GLY A 259 35.28 28.25 7.09
N PRO A 260 35.64 28.72 8.29
CA PRO A 260 36.38 29.98 8.49
C PRO A 260 37.87 30.07 8.16
N GLY A 261 38.57 28.95 8.24
CA GLY A 261 39.99 28.93 7.96
C GLY A 261 40.75 28.76 9.26
N TRP A 262 41.97 28.24 9.18
CA TRP A 262 42.82 27.97 10.33
C TRP A 262 42.83 28.90 11.53
N ALA A 263 43.15 30.16 11.25
CA ALA A 263 43.30 31.18 12.25
C ALA A 263 42.08 31.62 13.06
N HIS A 264 40.87 31.35 12.57
CA HIS A 264 39.66 31.80 13.26
C HIS A 264 39.31 31.10 14.58
N PRO A 265 38.97 31.92 15.61
CA PRO A 265 38.61 31.46 16.94
C PRO A 265 37.38 30.55 16.91
N ASP A 266 36.53 30.75 15.91
CA ASP A 266 35.30 29.97 15.76
C ASP A 266 35.53 28.47 15.58
N ASN A 267 36.72 28.08 15.16
CA ASN A 267 37.00 26.67 14.95
C ASN A 267 36.81 25.82 16.21
N VAL A 268 37.03 26.41 17.38
CA VAL A 268 36.86 25.64 18.61
C VAL A 268 35.40 25.29 18.82
N ALA A 269 34.51 26.29 18.73
CA ALA A 269 33.09 26.03 18.90
C ALA A 269 32.62 25.05 17.85
N LEU A 270 33.13 25.18 16.62
CA LEU A 270 32.74 24.31 15.52
C LEU A 270 33.18 22.89 15.81
N GLN A 271 34.34 22.74 16.45
CA GLN A 271 34.84 21.41 16.78
C GLN A 271 33.95 20.78 17.85
N VAL A 272 33.43 21.62 18.75
CA VAL A 272 32.57 21.14 19.80
C VAL A 272 31.28 20.63 19.19
N ALA A 273 30.74 21.42 18.25
CA ALA A 273 29.50 21.05 17.59
C ALA A 273 29.67 19.78 16.81
N ASN A 274 30.81 19.62 16.13
CA ASN A 274 31.06 18.42 15.34
C ASN A 274 31.23 17.22 16.25
N ALA A 275 31.70 17.45 17.48
CA ALA A 275 31.89 16.37 18.42
C ALA A 275 30.53 15.86 18.91
N ILE A 276 29.57 16.79 18.97
CA ILE A 276 28.22 16.45 19.43
C ILE A 276 27.57 15.51 18.44
N ILE A 277 27.70 15.83 17.15
CA ILE A 277 27.12 15.00 16.11
C ILE A 277 27.97 13.73 16.03
N GLY A 278 29.30 13.90 16.13
CA GLY A 278 30.24 12.79 16.11
C GLY A 278 30.53 11.99 14.85
N HIS A 279 30.84 10.71 15.08
CA HIS A 279 31.17 9.76 14.05
C HIS A 279 30.57 8.40 14.39
N TYR A 280 30.56 7.50 13.41
CA TYR A 280 29.95 6.20 13.61
C TYR A 280 30.25 5.20 12.51
N ASP A 281 30.26 3.93 12.87
CA ASP A 281 30.42 2.87 11.89
C ASP A 281 29.87 1.61 12.51
N CYS A 282 29.50 0.67 11.64
CA CYS A 282 28.90 -0.58 12.06
C CYS A 282 29.58 -1.41 13.14
N THR A 283 30.83 -1.09 13.46
CA THR A 283 31.54 -1.87 14.47
C THR A 283 31.50 -1.25 15.85
N TYR A 284 30.87 -0.09 15.99
CA TYR A 284 30.77 0.60 17.28
C TYR A 284 29.86 -0.16 18.24
N GLY A 285 30.35 -0.38 19.45
CA GLY A 285 29.59 -1.12 20.44
C GLY A 285 28.39 -0.43 21.08
N GLY A 286 28.35 0.91 21.02
CA GLY A 286 27.27 1.69 21.61
C GLY A 286 25.89 1.52 21.01
N GLY A 287 25.81 1.41 19.69
CA GLY A 287 24.53 1.23 19.02
C GLY A 287 23.42 2.22 19.34
N ALA A 288 22.28 1.67 19.73
CA ALA A 288 21.07 2.44 20.06
C ALA A 288 21.22 3.40 21.23
N HIS A 289 22.25 3.21 22.03
CA HIS A 289 22.47 4.05 23.21
C HIS A 289 23.45 5.21 23.03
N LEU A 290 24.06 5.31 21.86
CA LEU A 290 25.02 6.38 21.60
C LEU A 290 24.35 7.72 21.88
N SER A 291 25.11 8.68 22.39
CA SER A 291 24.59 10.00 22.73
C SER A 291 24.18 10.85 21.52
N SER A 292 24.92 10.73 20.42
CA SER A 292 24.60 11.49 19.22
C SER A 292 23.30 10.98 18.61
N PRO A 293 22.32 11.87 18.41
CA PRO A 293 21.05 11.43 17.84
C PRO A 293 21.28 10.79 16.47
N LEU A 294 22.16 11.38 15.67
CA LEU A 294 22.45 10.83 14.34
C LEU A 294 23.02 9.43 14.47
N ALA A 295 23.95 9.24 15.40
CA ALA A 295 24.55 7.93 15.60
C ALA A 295 23.56 6.86 16.06
N SER A 296 22.71 7.18 17.04
CA SER A 296 21.74 6.18 17.51
C SER A 296 20.63 5.92 16.48
N ILE A 297 20.21 6.94 15.74
CA ILE A 297 19.16 6.73 14.74
C ILE A 297 19.72 5.85 13.64
N ALA A 298 20.94 6.15 13.22
CA ALA A 298 21.60 5.39 12.17
C ALA A 298 21.81 3.94 12.59
N ALA A 299 22.22 3.74 13.85
CA ALA A 299 22.47 2.39 14.34
C ALA A 299 21.20 1.56 14.51
N THR A 300 20.16 2.12 15.13
CA THR A 300 18.92 1.38 15.33
C THR A 300 18.15 1.13 14.04
N ASN A 301 18.21 2.08 13.12
CA ASN A 301 17.50 1.95 11.85
C ASN A 301 18.38 1.46 10.71
N LYS A 302 19.63 1.15 11.04
CA LYS A 302 20.59 0.65 10.05
C LYS A 302 20.66 1.57 8.83
N LEU A 303 20.78 2.87 9.07
CA LEU A 303 20.83 3.85 7.99
C LEU A 303 22.14 3.99 7.20
N CYS A 304 23.25 3.58 7.78
CA CYS A 304 24.55 3.70 7.11
C CYS A 304 25.58 2.74 7.67
N GLN A 305 26.68 2.56 6.94
CA GLN A 305 27.75 1.68 7.40
C GLN A 305 28.61 2.57 8.29
N SER A 306 28.66 3.85 7.93
CA SER A 306 29.46 4.81 8.68
C SER A 306 29.24 6.26 8.27
N PHE A 307 29.67 7.16 9.16
CA PHE A 307 29.59 8.60 8.90
C PHE A 307 30.59 9.29 9.80
N GLN A 308 31.02 10.49 9.39
CA GLN A 308 32.02 11.25 10.13
C GLN A 308 31.85 12.72 9.81
N THR A 309 31.88 13.54 10.85
CA THR A 309 31.79 14.99 10.66
C THR A 309 33.24 15.39 10.47
N PHE A 310 33.46 16.56 9.85
CA PHE A 310 34.83 17.02 9.64
C PHE A 310 34.90 18.54 9.56
N ASN A 311 36.08 19.07 9.84
CA ASN A 311 36.34 20.49 9.77
C ASN A 311 37.72 20.60 9.15
N ILE A 312 37.75 20.63 7.82
CA ILE A 312 38.98 20.74 7.05
C ILE A 312 39.33 22.21 6.89
N CYS A 313 40.45 22.61 7.45
CA CYS A 313 40.88 24.01 7.40
C CYS A 313 42.02 24.35 6.44
N TYR A 314 41.86 25.49 5.79
CA TYR A 314 42.87 26.02 4.89
C TYR A 314 43.07 27.44 5.37
N ALA A 315 44.08 28.12 4.84
CA ALA A 315 44.39 29.48 5.26
C ALA A 315 43.24 30.41 5.64
N ASP A 316 42.35 30.61 4.66
CA ASP A 316 41.25 31.58 4.76
C ASP A 316 39.88 31.04 4.41
N THR A 317 39.78 29.71 4.35
CA THR A 317 38.53 29.07 4.02
C THR A 317 38.62 27.63 4.49
N GLY A 318 37.59 26.85 4.24
CA GLY A 318 37.62 25.46 4.67
C GLY A 318 36.33 24.75 4.35
N LEU A 319 36.30 23.45 4.67
CA LEU A 319 35.13 22.63 4.43
C LEU A 319 34.63 22.10 5.76
N LEU A 320 33.44 22.52 6.13
CA LEU A 320 32.81 22.10 7.38
C LEU A 320 31.61 21.24 7.04
N GLY A 321 31.64 19.97 7.43
CA GLY A 321 30.50 19.12 7.12
C GLY A 321 30.58 17.69 7.57
N ALA A 322 30.13 16.79 6.70
CA ALA A 322 30.15 15.37 7.01
C ALA A 322 30.24 14.47 5.79
N HIS A 323 30.64 13.22 6.03
CA HIS A 323 30.76 12.21 5.00
C HIS A 323 30.11 10.94 5.54
N PHE A 324 29.34 10.27 4.69
CA PHE A 324 28.71 9.04 5.10
C PHE A 324 28.72 8.01 3.98
N VAL A 325 28.65 6.75 4.37
CA VAL A 325 28.66 5.62 3.45
C VAL A 325 27.41 4.81 3.74
N CYS A 326 26.57 4.61 2.73
CA CYS A 326 25.34 3.86 2.97
C CYS A 326 24.78 3.17 1.75
N ASP A 327 23.76 2.38 2.02
CA ASP A 327 23.05 1.59 1.04
C ASP A 327 22.30 2.53 0.12
N HIS A 328 22.07 2.15 -1.13
CA HIS A 328 21.38 3.04 -2.07
C HIS A 328 19.99 3.52 -1.64
N MET A 329 19.31 2.77 -0.78
CA MET A 329 17.98 3.17 -0.32
C MET A 329 17.99 4.01 0.96
N SER A 330 19.17 4.28 1.52
CA SER A 330 19.28 5.04 2.77
C SER A 330 19.82 6.47 2.68
N ILE A 331 20.18 6.92 1.48
CA ILE A 331 20.75 8.26 1.33
C ILE A 331 19.87 9.43 1.76
N ASP A 332 18.61 9.43 1.34
CA ASP A 332 17.70 10.52 1.69
C ASP A 332 17.49 10.58 3.21
N ASP A 333 17.30 9.42 3.84
CA ASP A 333 17.09 9.36 5.27
C ASP A 333 18.31 9.89 5.99
N MET A 334 19.49 9.46 5.56
CA MET A 334 20.73 9.90 6.17
C MET A 334 20.88 11.42 6.06
N MET A 335 20.62 11.96 4.87
CA MET A 335 20.74 13.40 4.66
C MET A 335 19.71 14.13 5.51
N PHE A 336 18.51 13.57 5.62
CA PHE A 336 17.45 14.19 6.40
C PHE A 336 17.85 14.30 7.87
N VAL A 337 18.29 13.20 8.47
CA VAL A 337 18.69 13.22 9.86
C VAL A 337 19.93 14.10 10.10
N LEU A 338 20.91 14.05 9.19
CA LEU A 338 22.12 14.85 9.34
C LEU A 338 21.80 16.34 9.34
N GLN A 339 21.06 16.80 8.34
CA GLN A 339 20.70 18.22 8.27
C GLN A 339 19.84 18.63 9.44
N GLY A 340 19.00 17.72 9.91
CA GLY A 340 18.13 18.04 11.04
C GLY A 340 18.97 18.28 12.28
N GLN A 341 20.09 17.60 12.36
CA GLN A 341 20.96 17.76 13.50
C GLN A 341 21.71 19.09 13.43
N TRP A 342 22.11 19.51 12.23
CA TRP A 342 22.80 20.80 12.11
C TRP A 342 21.82 21.90 12.53
N MET A 343 20.56 21.78 12.09
CA MET A 343 19.54 22.77 12.43
C MET A 343 19.22 22.77 13.92
N ARG A 344 19.21 21.61 14.55
CA ARG A 344 18.91 21.53 15.97
C ARG A 344 20.01 22.24 16.74
N LEU A 345 21.26 22.12 16.28
CA LEU A 345 22.36 22.77 16.97
C LEU A 345 22.32 24.29 16.80
N CYS A 346 21.91 24.73 15.61
CA CYS A 346 21.84 26.16 15.33
C CYS A 346 20.78 26.85 16.19
N THR A 347 19.65 26.19 16.40
CA THR A 347 18.55 26.75 17.15
C THR A 347 18.31 26.25 18.57
N SER A 348 18.70 25.02 18.86
CA SER A 348 18.43 24.49 20.19
C SER A 348 19.50 23.67 20.93
N ALA A 349 20.78 23.97 20.71
CA ALA A 349 21.83 23.23 21.40
C ALA A 349 21.60 23.39 22.91
N THR A 350 21.70 22.30 23.66
CA THR A 350 21.50 22.34 25.10
C THR A 350 22.83 22.42 25.83
N GLU A 351 22.82 22.94 27.05
CA GLU A 351 24.07 23.05 27.81
C GLU A 351 24.70 21.68 28.06
N SER A 352 23.88 20.66 28.33
CA SER A 352 24.43 19.33 28.59
C SER A 352 25.10 18.69 27.39
N GLU A 353 24.54 18.82 26.20
CA GLU A 353 25.18 18.20 25.05
C GLU A 353 26.45 18.96 24.66
N VAL A 354 26.46 20.27 24.89
CA VAL A 354 27.63 21.06 24.56
C VAL A 354 28.74 20.70 25.54
N LEU A 355 28.39 20.38 26.78
CA LEU A 355 29.40 20.02 27.76
C LEU A 355 30.03 18.71 27.31
N ARG A 356 29.19 17.82 26.78
CA ARG A 356 29.70 16.54 26.31
C ARG A 356 30.65 16.81 25.17
N GLY A 357 30.22 17.68 24.26
CA GLY A 357 31.04 18.02 23.12
C GLY A 357 32.38 18.59 23.57
N LYS A 358 32.34 19.44 24.59
CA LYS A 358 33.56 20.05 25.13
C LYS A 358 34.47 18.98 25.70
N ASN A 359 33.91 18.01 26.41
CA ASN A 359 34.72 16.95 27.00
C ASN A 359 35.30 16.04 25.93
N LEU A 360 34.56 15.82 24.85
CA LEU A 360 35.05 14.97 23.76
C LEU A 360 36.26 15.68 23.15
N LEU A 361 36.12 16.98 22.91
CA LEU A 361 37.19 17.76 22.34
C LEU A 361 38.43 17.78 23.24
N ARG A 362 38.23 17.90 24.55
CA ARG A 362 39.35 17.92 25.49
C ARG A 362 40.12 16.61 25.38
N ASN A 363 39.39 15.49 25.39
CA ASN A 363 40.01 14.18 25.29
C ASN A 363 40.72 13.99 23.95
N ALA A 364 40.09 14.43 22.86
CA ALA A 364 40.71 14.29 21.54
C ALA A 364 42.01 15.09 21.45
N LEU A 365 42.00 16.32 21.95
CA LEU A 365 43.19 17.16 21.91
C LEU A 365 44.38 16.51 22.59
N VAL A 366 44.20 16.11 23.83
CA VAL A 366 45.31 15.49 24.58
C VAL A 366 45.70 14.12 24.07
N SER A 367 44.73 13.26 23.80
CA SER A 367 45.07 11.92 23.30
C SER A 367 45.72 11.96 21.94
N HIS A 368 45.59 13.08 21.22
CA HIS A 368 46.19 13.17 19.90
C HIS A 368 47.68 13.44 20.02
N LEU A 369 48.06 14.27 21.00
CA LEU A 369 49.46 14.62 21.23
C LEU A 369 50.16 13.56 22.08
N ASP A 370 49.99 12.32 21.67
CA ASP A 370 50.56 11.18 22.38
C ASP A 370 51.69 10.49 21.58
N GLY A 371 52.93 10.88 21.88
CA GLY A 371 54.08 10.32 21.19
C GLY A 371 54.86 11.44 20.54
N THR A 372 56.14 11.20 20.23
CA THR A 372 56.96 12.25 19.64
C THR A 372 56.56 12.64 18.22
N THR A 373 55.97 11.72 17.46
CA THR A 373 55.58 12.06 16.11
C THR A 373 54.36 13.00 16.08
N PRO A 374 53.30 12.70 16.84
CA PRO A 374 52.14 13.60 16.82
C PRO A 374 52.51 14.97 17.33
N VAL A 375 53.38 15.01 18.34
CA VAL A 375 53.81 16.29 18.91
C VAL A 375 54.64 17.08 17.92
N CYS A 376 55.61 16.43 17.27
CA CYS A 376 56.47 17.08 16.31
C CYS A 376 55.64 17.67 15.17
N GLU A 377 54.62 16.94 14.72
CA GLU A 377 53.75 17.39 13.65
C GLU A 377 52.95 18.60 14.10
N ASP A 378 52.50 18.59 15.35
CA ASP A 378 51.73 19.71 15.87
C ASP A 378 52.61 20.95 15.88
N ILE A 379 53.89 20.79 16.25
CA ILE A 379 54.83 21.91 16.29
C ILE A 379 55.04 22.47 14.89
N GLY A 380 55.40 21.60 13.95
CA GLY A 380 55.63 22.01 12.59
C GLY A 380 54.45 22.71 11.95
N ARG A 381 53.29 22.06 11.97
CA ARG A 381 52.08 22.61 11.39
C ARG A 381 51.60 23.88 12.07
N SER A 382 51.65 23.91 13.39
CA SER A 382 51.21 25.09 14.13
C SER A 382 52.04 26.31 13.75
N LEU A 383 53.36 26.14 13.69
CA LEU A 383 54.23 27.25 13.33
C LEU A 383 53.90 27.77 11.95
N LEU A 384 53.53 26.88 11.03
CA LEU A 384 53.19 27.29 9.67
C LEU A 384 51.84 27.99 9.63
N THR A 385 50.87 27.45 10.38
CA THR A 385 49.52 28.01 10.38
C THR A 385 49.27 29.17 11.33
N TYR A 386 49.57 29.01 12.62
CA TYR A 386 49.33 30.07 13.60
C TYR A 386 50.55 30.95 13.81
N GLY A 387 51.72 30.42 13.46
CA GLY A 387 52.96 31.18 13.62
C GLY A 387 53.47 31.02 15.04
N ARG A 388 52.82 30.14 15.78
CA ARG A 388 53.18 29.86 17.16
C ARG A 388 52.55 28.54 17.60
N ARG A 389 53.09 27.95 18.66
CA ARG A 389 52.54 26.70 19.19
C ARG A 389 51.53 27.16 20.22
N ILE A 390 50.28 26.72 20.07
CA ILE A 390 49.24 27.08 21.01
C ILE A 390 49.29 26.07 22.15
N PRO A 391 49.58 26.54 23.39
CA PRO A 391 49.64 25.60 24.50
C PRO A 391 48.30 25.01 24.93
N LEU A 392 48.34 23.82 25.52
CA LEU A 392 47.14 23.15 25.97
C LEU A 392 46.31 24.02 26.90
N ALA A 393 46.99 24.79 27.74
CA ALA A 393 46.29 25.68 28.68
C ALA A 393 45.46 26.71 27.90
N GLU A 394 45.93 27.10 26.72
CA GLU A 394 45.19 28.07 25.93
C GLU A 394 43.99 27.36 25.30
N TRP A 395 44.22 26.16 24.78
CA TRP A 395 43.15 25.38 24.15
C TRP A 395 42.05 25.19 25.18
N GLU A 396 42.41 24.85 26.42
CA GLU A 396 41.41 24.67 27.47
C GLU A 396 40.63 25.95 27.68
N SER A 397 41.32 27.08 27.75
CA SER A 397 40.64 28.36 27.93
C SER A 397 39.64 28.63 26.80
N ARG A 398 40.05 28.29 25.57
CA ARG A 398 39.19 28.50 24.42
C ARG A 398 37.99 27.58 24.48
N ILE A 399 38.22 26.32 24.86
CA ILE A 399 37.14 25.34 24.97
C ILE A 399 36.20 25.74 26.10
N ALA A 400 36.77 26.17 27.22
CA ALA A 400 35.99 26.57 28.38
C ALA A 400 34.98 27.69 28.06
N GLU A 401 35.36 28.59 27.16
CA GLU A 401 34.53 29.73 26.77
C GLU A 401 33.31 29.35 25.98
N VAL A 402 33.27 28.11 25.50
CA VAL A 402 32.14 27.64 24.71
C VAL A 402 30.97 27.12 25.56
N ASP A 403 29.78 27.59 25.24
CA ASP A 403 28.58 27.14 25.93
C ASP A 403 27.48 27.01 24.88
N ALA A 404 26.28 26.58 25.29
CA ALA A 404 25.17 26.41 24.35
C ALA A 404 24.90 27.64 23.48
N ARG A 405 25.00 28.83 24.07
CA ARG A 405 24.75 30.07 23.33
C ARG A 405 25.77 30.24 22.22
N VAL A 406 27.04 30.00 22.55
CA VAL A 406 28.11 30.14 21.57
C VAL A 406 27.97 29.12 20.45
N VAL A 407 27.55 27.90 20.77
CA VAL A 407 27.37 26.86 19.78
C VAL A 407 26.23 27.20 18.82
N ARG A 408 25.11 27.71 19.34
CA ARG A 408 23.98 28.06 18.49
C ARG A 408 24.38 29.19 17.54
N GLU A 409 25.05 30.20 18.07
CA GLU A 409 25.46 31.35 17.28
C GLU A 409 26.52 31.01 16.23
N VAL A 410 27.55 30.25 16.61
CA VAL A 410 28.57 29.88 15.65
C VAL A 410 28.02 28.93 14.56
N CYS A 411 27.21 27.96 14.98
CA CYS A 411 26.64 27.04 14.01
C CYS A 411 25.71 27.79 13.06
N SER A 412 24.93 28.71 13.61
CA SER A 412 24.01 29.49 12.79
C SER A 412 24.80 30.29 11.75
N LYS A 413 25.98 30.76 12.14
CA LYS A 413 26.83 31.57 11.29
C LYS A 413 27.36 30.79 10.08
N TYR A 414 27.73 29.52 10.27
CA TYR A 414 28.27 28.73 9.17
C TYR A 414 27.30 27.76 8.47
N PHE A 415 26.31 27.25 9.20
CA PHE A 415 25.33 26.31 8.65
C PHE A 415 23.99 26.88 8.23
N TYR A 416 23.39 27.71 9.08
CA TYR A 416 22.06 28.24 8.79
C TYR A 416 21.88 29.02 7.50
N ASP A 417 20.99 28.49 6.66
CA ASP A 417 20.63 29.10 5.40
C ASP A 417 21.86 29.45 4.56
N GLN A 418 22.81 28.51 4.50
CA GLN A 418 24.04 28.69 3.72
C GLN A 418 24.05 27.63 2.62
N CYS A 419 24.66 27.96 1.48
CA CYS A 419 24.71 27.02 0.36
C CYS A 419 25.83 26.01 0.52
N PRO A 420 25.50 24.71 0.53
CA PRO A 420 26.56 23.71 0.70
C PRO A 420 27.15 23.21 -0.61
N ALA A 421 28.27 22.51 -0.51
CA ALA A 421 28.93 21.92 -1.64
C ALA A 421 28.65 20.46 -1.40
N VAL A 422 28.19 19.74 -2.43
CA VAL A 422 27.84 18.33 -2.30
C VAL A 422 28.54 17.43 -3.31
N ALA A 423 29.10 16.31 -2.85
CA ALA A 423 29.77 15.36 -3.74
C ALA A 423 29.22 13.96 -3.45
N GLY A 424 28.83 13.25 -4.51
CA GLY A 424 28.27 11.92 -4.37
C GLY A 424 28.94 10.98 -5.35
N PHE A 425 29.13 9.73 -4.96
CA PHE A 425 29.77 8.73 -5.82
C PHE A 425 29.18 7.35 -5.56
N GLY A 426 28.76 6.66 -6.63
CA GLY A 426 28.19 5.34 -6.48
C GLY A 426 26.73 5.24 -6.86
N PRO A 427 25.99 4.29 -6.25
CA PRO A 427 24.56 4.11 -6.54
C PRO A 427 23.79 5.23 -5.85
N ILE A 428 23.89 6.43 -6.41
CA ILE A 428 23.27 7.63 -5.84
C ILE A 428 21.94 8.16 -6.43
N GLU A 429 21.14 7.29 -7.04
CA GLU A 429 19.87 7.72 -7.63
C GLU A 429 19.02 8.40 -6.56
N GLN A 430 19.18 8.00 -5.31
CA GLN A 430 18.39 8.57 -4.21
C GLN A 430 19.02 9.78 -3.51
N LEU A 431 20.18 10.24 -3.98
CA LEU A 431 20.79 11.43 -3.37
C LEU A 431 19.86 12.58 -3.68
N PRO A 432 19.39 13.31 -2.66
CA PRO A 432 18.48 14.44 -2.88
C PRO A 432 18.96 15.53 -3.83
N ASP A 433 17.98 16.09 -4.55
CA ASP A 433 18.21 17.17 -5.49
C ASP A 433 18.83 18.32 -4.72
N TYR A 434 19.67 19.13 -5.36
CA TYR A 434 20.32 20.22 -4.63
C TYR A 434 19.35 21.21 -3.99
N ASN A 435 18.23 21.50 -4.64
CA ASN A 435 17.26 22.42 -4.07
C ASN A 435 16.70 21.90 -2.76
N ARG A 436 16.50 20.60 -2.70
CA ARG A 436 15.95 19.98 -1.52
C ARG A 436 16.99 20.00 -0.43
N ILE A 437 18.26 19.83 -0.81
CA ILE A 437 19.34 19.86 0.17
C ILE A 437 19.47 21.28 0.69
N ARG A 438 19.42 22.26 -0.21
CA ARG A 438 19.52 23.66 0.15
C ARG A 438 18.40 24.08 1.10
N SER A 439 17.19 23.58 0.86
CA SER A 439 16.06 23.92 1.72
C SER A 439 16.25 23.27 3.10
N GLY A 440 17.07 22.24 3.13
CA GLY A 440 17.30 21.53 4.37
C GLY A 440 18.20 22.33 5.27
N MET A 441 18.80 23.39 4.71
CA MET A 441 19.70 24.24 5.47
C MET A 441 18.99 25.30 6.28
N PHE A 442 17.66 25.25 6.34
CA PHE A 442 16.91 26.24 7.11
C PHE A 442 15.49 25.79 7.46
N TRP A 443 15.04 24.73 6.81
N GLU B 12 60.89 22.77 25.90
CA GLU B 12 61.53 23.34 27.12
C GLU B 12 61.91 22.19 28.06
N VAL B 17 62.64 22.52 29.12
CA VAL B 17 63.05 21.51 30.08
C VAL B 17 61.84 21.07 30.89
N PRO B 18 61.42 19.81 30.71
CA PRO B 18 60.26 19.19 31.39
C PRO B 18 60.52 18.91 32.86
N PRO B 19 59.48 18.39 33.56
CA PRO B 19 59.62 18.06 34.98
C PRO B 19 60.55 16.87 35.11
CA HIS B 20 59.88 13.93 36.33
C HIS B 20 61.31 13.93 35.80
N PRO B 21 61.65 12.91 34.99
CA PRO B 21 60.70 11.86 34.64
C PRO B 21 60.65 10.88 35.80
N GLN B 22 59.45 10.43 36.16
CA GLN B 22 59.33 9.49 37.26
C GLN B 22 59.55 8.06 36.79
N ASP B 23 59.64 7.14 37.76
CA ASP B 23 59.85 5.74 37.44
C ASP B 23 58.57 4.95 37.54
N LEU B 24 58.56 3.80 36.90
CA LEU B 24 57.40 2.94 36.91
C LEU B 24 57.32 2.30 38.30
N GLU B 25 56.13 2.31 38.87
CA GLU B 25 55.91 1.70 40.17
C GLU B 25 55.29 0.34 39.87
N PHE B 26 55.82 -0.70 40.49
CA PHE B 26 55.35 -2.05 40.26
C PHE B 26 55.03 -2.71 41.60
N THR B 27 53.91 -3.43 41.66
CA THR B 27 53.50 -4.11 42.88
C THR B 27 52.75 -5.39 42.55
N ARG B 28 53.17 -6.50 43.14
CA ARG B 28 52.49 -7.77 42.92
C ARG B 28 51.83 -8.10 44.25
N LEU B 29 50.52 -8.32 44.23
CA LEU B 29 49.79 -8.63 45.45
C LEU B 29 49.90 -10.11 45.76
N PRO B 30 49.55 -10.52 46.98
CA PRO B 30 49.63 -11.93 47.39
C PRO B 30 48.81 -12.88 46.51
N ASN B 31 47.66 -12.42 46.03
CA ASN B 31 46.82 -13.26 45.20
C ASN B 31 47.35 -13.42 43.78
N GLY B 32 48.46 -12.75 43.47
CA GLY B 32 49.04 -12.86 42.14
C GLY B 32 48.78 -11.69 41.22
N LEU B 33 47.82 -10.84 41.55
CA LEU B 33 47.51 -9.70 40.70
C LEU B 33 48.64 -8.68 40.70
N VAL B 34 49.00 -8.22 39.52
CA VAL B 34 50.07 -7.24 39.34
C VAL B 34 49.48 -5.86 39.09
N ILE B 35 50.06 -4.84 39.71
CA ILE B 35 49.64 -3.48 39.49
C ILE B 35 50.89 -2.75 39.05
N ALA B 36 50.77 -1.95 37.99
CA ALA B 36 51.90 -1.18 37.50
C ALA B 36 51.40 0.17 37.04
N SER B 37 52.05 1.23 37.48
CA SER B 37 51.63 2.56 37.08
C SER B 37 52.79 3.52 36.89
N LEU B 38 52.55 4.51 36.02
CA LEU B 38 53.54 5.52 35.72
C LEU B 38 52.84 6.86 35.80
N GLU B 39 53.30 7.74 36.68
CA GLU B 39 52.72 9.06 36.78
C GLU B 39 53.50 9.94 35.81
N ASN B 40 52.80 10.45 34.80
CA ASN B 40 53.44 11.29 33.82
C ASN B 40 52.94 12.73 33.92
N TYR B 41 51.99 12.95 34.84
CA TYR B 41 51.41 14.27 35.07
C TYR B 41 50.68 14.78 33.83
N ALA B 42 50.24 13.86 32.98
CA ALA B 42 49.52 14.22 31.77
C ALA B 42 48.11 14.63 32.14
N PRO B 43 47.43 15.39 31.25
CA PRO B 43 46.06 15.83 31.51
C PRO B 43 45.05 14.71 31.41
N ALA B 44 45.42 13.63 30.72
CA ALA B 44 44.53 12.48 30.55
C ALA B 44 45.14 11.23 31.14
N SER B 45 44.28 10.28 31.48
CA SER B 45 44.72 9.01 32.05
C SER B 45 44.33 7.83 31.15
N ARG B 46 45.08 6.74 31.26
CA ARG B 46 44.83 5.53 30.50
C ARG B 46 45.00 4.37 31.46
N ILE B 47 43.94 3.59 31.64
CA ILE B 47 43.95 2.46 32.55
C ILE B 47 43.52 1.20 31.83
N GLY B 48 44.25 0.12 32.06
CA GLY B 48 43.92 -1.12 31.40
C GLY B 48 43.97 -2.32 32.31
N LEU B 49 43.02 -3.21 32.15
CA LEU B 49 42.98 -4.42 32.95
C LEU B 49 43.30 -5.55 32.00
N PHE B 50 44.50 -6.10 32.14
CA PHE B 50 44.96 -7.19 31.30
C PHE B 50 44.61 -8.53 31.96
N ILE B 51 44.10 -9.45 31.14
CA ILE B 51 43.67 -10.76 31.64
C ILE B 51 44.12 -11.90 30.75
N LYS B 52 44.54 -13.02 31.35
CA LYS B 52 44.93 -14.17 30.57
C LYS B 52 43.63 -14.86 30.17
N ALA B 53 43.01 -14.36 29.11
CA ALA B 53 41.74 -14.92 28.66
C ALA B 53 41.59 -14.93 27.15
N GLY B 54 42.71 -14.87 26.44
CA GLY B 54 42.68 -14.87 24.98
C GLY B 54 42.04 -16.12 24.42
N SER B 55 41.89 -16.18 23.12
CA SER B 55 41.27 -17.33 22.47
C SER B 55 41.90 -18.71 22.72
N ARG B 56 43.14 -18.75 23.17
CA ARG B 56 43.79 -20.03 23.39
C ARG B 56 43.10 -20.80 24.51
N TYR B 57 42.36 -20.11 25.36
CA TYR B 57 41.69 -20.77 26.47
C TYR B 57 40.32 -21.35 26.15
N GLU B 58 39.87 -21.19 24.91
CA GLU B 58 38.59 -21.74 24.48
C GLU B 58 38.92 -23.18 24.11
N ASN B 59 37.93 -24.05 24.14
CA ASN B 59 38.15 -25.42 23.75
C ASN B 59 37.15 -25.72 22.64
N SER B 60 37.23 -26.92 22.10
CA SER B 60 36.37 -27.35 21.00
C SER B 60 34.87 -27.12 21.20
N ASN B 61 34.40 -27.09 22.44
CA ASN B 61 32.97 -26.92 22.71
C ASN B 61 32.50 -25.48 22.89
N ASN B 62 33.41 -24.53 23.07
CA ASN B 62 32.98 -23.15 23.22
C ASN B 62 33.76 -22.13 22.36
N LEU B 63 34.19 -22.58 21.18
CA LEU B 63 34.94 -21.71 20.27
C LEU B 63 34.15 -20.43 20.00
N GLY B 64 34.88 -19.31 19.96
CA GLY B 64 34.24 -18.04 19.69
C GLY B 64 33.67 -17.33 20.91
N THR B 65 33.63 -18.00 22.06
CA THR B 65 33.10 -17.37 23.25
C THR B 65 33.90 -16.10 23.60
N SER B 66 35.22 -16.14 23.47
CA SER B 66 36.00 -14.95 23.81
C SER B 66 35.80 -13.83 22.79
N HIS B 67 35.38 -14.16 21.57
CA HIS B 67 35.15 -13.12 20.57
C HIS B 67 33.90 -12.37 20.98
N LEU B 68 32.83 -13.09 21.32
CA LEU B 68 31.60 -12.46 21.75
C LEU B 68 31.84 -11.64 23.01
N LEU B 69 32.67 -12.17 23.91
CA LEU B 69 32.95 -11.49 25.16
C LEU B 69 33.59 -10.16 24.85
N ARG B 70 34.47 -10.15 23.85
CA ARG B 70 35.16 -8.95 23.42
C ARG B 70 34.19 -7.88 22.90
N LEU B 71 33.07 -8.33 22.32
CA LEU B 71 32.06 -7.44 21.76
C LEU B 71 30.97 -7.08 22.76
N ALA B 72 30.97 -7.74 23.92
CA ALA B 72 29.95 -7.51 24.94
C ALA B 72 30.29 -6.55 26.08
N SER B 73 31.36 -5.78 25.94
CA SER B 73 31.74 -4.86 27.00
C SER B 73 30.69 -3.83 27.43
N SER B 74 29.72 -3.51 26.58
CA SER B 74 28.71 -2.54 26.98
C SER B 74 27.35 -3.15 27.32
N LEU B 75 27.31 -4.46 27.59
CA LEU B 75 26.04 -5.08 27.94
C LEU B 75 25.81 -4.76 29.40
N THR B 76 24.59 -4.98 29.87
CA THR B 76 24.22 -4.69 31.25
C THR B 76 25.05 -5.43 32.30
N THR B 77 25.39 -4.72 33.38
CA THR B 77 26.15 -5.30 34.48
C THR B 77 25.35 -5.08 35.75
N LYS B 78 25.77 -5.69 36.85
CA LYS B 78 25.05 -5.54 38.12
C LYS B 78 24.97 -4.09 38.60
N GLY B 79 26.05 -3.34 38.40
CA GLY B 79 26.07 -1.96 38.86
C GLY B 79 25.77 -0.89 37.83
N ALA B 80 25.66 -1.27 36.55
CA ALA B 80 25.38 -0.28 35.51
C ALA B 80 24.71 -0.89 34.29
N SER B 81 23.62 -0.25 33.85
CA SER B 81 22.90 -0.73 32.70
C SER B 81 23.70 -0.47 31.44
N SER B 82 23.34 -1.17 30.38
CA SER B 82 24.01 -1.02 29.10
C SER B 82 23.90 0.44 28.71
N PHE B 83 22.70 1.01 28.89
CA PHE B 83 22.43 2.40 28.54
C PHE B 83 23.33 3.34 29.32
N LYS B 84 23.49 3.10 30.62
CA LYS B 84 24.33 3.94 31.45
C LYS B 84 25.80 3.85 31.08
N ILE B 85 26.29 2.66 30.74
CA ILE B 85 27.70 2.50 30.39
C ILE B 85 28.04 3.37 29.19
N THR B 86 27.20 3.34 28.17
CA THR B 86 27.43 4.14 26.97
C THR B 86 27.27 5.65 27.24
N ARG B 87 26.13 6.06 27.78
CA ARG B 87 25.91 7.49 28.06
C ARG B 87 26.90 8.04 29.10
N GLY B 88 27.18 7.25 30.13
CA GLY B 88 28.08 7.68 31.18
C GLY B 88 29.51 7.92 30.72
N ILE B 89 30.03 7.03 29.88
CA ILE B 89 31.37 7.16 29.37
C ILE B 89 31.45 8.30 28.37
N GLU B 90 30.42 8.42 27.53
CA GLU B 90 30.40 9.48 26.52
C GLU B 90 30.24 10.86 27.16
N ALA B 91 29.53 10.94 28.28
CA ALA B 91 29.32 12.21 28.95
C ALA B 91 30.64 12.91 29.28
N VAL B 92 31.65 12.14 29.65
CA VAL B 92 32.95 12.73 29.97
C VAL B 92 33.93 12.55 28.83
N GLY B 93 33.40 12.31 27.63
CA GLY B 93 34.23 12.12 26.45
C GLY B 93 35.27 11.02 26.61
N GLY B 94 34.90 10.01 27.38
CA GLY B 94 35.78 8.88 27.64
C GLY B 94 35.74 7.79 26.58
N LYS B 95 36.51 6.73 26.80
CA LYS B 95 36.64 5.62 25.87
C LYS B 95 36.78 4.29 26.58
N LEU B 96 36.17 3.25 26.02
CA LEU B 96 36.24 1.91 26.57
C LEU B 96 36.45 0.96 25.40
N SER B 97 37.53 0.19 25.44
CA SER B 97 37.80 -0.74 24.37
C SER B 97 38.34 -2.04 24.90
N VAL B 98 38.15 -3.09 24.10
CA VAL B 98 38.63 -4.41 24.46
C VAL B 98 39.52 -4.90 23.34
N THR B 99 40.72 -5.30 23.71
CA THR B 99 41.69 -5.78 22.74
C THR B 99 42.11 -7.18 23.12
N SER B 100 42.21 -8.07 22.14
CA SER B 100 42.57 -9.44 22.39
C SER B 100 43.62 -9.99 21.44
N THR B 101 44.41 -10.93 21.95
CA THR B 101 45.42 -11.61 21.17
C THR B 101 45.07 -13.05 21.48
N ARG B 102 45.88 -13.99 21.04
CA ARG B 102 45.57 -15.38 21.30
C ARG B 102 45.74 -15.75 22.77
N GLU B 103 46.43 -14.91 23.54
CA GLU B 103 46.66 -15.22 24.93
C GLU B 103 46.03 -14.28 25.97
N ASN B 104 46.00 -12.99 25.64
CA ASN B 104 45.45 -12.00 26.57
C ASN B 104 44.25 -11.20 26.07
N MET B 105 43.55 -10.60 27.02
CA MET B 105 42.41 -9.74 26.74
C MET B 105 42.72 -8.51 27.56
N ALA B 106 42.59 -7.32 26.96
CA ALA B 106 42.88 -6.10 27.68
C ALA B 106 41.73 -5.12 27.56
N TYR B 107 41.17 -4.75 28.70
CA TYR B 107 40.06 -3.80 28.74
C TYR B 107 40.71 -2.48 29.12
N THR B 108 40.58 -1.50 28.24
CA THR B 108 41.20 -0.20 28.49
C THR B 108 40.23 0.96 28.47
N VAL B 109 40.41 1.89 29.41
CA VAL B 109 39.58 3.07 29.50
C VAL B 109 40.49 4.27 29.36
N GLU B 110 39.98 5.33 28.76
CA GLU B 110 40.74 6.57 28.57
C GLU B 110 39.82 7.72 28.96
N CYS B 111 40.37 8.70 29.65
CA CYS B 111 39.58 9.86 30.07
C CYS B 111 40.48 10.92 30.66
N LEU B 112 39.92 12.10 30.92
CA LEU B 112 40.69 13.17 31.51
C LEU B 112 40.99 12.68 32.93
N ARG B 113 42.10 13.09 33.52
CA ARG B 113 42.43 12.58 34.85
C ARG B 113 41.44 12.78 36.00
N ASP B 114 40.61 13.81 35.94
CA ASP B 114 39.63 14.02 37.02
C ASP B 114 38.46 13.04 36.94
N ASP B 115 38.31 12.34 35.83
CA ASP B 115 37.18 11.41 35.67
C ASP B 115 37.51 9.93 35.76
N VAL B 116 38.71 9.62 36.26
CA VAL B 116 39.11 8.22 36.38
C VAL B 116 38.16 7.44 37.30
N ASP B 117 37.61 8.10 38.31
CA ASP B 117 36.70 7.43 39.22
C ASP B 117 35.51 6.84 38.48
N ILE B 118 34.99 7.61 37.52
CA ILE B 118 33.85 7.20 36.71
C ILE B 118 34.19 6.03 35.78
N LEU B 119 35.25 6.18 35.00
CA LEU B 119 35.67 5.13 34.08
C LEU B 119 36.03 3.84 34.81
N MET B 120 36.65 3.96 35.98
CA MET B 120 37.05 2.80 36.77
C MET B 120 35.84 1.98 37.24
N GLU B 121 34.77 2.67 37.62
CA GLU B 121 33.56 2.01 38.08
C GLU B 121 32.94 1.19 36.96
N PHE B 122 32.95 1.75 35.75
CA PHE B 122 32.37 1.03 34.62
C PHE B 122 33.28 -0.14 34.29
N LEU B 123 34.59 0.12 34.28
CA LEU B 123 35.57 -0.93 33.98
C LEU B 123 35.40 -2.12 34.92
N LEU B 124 35.24 -1.85 36.21
CA LEU B 124 35.08 -2.91 37.20
C LEU B 124 33.75 -3.67 37.01
N ASN B 125 32.70 -2.94 36.67
CA ASN B 125 31.40 -3.57 36.47
C ASN B 125 31.45 -4.50 35.27
N VAL B 126 32.05 -4.02 34.18
CA VAL B 126 32.18 -4.79 32.94
C VAL B 126 32.94 -6.09 33.12
N THR B 127 34.05 -6.02 33.86
CA THR B 127 34.90 -7.18 34.07
C THR B 127 34.61 -8.08 35.27
N THR B 128 33.94 -7.57 36.30
CA THR B 128 33.66 -8.41 37.47
C THR B 128 32.18 -8.64 37.78
N ALA B 129 31.30 -7.91 37.11
CA ALA B 129 29.87 -8.08 37.37
C ALA B 129 28.95 -8.08 36.15
N PRO B 130 29.38 -8.69 35.02
CA PRO B 130 28.50 -8.70 33.85
C PRO B 130 27.32 -9.63 34.13
N GLU B 131 26.17 -9.34 33.54
CA GLU B 131 24.99 -10.18 33.76
C GLU B 131 24.68 -11.11 32.58
N PHE B 132 25.19 -10.75 31.40
CA PHE B 132 24.97 -11.54 30.19
C PHE B 132 23.51 -11.95 30.10
N ARG B 133 22.64 -10.95 30.13
CA ARG B 133 21.22 -11.21 30.06
C ARG B 133 20.90 -11.88 28.73
N ARG B 134 20.10 -12.94 28.83
CA ARG B 134 19.66 -13.76 27.70
C ARG B 134 19.26 -12.99 26.44
N TRP B 135 18.40 -11.99 26.59
CA TRP B 135 17.95 -11.21 25.44
C TRP B 135 19.00 -10.26 24.88
N GLU B 136 19.90 -9.78 25.73
CA GLU B 136 20.96 -8.87 25.25
C GLU B 136 22.03 -9.70 24.53
N VAL B 137 22.28 -10.91 25.04
CA VAL B 137 23.25 -11.78 24.42
C VAL B 137 22.76 -12.23 23.05
N ALA B 138 21.48 -12.55 22.94
CA ALA B 138 20.90 -12.96 21.68
C ALA B 138 20.96 -11.83 20.67
N ALA B 139 20.60 -10.62 21.09
CA ALA B 139 20.62 -9.45 20.22
C ALA B 139 22.01 -9.06 19.72
N LEU B 140 23.03 -9.46 20.47
CA LEU B 140 24.41 -9.12 20.10
C LEU B 140 25.03 -10.09 19.09
N GLN B 141 24.53 -11.32 19.02
CA GLN B 141 25.07 -12.33 18.10
C GLN B 141 25.36 -11.83 16.68
N PRO B 142 24.39 -11.17 16.02
CA PRO B 142 24.63 -10.69 14.66
C PRO B 142 25.92 -9.88 14.51
N GLN B 143 26.31 -9.19 15.57
CA GLN B 143 27.51 -8.37 15.55
C GLN B 143 28.76 -9.20 15.29
N LEU B 144 28.72 -10.49 15.64
CA LEU B 144 29.85 -11.38 15.41
C LEU B 144 30.12 -11.49 13.93
N ARG B 145 29.04 -11.55 13.16
CA ARG B 145 29.11 -11.68 11.71
C ARG B 145 29.69 -10.39 11.09
N ILE B 146 29.21 -9.24 11.57
CA ILE B 146 29.66 -7.95 11.06
C ILE B 146 31.14 -7.73 11.38
N ASP B 147 31.50 -7.93 12.65
CA ASP B 147 32.88 -7.75 13.12
C ASP B 147 33.86 -8.64 12.37
N LYS B 148 33.49 -9.89 12.14
CA LYS B 148 34.36 -10.83 11.44
C LYS B 148 34.52 -10.45 9.97
N ALA B 149 33.41 -10.09 9.33
CA ALA B 149 33.44 -9.72 7.93
C ALA B 149 34.35 -8.52 7.72
N VAL B 150 34.33 -7.58 8.66
CA VAL B 150 35.17 -6.39 8.56
C VAL B 150 36.64 -6.79 8.66
N ALA B 151 36.97 -7.58 9.68
CA ALA B 151 38.35 -8.01 9.89
C ALA B 151 38.85 -8.83 8.70
N LEU B 152 38.03 -9.75 8.22
CA LEU B 152 38.44 -10.61 7.12
C LEU B 152 38.52 -9.94 5.76
N GLN B 153 38.33 -8.62 5.71
CA GLN B 153 38.44 -7.90 4.45
C GLN B 153 39.94 -7.81 4.20
N ASN B 154 40.70 -8.07 5.25
CA ASN B 154 42.15 -8.04 5.20
C ASN B 154 42.66 -9.45 4.94
N PRO B 155 43.27 -9.68 3.78
CA PRO B 155 43.78 -11.02 3.49
C PRO B 155 44.76 -11.51 4.56
N GLN B 156 45.50 -10.58 5.16
CA GLN B 156 46.46 -10.96 6.20
C GLN B 156 45.77 -11.67 7.34
N ALA B 157 44.56 -11.25 7.65
CA ALA B 157 43.79 -11.87 8.72
C ALA B 157 43.50 -13.32 8.36
N HIS B 158 43.07 -13.55 7.12
CA HIS B 158 42.77 -14.91 6.64
C HIS B 158 44.00 -15.78 6.81
N VAL B 159 45.10 -15.31 6.27
CA VAL B 159 46.36 -16.03 6.31
C VAL B 159 46.89 -16.27 7.71
N ILE B 160 46.94 -15.25 8.56
CA ILE B 160 47.46 -15.46 9.90
C ILE B 160 46.58 -16.37 10.74
N GLU B 161 45.26 -16.29 10.59
CA GLU B 161 44.39 -17.17 11.37
C GLU B 161 44.60 -18.61 10.91
N ASN B 162 44.67 -18.81 9.59
CA ASN B 162 44.88 -20.15 9.05
C ASN B 162 46.26 -20.69 9.41
N LEU B 163 47.25 -19.79 9.49
CA LEU B 163 48.60 -20.19 9.82
C LEU B 163 48.62 -20.82 11.20
N HIS B 164 47.96 -20.17 12.16
CA HIS B 164 47.93 -20.72 13.51
C HIS B 164 47.17 -22.02 13.59
N ALA B 165 46.08 -22.11 12.82
CA ALA B 165 45.26 -23.31 12.81
C ALA B 165 46.05 -24.46 12.22
N ALA B 166 46.92 -24.18 11.26
CA ALA B 166 47.72 -25.21 10.60
C ALA B 166 48.91 -25.65 11.46
N ALA B 167 49.48 -24.70 12.20
CA ALA B 167 50.66 -24.98 13.02
C ALA B 167 50.40 -25.73 14.34
N TYR B 168 49.28 -25.45 15.01
CA TYR B 168 48.98 -26.07 16.29
C TYR B 168 47.82 -27.06 16.33
N ARG B 169 47.93 -28.05 17.21
CA ARG B 169 46.88 -29.05 17.39
C ARG B 169 45.77 -28.49 18.27
N ASN B 170 46.09 -27.44 19.03
CA ASN B 170 45.15 -26.86 19.97
C ASN B 170 45.52 -25.46 20.42
N ALA B 171 44.88 -25.02 21.49
CA ALA B 171 45.10 -23.71 22.10
C ALA B 171 45.40 -22.55 21.14
N LEU B 172 46.68 -22.36 20.85
CA LEU B 172 47.11 -21.27 19.98
C LEU B 172 46.51 -21.44 18.59
N ALA B 173 45.91 -22.60 18.34
CA ALA B 173 45.32 -22.87 17.04
C ALA B 173 44.00 -22.13 16.88
N ASN B 174 43.35 -21.84 18.00
CA ASN B 174 42.08 -21.11 17.99
C ASN B 174 42.13 -19.72 17.35
N SER B 175 41.08 -19.39 16.62
CA SER B 175 40.98 -18.10 15.96
C SER B 175 40.50 -17.00 16.91
N LEU B 176 40.85 -15.77 16.57
CA LEU B 176 40.45 -14.63 17.37
C LEU B 176 39.00 -14.32 17.06
N TYR B 177 38.52 -14.87 15.96
CA TYR B 177 37.15 -14.65 15.54
C TYR B 177 36.30 -15.92 15.65
N CYS B 178 35.05 -15.72 16.03
CA CYS B 178 34.10 -16.81 16.20
C CYS B 178 33.86 -17.57 14.89
N PRO B 179 33.91 -18.91 14.96
CA PRO B 179 33.70 -19.73 13.76
C PRO B 179 32.27 -19.45 13.29
N ASP B 180 32.02 -19.53 11.99
CA ASP B 180 30.67 -19.27 11.49
C ASP B 180 29.55 -20.11 12.11
N TYR B 181 29.79 -21.41 12.31
CA TYR B 181 28.75 -22.28 12.87
C TYR B 181 28.39 -21.93 14.30
N ARG B 182 29.24 -21.17 14.98
CA ARG B 182 28.97 -20.80 16.36
C ARG B 182 28.21 -19.47 16.51
N ILE B 183 28.17 -18.69 15.44
CA ILE B 183 27.45 -17.42 15.46
C ILE B 183 25.96 -17.69 15.69
N GLY B 184 25.45 -17.13 16.78
CA GLY B 184 24.06 -17.30 17.14
C GLY B 184 23.89 -18.43 18.13
N LYS B 185 24.99 -19.13 18.40
CA LYS B 185 25.00 -20.27 19.35
C LYS B 185 25.74 -20.04 20.68
N VAL B 186 26.47 -18.93 20.82
CA VAL B 186 27.18 -18.68 22.05
C VAL B 186 26.16 -18.32 23.12
N THR B 187 26.10 -19.12 24.18
CA THR B 187 25.13 -18.92 25.27
C THR B 187 25.62 -18.08 26.43
N PRO B 188 24.67 -17.57 27.22
CA PRO B 188 24.97 -16.75 28.39
C PRO B 188 25.81 -17.55 29.37
N VAL B 189 25.45 -18.83 29.52
CA VAL B 189 26.16 -19.71 30.42
C VAL B 189 27.62 -19.86 30.01
N GLU B 190 27.88 -19.96 28.71
CA GLU B 190 29.26 -20.09 28.23
C GLU B 190 30.02 -18.81 28.55
N LEU B 191 29.37 -17.66 28.42
CA LEU B 191 30.01 -16.38 28.70
C LEU B 191 30.34 -16.28 30.20
N HIS B 192 29.38 -16.68 31.04
CA HIS B 192 29.56 -16.65 32.49
C HIS B 192 30.70 -17.58 32.89
N ASP B 193 30.70 -18.79 32.35
CA ASP B 193 31.72 -19.75 32.68
C ASP B 193 33.09 -19.25 32.26
N TYR B 194 33.16 -18.64 31.08
CA TYR B 194 34.41 -18.13 30.58
C TYR B 194 34.96 -17.04 31.48
N VAL B 195 34.12 -16.09 31.90
CA VAL B 195 34.57 -15.03 32.78
C VAL B 195 34.97 -15.60 34.15
N GLN B 196 34.18 -16.53 34.66
CA GLN B 196 34.46 -17.15 35.97
C GLN B 196 35.74 -18.01 35.99
N ASN B 197 36.04 -18.68 34.88
CA ASN B 197 37.22 -19.52 34.81
C ASN B 197 38.50 -18.76 34.51
N HIS B 198 38.37 -17.59 33.88
CA HIS B 198 39.57 -16.84 33.50
C HIS B 198 39.81 -15.43 34.06
N PHE B 199 38.75 -14.71 34.38
CA PHE B 199 38.93 -13.36 34.94
C PHE B 199 39.17 -13.51 36.44
N THR B 200 40.34 -14.05 36.81
CA THR B 200 40.68 -14.24 38.22
C THR B 200 41.93 -13.43 38.62
N SER B 201 42.08 -13.14 39.91
CA SER B 201 43.21 -12.36 40.41
C SER B 201 44.58 -12.77 39.91
N ALA B 202 44.88 -14.06 39.98
CA ALA B 202 46.19 -14.54 39.56
C ALA B 202 46.40 -14.49 38.05
N ARG B 203 45.38 -14.12 37.30
CA ARG B 203 45.46 -14.04 35.85
C ARG B 203 45.29 -12.61 35.34
N MET B 204 45.46 -11.65 36.22
CA MET B 204 45.26 -10.26 35.84
C MET B 204 46.38 -9.29 36.19
N ALA B 205 46.39 -8.17 35.48
CA ALA B 205 47.36 -7.10 35.69
C ALA B 205 46.61 -5.78 35.48
N LEU B 206 46.69 -4.91 36.48
CA LEU B 206 46.03 -3.62 36.41
C LEU B 206 47.14 -2.60 36.13
N ILE B 207 47.11 -2.04 34.93
CA ILE B 207 48.09 -1.06 34.51
C ILE B 207 47.53 0.35 34.39
N GLY B 208 48.31 1.33 34.84
CA GLY B 208 47.85 2.70 34.76
C GLY B 208 48.90 3.71 34.32
N LEU B 209 48.44 4.72 33.60
CA LEU B 209 49.30 5.78 33.10
C LEU B 209 48.59 7.07 33.48
N GLY B 210 49.29 7.96 34.17
CA GLY B 210 48.67 9.20 34.58
C GLY B 210 47.69 8.97 35.74
N VAL B 211 47.97 7.96 36.55
CA VAL B 211 47.13 7.61 37.71
C VAL B 211 48.11 7.26 38.85
N SER B 212 47.72 7.51 40.10
CA SER B 212 48.62 7.21 41.22
C SER B 212 48.58 5.73 41.59
N HIS B 213 49.75 5.18 41.94
CA HIS B 213 49.84 3.78 42.29
C HIS B 213 48.94 3.41 43.46
N PRO B 214 48.85 4.29 44.47
CA PRO B 214 47.99 3.97 45.61
C PRO B 214 46.53 3.73 45.26
N VAL B 215 45.95 4.59 44.41
CA VAL B 215 44.55 4.40 44.02
C VAL B 215 44.36 3.09 43.24
N LEU B 216 45.24 2.78 42.29
CA LEU B 216 45.11 1.53 41.53
C LEU B 216 45.27 0.35 42.48
N LYS B 217 46.18 0.49 43.44
CA LYS B 217 46.42 -0.58 44.40
C LYS B 217 45.18 -0.79 45.24
N GLN B 218 44.54 0.32 45.63
CA GLN B 218 43.34 0.28 46.44
C GLN B 218 42.22 -0.38 45.65
N VAL B 219 42.06 0.05 44.41
CA VAL B 219 41.02 -0.49 43.54
C VAL B 219 41.18 -2.00 43.37
N ALA B 220 42.40 -2.44 43.10
CA ALA B 220 42.67 -3.86 42.92
C ALA B 220 42.44 -4.67 44.19
N GLU B 221 42.87 -4.12 45.32
CA GLU B 221 42.69 -4.79 46.60
C GLU B 221 41.21 -4.97 46.97
N GLN B 222 40.40 -3.94 46.72
CA GLN B 222 38.98 -3.96 47.06
C GLN B 222 38.01 -4.56 46.07
N PHE B 223 38.35 -4.54 44.78
CA PHE B 223 37.45 -5.07 43.77
C PHE B 223 38.01 -6.17 42.88
N LEU B 224 39.31 -6.39 42.91
CA LEU B 224 39.90 -7.42 42.08
C LEU B 224 40.52 -8.59 42.84
N ASN B 225 39.94 -8.92 43.99
CA ASN B 225 40.42 -10.05 44.78
C ASN B 225 39.46 -11.18 44.40
N ILE B 226 39.82 -11.91 43.35
CA ILE B 226 38.98 -12.97 42.82
C ILE B 226 39.68 -14.32 42.58
N ARG B 227 39.10 -15.39 43.11
CA ARG B 227 39.66 -16.73 42.93
C ARG B 227 38.83 -17.39 41.81
N GLY B 228 39.48 -18.17 40.94
CA GLY B 228 38.74 -18.78 39.84
C GLY B 228 38.72 -20.29 39.67
N GLY B 229 37.71 -20.74 38.94
CA GLY B 229 37.51 -22.15 38.66
C GLY B 229 38.60 -22.96 38.00
N LEU B 230 38.38 -23.35 36.75
CA LEU B 230 39.31 -24.18 35.99
C LEU B 230 39.95 -23.48 34.80
N GLY B 231 40.66 -22.39 35.04
CA GLY B 231 41.31 -21.66 33.95
N LEU B 232 40.89 -27.05 28.19
CA LEU B 232 42.29 -26.77 27.92
C LEU B 232 42.63 -25.30 28.17
N SER B 233 42.21 -24.77 29.32
CA SER B 233 42.48 -23.39 29.69
C SER B 233 43.73 -23.33 30.56
N GLY B 234 44.80 -23.90 30.01
CA GLY B 234 46.08 -23.95 30.67
C GLY B 234 46.94 -24.78 29.74
N ALA B 235 46.25 -25.68 29.03
CA ALA B 235 46.86 -26.59 28.06
C ALA B 235 48.06 -26.00 27.31
N LYS B 236 49.15 -26.75 27.31
CA LYS B 236 50.33 -26.32 26.58
C LYS B 236 49.95 -26.36 25.12
N ALA B 237 50.43 -25.41 24.33
CA ALA B 237 50.15 -25.40 22.91
C ALA B 237 51.07 -26.45 22.32
N LYS B 238 50.50 -27.33 21.50
CA LYS B 238 51.29 -28.40 20.89
C LYS B 238 51.53 -28.11 19.42
N TYR B 239 52.76 -27.76 19.06
CA TYR B 239 53.08 -27.47 17.66
C TYR B 239 52.95 -28.75 16.88
N HIS B 240 52.36 -28.62 15.70
CA HIS B 240 52.10 -29.76 14.85
C HIS B 240 52.71 -29.59 13.47
N GLY B 241 52.35 -28.49 12.81
CA GLY B 241 52.85 -28.24 11.48
C GLY B 241 51.78 -28.70 10.53
N GLY B 242 51.69 -28.05 9.38
CA GLY B 242 50.69 -28.42 8.39
C GLY B 242 50.49 -27.27 7.44
N GLU B 243 49.50 -27.37 6.58
CA GLU B 243 49.24 -26.29 5.66
C GLU B 243 47.78 -26.17 5.30
N ILE B 244 47.33 -24.93 5.16
CA ILE B 244 45.97 -24.62 4.81
C ILE B 244 46.07 -23.72 3.59
N ARG B 245 45.42 -24.16 2.51
CA ARG B 245 45.43 -23.40 1.26
C ARG B 245 44.02 -22.93 0.96
N GLU B 246 43.88 -21.63 0.84
CA GLU B 246 42.59 -21.02 0.56
C GLU B 246 42.58 -20.41 -0.85
N GLN B 247 41.98 -21.14 -1.78
CA GLN B 247 41.85 -20.69 -3.16
C GLN B 247 40.71 -19.69 -3.23
N ASN B 248 40.99 -18.50 -3.76
CA ASN B 248 39.94 -17.49 -3.90
C ASN B 248 40.13 -16.65 -5.15
N GLY B 249 41.07 -17.08 -6.00
CA GLY B 249 41.33 -16.41 -7.26
C GLY B 249 41.76 -14.96 -7.30
N ASP B 250 42.24 -14.41 -6.18
CA ASP B 250 42.68 -13.02 -6.19
C ASP B 250 43.94 -12.85 -7.00
N SER B 251 44.05 -11.72 -7.69
CA SER B 251 45.21 -11.41 -8.51
C SER B 251 46.51 -11.58 -7.71
N LEU B 252 46.43 -11.34 -6.41
CA LEU B 252 47.60 -11.45 -5.56
C LEU B 252 47.50 -12.60 -4.58
N VAL B 253 48.62 -13.29 -4.38
CA VAL B 253 48.68 -14.41 -3.46
C VAL B 253 49.37 -13.95 -2.18
N HIS B 254 48.77 -14.29 -1.06
CA HIS B 254 49.31 -13.98 0.25
C HIS B 254 49.72 -15.33 0.81
N ALA B 255 50.93 -15.42 1.33
CA ALA B 255 51.39 -16.69 1.89
C ALA B 255 52.36 -16.48 3.05
N ALA B 256 52.34 -17.40 4.00
CA ALA B 256 53.22 -17.35 5.15
C ALA B 256 53.78 -18.74 5.39
N LEU B 257 55.08 -18.81 5.64
CA LEU B 257 55.76 -20.06 5.90
C LEU B 257 56.52 -19.90 7.20
N VAL B 258 56.23 -20.75 8.18
CA VAL B 258 56.91 -20.67 9.48
C VAL B 258 57.31 -22.03 10.03
N ALA B 259 58.05 -21.99 11.13
CA ALA B 259 58.50 -23.19 11.83
C ALA B 259 58.42 -22.77 13.29
N GLU B 260 58.39 -23.73 14.21
CA GLU B 260 58.31 -23.36 15.61
C GLU B 260 59.63 -22.70 15.99
N SER B 261 59.55 -21.59 16.73
CA SER B 261 60.75 -20.87 17.14
C SER B 261 60.97 -20.95 18.65
N ALA B 262 60.65 -19.89 19.38
CA ALA B 262 60.85 -19.90 20.82
C ALA B 262 59.85 -19.07 21.61
N ALA B 263 59.60 -19.49 22.84
CA ALA B 263 58.69 -18.80 23.73
C ALA B 263 59.22 -17.42 24.10
N ILE B 264 58.31 -16.46 24.22
CA ILE B 264 58.68 -15.10 24.58
C ILE B 264 59.25 -15.19 25.98
N GLY B 265 60.32 -14.44 26.24
CA GLY B 265 60.96 -14.45 27.54
C GLY B 265 62.26 -15.24 27.55
N SER B 266 62.50 -16.08 26.54
CA SER B 266 63.74 -16.85 26.49
C SER B 266 64.79 -16.07 25.70
N ALA B 267 66.05 -16.45 25.89
CA ALA B 267 67.15 -15.78 25.20
C ALA B 267 67.08 -16.09 23.72
N GLU B 268 66.63 -17.30 23.42
CA GLU B 268 66.50 -17.74 22.03
C GLU B 268 65.48 -16.87 21.29
N ALA B 269 64.51 -16.33 22.02
CA ALA B 269 63.50 -15.47 21.43
C ALA B 269 64.19 -14.22 20.90
N ASN B 270 65.22 -13.75 21.62
CA ASN B 270 65.95 -12.56 21.21
C ASN B 270 66.71 -12.81 19.92
N ALA B 271 67.22 -14.03 19.75
CA ALA B 271 67.96 -14.36 18.54
C ALA B 271 67.01 -14.26 17.37
N PHE B 272 65.80 -14.78 17.55
CA PHE B 272 64.81 -14.74 16.48
C PHE B 272 64.38 -13.31 16.14
N SER B 273 64.29 -12.45 17.15
CA SER B 273 63.91 -11.07 16.90
C SER B 273 65.00 -10.37 16.09
N VAL B 274 66.26 -10.70 16.37
CA VAL B 274 67.35 -10.09 15.62
C VAL B 274 67.35 -10.68 14.22
N LEU B 275 67.08 -11.98 14.09
CA LEU B 275 67.05 -12.61 12.78
C LEU B 275 65.95 -11.97 11.95
N GLN B 276 64.84 -11.65 12.60
CA GLN B 276 63.71 -11.03 11.92
C GLN B 276 64.16 -9.73 11.26
N HIS B 277 64.94 -8.93 11.97
CA HIS B 277 65.40 -7.66 11.42
C HIS B 277 66.56 -7.75 10.45
N VAL B 278 67.22 -8.91 10.41
CA VAL B 278 68.30 -9.11 9.47
C VAL B 278 67.61 -9.33 8.14
N LEU B 279 66.60 -10.20 8.17
CA LEU B 279 65.83 -10.53 6.98
C LEU B 279 64.97 -9.38 6.46
N GLY B 280 64.49 -8.53 7.36
CA GLY B 280 63.66 -7.42 6.94
C GLY B 280 62.33 -7.55 7.66
N ALA B 281 61.98 -6.59 8.50
CA ALA B 281 60.74 -6.66 9.27
C ALA B 281 59.73 -5.52 9.06
N GLY B 282 59.81 -4.87 7.90
CA GLY B 282 58.89 -3.80 7.61
C GLY B 282 59.64 -2.62 7.00
N PRO B 283 58.95 -1.72 6.28
CA PRO B 283 59.65 -0.58 5.68
C PRO B 283 60.09 0.51 6.66
N HIS B 284 61.18 1.18 6.30
CA HIS B 284 61.77 2.26 7.10
C HIS B 284 61.70 3.58 6.37
N VAL B 285 61.55 3.51 5.05
CA VAL B 285 61.50 4.69 4.22
C VAL B 285 60.28 4.65 3.29
N LYS B 286 59.50 5.74 3.27
CA LYS B 286 58.31 5.78 2.43
C LYS B 286 58.69 5.55 0.97
N ARG B 287 58.16 4.47 0.40
CA ARG B 287 58.43 4.09 -0.98
C ARG B 287 59.89 3.71 -1.24
N GLY B 288 60.62 3.36 -0.18
CA GLY B 288 62.01 2.97 -0.35
C GLY B 288 62.18 1.60 -0.96
N SER B 289 63.41 1.28 -1.38
CA SER B 289 63.69 -0.02 -1.99
C SER B 289 64.12 -1.06 -0.96
N ASN B 290 64.09 -0.68 0.32
CA ASN B 290 64.47 -1.60 1.41
C ASN B 290 65.88 -2.17 1.17
N ALA B 291 66.81 -1.30 0.83
CA ALA B 291 68.19 -1.70 0.56
C ALA B 291 68.84 -2.63 1.59
N THR B 292 68.51 -2.48 2.87
CA THR B 292 69.13 -3.35 3.86
C THR B 292 68.26 -4.50 4.32
N SER B 293 67.18 -4.77 3.60
CA SER B 293 66.31 -5.89 3.94
C SER B 293 66.81 -7.06 3.12
N SER B 294 67.38 -8.04 3.80
CA SER B 294 67.93 -9.23 3.17
C SER B 294 66.94 -10.04 2.32
N LEU B 295 65.75 -10.30 2.85
CA LEU B 295 64.75 -11.07 2.12
C LEU B 295 64.25 -10.29 0.90
N TYR B 296 64.02 -9.00 1.09
CA TYR B 296 63.51 -8.16 -0.01
C TYR B 296 64.50 -8.06 -1.17
N GLN B 297 65.77 -7.85 -0.86
CA GLN B 297 66.79 -7.75 -1.90
C GLN B 297 67.01 -9.09 -2.63
N ALA B 298 66.82 -10.19 -1.92
CA ALA B 298 66.99 -11.51 -2.51
C ALA B 298 65.88 -11.79 -3.52
N VAL B 299 64.65 -11.44 -3.16
CA VAL B 299 63.53 -11.66 -4.07
C VAL B 299 63.62 -10.69 -5.25
N ALA B 300 63.97 -9.43 -4.98
CA ALA B 300 64.08 -8.41 -6.01
C ALA B 300 65.01 -8.80 -7.14
N LYS B 301 66.09 -9.52 -6.83
CA LYS B 301 67.06 -9.92 -7.85
C LYS B 301 66.44 -10.86 -8.87
N GLY B 302 65.53 -11.72 -8.41
CA GLY B 302 64.91 -12.69 -9.31
C GLY B 302 63.53 -12.35 -9.85
N VAL B 303 62.70 -11.68 -9.05
CA VAL B 303 61.36 -11.31 -9.49
C VAL B 303 61.30 -9.82 -9.83
N HIS B 304 60.75 -9.49 -10.99
CA HIS B 304 60.65 -8.09 -11.40
C HIS B 304 59.22 -7.62 -11.49
N GLN B 305 58.34 -8.40 -10.87
CA GLN B 305 56.91 -8.09 -10.82
C GLN B 305 56.71 -7.54 -9.42
N PRO B 306 55.61 -6.81 -9.19
CA PRO B 306 55.42 -6.28 -7.85
C PRO B 306 55.29 -7.43 -6.85
N PHE B 307 55.82 -7.21 -5.64
CA PHE B 307 55.77 -8.20 -4.59
C PHE B 307 56.13 -7.49 -3.29
N ASP B 308 55.96 -8.19 -2.19
CA ASP B 308 56.34 -7.68 -0.89
C ASP B 308 56.68 -8.91 -0.09
N VAL B 309 57.67 -8.78 0.77
CA VAL B 309 58.10 -9.89 1.59
C VAL B 309 58.57 -9.34 2.92
N SER B 310 58.36 -10.12 3.98
CA SER B 310 58.75 -9.68 5.30
C SER B 310 58.92 -10.85 6.24
N ALA B 311 59.88 -10.74 7.15
CA ALA B 311 60.11 -11.79 8.12
C ALA B 311 58.90 -11.70 9.03
N PHE B 312 58.44 -12.86 9.50
CA PHE B 312 57.30 -12.92 10.40
C PHE B 312 57.77 -13.50 11.75
N ASN B 313 57.39 -12.85 12.85
CA ASN B 313 57.79 -13.32 14.16
C ASN B 313 56.66 -13.17 15.16
N ALA B 314 56.23 -14.31 15.70
CA ALA B 314 55.17 -14.36 16.70
C ALA B 314 55.73 -15.14 17.87
N SER B 315 55.75 -14.51 19.04
CA SER B 315 56.27 -15.17 20.23
C SER B 315 55.19 -15.22 21.29
N TYR B 316 54.94 -16.42 21.79
CA TYR B 316 53.92 -16.62 22.81
C TYR B 316 54.53 -17.16 24.10
N SER B 317 53.71 -17.31 25.13
CA SER B 317 54.19 -17.78 26.43
C SER B 317 54.86 -19.15 26.43
N ASP B 318 54.31 -20.10 25.67
CA ASP B 318 54.87 -21.44 25.64
C ASP B 318 55.30 -21.92 24.25
N SER B 319 55.40 -21.00 23.31
CA SER B 319 55.78 -21.35 21.95
C SER B 319 55.96 -20.11 21.11
N GLY B 320 56.30 -20.31 19.85
CA GLY B 320 56.50 -19.19 18.97
C GLY B 320 56.57 -19.67 17.53
N LEU B 321 56.31 -18.76 16.60
CA LEU B 321 56.34 -19.09 15.19
C LEU B 321 57.25 -18.09 14.50
N PHE B 322 58.14 -18.57 13.65
CA PHE B 322 59.02 -17.66 12.94
C PHE B 322 59.13 -18.09 11.48
N GLY B 323 59.22 -17.10 10.59
CA GLY B 323 59.33 -17.39 9.18
C GLY B 323 59.20 -16.10 8.40
N PHE B 324 58.54 -16.17 7.25
CA PHE B 324 58.33 -15.00 6.43
C PHE B 324 56.96 -14.99 5.78
N TYR B 325 56.55 -13.81 5.33
CA TYR B 325 55.26 -13.59 4.69
C TYR B 325 55.50 -12.96 3.32
N THR B 326 54.80 -13.45 2.30
CA THR B 326 54.95 -12.93 0.95
C THR B 326 53.64 -12.50 0.31
N ILE B 327 53.72 -11.51 -0.57
CA ILE B 327 52.56 -11.01 -1.31
C ILE B 327 53.09 -10.86 -2.72
N SER B 328 52.45 -11.51 -3.68
CA SER B 328 52.90 -11.44 -5.06
C SER B 328 51.80 -11.77 -6.04
N GLN B 329 52.08 -11.53 -7.31
CA GLN B 329 51.11 -11.85 -8.34
C GLN B 329 51.06 -13.37 -8.29
N ALA B 330 49.89 -13.94 -8.56
CA ALA B 330 49.69 -15.37 -8.51
C ALA B 330 50.67 -16.23 -9.28
N ALA B 331 51.07 -15.79 -10.47
CA ALA B 331 52.00 -16.56 -11.28
C ALA B 331 53.43 -16.57 -10.72
N SER B 332 53.77 -15.57 -9.92
CA SER B 332 55.10 -15.45 -9.35
C SER B 332 55.24 -15.97 -7.93
N ALA B 333 54.15 -16.50 -7.37
CA ALA B 333 54.17 -17.01 -5.99
C ALA B 333 55.32 -17.97 -5.72
N GLY B 334 55.51 -18.95 -6.59
CA GLY B 334 56.58 -19.91 -6.41
C GLY B 334 57.95 -19.28 -6.41
N ASP B 335 58.19 -18.38 -7.35
CA ASP B 335 59.48 -17.71 -7.46
C ASP B 335 59.80 -16.86 -6.23
N VAL B 336 58.83 -16.11 -5.74
CA VAL B 336 59.04 -15.25 -4.56
C VAL B 336 59.30 -16.08 -3.30
N ILE B 337 58.45 -17.07 -3.08
CA ILE B 337 58.57 -17.93 -1.91
C ILE B 337 59.88 -18.71 -1.88
N LYS B 338 60.28 -19.28 -3.02
CA LYS B 338 61.50 -20.05 -3.07
C LYS B 338 62.72 -19.15 -2.89
N ALA B 339 62.70 -17.99 -3.53
CA ALA B 339 63.81 -17.05 -3.43
C ALA B 339 63.97 -16.59 -1.98
N ALA B 340 62.85 -16.33 -1.31
CA ALA B 340 62.89 -15.90 0.07
C ALA B 340 63.44 -17.02 0.95
N TYR B 341 62.95 -18.22 0.72
CA TYR B 341 63.38 -19.37 1.49
C TYR B 341 64.87 -19.62 1.30
N ASN B 342 65.34 -19.60 0.06
CA ASN B 342 66.75 -19.82 -0.21
C ASN B 342 67.61 -18.79 0.53
N GLN B 343 67.13 -17.56 0.59
CA GLN B 343 67.89 -16.50 1.26
C GLN B 343 68.07 -16.81 2.73
N VAL B 344 67.07 -17.43 3.35
CA VAL B 344 67.18 -17.77 4.77
C VAL B 344 68.12 -18.95 4.90
N LYS B 345 68.17 -19.80 3.86
CA LYS B 345 69.04 -20.97 3.89
C LYS B 345 70.51 -20.54 3.90
N THR B 346 70.82 -19.44 3.22
CA THR B 346 72.22 -18.97 3.19
C THR B 346 72.63 -18.46 4.56
N ILE B 347 71.70 -17.87 5.31
CA ILE B 347 72.02 -17.40 6.64
C ILE B 347 72.32 -18.60 7.51
N ALA B 348 71.51 -19.63 7.34
CA ALA B 348 71.64 -20.86 8.11
C ALA B 348 72.96 -21.54 7.80
N GLN B 349 73.54 -21.24 6.63
CA GLN B 349 74.81 -21.83 6.22
C GLN B 349 75.98 -20.99 6.72
N GLY B 350 75.66 -19.93 7.45
CA GLY B 350 76.70 -19.07 7.99
C GLY B 350 77.04 -17.80 7.24
N ASN B 351 76.39 -17.57 6.09
CA ASN B 351 76.66 -16.37 5.31
C ASN B 351 75.95 -15.16 5.90
N LEU B 352 76.50 -14.64 7.00
CA LEU B 352 75.95 -13.50 7.72
C LEU B 352 77.07 -12.58 8.20
N SER B 353 77.06 -11.33 7.76
CA SER B 353 78.11 -10.38 8.15
C SER B 353 77.77 -9.60 9.42
N ASN B 354 78.81 -9.24 10.16
CA ASN B 354 78.69 -8.48 11.40
C ASN B 354 77.93 -7.17 11.18
N PRO B 355 78.25 -6.46 10.10
CA PRO B 355 77.54 -5.20 9.84
C PRO B 355 76.05 -5.42 9.70
N ASP B 356 75.65 -6.54 9.10
CA ASP B 356 74.22 -6.82 8.91
C ASP B 356 73.56 -7.05 10.26
N VAL B 357 74.27 -7.73 11.15
CA VAL B 357 73.74 -8.00 12.48
C VAL B 357 73.63 -6.74 13.34
N GLN B 358 74.61 -5.85 13.25
CA GLN B 358 74.57 -4.62 14.04
C GLN B 358 73.43 -3.74 13.55
N ALA B 359 73.24 -3.67 12.23
CA ALA B 359 72.16 -2.88 11.67
C ALA B 359 70.82 -3.42 12.17
N ALA B 360 70.70 -4.75 12.17
CA ALA B 360 69.48 -5.40 12.61
C ALA B 360 69.23 -5.07 14.08
N LYS B 361 70.29 -5.09 14.88
CA LYS B 361 70.18 -4.78 16.31
C LYS B 361 69.74 -3.33 16.50
N ASN B 362 70.21 -2.45 15.62
CA ASN B 362 69.86 -1.04 15.71
C ASN B 362 68.38 -0.86 15.40
N LYS B 363 67.92 -1.55 14.36
CA LYS B 363 66.52 -1.46 13.97
C LYS B 363 65.65 -2.02 15.09
N LEU B 364 66.07 -3.13 15.67
CA LEU B 364 65.31 -3.76 16.76
C LEU B 364 65.25 -2.88 18.00
N LYS B 365 66.39 -2.32 18.41
CA LYS B 365 66.44 -1.47 19.59
C LYS B 365 65.65 -0.18 19.38
N ALA B 366 65.85 0.47 18.24
CA ALA B 366 65.14 1.70 17.95
C ALA B 366 63.66 1.39 17.82
N GLY B 367 63.36 0.23 17.26
CA GLY B 367 61.98 -0.18 17.08
C GLY B 367 61.26 -0.41 18.39
N TYR B 368 61.93 -1.05 19.34
CA TYR B 368 61.32 -1.31 20.64
C TYR B 368 61.01 -0.01 21.36
N LEU B 369 62.00 0.89 21.40
CA LEU B 369 61.83 2.18 22.07
C LEU B 369 60.71 3.01 21.44
N MET B 370 60.58 2.92 20.13
CA MET B 370 59.54 3.68 19.43
C MET B 370 58.14 3.13 19.74
N SER B 371 58.06 1.83 20.01
CA SER B 371 56.79 1.18 20.29
C SER B 371 56.22 1.46 21.68
N VAL B 372 57.03 1.99 22.60
CA VAL B 372 56.53 2.30 23.94
C VAL B 372 56.54 3.80 24.13
N GLU B 373 56.55 4.49 22.99
CA GLU B 373 56.59 5.94 22.96
C GLU B 373 55.20 6.51 23.26
N SER B 374 54.16 5.85 22.77
CA SER B 374 52.80 6.30 23.01
C SER B 374 52.21 5.56 24.20
N SER B 375 51.15 6.12 24.77
CA SER B 375 50.48 5.51 25.92
C SER B 375 49.98 4.10 25.59
N GLU B 376 49.48 3.91 24.38
CA GLU B 376 48.97 2.61 23.98
C GLU B 376 50.07 1.55 23.96
N GLY B 377 51.19 1.89 23.35
CA GLY B 377 52.30 0.96 23.28
C GLY B 377 52.87 0.70 24.66
N PHE B 378 52.99 1.76 25.46
CA PHE B 378 53.53 1.65 26.80
C PHE B 378 52.70 0.68 27.61
N LEU B 379 51.39 0.91 27.63
CA LEU B 379 50.45 0.09 28.39
C LEU B 379 50.51 -1.36 27.94
N ASP B 380 50.51 -1.59 26.63
CA ASP B 380 50.57 -2.94 26.09
C ASP B 380 51.85 -3.64 26.53
N GLU B 381 52.96 -2.91 26.55
CA GLU B 381 54.25 -3.47 26.92
C GLU B 381 54.25 -3.85 28.40
N VAL B 382 53.87 -2.92 29.28
CA VAL B 382 53.85 -3.20 30.70
C VAL B 382 52.85 -4.30 31.04
N GLY B 383 51.65 -4.20 30.48
CA GLY B 383 50.63 -5.19 30.74
C GLY B 383 51.04 -6.59 30.33
N SER B 384 51.70 -6.70 29.19
CA SER B 384 52.13 -8.00 28.69
C SER B 384 53.23 -8.58 29.54
N GLN B 385 54.18 -7.74 29.97
CA GLN B 385 55.27 -8.22 30.81
C GLN B 385 54.68 -8.72 32.12
N ALA B 386 53.72 -7.95 32.65
CA ALA B 386 53.07 -8.29 33.89
C ALA B 386 52.42 -9.67 33.86
N LEU B 387 51.80 -10.03 32.74
CA LEU B 387 51.16 -11.34 32.63
C LEU B 387 52.12 -12.44 32.21
N ALA B 388 53.12 -12.10 31.40
CA ALA B 388 54.08 -13.08 30.92
C ALA B 388 55.12 -13.49 31.96
N ALA B 389 55.76 -12.50 32.57
CA ALA B 389 56.79 -12.78 33.57
C ALA B 389 56.49 -12.26 34.97
N GLY B 390 55.33 -11.62 35.14
CA GLY B 390 54.97 -11.10 36.44
C GLY B 390 56.09 -10.26 37.02
N SER B 391 56.76 -9.52 36.14
CA SER B 391 57.85 -8.64 36.53
C SER B 391 58.03 -7.55 35.49
N TYR B 392 58.90 -6.59 35.77
CA TYR B 392 59.14 -5.51 34.83
C TYR B 392 60.61 -5.41 34.46
N THR B 393 60.89 -5.53 33.17
CA THR B 393 62.24 -5.41 32.63
C THR B 393 62.27 -4.06 31.93
N PRO B 394 63.11 -3.13 32.42
CA PRO B 394 63.21 -1.80 31.82
C PRO B 394 63.93 -1.76 30.46
N PRO B 395 63.65 -0.71 29.67
CA PRO B 395 64.24 -0.53 28.34
C PRO B 395 65.75 -0.79 28.30
N SER B 396 66.49 -0.16 29.21
CA SER B 396 67.94 -0.33 29.24
C SER B 396 68.35 -1.80 29.33
N THR B 397 67.59 -2.60 30.08
CA THR B 397 67.92 -4.01 30.20
C THR B 397 67.56 -4.73 28.91
N VAL B 398 66.43 -4.36 28.30
CA VAL B 398 66.02 -4.98 27.05
C VAL B 398 67.08 -4.76 25.97
N LEU B 399 67.56 -3.52 25.87
CA LEU B 399 68.57 -3.18 24.89
C LEU B 399 69.85 -3.97 25.11
N GLN B 400 70.18 -4.22 26.37
CA GLN B 400 71.38 -4.98 26.70
C GLN B 400 71.20 -6.44 26.28
N GLN B 401 69.99 -6.96 26.47
CA GLN B 401 69.71 -8.33 26.12
C GLN B 401 69.78 -8.46 24.61
N ILE B 402 69.48 -7.37 23.90
CA ILE B 402 69.55 -7.36 22.44
C ILE B 402 71.00 -7.33 22.00
N ASP B 403 71.82 -6.49 22.63
CA ASP B 403 73.25 -6.39 22.27
C ASP B 403 73.94 -7.71 22.55
N ALA B 404 73.45 -8.43 23.56
CA ALA B 404 74.04 -9.69 23.96
C ALA B 404 73.87 -10.82 22.94
N VAL B 405 72.94 -10.66 22.01
CA VAL B 405 72.72 -11.70 21.01
C VAL B 405 73.96 -11.82 20.13
N ALA B 406 74.46 -13.04 19.96
CA ALA B 406 75.65 -13.29 19.17
C ALA B 406 75.33 -13.69 17.73
N ASP B 407 76.25 -13.36 16.83
CA ASP B 407 76.08 -13.69 15.42
C ASP B 407 75.74 -15.16 15.26
N ALA B 408 76.32 -15.99 16.12
CA ALA B 408 76.08 -17.44 16.07
C ALA B 408 74.67 -17.81 16.51
N ASP B 409 74.09 -17.00 17.40
CA ASP B 409 72.74 -17.26 17.89
C ASP B 409 71.75 -17.02 16.76
N VAL B 410 72.04 -16.00 15.96
CA VAL B 410 71.21 -15.63 14.84
C VAL B 410 71.26 -16.73 13.80
N ILE B 411 72.48 -17.17 13.49
CA ILE B 411 72.68 -18.24 12.53
C ILE B 411 71.97 -19.51 12.97
N ASN B 412 72.04 -19.82 14.26
CA ASN B 412 71.40 -21.00 14.82
C ASN B 412 69.88 -20.91 14.77
N ALA B 413 69.35 -19.70 14.87
CA ALA B 413 67.90 -19.52 14.80
C ALA B 413 67.48 -19.82 13.37
N ALA B 414 68.27 -19.37 12.41
CA ALA B 414 67.99 -19.59 11.01
C ALA B 414 68.00 -21.09 10.73
N LYS B 415 68.96 -21.79 11.33
CA LYS B 415 69.06 -23.24 11.17
C LYS B 415 67.84 -23.94 11.72
N LYS B 416 67.37 -23.47 12.87
CA LYS B 416 66.20 -24.07 13.51
C LYS B 416 65.00 -23.93 12.59
N PHE B 417 64.91 -22.80 11.90
CA PHE B 417 63.81 -22.56 10.99
C PHE B 417 63.90 -23.52 9.80
N VAL B 418 65.06 -23.54 9.17
CA VAL B 418 65.29 -24.38 8.00
C VAL B 418 65.04 -25.87 8.20
N SER B 419 65.50 -26.44 9.31
CA SER B 419 65.31 -27.86 9.56
C SER B 419 64.03 -28.21 10.31
N GLY B 420 63.35 -27.21 10.84
CA GLY B 420 62.12 -27.48 11.59
C GLY B 420 60.91 -27.79 10.73
N ARG B 421 59.99 -28.58 11.28
CA ARG B 421 58.78 -28.96 10.56
C ARG B 421 58.04 -27.65 10.30
N LYS B 422 57.63 -27.43 9.06
CA LYS B 422 56.95 -26.20 8.66
C LYS B 422 55.43 -26.16 8.76
N SER B 423 54.91 -24.95 8.77
CA SER B 423 53.48 -24.67 8.80
C SER B 423 53.35 -23.60 7.72
N MET B 424 52.33 -23.71 6.87
CA MET B 424 52.13 -22.77 5.79
C MET B 424 50.65 -22.46 5.59
N ALA B 425 50.37 -21.23 5.17
CA ALA B 425 49.01 -20.81 4.90
C ALA B 425 49.10 -19.88 3.71
N ALA B 426 48.19 -20.04 2.76
CA ALA B 426 48.18 -19.20 1.57
C ALA B 426 46.76 -18.96 1.08
N SER B 427 46.55 -17.81 0.46
CA SER B 427 45.24 -17.44 -0.05
C SER B 427 45.45 -16.67 -1.34
N GLY B 428 44.58 -16.94 -2.31
CA GLY B 428 44.62 -16.30 -3.60
C GLY B 428 44.47 -17.37 -4.67
N ASN B 429 44.83 -17.05 -5.91
CA ASN B 429 44.77 -18.05 -6.97
C ASN B 429 46.07 -18.81 -6.76
N LEU B 430 45.96 -20.01 -6.22
CA LEU B 430 47.15 -20.80 -5.88
C LEU B 430 47.73 -21.76 -6.92
N GLY B 431 47.37 -21.56 -8.19
CA GLY B 431 47.89 -22.43 -9.25
C GLY B 431 49.40 -22.60 -9.29
N HIS B 432 50.13 -21.56 -8.87
CA HIS B 432 51.59 -21.61 -8.87
C HIS B 432 52.17 -21.46 -7.48
N THR B 433 51.36 -21.70 -6.46
CA THR B 433 51.85 -21.60 -5.10
C THR B 433 52.26 -22.99 -4.66
N PRO B 434 53.55 -23.17 -4.33
CA PRO B 434 54.05 -24.48 -3.90
C PRO B 434 53.61 -24.96 -2.51
N PHE B 435 53.70 -26.26 -2.35
CA PHE B 435 53.36 -26.94 -1.10
C PHE B 435 54.65 -26.99 -0.30
N ILE B 436 54.52 -27.22 1.00
CA ILE B 436 55.69 -27.29 1.87
C ILE B 436 56.73 -28.26 1.34
N ASP B 437 56.30 -29.47 0.95
CA ASP B 437 57.25 -30.47 0.45
C ASP B 437 57.90 -30.13 -0.89
N GLU B 438 57.56 -28.99 -1.47
CA GLU B 438 58.16 -28.59 -2.74
C GLU B 438 59.17 -27.46 -2.51
N LEU B 439 59.39 -27.16 -1.23
CA LEU B 439 60.31 -26.10 -0.84
C LEU B 439 61.67 -26.65 -0.39
N ASN C 15 2.15 13.09 -0.07
CA ASN C 15 3.57 12.79 -0.40
C ASN C 15 3.65 11.83 -1.58
N ASN C 16 2.95 10.71 -1.46
CA ASN C 16 2.93 9.70 -2.52
C ASN C 16 1.90 10.14 -3.54
N ALA C 17 1.79 11.46 -3.66
CA ALA C 17 0.89 12.11 -4.59
C ALA C 17 1.52 13.48 -4.84
N PHE C 18 2.66 13.69 -4.20
CA PHE C 18 3.41 14.95 -4.31
C PHE C 18 4.90 14.80 -3.99
N ILE C 19 5.34 15.56 -2.98
CA ILE C 19 6.73 15.62 -2.50
C ILE C 19 7.85 14.86 -3.20
N ASP C 20 8.04 13.57 -2.88
CA ASP C 20 9.14 12.81 -3.50
C ASP C 20 8.76 12.00 -4.73
N LEU C 21 7.62 12.31 -5.32
CA LEU C 21 7.17 11.60 -6.50
C LEU C 21 8.17 11.88 -7.61
N PRO C 22 8.74 10.82 -8.23
CA PRO C 22 9.70 11.07 -9.30
C PRO C 22 8.95 11.55 -10.54
N ALA C 23 9.47 12.59 -11.19
CA ALA C 23 8.83 13.14 -12.38
C ALA C 23 9.88 13.35 -13.48
N PRO C 24 9.46 13.25 -14.75
CA PRO C 24 10.42 13.44 -15.84
C PRO C 24 11.01 14.84 -15.72
N SER C 25 12.26 15.00 -16.08
CA SER C 25 12.91 16.30 -16.00
C SER C 25 12.45 17.22 -17.13
N ASN C 26 11.95 16.61 -18.21
CA ASN C 26 11.55 17.39 -19.38
C ASN C 26 10.09 17.59 -19.76
N ILE C 27 9.13 17.41 -18.86
CA ILE C 27 7.77 17.65 -19.30
C ILE C 27 7.56 19.15 -19.46
N SER C 28 6.74 19.50 -20.45
CA SER C 28 6.44 20.89 -20.76
C SER C 28 5.14 21.35 -20.13
N SER C 29 4.74 22.58 -20.47
CA SER C 29 3.51 23.15 -19.93
C SER C 29 2.25 22.36 -20.32
N TRP C 30 2.36 21.48 -21.32
CA TRP C 30 1.19 20.71 -21.72
C TRP C 30 0.86 19.71 -20.62
N TRP C 31 1.76 19.55 -19.67
CA TRP C 31 1.55 18.62 -18.58
C TRP C 31 0.92 19.32 -17.39
N ASN C 32 0.65 20.62 -17.54
CA ASN C 32 0.07 21.44 -16.48
C ASN C 32 -1.45 21.31 -16.40
N PHE C 33 -2.06 20.88 -17.49
CA PHE C 33 -3.51 20.77 -17.54
C PHE C 33 -4.18 19.78 -16.59
N GLY C 34 -3.43 18.77 -16.14
CA GLY C 34 -3.99 17.80 -15.22
C GLY C 34 -4.32 18.50 -13.93
N SER C 35 -3.39 19.31 -13.42
CA SER C 35 -3.62 20.03 -12.19
C SER C 35 -4.65 21.13 -12.37
N LEU C 36 -4.68 21.74 -13.55
CA LEU C 36 -5.64 22.81 -13.80
C LEU C 36 -7.03 22.20 -13.79
N LEU C 37 -7.14 20.96 -14.22
CA LEU C 37 -8.43 20.26 -14.25
C LEU C 37 -8.89 20.00 -12.81
N GLY C 38 -7.93 19.70 -11.95
CA GLY C 38 -8.26 19.44 -10.55
C GLY C 38 -8.74 20.72 -9.91
N ILE C 39 -8.11 21.82 -10.30
CA ILE C 39 -8.46 23.12 -9.78
C ILE C 39 -9.82 23.54 -10.29
N CYS C 40 -10.09 23.29 -11.57
CA CYS C 40 -11.37 23.65 -12.13
C CYS C 40 -12.48 22.89 -11.38
N LEU C 41 -12.21 21.62 -11.09
CA LEU C 41 -13.20 20.79 -10.39
C LEU C 41 -13.47 21.29 -8.99
N ILE C 42 -12.43 21.72 -8.27
CA ILE C 42 -12.59 22.24 -6.92
C ILE C 42 -13.32 23.59 -6.97
N LEU C 43 -12.99 24.38 -7.98
CA LEU C 43 -13.60 25.69 -8.17
C LEU C 43 -15.09 25.50 -8.41
N GLN C 44 -15.43 24.55 -9.29
CA GLN C 44 -16.82 24.27 -9.61
C GLN C 44 -17.57 23.76 -8.41
N ILE C 45 -16.94 22.86 -7.64
CA ILE C 45 -17.59 22.31 -6.45
C ILE C 45 -17.84 23.40 -5.41
N LEU C 46 -16.88 24.29 -5.20
CA LEU C 46 -17.04 25.35 -4.21
C LEU C 46 -18.09 26.38 -4.61
N THR C 47 -17.95 26.96 -5.80
CA THR C 47 -18.94 27.94 -6.26
C THR C 47 -20.29 27.26 -6.38
N GLY C 48 -20.29 26.00 -6.82
CA GLY C 48 -21.53 25.27 -6.98
C GLY C 48 -22.26 25.09 -5.67
N LEU C 49 -21.54 24.68 -4.63
CA LEU C 49 -22.15 24.48 -3.32
C LEU C 49 -22.75 25.78 -2.82
N PHE C 50 -22.05 26.89 -3.03
CA PHE C 50 -22.58 28.17 -2.59
C PHE C 50 -23.80 28.58 -3.40
N LEU C 51 -23.88 28.19 -4.67
CA LEU C 51 -25.05 28.52 -5.47
C LEU C 51 -26.22 27.66 -5.01
N ALA C 52 -25.93 26.41 -4.66
CA ALA C 52 -26.98 25.49 -4.21
C ALA C 52 -27.60 25.94 -2.91
N MET C 53 -26.92 26.81 -2.16
CA MET C 53 -27.44 27.30 -0.89
C MET C 53 -28.58 28.31 -1.11
N HIS C 54 -28.77 28.75 -2.36
CA HIS C 54 -29.80 29.74 -2.68
C HIS C 54 -30.74 29.33 -3.81
N TYR C 55 -30.33 28.33 -4.58
CA TYR C 55 -31.13 27.84 -5.70
C TYR C 55 -32.28 26.92 -5.31
N THR C 56 -33.41 27.08 -5.99
CA THR C 56 -34.58 26.23 -5.77
C THR C 56 -34.93 25.62 -7.12
N SER C 57 -35.17 24.31 -7.16
CA SER C 57 -35.44 23.58 -8.41
C SER C 57 -36.87 23.45 -8.92
N ASP C 58 -37.80 24.23 -8.38
CA ASP C 58 -39.19 24.17 -8.83
C ASP C 58 -39.22 24.97 -10.12
N THR C 59 -39.87 24.45 -11.16
CA THR C 59 -39.92 25.18 -12.43
C THR C 59 -40.50 26.58 -12.31
N THR C 60 -41.33 26.81 -11.30
CA THR C 60 -41.93 28.13 -11.15
C THR C 60 -40.93 29.12 -10.52
N THR C 61 -39.94 28.62 -9.80
CA THR C 61 -38.97 29.48 -9.13
C THR C 61 -37.50 29.35 -9.51
N ALA C 62 -37.13 28.37 -10.31
CA ALA C 62 -35.73 28.19 -10.71
C ALA C 62 -35.05 29.44 -11.26
N PHE C 63 -35.55 29.94 -12.38
CA PHE C 63 -35.00 31.12 -13.05
C PHE C 63 -34.95 32.33 -12.11
N SER C 64 -36.02 32.53 -11.34
CA SER C 64 -36.09 33.66 -10.41
C SER C 64 -35.04 33.53 -9.30
N SER C 65 -34.82 32.31 -8.83
CA SER C 65 -33.84 32.11 -7.78
C SER C 65 -32.45 32.42 -8.31
N VAL C 66 -32.20 32.20 -9.60
CA VAL C 66 -30.90 32.52 -10.14
C VAL C 66 -30.73 34.04 -10.26
N THR C 67 -31.79 34.74 -10.63
CA THR C 67 -31.67 36.20 -10.76
C THR C 67 -31.53 36.78 -9.35
N HIS C 68 -32.12 36.09 -8.37
CA HIS C 68 -32.05 36.53 -6.98
C HIS C 68 -30.60 36.42 -6.52
N ILE C 69 -29.93 35.34 -6.89
CA ILE C 69 -28.54 35.12 -6.53
C ILE C 69 -27.69 36.26 -7.09
N CYS C 70 -27.87 36.55 -8.37
CA CYS C 70 -27.10 37.61 -9.04
C CYS C 70 -27.44 39.04 -8.64
N ARG C 71 -28.67 39.29 -8.18
CA ARG C 71 -29.08 40.65 -7.80
C ARG C 71 -29.05 41.00 -6.32
N ASP C 72 -29.47 40.07 -5.46
CA ASP C 72 -29.52 40.36 -4.03
C ASP C 72 -28.57 39.62 -3.09
N VAL C 73 -28.02 38.48 -3.49
CA VAL C 73 -27.11 37.76 -2.60
C VAL C 73 -25.75 38.46 -2.66
N ASN C 74 -25.14 38.70 -1.51
CA ASN C 74 -23.85 39.38 -1.48
C ASN C 74 -22.86 38.60 -2.32
N TYR C 75 -22.29 39.27 -3.32
CA TYR C 75 -21.31 38.65 -4.22
C TYR C 75 -21.86 37.44 -4.96
N GLY C 76 -23.19 37.33 -4.98
CA GLY C 76 -23.83 36.23 -5.66
C GLY C 76 -23.48 36.23 -7.13
N TRP C 77 -23.36 37.42 -7.71
CA TRP C 77 -23.05 37.55 -9.13
C TRP C 77 -21.68 37.01 -9.49
N ILE C 78 -20.68 37.25 -8.65
CA ILE C 78 -19.36 36.74 -8.97
C ILE C 78 -19.29 35.23 -8.81
N ILE C 79 -20.00 34.69 -7.83
CA ILE C 79 -19.99 33.24 -7.61
C ILE C 79 -20.72 32.58 -8.78
N ARG C 80 -21.81 33.20 -9.25
CA ARG C 80 -22.57 32.65 -10.36
C ARG C 80 -21.77 32.65 -11.63
N TYR C 81 -21.20 33.80 -11.99
CA TYR C 81 -20.42 33.87 -13.23
C TYR C 81 -19.09 33.12 -13.17
N MET C 82 -18.58 32.87 -11.98
CA MET C 82 -17.34 32.14 -11.86
C MET C 82 -17.71 30.70 -12.16
N HIS C 83 -18.91 30.29 -11.74
CA HIS C 83 -19.36 28.91 -11.96
C HIS C 83 -19.62 28.71 -13.44
N ALA C 84 -20.29 29.67 -14.07
CA ALA C 84 -20.58 29.55 -15.50
C ALA C 84 -19.31 29.52 -16.34
N ASN C 85 -18.43 30.49 -16.13
CA ASN C 85 -17.20 30.56 -16.90
C ASN C 85 -16.21 29.48 -16.45
N GLY C 86 -16.39 29.01 -15.22
CA GLY C 86 -15.52 27.97 -14.72
C GLY C 86 -15.77 26.73 -15.55
N ALA C 87 -17.02 26.54 -15.94
CA ALA C 87 -17.38 25.38 -16.76
C ALA C 87 -16.67 25.45 -18.08
N SER C 88 -16.55 26.67 -18.63
CA SER C 88 -15.87 26.85 -19.91
C SER C 88 -14.38 26.59 -19.79
N MET C 89 -13.78 27.06 -18.70
CA MET C 89 -12.35 26.86 -18.48
C MET C 89 -12.10 25.36 -18.34
N PHE C 90 -13.06 24.66 -17.71
CA PHE C 90 -12.96 23.22 -17.50
C PHE C 90 -12.80 22.53 -18.85
N PHE C 91 -13.67 22.86 -19.81
CA PHE C 91 -13.56 22.24 -21.12
C PHE C 91 -12.30 22.64 -21.91
N ILE C 92 -11.89 23.90 -21.82
CA ILE C 92 -10.68 24.32 -22.52
C ILE C 92 -9.57 23.42 -22.02
N CYS C 93 -9.49 23.24 -20.70
CA CYS C 93 -8.45 22.41 -20.11
C CYS C 93 -8.60 20.93 -20.48
N LEU C 94 -9.84 20.46 -20.59
CA LEU C 94 -10.09 19.07 -20.93
C LEU C 94 -9.58 18.78 -22.33
N TYR C 95 -9.91 19.65 -23.27
CA TYR C 95 -9.50 19.46 -24.65
C TYR C 95 -7.97 19.58 -24.83
N MET C 96 -7.32 20.46 -24.06
CA MET C 96 -5.88 20.60 -24.17
C MET C 96 -5.25 19.31 -23.59
N HIS C 97 -5.79 18.84 -22.45
CA HIS C 97 -5.32 17.64 -21.75
C HIS C 97 -5.42 16.41 -22.68
N VAL C 98 -6.56 16.24 -23.35
CA VAL C 98 -6.75 15.11 -24.25
C VAL C 98 -5.83 15.27 -25.46
N GLY C 99 -5.70 16.49 -25.98
CA GLY C 99 -4.83 16.70 -27.12
C GLY C 99 -3.41 16.32 -26.81
N ARG C 100 -2.93 16.68 -25.62
CA ARG C 100 -1.58 16.37 -25.20
C ARG C 100 -1.43 14.86 -25.22
N GLY C 101 -2.41 14.17 -24.64
CA GLY C 101 -2.36 12.71 -24.59
C GLY C 101 -2.26 12.09 -25.97
N LEU C 102 -3.04 12.57 -26.93
CA LEU C 102 -3.03 12.01 -28.27
C LEU C 102 -1.68 12.24 -28.96
N TYR C 103 -1.20 13.48 -28.94
CA TYR C 103 0.05 13.86 -29.59
C TYR C 103 1.25 13.11 -29.05
N TYR C 104 1.33 12.96 -27.74
CA TYR C 104 2.47 12.31 -27.12
C TYR C 104 2.35 10.81 -26.86
N GLY C 105 1.22 10.21 -27.26
CA GLY C 105 1.04 8.78 -27.06
C GLY C 105 0.85 8.35 -25.63
N SER C 106 0.35 9.27 -24.81
CA SER C 106 0.12 9.00 -23.40
C SER C 106 -0.97 7.93 -23.23
N TYR C 107 -1.77 7.75 -24.26
CA TYR C 107 -2.86 6.79 -24.20
C TYR C 107 -2.41 5.35 -24.07
N THR C 108 -1.10 5.11 -24.18
CA THR C 108 -0.61 3.75 -24.05
C THR C 108 -0.74 3.33 -22.58
N PHE C 109 -0.97 4.30 -21.69
CA PHE C 109 -1.21 3.98 -20.27
C PHE C 109 -2.70 3.69 -20.40
N LEU C 110 -3.05 2.49 -20.84
CA LEU C 110 -4.45 2.10 -21.05
C LEU C 110 -5.45 2.37 -19.92
N GLU C 111 -5.14 1.98 -18.70
CA GLU C 111 -6.05 2.17 -17.58
C GLU C 111 -6.30 3.65 -17.32
N THR C 112 -5.22 4.43 -17.23
CA THR C 112 -5.27 5.86 -16.96
C THR C 112 -6.09 6.55 -18.06
N TRP C 113 -5.82 6.17 -19.31
CA TRP C 113 -6.50 6.74 -20.46
C TRP C 113 -7.99 6.40 -20.49
N ASN C 114 -8.33 5.13 -20.30
CA ASN C 114 -9.75 4.75 -20.31
C ASN C 114 -10.55 5.41 -19.18
N ILE C 115 -9.94 5.57 -18.00
CA ILE C 115 -10.63 6.24 -16.90
C ILE C 115 -10.81 7.66 -17.40
N GLY C 116 -9.80 8.14 -18.11
CA GLY C 116 -9.82 9.47 -18.65
C GLY C 116 -11.04 9.67 -19.54
N VAL C 117 -11.36 8.66 -20.33
CA VAL C 117 -12.51 8.75 -21.23
C VAL C 117 -13.79 8.85 -20.42
N ILE C 118 -13.85 8.09 -19.34
CA ILE C 118 -15.02 8.10 -18.47
C ILE C 118 -15.18 9.47 -17.85
N LEU C 119 -14.06 10.06 -17.44
CA LEU C 119 -14.07 11.38 -16.84
C LEU C 119 -14.62 12.42 -17.83
N LEU C 120 -14.20 12.35 -19.09
CA LEU C 120 -14.66 13.29 -20.09
C LEU C 120 -16.18 13.19 -20.26
N LEU C 121 -16.68 11.96 -20.35
CA LEU C 121 -18.10 11.74 -20.53
C LEU C 121 -18.91 12.18 -19.32
N THR C 122 -18.37 11.97 -18.13
CA THR C 122 -19.08 12.35 -16.91
C THR C 122 -19.12 13.88 -16.76
N VAL C 123 -18.05 14.57 -17.12
CA VAL C 123 -18.04 16.02 -17.03
C VAL C 123 -19.04 16.61 -18.04
N MET C 124 -19.15 16.01 -19.22
CA MET C 124 -20.07 16.50 -20.25
C MET C 124 -21.49 16.37 -19.72
N ALA C 125 -21.79 15.23 -19.12
CA ALA C 125 -23.14 14.97 -18.59
C ALA C 125 -23.44 15.95 -17.46
N THR C 126 -22.45 16.19 -16.61
CA THR C 126 -22.59 17.10 -15.48
C THR C 126 -22.85 18.53 -15.95
N ALA C 127 -22.07 18.99 -16.92
CA ALA C 127 -22.23 20.33 -17.46
C ALA C 127 -23.58 20.50 -18.16
N PHE C 128 -24.04 19.44 -18.81
CA PHE C 128 -25.31 19.47 -19.52
C PHE C 128 -26.41 19.71 -18.51
N MET C 129 -26.46 18.88 -17.47
CA MET C 129 -27.48 19.03 -16.44
C MET C 129 -27.41 20.36 -15.72
N GLY C 130 -26.20 20.88 -15.52
CA GLY C 130 -26.07 22.15 -14.85
C GLY C 130 -26.70 23.25 -15.69
N TYR C 131 -26.49 23.18 -17.00
CA TYR C 131 -27.02 24.18 -17.91
C TYR C 131 -28.55 24.21 -17.89
N VAL C 132 -29.15 23.09 -17.48
CA VAL C 132 -30.60 22.97 -17.43
C VAL C 132 -31.20 23.66 -16.22
N LEU C 133 -30.46 23.70 -15.12
CA LEU C 133 -30.94 24.31 -13.88
C LEU C 133 -31.54 25.73 -13.90
N PRO C 134 -30.91 26.71 -14.59
CA PRO C 134 -31.54 28.03 -14.55
C PRO C 134 -32.91 28.11 -15.27
N TRP C 135 -33.26 27.04 -16.00
CA TRP C 135 -34.53 26.91 -16.75
C TRP C 135 -34.79 28.04 -17.76
N GLY C 136 -33.78 28.33 -18.58
CA GLY C 136 -33.93 29.36 -19.59
C GLY C 136 -34.31 28.61 -20.84
N GLN C 137 -34.37 29.28 -21.98
CA GLN C 137 -34.77 28.59 -23.21
C GLN C 137 -33.76 27.53 -23.64
N MET C 138 -32.48 27.82 -23.50
CA MET C 138 -31.48 26.85 -23.88
C MET C 138 -31.54 25.66 -22.93
N SER C 139 -31.83 25.97 -21.67
CA SER C 139 -31.93 24.96 -20.63
C SER C 139 -32.97 23.92 -21.00
N PHE C 140 -34.17 24.40 -21.27
CA PHE C 140 -35.30 23.52 -21.60
C PHE C 140 -35.12 22.72 -22.87
N TRP C 141 -34.63 23.34 -23.95
CA TRP C 141 -34.46 22.62 -25.20
C TRP C 141 -33.23 21.72 -25.22
N GLY C 142 -32.23 22.06 -24.43
CA GLY C 142 -31.05 21.23 -24.36
C GLY C 142 -31.47 19.96 -23.64
N ALA C 143 -32.24 20.13 -22.57
CA ALA C 143 -32.72 18.99 -21.79
C ALA C 143 -33.60 18.13 -22.68
N THR C 144 -34.39 18.77 -23.54
CA THR C 144 -35.26 18.04 -24.45
C THR C 144 -34.47 17.21 -25.46
N VAL C 145 -33.61 17.87 -26.21
CA VAL C 145 -32.78 17.22 -27.24
C VAL C 145 -31.80 16.16 -26.75
N ILE C 146 -30.99 16.49 -25.75
CA ILE C 146 -30.02 15.54 -25.24
C ILE C 146 -30.63 14.27 -24.65
N THR C 147 -31.69 14.40 -23.86
CA THR C 147 -32.31 13.21 -23.28
C THR C 147 -32.91 12.37 -24.39
N ASN C 148 -33.47 13.02 -25.41
CA ASN C 148 -34.08 12.29 -26.52
C ASN C 148 -33.09 11.49 -27.35
N LEU C 149 -31.80 11.67 -27.10
CA LEU C 149 -30.79 10.93 -27.84
C LEU C 149 -31.05 9.44 -27.57
N LEU C 150 -31.60 9.15 -26.40
CA LEU C 150 -31.89 7.78 -26.01
C LEU C 150 -33.03 7.18 -26.81
N SER C 151 -33.89 8.02 -27.39
CA SER C 151 -35.01 7.50 -28.17
C SER C 151 -34.52 6.80 -29.43
N ALA C 152 -33.22 6.92 -29.71
CA ALA C 152 -32.64 6.27 -30.88
C ALA C 152 -32.43 4.78 -30.58
N ILE C 153 -32.49 4.41 -29.31
CA ILE C 153 -32.32 3.02 -28.93
C ILE C 153 -33.58 2.26 -29.32
N PRO C 154 -33.43 1.20 -30.12
CA PRO C 154 -34.56 0.38 -30.59
C PRO C 154 -35.43 -0.23 -29.48
N TYR C 155 -36.75 -0.26 -29.74
CA TYR C 155 -37.75 -0.84 -28.85
C TYR C 155 -37.96 -0.22 -27.47
N ILE C 156 -36.90 0.21 -26.80
CA ILE C 156 -37.05 0.78 -25.46
C ILE C 156 -36.61 2.23 -25.33
N GLY C 157 -36.10 2.81 -26.41
CA GLY C 157 -35.65 4.19 -26.38
C GLY C 157 -36.64 5.17 -25.77
N THR C 158 -37.83 5.22 -26.36
CA THR C 158 -38.88 6.12 -25.90
C THR C 158 -39.23 5.93 -24.43
N ASN C 159 -39.27 4.68 -23.99
CA ASN C 159 -39.59 4.36 -22.61
C ASN C 159 -38.51 4.91 -21.69
N LEU C 160 -37.25 4.78 -22.12
CA LEU C 160 -36.13 5.26 -21.33
C LEU C 160 -36.17 6.78 -21.18
N VAL C 161 -36.53 7.48 -22.25
CA VAL C 161 -36.60 8.93 -22.21
C VAL C 161 -37.65 9.42 -21.23
N GLU C 162 -38.84 8.85 -21.31
CA GLU C 162 -39.94 9.22 -20.44
C GLU C 162 -39.64 8.85 -18.99
N TRP C 163 -38.86 7.80 -18.80
CA TRP C 163 -38.48 7.37 -17.47
C TRP C 163 -37.56 8.44 -16.89
N ILE C 164 -36.60 8.88 -17.71
CA ILE C 164 -35.64 9.90 -17.27
C ILE C 164 -36.37 11.21 -16.99
N TRP C 165 -37.30 11.59 -17.85
CA TRP C 165 -38.07 12.82 -17.68
C TRP C 165 -39.01 12.74 -16.49
N GLY C 166 -39.52 11.54 -16.23
CA GLY C 166 -40.46 11.38 -15.14
C GLY C 166 -41.82 11.81 -15.64
N GLY C 167 -42.01 11.69 -16.96
CA GLY C 167 -43.28 12.07 -17.56
C GLY C 167 -43.20 11.99 -19.07
N PHE C 168 -44.21 12.53 -19.74
CA PHE C 168 -44.26 12.50 -21.21
C PHE C 168 -43.56 13.67 -21.87
N SER C 169 -42.97 14.53 -21.05
CA SER C 169 -42.25 15.70 -21.55
C SER C 169 -41.36 16.24 -20.44
N VAL C 170 -40.45 17.14 -20.80
CA VAL C 170 -39.57 17.75 -19.82
C VAL C 170 -40.49 18.64 -19.00
N ASP C 171 -40.46 18.46 -17.68
CA ASP C 171 -41.31 19.23 -16.78
C ASP C 171 -40.71 19.28 -15.38
N LYS C 172 -41.54 19.63 -14.40
CA LYS C 172 -41.12 19.73 -13.00
C LYS C 172 -40.26 18.57 -12.52
N ALA C 173 -40.75 17.35 -12.65
CA ALA C 173 -40.02 16.18 -12.20
C ALA C 173 -38.61 16.12 -12.78
N THR C 174 -38.44 16.61 -14.01
CA THR C 174 -37.14 16.60 -14.67
C THR C 174 -36.14 17.55 -14.03
N LEU C 175 -36.55 18.79 -13.80
CA LEU C 175 -35.68 19.80 -13.22
C LEU C 175 -35.24 19.41 -11.81
N THR C 176 -36.16 18.90 -11.01
CA THR C 176 -35.82 18.52 -9.65
C THR C 176 -34.79 17.39 -9.61
N ARG C 177 -34.93 16.38 -10.47
CA ARG C 177 -33.95 15.29 -10.44
C ARG C 177 -32.63 15.72 -11.06
N PHE C 178 -32.65 16.69 -11.98
CA PHE C 178 -31.42 17.16 -12.61
C PHE C 178 -30.60 17.94 -11.58
N PHE C 179 -31.26 18.63 -10.66
CA PHE C 179 -30.54 19.37 -9.63
C PHE C 179 -29.81 18.34 -8.77
N ALA C 180 -30.51 17.28 -8.41
CA ALA C 180 -29.96 16.22 -7.59
C ALA C 180 -28.78 15.51 -8.28
N PHE C 181 -28.92 15.22 -9.57
CA PHE C 181 -27.86 14.54 -10.31
C PHE C 181 -26.64 15.45 -10.48
N HIS C 182 -26.90 16.72 -10.80
CA HIS C 182 -25.84 17.70 -11.00
C HIS C 182 -25.06 17.93 -9.71
N PHE C 183 -25.77 17.83 -8.58
CA PHE C 183 -25.16 18.05 -7.27
C PHE C 183 -24.17 16.94 -6.94
N ILE C 184 -24.61 15.69 -7.07
CA ILE C 184 -23.77 14.56 -6.73
C ILE C 184 -22.71 14.12 -7.75
N LEU C 185 -23.00 14.16 -9.04
CA LEU C 185 -22.03 13.72 -10.04
C LEU C 185 -20.61 14.30 -9.91
N PRO C 186 -20.47 15.61 -9.61
CA PRO C 186 -19.13 16.19 -9.47
C PRO C 186 -18.27 15.50 -8.41
N PHE C 187 -18.92 15.00 -7.37
CA PHE C 187 -18.19 14.32 -6.31
C PHE C 187 -17.78 12.93 -6.75
N ILE C 188 -18.55 12.35 -7.66
CA ILE C 188 -18.24 11.03 -8.19
C ILE C 188 -17.04 11.24 -9.11
N ILE C 189 -17.05 12.37 -9.81
CA ILE C 189 -15.97 12.73 -10.73
C ILE C 189 -14.68 12.87 -9.95
N MET C 190 -14.77 13.45 -8.76
CA MET C 190 -13.60 13.64 -7.91
C MET C 190 -13.00 12.30 -7.53
N ALA C 191 -13.85 11.35 -7.17
CA ALA C 191 -13.39 10.01 -6.80
C ALA C 191 -12.73 9.34 -7.98
N ILE C 192 -13.39 9.39 -9.14
CA ILE C 192 -12.88 8.78 -10.37
C ILE C 192 -11.53 9.42 -10.74
N ALA C 193 -11.40 10.73 -10.50
CA ALA C 193 -10.17 11.42 -10.82
C ALA C 193 -9.03 10.91 -9.95
N MET C 194 -9.34 10.56 -8.72
CA MET C 194 -8.32 10.06 -7.80
C MET C 194 -7.85 8.68 -8.26
N VAL C 195 -8.73 7.91 -8.88
CA VAL C 195 -8.37 6.60 -9.38
C VAL C 195 -7.50 6.82 -10.63
N HIS C 196 -7.88 7.82 -11.43
CA HIS C 196 -7.16 8.20 -12.66
C HIS C 196 -5.68 8.40 -12.26
N LEU C 197 -5.48 9.11 -11.14
CA LEU C 197 -4.13 9.38 -10.64
C LEU C 197 -3.44 8.19 -10.00
N LEU C 198 -4.20 7.29 -9.39
CA LEU C 198 -3.58 6.12 -8.79
C LEU C 198 -3.00 5.22 -9.87
N PHE C 199 -3.70 5.14 -11.00
CA PHE C 199 -3.22 4.33 -12.10
C PHE C 199 -2.01 4.97 -12.74
N LEU C 200 -2.02 6.30 -12.84
CA LEU C 200 -0.89 7.01 -13.43
C LEU C 200 0.37 6.87 -12.58
N HIS C 201 0.22 6.88 -11.26
CA HIS C 201 1.38 6.75 -10.39
C HIS C 201 2.09 5.42 -10.52
N GLU C 202 1.39 4.40 -11.00
CA GLU C 202 2.01 3.09 -11.15
C GLU C 202 3.07 3.12 -12.23
N THR C 203 2.89 4.01 -13.20
CA THR C 203 3.84 4.13 -14.30
C THR C 203 4.66 5.40 -14.28
N GLY C 204 4.07 6.44 -13.74
CA GLY C 204 4.76 7.72 -13.69
C GLY C 204 4.35 8.39 -14.98
N SER C 205 4.73 9.64 -15.17
CA SER C 205 4.36 10.40 -16.36
C SER C 205 5.14 10.08 -17.64
N ASN C 206 4.51 10.36 -18.78
CA ASN C 206 5.10 10.19 -20.10
C ASN C 206 5.81 11.53 -20.27
N ASN C 207 6.56 11.71 -21.34
CA ASN C 207 7.26 12.97 -21.59
C ASN C 207 7.28 13.28 -23.07
N PRO C 208 7.60 14.52 -23.46
CA PRO C 208 7.63 14.90 -24.87
C PRO C 208 8.34 13.96 -25.86
N THR C 209 9.45 13.35 -25.49
CA THR C 209 10.16 12.44 -26.41
C THR C 209 9.51 11.07 -26.54
N GLY C 210 8.63 10.73 -25.61
CA GLY C 210 7.97 9.43 -25.65
C GLY C 210 8.87 8.31 -25.18
N ILE C 211 10.12 8.66 -24.87
CA ILE C 211 11.13 7.72 -24.40
C ILE C 211 11.13 7.64 -22.87
N SER C 212 11.33 6.43 -22.33
CA SER C 212 11.35 6.26 -20.88
C SER C 212 12.27 7.29 -20.25
N SER C 213 11.80 7.94 -19.18
CA SER C 213 12.60 8.96 -18.50
C SER C 213 13.18 8.47 -17.17
N ASP C 214 13.20 7.16 -16.96
CA ASP C 214 13.71 6.63 -15.70
C ASP C 214 15.16 7.02 -15.43
N VAL C 215 15.94 7.27 -16.48
CA VAL C 215 17.33 7.66 -16.29
C VAL C 215 17.50 9.15 -15.95
N ASP C 216 16.41 9.91 -15.98
CA ASP C 216 16.50 11.33 -15.67
C ASP C 216 15.25 11.86 -14.99
N LYS C 217 15.03 11.44 -13.75
CA LYS C 217 13.88 11.87 -12.98
C LYS C 217 14.31 12.93 -11.97
N ILE C 218 13.37 13.81 -11.63
CA ILE C 218 13.63 14.86 -10.65
C ILE C 218 12.43 14.84 -9.69
N PRO C 219 12.62 15.33 -8.46
CA PRO C 219 11.51 15.33 -7.50
C PRO C 219 10.38 16.25 -7.92
N PHE C 220 9.14 15.83 -7.68
CA PHE C 220 7.99 16.64 -8.06
C PHE C 220 8.11 17.97 -7.36
N HIS C 221 8.51 17.93 -6.10
CA HIS C 221 8.70 19.15 -5.35
C HIS C 221 10.20 19.41 -5.26
N PRO C 222 10.64 20.64 -5.54
CA PRO C 222 9.92 21.89 -5.85
C PRO C 222 9.65 22.17 -7.33
N TYR C 223 10.30 21.45 -8.24
CA TYR C 223 10.14 21.69 -9.68
C TYR C 223 8.73 21.83 -10.26
N TYR C 224 7.86 20.83 -10.06
CA TYR C 224 6.52 20.93 -10.62
C TYR C 224 5.48 21.51 -9.68
N THR C 225 5.79 21.59 -8.39
CA THR C 225 4.86 22.22 -7.47
C THR C 225 4.85 23.71 -7.82
N ILE C 226 6.04 24.26 -8.10
CA ILE C 226 6.10 25.67 -8.46
C ILE C 226 5.51 25.92 -9.87
N LYS C 227 5.73 25.00 -10.81
CA LYS C 227 5.17 25.18 -12.15
C LYS C 227 3.64 25.10 -12.06
N ASP C 228 3.14 24.19 -11.23
CA ASP C 228 1.70 24.03 -11.06
C ASP C 228 1.06 25.28 -10.48
N ILE C 229 1.77 25.93 -9.56
CA ILE C 229 1.27 27.14 -8.94
C ILE C 229 1.23 28.25 -9.97
N LEU C 230 2.28 28.34 -10.79
CA LEU C 230 2.33 29.37 -11.81
C LEU C 230 1.15 29.13 -12.75
N GLY C 231 0.91 27.87 -13.08
CA GLY C 231 -0.18 27.53 -13.98
C GLY C 231 -1.50 27.93 -13.36
N ALA C 232 -1.66 27.62 -12.07
CA ALA C 232 -2.88 27.93 -11.36
C ALA C 232 -3.15 29.43 -11.45
N LEU C 233 -2.11 30.23 -11.29
CA LEU C 233 -2.26 31.68 -11.35
C LEU C 233 -2.74 32.15 -12.73
N LEU C 234 -2.19 31.54 -13.77
CA LEU C 234 -2.58 31.90 -15.12
C LEU C 234 -4.02 31.49 -15.38
N LEU C 235 -4.42 30.33 -14.85
CA LEU C 235 -5.79 29.86 -15.04
C LEU C 235 -6.73 30.86 -14.36
N ILE C 236 -6.38 31.26 -13.15
CA ILE C 236 -7.19 32.20 -12.40
C ILE C 236 -7.25 33.55 -13.13
N LEU C 237 -6.16 33.94 -13.77
CA LEU C 237 -6.16 35.20 -14.51
C LEU C 237 -7.15 35.11 -15.66
N ALA C 238 -7.10 34.00 -16.40
CA ALA C 238 -8.01 33.79 -17.52
C ALA C 238 -9.46 33.74 -17.07
N LEU C 239 -9.74 33.04 -15.97
CA LEU C 239 -11.08 32.93 -15.45
C LEU C 239 -11.63 34.28 -15.01
N MET C 240 -10.84 35.03 -14.26
CA MET C 240 -11.30 36.33 -13.78
C MET C 240 -11.35 37.42 -14.88
N LEU C 241 -10.61 37.24 -15.98
CA LEU C 241 -10.66 38.24 -17.05
C LEU C 241 -12.06 38.09 -17.64
N LEU C 242 -12.51 36.85 -17.73
CA LEU C 242 -13.83 36.56 -18.27
C LEU C 242 -14.91 37.03 -17.30
N VAL C 243 -14.79 36.63 -16.04
CA VAL C 243 -15.78 37.01 -15.02
C VAL C 243 -15.89 38.51 -14.77
N LEU C 244 -14.75 39.20 -14.68
CA LEU C 244 -14.76 40.63 -14.40
C LEU C 244 -14.84 41.59 -15.60
N PHE C 245 -14.43 41.14 -16.79
CA PHE C 245 -14.48 42.02 -17.96
C PHE C 245 -15.37 41.57 -19.11
N ALA C 246 -15.75 40.29 -19.12
CA ALA C 246 -16.61 39.78 -20.19
C ALA C 246 -17.35 38.52 -19.75
N PRO C 247 -18.13 38.61 -18.66
CA PRO C 247 -18.89 37.45 -18.13
C PRO C 247 -19.89 36.73 -19.08
N ASP C 248 -20.40 37.42 -20.10
CA ASP C 248 -21.36 36.76 -21.01
C ASP C 248 -20.75 36.38 -22.36
N LEU C 249 -19.47 36.71 -22.54
CA LEU C 249 -18.77 36.45 -23.80
C LEU C 249 -18.95 35.03 -24.32
N LEU C 250 -18.77 34.04 -23.46
CA LEU C 250 -18.90 32.63 -23.85
C LEU C 250 -20.27 32.00 -23.63
N GLY C 251 -21.23 32.83 -23.23
CA GLY C 251 -22.57 32.33 -22.99
C GLY C 251 -23.55 32.62 -24.13
N ASP C 252 -24.80 32.21 -23.96
CA ASP C 252 -25.84 32.42 -24.96
C ASP C 252 -26.91 33.36 -24.43
N PRO C 253 -27.22 34.43 -25.19
CA PRO C 253 -28.24 35.39 -24.76
C PRO C 253 -29.61 34.76 -24.56
N ASP C 254 -29.91 33.72 -25.34
CA ASP C 254 -31.20 33.06 -25.23
C ASP C 254 -31.50 32.44 -23.88
N ASN C 255 -30.49 32.16 -23.07
CA ASN C 255 -30.82 31.55 -21.79
C ASN C 255 -31.22 32.60 -20.77
N TYR C 256 -31.24 33.86 -21.20
CA TYR C 256 -31.65 34.94 -20.31
C TYR C 256 -33.16 35.10 -20.46
N THR C 257 -33.78 34.21 -21.25
CA THR C 257 -35.22 34.21 -21.47
C THR C 257 -35.76 32.95 -20.82
N PRO C 258 -36.80 33.08 -19.98
CA PRO C 258 -37.35 31.90 -19.32
C PRO C 258 -37.80 30.83 -20.30
N ALA C 259 -37.76 29.58 -19.87
CA ALA C 259 -38.14 28.46 -20.71
C ALA C 259 -39.58 28.60 -21.21
N ASN C 260 -39.80 28.31 -22.49
CA ASN C 260 -41.13 28.41 -23.09
C ASN C 260 -41.28 27.10 -23.87
N PRO C 261 -42.04 26.13 -23.30
CA PRO C 261 -42.25 24.82 -23.94
C PRO C 261 -42.99 24.82 -25.28
N LEU C 262 -43.51 25.97 -25.69
CA LEU C 262 -44.24 26.03 -26.95
C LEU C 262 -43.43 26.70 -28.05
N ASN C 263 -42.20 27.09 -27.74
CA ASN C 263 -41.38 27.77 -28.75
C ASN C 263 -39.87 27.56 -28.63
N THR C 264 -39.28 27.01 -29.69
CA THR C 264 -37.85 26.76 -29.75
C THR C 264 -37.23 27.93 -30.51
N PRO C 265 -36.27 28.64 -29.90
CA PRO C 265 -35.62 29.78 -30.56
C PRO C 265 -35.14 29.38 -31.95
N PRO C 266 -35.33 30.26 -32.95
CA PRO C 266 -34.90 29.98 -34.32
C PRO C 266 -33.41 29.77 -34.59
N HIS C 267 -32.55 30.29 -33.72
CA HIS C 267 -31.11 30.12 -33.94
C HIS C 267 -30.43 29.39 -32.80
N ILE C 268 -31.24 28.58 -32.13
CA ILE C 268 -30.77 27.78 -31.01
C ILE C 268 -29.50 27.07 -31.36
N LYS C 269 -28.56 27.04 -30.42
CA LYS C 269 -27.31 26.34 -30.62
C LYS C 269 -26.73 25.96 -29.27
N PRO C 270 -25.93 24.88 -29.24
CA PRO C 270 -25.30 24.34 -28.03
C PRO C 270 -24.22 25.22 -27.44
N GLU C 271 -23.84 24.89 -26.21
CA GLU C 271 -22.79 25.63 -25.52
C GLU C 271 -21.60 25.44 -26.44
N TRP C 272 -20.69 26.42 -26.51
CA TRP C 272 -19.54 26.31 -27.40
C TRP C 272 -18.72 25.02 -27.35
N TYR C 273 -18.51 24.47 -26.15
CA TYR C 273 -17.72 23.24 -26.04
C TYR C 273 -18.40 21.96 -26.56
N PHE C 274 -19.65 22.09 -27.01
CA PHE C 274 -20.40 20.95 -27.56
C PHE C 274 -20.65 21.14 -29.06
N LEU C 275 -20.24 22.27 -29.60
CA LEU C 275 -20.48 22.56 -31.01
C LEU C 275 -19.93 21.58 -32.02
N PHE C 276 -18.72 21.06 -31.82
CA PHE C 276 -18.15 20.11 -32.78
C PHE C 276 -18.97 18.84 -32.88
N ALA C 277 -19.44 18.34 -31.75
CA ALA C 277 -20.23 17.11 -31.70
C ALA C 277 -21.60 17.35 -32.32
N TYR C 278 -22.12 18.57 -32.15
CA TYR C 278 -23.42 18.97 -32.67
C TYR C 278 -23.37 18.99 -34.18
N ALA C 279 -22.25 19.50 -34.70
CA ALA C 279 -22.07 19.59 -36.14
C ALA C 279 -22.01 18.20 -36.75
N ILE C 280 -21.33 17.28 -36.08
CA ILE C 280 -21.22 15.90 -36.56
C ILE C 280 -22.60 15.28 -36.61
N LEU C 281 -23.37 15.41 -35.53
CA LEU C 281 -24.70 14.83 -35.51
C LEU C 281 -25.59 15.46 -36.58
N ARG C 282 -25.52 16.79 -36.73
CA ARG C 282 -26.33 17.49 -37.73
C ARG C 282 -25.98 17.13 -39.17
N SER C 283 -24.77 16.60 -39.37
CA SER C 283 -24.30 16.25 -40.71
C SER C 283 -24.94 14.99 -41.29
N ILE C 284 -25.60 14.21 -40.45
CA ILE C 284 -26.20 12.97 -40.90
C ILE C 284 -27.73 13.01 -40.92
N PRO C 285 -28.33 13.00 -42.12
CA PRO C 285 -29.78 13.04 -42.32
C PRO C 285 -30.51 11.73 -42.00
N ASN C 286 -30.11 11.12 -40.89
CA ASN C 286 -30.72 9.89 -40.40
C ASN C 286 -30.66 10.00 -38.89
N LYS C 287 -31.76 9.70 -38.21
CA LYS C 287 -31.78 9.79 -36.75
C LYS C 287 -30.79 8.87 -36.05
N LEU C 288 -30.92 7.56 -36.26
CA LEU C 288 -30.01 6.62 -35.62
C LEU C 288 -28.57 6.83 -36.05
N GLY C 289 -28.37 7.17 -37.32
CA GLY C 289 -27.03 7.39 -37.83
C GLY C 289 -26.32 8.55 -37.14
N GLY C 290 -27.06 9.63 -36.92
CA GLY C 290 -26.49 10.80 -36.28
C GLY C 290 -26.13 10.56 -34.83
N VAL C 291 -27.00 9.87 -34.12
CA VAL C 291 -26.80 9.56 -32.72
C VAL C 291 -25.62 8.60 -32.57
N LEU C 292 -25.47 7.67 -33.50
CA LEU C 292 -24.36 6.72 -33.45
C LEU C 292 -23.06 7.47 -33.72
N ALA C 293 -23.10 8.37 -34.69
CA ALA C 293 -21.92 9.16 -35.03
C ALA C 293 -21.54 10.02 -33.84
N LEU C 294 -22.54 10.59 -33.17
CA LEU C 294 -22.30 11.43 -32.02
C LEU C 294 -21.57 10.63 -30.94
N ALA C 295 -22.14 9.48 -30.60
CA ALA C 295 -21.55 8.62 -29.57
C ALA C 295 -20.14 8.21 -29.96
N PHE C 296 -19.95 7.82 -31.23
CA PHE C 296 -18.65 7.37 -31.70
C PHE C 296 -17.63 8.51 -31.71
N SER C 297 -18.08 9.74 -31.90
CA SER C 297 -17.16 10.87 -31.93
C SER C 297 -16.40 10.99 -30.62
N ILE C 298 -16.99 10.50 -29.52
CA ILE C 298 -16.30 10.54 -28.24
C ILE C 298 -15.68 9.19 -27.89
N LEU C 299 -16.47 8.13 -28.05
CA LEU C 299 -16.00 6.79 -27.71
C LEU C 299 -14.82 6.33 -28.55
N ILE C 300 -14.60 6.95 -29.71
CA ILE C 300 -13.50 6.56 -30.57
C ILE C 300 -12.21 6.77 -29.80
N LEU C 301 -12.27 7.57 -28.75
CA LEU C 301 -11.08 7.81 -27.94
C LEU C 301 -10.59 6.51 -27.33
N ALA C 302 -11.52 5.64 -26.97
CA ALA C 302 -11.20 4.37 -26.36
C ALA C 302 -10.57 3.41 -27.37
N LEU C 303 -10.66 3.75 -28.66
CA LEU C 303 -10.10 2.91 -29.72
C LEU C 303 -8.68 3.32 -30.13
N ILE C 304 -8.36 4.59 -29.89
CA ILE C 304 -7.04 5.11 -30.25
C ILE C 304 -5.88 4.18 -29.90
N PRO C 305 -5.83 3.64 -28.67
CA PRO C 305 -4.73 2.74 -28.32
C PRO C 305 -4.59 1.55 -29.26
N LEU C 306 -5.72 1.02 -29.73
CA LEU C 306 -5.73 -0.13 -30.63
C LEU C 306 -5.33 0.24 -32.05
N LEU C 307 -5.42 1.53 -32.38
CA LEU C 307 -5.08 2.00 -33.72
C LEU C 307 -3.62 2.48 -33.85
N HIS C 308 -2.87 2.40 -32.76
CA HIS C 308 -1.48 2.82 -32.76
C HIS C 308 -0.61 1.85 -33.55
N THR C 309 -0.07 2.31 -34.67
CA THR C 309 0.79 1.49 -35.52
C THR C 309 2.28 1.81 -35.44
N SER C 310 2.60 3.05 -35.07
CA SER C 310 3.97 3.50 -34.95
C SER C 310 4.82 2.72 -33.95
N LYS C 311 6.12 2.62 -34.24
CA LYS C 311 7.05 1.90 -33.38
C LYS C 311 7.50 2.86 -32.29
N GLN C 312 7.14 4.13 -32.45
CA GLN C 312 7.52 5.16 -31.49
C GLN C 312 6.24 5.63 -30.81
N ARG C 313 6.34 5.96 -29.52
CA ARG C 313 5.19 6.39 -28.73
C ARG C 313 4.65 7.79 -29.03
N SER C 314 5.55 8.77 -29.08
CA SER C 314 5.19 10.17 -29.30
C SER C 314 5.25 10.61 -30.76
N MET C 315 4.58 11.71 -31.07
CA MET C 315 4.58 12.23 -32.44
C MET C 315 5.73 13.19 -32.62
N MET C 316 6.49 13.43 -31.55
CA MET C 316 7.61 14.36 -31.60
C MET C 316 8.54 14.09 -32.75
N PHE C 317 8.83 12.83 -33.01
CA PHE C 317 9.74 12.44 -34.09
C PHE C 317 9.03 11.91 -35.32
N ARG C 318 7.74 12.20 -35.44
CA ARG C 318 6.96 11.73 -36.57
C ARG C 318 6.26 12.87 -37.31
N PRO C 319 6.96 13.45 -38.31
CA PRO C 319 6.45 14.57 -39.11
C PRO C 319 5.10 14.34 -39.80
N LEU C 320 4.90 13.17 -40.40
CA LEU C 320 3.64 12.90 -41.10
C LEU C 320 2.51 12.86 -40.09
N SER C 321 2.72 12.15 -38.98
CA SER C 321 1.70 12.04 -37.96
C SER C 321 1.34 13.43 -37.44
N GLN C 322 2.36 14.27 -37.29
CA GLN C 322 2.18 15.63 -36.80
C GLN C 322 1.24 16.41 -37.71
N CYS C 323 1.50 16.37 -39.02
CA CYS C 323 0.67 17.10 -39.97
C CYS C 323 -0.79 16.64 -39.85
N LEU C 324 -1.00 15.33 -39.76
CA LEU C 324 -2.35 14.79 -39.64
C LEU C 324 -2.97 15.21 -38.31
N PHE C 325 -2.16 15.27 -37.26
CA PHE C 325 -2.66 15.68 -35.96
C PHE C 325 -3.20 17.10 -36.02
N TRP C 326 -2.42 18.00 -36.60
CA TRP C 326 -2.85 19.39 -36.70
C TRP C 326 -4.02 19.53 -37.68
N ALA C 327 -4.14 18.59 -38.62
CA ALA C 327 -5.25 18.62 -39.55
C ALA C 327 -6.51 18.26 -38.76
N LEU C 328 -6.32 17.38 -37.78
CA LEU C 328 -7.44 16.94 -36.94
C LEU C 328 -7.88 18.08 -36.03
N VAL C 329 -6.93 18.88 -35.57
CA VAL C 329 -7.26 20.01 -34.71
C VAL C 329 -7.99 21.08 -35.55
N ALA C 330 -7.45 21.35 -36.73
CA ALA C 330 -8.04 22.33 -37.63
C ALA C 330 -9.45 21.88 -37.99
N ASP C 331 -9.64 20.57 -38.09
CA ASP C 331 -10.94 20.01 -38.44
C ASP C 331 -11.94 20.16 -37.33
N LEU C 332 -11.48 20.08 -36.09
CA LEU C 332 -12.37 20.21 -34.95
C LEU C 332 -12.77 21.66 -34.83
N LEU C 333 -11.86 22.54 -35.25
CA LEU C 333 -12.10 23.98 -35.23
C LEU C 333 -13.13 24.24 -36.31
N THR C 334 -12.99 23.53 -37.45
CA THR C 334 -13.92 23.67 -38.56
C THR C 334 -15.30 23.24 -38.11
N LEU C 335 -15.37 22.10 -37.43
CA LEU C 335 -16.65 21.58 -36.95
C LEU C 335 -17.27 22.53 -35.91
N THR C 336 -16.44 23.13 -35.06
CA THR C 336 -16.93 24.06 -34.05
C THR C 336 -17.58 25.26 -34.74
N TRP C 337 -16.93 25.76 -35.80
CA TRP C 337 -17.44 26.90 -36.55
C TRP C 337 -18.77 26.54 -37.20
N ILE C 338 -18.80 25.41 -37.89
CA ILE C 338 -20.01 24.95 -38.57
C ILE C 338 -21.15 24.76 -37.59
N GLY C 339 -20.86 24.20 -36.41
CA GLY C 339 -21.90 23.96 -35.44
C GLY C 339 -22.59 25.25 -35.03
N GLY C 340 -21.92 26.37 -35.27
CA GLY C 340 -22.49 27.66 -34.89
C GLY C 340 -23.19 28.38 -36.02
N GLN C 341 -23.25 27.76 -37.19
CA GLN C 341 -23.91 28.35 -38.36
C GLN C 341 -25.24 27.67 -38.66
N PRO C 342 -26.11 28.32 -39.42
CA PRO C 342 -27.40 27.73 -39.75
C PRO C 342 -27.23 26.54 -40.71
N VAL C 343 -28.22 25.66 -40.75
CA VAL C 343 -28.15 24.51 -41.63
C VAL C 343 -28.49 24.94 -43.05
N GLU C 344 -27.54 25.64 -43.66
CA GLU C 344 -27.74 26.13 -45.03
C GLU C 344 -26.48 25.96 -45.85
N HIS C 345 -26.64 26.01 -47.17
CA HIS C 345 -25.51 25.90 -48.07
C HIS C 345 -24.69 27.16 -47.86
N PRO C 346 -23.35 27.06 -47.89
CA PRO C 346 -22.50 25.88 -48.13
C PRO C 346 -22.09 25.14 -46.85
N TYR C 347 -22.59 25.60 -45.71
CA TYR C 347 -22.25 25.00 -44.43
C TYR C 347 -22.60 23.52 -44.28
N ILE C 348 -23.69 23.11 -44.90
CA ILE C 348 -24.13 21.71 -44.84
C ILE C 348 -23.07 20.77 -45.41
N THR C 349 -22.54 21.12 -46.59
CA THR C 349 -21.53 20.31 -47.23
C THR C 349 -20.19 20.36 -46.50
N ILE C 350 -19.80 21.55 -46.05
CA ILE C 350 -18.54 21.69 -45.34
C ILE C 350 -18.61 20.84 -44.07
N GLY C 351 -19.73 20.92 -43.38
CA GLY C 351 -19.92 20.15 -42.16
C GLY C 351 -19.86 18.66 -42.39
N GLN C 352 -20.39 18.20 -43.53
CA GLN C 352 -20.38 16.78 -43.84
C GLN C 352 -18.96 16.32 -44.18
N LEU C 353 -18.22 17.17 -44.90
CA LEU C 353 -16.85 16.83 -45.27
C LEU C 353 -15.99 16.82 -44.01
N ALA C 354 -16.21 17.80 -43.13
CA ALA C 354 -15.46 17.88 -41.88
C ALA C 354 -15.75 16.67 -40.98
N SER C 355 -17.01 16.25 -40.95
CA SER C 355 -17.39 15.09 -40.14
C SER C 355 -16.72 13.82 -40.67
N VAL C 356 -16.72 13.65 -41.99
CA VAL C 356 -16.11 12.48 -42.60
C VAL C 356 -14.60 12.48 -42.35
N LEU C 357 -13.97 13.63 -42.52
CA LEU C 357 -12.53 13.77 -42.32
C LEU C 357 -12.11 13.43 -40.89
N TYR C 358 -12.95 13.81 -39.93
CA TYR C 358 -12.69 13.54 -38.52
C TYR C 358 -12.44 12.05 -38.31
N PHE C 359 -13.39 11.24 -38.76
CA PHE C 359 -13.31 9.79 -38.61
C PHE C 359 -12.27 9.18 -39.55
N LEU C 360 -12.08 9.80 -40.71
CA LEU C 360 -11.11 9.29 -41.68
C LEU C 360 -9.70 9.48 -41.15
N LEU C 361 -9.45 10.62 -40.50
CA LEU C 361 -8.13 10.90 -39.93
C LEU C 361 -7.76 9.92 -38.83
N ILE C 362 -8.67 9.73 -37.88
CA ILE C 362 -8.44 8.83 -36.74
C ILE C 362 -8.40 7.35 -37.08
N LEU C 363 -9.34 6.89 -37.91
CA LEU C 363 -9.43 5.48 -38.27
C LEU C 363 -8.56 4.97 -39.42
N VAL C 364 -8.21 5.85 -40.34
CA VAL C 364 -7.43 5.44 -41.49
C VAL C 364 -6.10 6.14 -41.76
N LEU C 365 -6.16 7.46 -41.88
CA LEU C 365 -4.97 8.24 -42.19
C LEU C 365 -3.86 8.18 -41.14
N MET C 366 -4.18 8.36 -39.87
CA MET C 366 -3.14 8.32 -38.86
C MET C 366 -2.50 6.93 -38.72
N PRO C 367 -3.32 5.86 -38.66
CA PRO C 367 -2.72 4.52 -38.54
C PRO C 367 -1.86 4.22 -39.75
N THR C 368 -2.31 4.67 -40.93
CA THR C 368 -1.56 4.45 -42.16
C THR C 368 -0.24 5.23 -42.16
N ALA C 369 -0.27 6.47 -41.69
CA ALA C 369 0.94 7.27 -41.64
C ALA C 369 1.97 6.63 -40.71
N GLY C 370 1.47 6.00 -39.64
CA GLY C 370 2.36 5.35 -38.70
C GLY C 370 3.12 4.23 -39.37
N THR C 371 2.43 3.47 -40.21
CA THR C 371 3.04 2.34 -40.91
C THR C 371 4.02 2.86 -41.95
N ILE C 372 3.68 3.96 -42.61
CA ILE C 372 4.56 4.55 -43.62
C ILE C 372 5.83 5.02 -42.94
N GLU C 373 5.68 5.68 -41.80
CA GLU C 373 6.84 6.18 -41.06
C GLU C 373 7.73 5.01 -40.64
N ASN C 374 7.12 3.90 -40.25
CA ASN C 374 7.87 2.72 -39.83
C ASN C 374 8.74 2.23 -40.97
N LYS C 375 8.16 2.10 -42.16
CA LYS C 375 8.93 1.63 -43.31
C LYS C 375 10.07 2.57 -43.66
N LEU C 376 9.83 3.88 -43.53
CA LEU C 376 10.84 4.88 -43.83
C LEU C 376 12.05 4.75 -42.90
N LEU C 377 11.82 4.24 -41.69
CA LEU C 377 12.90 4.04 -40.72
C LEU C 377 13.43 2.60 -40.74
N LYS C 378 12.89 1.81 -41.67
CA LYS C 378 13.29 0.43 -41.85
C LYS C 378 12.99 -0.54 -40.71
N TRP C 379 11.84 -0.36 -40.08
CA TRP C 379 11.40 -1.27 -39.03
C TRP C 379 9.88 -1.26 -39.09
N SER D 1 -38.13 39.27 -43.90
CA SER D 1 -37.26 38.36 -44.70
C SER D 1 -36.18 37.71 -43.84
N ASP D 2 -35.38 36.86 -44.48
CA ASP D 2 -34.31 36.16 -43.77
C ASP D 2 -33.01 36.96 -43.84
N LEU D 3 -33.10 38.20 -44.31
CA LEU D 3 -31.93 39.04 -44.41
C LEU D 3 -31.68 39.56 -43.02
N GLU D 4 -30.44 39.94 -42.74
CA GLU D 4 -30.11 40.43 -41.41
C GLU D 4 -29.34 41.73 -41.42
N LEU D 5 -29.70 42.61 -40.50
CA LEU D 5 -29.03 43.88 -40.37
C LEU D 5 -28.55 43.93 -38.94
N HIS D 6 -27.25 43.88 -38.75
CA HIS D 6 -26.68 43.92 -37.42
C HIS D 6 -26.41 45.36 -37.00
N PRO D 7 -26.66 45.66 -35.71
CA PRO D 7 -26.45 47.02 -35.20
C PRO D 7 -24.99 47.44 -35.17
N PRO D 8 -24.72 48.74 -35.36
CA PRO D 8 -23.33 49.19 -35.31
C PRO D 8 -22.93 49.34 -33.86
N SER D 9 -21.66 49.62 -33.60
CA SER D 9 -21.19 49.76 -32.23
C SER D 9 -21.18 51.20 -31.80
N TYR D 10 -22.04 51.55 -30.86
CA TYR D 10 -22.09 52.92 -30.37
C TYR D 10 -21.06 53.11 -29.25
N PRO D 11 -20.44 54.29 -29.18
CA PRO D 11 -19.44 54.52 -28.14
C PRO D 11 -20.01 54.85 -26.77
N TRP D 12 -20.70 53.87 -26.18
CA TRP D 12 -21.29 54.06 -24.86
C TRP D 12 -20.20 54.47 -23.88
N SER D 13 -20.51 55.37 -22.93
CA SER D 13 -19.50 55.79 -21.96
C SER D 13 -19.07 54.62 -21.08
N HIS D 14 -19.84 53.53 -21.10
CA HIS D 14 -19.49 52.38 -20.28
C HIS D 14 -18.90 51.25 -21.09
N ARG D 15 -18.54 51.53 -22.35
CA ARG D 15 -17.96 50.51 -23.22
C ARG D 15 -16.59 50.03 -22.76
N GLY D 16 -15.71 50.97 -22.40
CA GLY D 16 -14.36 50.62 -21.98
C GLY D 16 -14.25 49.62 -20.84
N LEU D 17 -13.16 48.85 -20.80
CA LEU D 17 -12.96 47.85 -19.74
C LEU D 17 -13.07 48.37 -18.29
N LEU D 18 -12.60 49.59 -18.06
CA LEU D 18 -12.63 50.15 -16.71
C LEU D 18 -13.65 51.28 -16.62
N SER D 19 -14.48 51.38 -17.65
CA SER D 19 -15.51 52.43 -17.72
C SER D 19 -16.85 52.08 -17.08
N SER D 20 -17.23 52.86 -16.07
CA SER D 20 -18.48 52.65 -15.36
C SER D 20 -19.64 53.23 -16.13
N LEU D 21 -20.84 52.96 -15.64
CA LEU D 21 -22.06 53.44 -16.25
C LEU D 21 -22.13 54.89 -15.83
N ASP D 22 -22.88 55.70 -16.58
CA ASP D 22 -23.03 57.12 -16.29
C ASP D 22 -24.30 57.12 -15.47
N HIS D 23 -24.22 57.34 -14.17
CA HIS D 23 -25.42 57.30 -13.35
C HIS D 23 -26.49 58.37 -13.56
N THR D 24 -26.13 59.50 -14.16
CA THR D 24 -27.13 60.53 -14.39
C THR D 24 -27.95 59.99 -15.56
N SER D 25 -27.28 59.29 -16.47
CA SER D 25 -27.96 58.73 -17.63
C SER D 25 -28.87 57.59 -17.17
N ILE D 26 -28.46 56.85 -16.14
CA ILE D 26 -29.30 55.76 -15.62
C ILE D 26 -30.54 56.39 -15.05
N ARG D 27 -30.36 57.49 -14.32
CA ARG D 27 -31.49 58.19 -13.70
C ARG D 27 -32.48 58.64 -14.77
N ARG D 28 -32.00 59.23 -15.86
CA ARG D 28 -32.91 59.68 -16.92
C ARG D 28 -33.56 58.46 -17.58
N GLY D 29 -32.77 57.41 -17.77
CA GLY D 29 -33.30 56.20 -18.38
C GLY D 29 -34.44 55.61 -17.60
N PHE D 30 -34.37 55.71 -16.27
CA PHE D 30 -35.42 55.19 -15.42
C PHE D 30 -36.69 55.96 -15.67
N GLN D 31 -36.56 57.27 -15.88
CA GLN D 31 -37.72 58.12 -16.12
C GLN D 31 -38.39 57.69 -17.42
N VAL D 32 -37.59 57.30 -18.42
CA VAL D 32 -38.15 56.85 -19.68
C VAL D 32 -38.95 55.57 -19.46
N TYR D 33 -38.37 54.62 -18.72
CA TYR D 33 -39.06 53.37 -18.46
C TYR D 33 -40.34 53.64 -17.68
N LYS D 34 -40.26 54.46 -16.64
CA LYS D 34 -41.40 54.79 -15.80
C LYS D 34 -42.55 55.42 -16.60
N GLN D 35 -42.24 56.46 -17.37
CA GLN D 35 -43.24 57.18 -18.13
C GLN D 35 -43.69 56.53 -19.45
N VAL D 36 -42.77 55.86 -20.13
CA VAL D 36 -43.10 55.27 -21.41
C VAL D 36 -43.25 53.75 -21.52
N CYS D 37 -42.15 53.02 -21.35
CA CYS D 37 -42.17 51.56 -21.48
C CYS D 37 -43.03 50.77 -20.48
N SER D 38 -43.11 51.26 -19.25
CA SER D 38 -43.87 50.55 -18.22
C SER D 38 -45.35 50.30 -18.53
N SER D 39 -45.93 51.05 -19.45
CA SER D 39 -47.34 50.84 -19.77
C SER D 39 -47.55 49.52 -20.48
N CYS D 40 -46.49 48.97 -21.07
CA CYS D 40 -46.63 47.71 -21.81
C CYS D 40 -45.63 46.62 -21.39
N HIS D 41 -44.45 47.03 -20.92
CA HIS D 41 -43.39 46.11 -20.49
C HIS D 41 -43.22 45.99 -18.98
N SER D 42 -43.07 44.77 -18.49
CA SER D 42 -42.85 44.56 -17.07
C SER D 42 -41.34 44.57 -16.86
N MET D 43 -40.92 44.61 -15.59
CA MET D 43 -39.51 44.59 -15.24
C MET D 43 -39.57 43.91 -13.88
N ASP D 44 -40.03 42.66 -13.93
CA ASP D 44 -40.22 41.79 -12.77
C ASP D 44 -39.09 41.65 -11.76
N TYR D 45 -37.84 41.76 -12.19
CA TYR D 45 -36.73 41.58 -11.25
C TYR D 45 -36.09 42.83 -10.64
N VAL D 46 -36.69 44.00 -10.87
CA VAL D 46 -36.14 45.22 -10.30
C VAL D 46 -37.15 45.79 -9.30
N ALA D 47 -36.62 46.26 -8.17
CA ALA D 47 -37.46 46.84 -7.12
C ALA D 47 -37.02 48.27 -6.83
N TYR D 48 -37.92 49.05 -6.24
CA TYR D 48 -37.59 50.43 -5.91
C TYR D 48 -36.33 50.55 -5.04
N ARG D 49 -36.08 49.56 -4.18
CA ARG D 49 -34.91 49.59 -3.31
C ARG D 49 -33.62 49.49 -4.11
N HIS D 50 -33.67 48.84 -5.27
CA HIS D 50 -32.49 48.71 -6.13
C HIS D 50 -31.99 50.05 -6.68
N LEU D 51 -32.89 51.02 -6.77
CA LEU D 51 -32.55 52.35 -7.29
C LEU D 51 -31.76 53.18 -6.29
N VAL D 52 -31.88 52.86 -5.00
CA VAL D 52 -31.17 53.59 -3.96
C VAL D 52 -29.64 53.48 -4.03
N GLY D 53 -28.98 54.63 -4.11
CA GLY D 53 -27.53 54.64 -4.18
C GLY D 53 -27.01 54.41 -5.59
N VAL D 54 -27.92 54.28 -6.54
CA VAL D 54 -27.55 54.06 -7.93
C VAL D 54 -27.92 55.29 -8.76
N CYS D 55 -29.17 55.71 -8.66
CA CYS D 55 -29.65 56.87 -9.41
C CYS D 55 -30.64 57.77 -8.66
N TYR D 56 -31.02 57.36 -7.45
CA TYR D 56 -31.94 58.12 -6.61
C TYR D 56 -31.58 57.93 -5.14
N THR D 57 -31.88 58.94 -4.30
CA THR D 57 -31.60 58.80 -2.87
C THR D 57 -32.69 57.90 -2.33
N GLU D 58 -32.56 57.50 -1.08
CA GLU D 58 -33.57 56.63 -0.48
C GLU D 58 -34.89 57.38 -0.40
N ASP D 59 -34.84 58.65 -0.03
CA ASP D 59 -36.06 59.46 0.06
C ASP D 59 -36.74 59.60 -1.30
N GLU D 60 -35.96 59.76 -2.35
CA GLU D 60 -36.50 59.91 -3.70
C GLU D 60 -37.17 58.61 -4.14
N ALA D 61 -36.50 57.48 -3.91
CA ALA D 61 -37.03 56.18 -4.28
C ALA D 61 -38.32 55.87 -3.52
N LYS D 62 -38.36 56.25 -2.25
CA LYS D 62 -39.54 56.01 -1.44
C LYS D 62 -40.68 56.80 -2.06
N ALA D 63 -40.38 58.03 -2.49
CA ALA D 63 -41.39 58.89 -3.10
C ALA D 63 -41.86 58.29 -4.42
N LEU D 64 -40.93 57.70 -5.16
CA LEU D 64 -41.28 57.09 -6.44
C LEU D 64 -42.21 55.90 -6.20
N ALA D 65 -41.91 55.12 -5.16
CA ALA D 65 -42.72 53.95 -4.83
C ALA D 65 -44.11 54.37 -4.37
N GLU D 66 -44.21 55.48 -3.66
CA GLU D 66 -45.50 55.93 -3.16
C GLU D 66 -46.40 56.48 -4.26
N GLU D 67 -45.86 56.58 -5.47
CA GLU D 67 -46.63 57.06 -6.61
C GLU D 67 -47.58 56.01 -7.14
N VAL D 68 -47.31 54.76 -6.81
CA VAL D 68 -48.14 53.66 -7.27
C VAL D 68 -48.90 52.98 -6.15
N GLU D 69 -49.89 52.16 -6.51
CA GLU D 69 -50.67 51.42 -5.54
C GLU D 69 -50.44 49.95 -5.83
N VAL D 70 -50.13 49.19 -4.79
CA VAL D 70 -49.90 47.77 -4.95
C VAL D 70 -50.84 46.97 -4.05
N GLN D 71 -51.18 45.77 -4.50
CA GLN D 71 -52.06 44.90 -3.74
C GLN D 71 -51.28 44.29 -2.59
N ASP D 72 -51.97 44.04 -1.48
CA ASP D 72 -51.35 43.44 -0.31
C ASP D 72 -52.44 42.71 0.44
N GLY D 73 -52.08 42.07 1.54
CA GLY D 73 -53.08 41.34 2.31
C GLY D 73 -52.83 39.85 2.21
N PRO D 74 -53.83 39.01 2.56
CA PRO D 74 -55.16 39.39 3.05
C PRO D 74 -55.14 40.02 4.43
N ASN D 75 -56.16 40.84 4.73
CA ASN D 75 -56.25 41.48 6.02
C ASN D 75 -56.96 40.58 7.01
N GLU D 76 -57.36 41.15 8.14
CA GLU D 76 -58.04 40.38 9.18
C GLU D 76 -59.35 39.76 8.70
N ASP D 77 -59.96 40.35 7.68
CA ASP D 77 -61.21 39.83 7.14
C ASP D 77 -60.98 38.84 6.01
N GLY D 78 -59.71 38.63 5.67
CA GLY D 78 -59.37 37.72 4.60
C GLY D 78 -59.47 38.37 3.23
N GLU D 79 -59.48 39.70 3.24
CA GLU D 79 -59.59 40.48 2.00
C GLU D 79 -58.26 41.05 1.54
N MET D 80 -58.07 41.13 0.22
CA MET D 80 -56.85 41.70 -0.35
C MET D 80 -57.17 43.20 -0.43
N PHE D 81 -56.15 44.04 -0.40
CA PHE D 81 -56.36 45.48 -0.44
C PHE D 81 -55.23 46.27 -1.11
N MET D 82 -55.48 47.55 -1.36
CA MET D 82 -54.49 48.42 -1.99
C MET D 82 -53.76 49.32 -0.99
N ARG D 83 -52.49 49.59 -1.26
CA ARG D 83 -51.68 50.44 -0.40
C ARG D 83 -50.62 51.16 -1.22
N PRO D 84 -50.01 52.21 -0.66
CA PRO D 84 -48.99 52.95 -1.41
C PRO D 84 -47.80 52.02 -1.53
N GLY D 85 -47.08 52.08 -2.65
CA GLY D 85 -45.95 51.20 -2.81
C GLY D 85 -44.85 51.59 -1.85
N LYS D 86 -43.86 50.73 -1.69
CA LYS D 86 -42.74 51.02 -0.82
C LYS D 86 -41.47 50.45 -1.40
N LEU D 87 -40.33 50.84 -0.84
CA LEU D 87 -39.04 50.38 -1.35
C LEU D 87 -38.91 48.88 -1.67
N SER D 88 -39.49 48.02 -0.84
CA SER D 88 -39.39 46.59 -1.06
C SER D 88 -40.23 46.06 -2.23
N ASP D 89 -41.19 46.83 -2.72
CA ASP D 89 -42.02 46.38 -3.84
C ASP D 89 -41.28 46.40 -5.17
N TYR D 90 -41.60 45.43 -6.03
CA TYR D 90 -40.99 45.36 -7.36
C TYR D 90 -41.84 46.24 -8.27
N PHE D 91 -41.25 46.71 -9.37
CA PHE D 91 -41.98 47.55 -10.29
C PHE D 91 -43.29 46.89 -10.70
N PRO D 92 -44.39 47.67 -10.74
CA PRO D 92 -45.69 47.13 -11.12
C PRO D 92 -45.72 46.53 -12.51
N LYS D 93 -46.47 45.44 -12.65
CA LYS D 93 -46.61 44.77 -13.93
C LYS D 93 -47.79 45.41 -14.64
N PRO D 94 -47.64 45.73 -15.93
CA PRO D 94 -48.79 46.34 -16.61
C PRO D 94 -49.95 45.39 -16.86
N TYR D 95 -49.68 44.08 -16.85
CA TYR D 95 -50.72 43.09 -17.07
C TYR D 95 -50.63 41.96 -16.04
N PRO D 96 -51.76 41.32 -15.71
CA PRO D 96 -51.75 40.23 -14.73
C PRO D 96 -51.16 38.94 -15.28
N ASN D 97 -51.12 38.83 -16.61
CA ASN D 97 -50.59 37.64 -17.26
C ASN D 97 -50.28 37.88 -18.72
N PRO D 98 -49.40 37.07 -19.31
CA PRO D 98 -49.04 37.23 -20.73
C PRO D 98 -50.22 37.16 -21.70
N GLU D 99 -51.24 36.38 -21.35
CA GLU D 99 -52.41 36.28 -22.22
C GLU D 99 -53.05 37.67 -22.37
N ALA D 100 -53.20 38.36 -21.25
CA ALA D 100 -53.79 39.70 -21.26
C ALA D 100 -52.87 40.66 -22.01
N ALA D 101 -51.56 40.47 -21.84
CA ALA D 101 -50.60 41.32 -22.52
C ALA D 101 -50.75 41.21 -24.03
N ARG D 102 -50.89 39.98 -24.52
CA ARG D 102 -51.06 39.75 -25.96
C ARG D 102 -52.40 40.32 -26.41
N ALA D 103 -53.44 40.11 -25.60
CA ALA D 103 -54.77 40.60 -25.92
C ALA D 103 -54.79 42.12 -26.06
N ALA D 104 -53.89 42.79 -25.34
CA ALA D 104 -53.83 44.25 -25.38
C ALA D 104 -52.83 44.77 -26.41
N ASN D 105 -52.10 43.86 -27.05
CA ASN D 105 -51.12 44.27 -28.04
C ASN D 105 -51.25 43.52 -29.37
N ASN D 106 -52.48 43.33 -29.83
CA ASN D 106 -52.74 42.63 -31.08
C ASN D 106 -52.08 41.25 -31.20
N GLY D 107 -52.03 40.51 -30.10
CA GLY D 107 -51.43 39.20 -30.14
C GLY D 107 -49.94 39.18 -29.83
N ALA D 108 -49.29 40.33 -29.91
CA ALA D 108 -47.85 40.39 -29.62
C ALA D 108 -47.62 40.48 -28.12
N LEU D 109 -46.51 39.90 -27.67
CA LEU D 109 -46.17 39.90 -26.26
C LEU D 109 -44.95 40.76 -25.96
N PRO D 110 -45.14 41.88 -25.25
CA PRO D 110 -44.01 42.74 -24.91
C PRO D 110 -43.20 41.97 -23.88
N PRO D 111 -41.93 41.64 -24.17
CA PRO D 111 -41.15 40.90 -23.18
C PRO D 111 -40.74 41.69 -21.95
N ASP D 112 -40.44 40.98 -20.87
CA ASP D 112 -40.01 41.62 -19.63
C ASP D 112 -38.68 42.24 -19.99
N LEU D 113 -38.43 43.46 -19.51
CA LEU D 113 -37.20 44.15 -19.86
C LEU D 113 -36.04 44.05 -18.86
N SER D 114 -36.25 43.38 -17.74
CA SER D 114 -35.19 43.21 -16.73
C SER D 114 -33.83 42.79 -17.30
N TYR D 115 -33.85 41.86 -18.25
CA TYR D 115 -32.63 41.33 -18.87
C TYR D 115 -32.56 41.50 -20.39
N ILE D 116 -33.46 42.29 -20.95
CA ILE D 116 -33.48 42.46 -22.39
C ILE D 116 -32.12 42.73 -23.06
N VAL D 117 -31.27 43.52 -22.41
CA VAL D 117 -29.97 43.84 -22.97
C VAL D 117 -29.03 42.64 -22.96
N ARG D 118 -29.22 41.71 -22.02
CA ARG D 118 -28.39 40.51 -21.96
C ARG D 118 -29.03 39.38 -22.74
N ALA D 119 -30.33 39.50 -22.96
CA ALA D 119 -31.09 38.48 -23.69
C ALA D 119 -31.11 38.70 -25.20
N ARG D 120 -30.36 39.68 -25.68
CA ARG D 120 -30.31 39.96 -27.12
C ARG D 120 -28.90 40.18 -27.63
N HIS D 121 -28.56 39.57 -28.75
CA HIS D 121 -27.24 39.76 -29.34
C HIS D 121 -27.20 41.24 -29.72
N GLY D 122 -26.10 41.89 -29.38
CA GLY D 122 -25.97 43.31 -29.69
C GLY D 122 -26.22 44.19 -28.50
N GLY D 123 -26.87 43.64 -27.48
CA GLY D 123 -27.14 44.38 -26.26
C GLY D 123 -27.75 45.74 -26.50
N GLU D 124 -27.25 46.77 -25.82
CA GLU D 124 -27.79 48.10 -26.01
C GLU D 124 -27.61 48.65 -27.41
N ASP D 125 -26.66 48.11 -28.16
CA ASP D 125 -26.46 48.59 -29.53
C ASP D 125 -27.69 48.18 -30.32
N TYR D 126 -28.21 46.99 -30.02
CA TYR D 126 -29.39 46.48 -30.71
C TYR D 126 -30.64 47.25 -30.28
N VAL D 127 -30.82 47.40 -28.97
CA VAL D 127 -31.98 48.12 -28.46
C VAL D 127 -32.01 49.56 -28.97
N PHE D 128 -30.87 50.25 -28.92
CA PHE D 128 -30.81 51.64 -29.39
C PHE D 128 -31.14 51.70 -30.88
N SER D 129 -30.54 50.80 -31.68
CA SER D 129 -30.78 50.78 -33.12
C SER D 129 -32.24 50.50 -33.42
N LEU D 130 -32.83 49.62 -32.62
CA LEU D 130 -34.23 49.24 -32.80
C LEU D 130 -35.13 50.44 -32.49
N LEU D 131 -34.90 51.06 -31.35
CA LEU D 131 -35.71 52.20 -30.92
C LEU D 131 -35.65 53.40 -31.86
N THR D 132 -34.47 53.65 -32.43
CA THR D 132 -34.28 54.79 -33.32
C THR D 132 -34.27 54.38 -34.78
N GLY D 133 -34.57 53.11 -35.06
CA GLY D 133 -34.54 52.63 -36.43
C GLY D 133 -35.81 52.42 -37.24
N TYR D 134 -36.97 52.81 -36.71
CA TYR D 134 -38.20 52.63 -37.46
C TYR D 134 -38.16 53.50 -38.71
N CYS D 135 -38.68 52.96 -39.82
CA CYS D 135 -38.74 53.68 -41.07
C CYS D 135 -39.84 53.06 -41.90
N GLU D 136 -40.17 53.66 -43.03
CA GLU D 136 -41.24 53.11 -43.86
C GLU D 136 -40.77 51.84 -44.56
N PRO D 137 -41.69 50.90 -44.78
CA PRO D 137 -41.39 49.63 -45.44
C PRO D 137 -40.78 49.86 -46.82
N PRO D 138 -39.85 49.00 -47.23
CA PRO D 138 -39.27 49.24 -48.55
C PRO D 138 -40.33 48.86 -49.57
N THR D 139 -40.18 49.40 -50.76
CA THR D 139 -41.11 49.12 -51.83
C THR D 139 -41.28 47.62 -51.99
N GLY D 140 -42.53 47.16 -52.10
CA GLY D 140 -42.77 45.74 -52.27
C GLY D 140 -43.10 45.00 -50.98
N VAL D 141 -42.89 45.64 -49.85
CA VAL D 141 -43.16 45.04 -48.56
C VAL D 141 -44.53 45.51 -48.04
N SER D 142 -45.38 44.55 -47.68
CA SER D 142 -46.70 44.87 -47.17
C SER D 142 -46.86 44.13 -45.84
N LEU D 143 -47.08 44.90 -44.77
CA LEU D 143 -47.24 44.32 -43.45
C LEU D 143 -48.69 44.19 -43.03
N ARG D 144 -48.99 43.07 -42.37
CA ARG D 144 -50.33 42.79 -41.90
C ARG D 144 -50.64 43.83 -40.82
N GLU D 145 -51.91 44.12 -40.60
CA GLU D 145 -52.33 45.10 -39.61
C GLU D 145 -51.68 44.81 -38.26
N GLY D 146 -51.26 45.87 -37.56
CA GLY D 146 -50.64 45.71 -36.26
C GLY D 146 -49.12 45.58 -36.26
N LEU D 147 -48.53 45.40 -37.44
CA LEU D 147 -47.08 45.26 -37.54
C LEU D 147 -46.39 46.48 -38.14
N TYR D 148 -45.20 46.79 -37.63
CA TYR D 148 -44.43 47.93 -38.10
C TYR D 148 -43.11 47.48 -38.67
N PHE D 149 -42.60 48.24 -39.63
CA PHE D 149 -41.33 47.90 -40.26
C PHE D 149 -40.17 48.43 -39.47
N ASN D 150 -39.28 47.53 -39.08
CA ASN D 150 -38.07 47.91 -38.36
C ASN D 150 -36.95 47.04 -38.91
N PRO D 151 -36.00 47.66 -39.62
CA PRO D 151 -34.86 46.96 -40.21
C PRO D 151 -33.97 46.19 -39.22
N TYR D 152 -34.02 46.55 -37.95
CA TYR D 152 -33.19 45.88 -36.97
C TYR D 152 -33.84 44.67 -36.28
N PHE D 153 -35.16 44.55 -36.40
CA PHE D 153 -35.89 43.43 -35.79
C PHE D 153 -35.78 42.23 -36.74
N PRO D 154 -35.56 41.02 -36.19
CA PRO D 154 -35.46 39.86 -37.09
C PRO D 154 -36.74 39.73 -37.90
N GLY D 155 -36.60 39.61 -39.22
CA GLY D 155 -37.77 39.46 -40.06
C GLY D 155 -38.29 40.82 -40.50
N GLN D 156 -37.86 41.85 -39.79
CA GLN D 156 -38.22 43.24 -40.07
C GLN D 156 -39.64 43.71 -39.73
N ALA D 157 -40.50 42.80 -39.28
CA ALA D 157 -41.87 43.17 -38.93
C ALA D 157 -42.06 43.01 -37.42
N ILE D 158 -42.19 44.13 -36.71
CA ILE D 158 -42.34 44.10 -35.26
C ILE D 158 -43.75 44.56 -34.80
N GLY D 159 -44.21 43.97 -33.70
CA GLY D 159 -45.53 44.28 -33.17
C GLY D 159 -45.57 45.46 -32.24
N MET D 160 -44.43 46.12 -32.05
CA MET D 160 -44.36 47.31 -31.21
C MET D 160 -44.27 48.52 -32.10
N ALA D 161 -45.18 49.47 -31.90
CA ALA D 161 -45.15 50.68 -32.69
C ALA D 161 -44.04 51.53 -32.09
N PRO D 162 -43.47 52.45 -32.89
CA PRO D 162 -42.39 53.30 -32.37
C PRO D 162 -42.80 53.83 -31.01
N PRO D 163 -42.11 53.40 -29.94
CA PRO D 163 -42.47 53.88 -28.60
C PRO D 163 -41.97 55.26 -28.19
N ILE D 164 -40.92 55.75 -28.84
CA ILE D 164 -40.41 57.07 -28.50
C ILE D 164 -40.29 58.03 -29.68
N TYR D 165 -40.28 59.33 -29.35
CA TYR D 165 -40.19 60.40 -30.33
C TYR D 165 -39.83 61.66 -29.56
N ASN D 166 -39.56 62.76 -30.26
CA ASN D 166 -39.21 64.00 -29.59
C ASN D 166 -40.27 64.39 -28.56
N GLU D 167 -39.80 64.74 -27.36
CA GLU D 167 -40.66 65.18 -26.27
C GLU D 167 -41.64 64.13 -25.74
N VAL D 168 -41.34 62.84 -25.94
CA VAL D 168 -42.28 61.84 -25.42
C VAL D 168 -42.40 62.01 -23.91
N LEU D 169 -41.40 62.65 -23.31
CA LEU D 169 -41.41 62.93 -21.87
C LEU D 169 -40.52 64.13 -21.59
N GLU D 170 -40.59 64.61 -20.36
CA GLU D 170 -39.80 65.76 -19.91
C GLU D 170 -38.86 65.21 -18.84
N PHE D 171 -37.56 65.47 -18.98
CA PHE D 171 -36.60 64.99 -17.99
C PHE D 171 -36.51 65.92 -16.78
N ASP D 172 -36.20 65.33 -15.63
CA ASP D 172 -36.10 66.08 -14.38
C ASP D 172 -34.95 67.08 -14.33
N ASP D 173 -33.94 66.89 -15.19
CA ASP D 173 -32.80 67.80 -15.21
C ASP D 173 -32.77 68.78 -16.39
N GLY D 174 -33.85 68.83 -17.17
CA GLY D 174 -33.92 69.75 -18.29
C GLY D 174 -33.31 69.29 -19.60
N THR D 175 -32.61 68.16 -19.59
CA THR D 175 -31.98 67.62 -20.79
C THR D 175 -32.98 67.58 -21.94
N PRO D 176 -32.61 68.12 -23.12
CA PRO D 176 -33.53 68.10 -24.25
C PRO D 176 -33.93 66.66 -24.57
N ALA D 177 -35.24 66.39 -24.52
CA ALA D 177 -35.73 65.03 -24.77
C ALA D 177 -35.95 64.67 -26.23
N THR D 178 -34.87 64.68 -27.02
CA THR D 178 -34.96 64.32 -28.44
C THR D 178 -35.06 62.80 -28.46
N MET D 179 -35.55 62.23 -29.56
CA MET D 179 -35.70 60.78 -29.64
C MET D 179 -34.41 60.04 -29.35
N SER D 180 -33.32 60.45 -29.98
CA SER D 180 -32.03 59.79 -29.78
C SER D 180 -31.54 59.90 -28.34
N GLN D 181 -31.80 61.02 -27.68
CA GLN D 181 -31.39 61.21 -26.31
C GLN D 181 -32.16 60.26 -25.41
N VAL D 182 -33.46 60.17 -25.65
CA VAL D 182 -34.31 59.29 -24.85
C VAL D 182 -33.89 57.83 -24.99
N ALA D 183 -33.54 57.43 -26.21
CA ALA D 183 -33.13 56.06 -26.47
C ALA D 183 -31.80 55.75 -25.79
N LYS D 184 -30.86 56.70 -25.90
CA LYS D 184 -29.54 56.55 -25.32
C LYS D 184 -29.67 56.37 -23.82
N ASP D 185 -30.54 57.16 -23.18
CA ASP D 185 -30.71 57.05 -21.73
C ASP D 185 -31.43 55.79 -21.28
N VAL D 186 -32.50 55.40 -21.97
CA VAL D 186 -33.22 54.19 -21.56
C VAL D 186 -32.34 52.96 -21.77
N CYS D 187 -31.49 52.98 -22.79
CA CYS D 187 -30.61 51.84 -23.06
C CYS D 187 -29.58 51.73 -21.95
N THR D 188 -29.13 52.87 -21.44
CA THR D 188 -28.15 52.87 -20.36
C THR D 188 -28.81 52.33 -19.10
N PHE D 189 -30.05 52.74 -18.88
CA PHE D 189 -30.81 52.26 -17.70
C PHE D 189 -31.02 50.77 -17.84
N LEU D 190 -31.32 50.31 -19.05
CA LEU D 190 -31.53 48.89 -19.27
C LEU D 190 -30.26 48.08 -19.06
N ARG D 191 -29.10 48.69 -19.29
CA ARG D 191 -27.83 48.00 -19.08
C ARG D 191 -27.69 47.79 -17.58
N TRP D 192 -28.00 48.83 -16.80
CA TRP D 192 -27.91 48.71 -15.36
C TRP D 192 -28.89 47.69 -14.84
N ALA D 193 -30.11 47.69 -15.37
CA ALA D 193 -31.15 46.77 -14.94
C ALA D 193 -30.75 45.30 -15.16
N ALA D 194 -30.07 45.01 -16.27
CA ALA D 194 -29.67 43.66 -16.60
C ALA D 194 -28.39 43.25 -15.90
N GLU D 195 -27.53 44.23 -15.61
CA GLU D 195 -26.25 43.97 -14.96
C GLU D 195 -25.91 45.00 -13.89
N PRO D 196 -26.65 44.99 -12.76
CA PRO D 196 -26.37 45.95 -11.70
C PRO D 196 -24.96 45.83 -11.11
N GLU D 197 -24.33 44.67 -11.29
CA GLU D 197 -22.97 44.42 -10.80
C GLU D 197 -21.91 45.02 -11.72
N HIS D 198 -22.36 45.63 -12.81
CA HIS D 198 -21.49 46.22 -13.81
C HIS D 198 -20.30 47.05 -13.34
N ASP D 199 -20.56 48.10 -12.57
CA ASP D 199 -19.48 48.96 -12.08
C ASP D 199 -18.53 48.26 -11.12
N HIS D 200 -19.09 47.41 -10.25
CA HIS D 200 -18.26 46.72 -9.28
C HIS D 200 -17.34 45.68 -9.90
N ARG D 201 -17.82 44.94 -10.89
CA ARG D 201 -16.93 43.95 -11.49
C ARG D 201 -15.71 44.62 -12.13
N LYS D 202 -15.92 45.78 -12.75
CA LYS D 202 -14.81 46.48 -13.39
C LYS D 202 -13.82 47.03 -12.36
N ARG D 203 -14.32 47.48 -11.22
CA ARG D 203 -13.43 48.00 -10.18
C ARG D 203 -12.60 46.81 -9.67
N MET D 204 -13.26 45.68 -9.45
CA MET D 204 -12.58 44.48 -8.98
C MET D 204 -11.61 44.01 -10.04
N GLY D 205 -11.98 44.21 -11.29
CA GLY D 205 -11.14 43.82 -12.41
C GLY D 205 -9.82 44.55 -12.39
N LEU D 206 -9.87 45.84 -12.10
CA LEU D 206 -8.67 46.66 -12.05
C LEU D 206 -7.75 46.16 -10.96
N LYS D 207 -8.33 45.82 -9.80
CA LYS D 207 -7.54 45.33 -8.68
C LYS D 207 -6.96 43.97 -9.01
N MET D 208 -7.72 43.15 -9.73
CA MET D 208 -7.25 41.83 -10.10
C MET D 208 -6.05 41.98 -11.03
N LEU D 209 -6.16 42.89 -12.00
CA LEU D 209 -5.06 43.12 -12.93
C LEU D 209 -3.81 43.63 -12.20
N LEU D 210 -3.99 44.55 -11.27
CA LEU D 210 -2.85 45.09 -10.52
C LEU D 210 -2.20 44.01 -9.68
N MET D 211 -3.00 43.12 -9.11
CA MET D 211 -2.48 42.05 -8.27
C MET D 211 -1.76 40.98 -9.08
N MET D 212 -2.27 40.68 -10.27
CA MET D 212 -1.65 39.69 -11.15
C MET D 212 -0.38 40.28 -11.76
N GLY D 213 -0.39 41.59 -11.96
CA GLY D 213 0.78 42.24 -12.53
C GLY D 213 1.93 42.11 -11.55
N LEU D 214 1.59 41.93 -10.28
CA LEU D 214 2.58 41.80 -9.22
C LEU D 214 2.98 40.35 -9.05
N LEU D 215 1.99 39.52 -8.69
CA LEU D 215 2.21 38.10 -8.43
C LEU D 215 2.76 37.24 -9.57
N LEU D 216 2.30 37.43 -10.80
CA LEU D 216 2.80 36.60 -11.88
C LEU D 216 4.30 36.72 -12.10
N PRO D 217 4.83 37.96 -12.23
CA PRO D 217 6.28 38.04 -12.43
C PRO D 217 7.08 37.46 -11.25
N LEU D 218 6.55 37.62 -10.03
CA LEU D 218 7.23 37.12 -8.84
C LEU D 218 7.28 35.61 -8.79
N VAL D 219 6.13 34.96 -9.03
CA VAL D 219 6.07 33.51 -9.03
C VAL D 219 6.90 32.94 -10.18
N TYR D 220 6.95 33.68 -11.28
CA TYR D 220 7.73 33.25 -12.45
C TYR D 220 9.20 33.32 -12.08
N ALA D 221 9.56 34.29 -11.25
CA ALA D 221 10.95 34.43 -10.83
C ALA D 221 11.30 33.29 -9.89
N MET D 222 10.32 32.84 -9.12
CA MET D 222 10.52 31.75 -8.18
C MET D 222 10.73 30.48 -9.00
N LYS D 223 9.97 30.35 -10.08
CA LYS D 223 10.06 29.19 -10.96
C LYS D 223 11.45 29.12 -11.59
N ARG D 224 11.89 30.22 -12.18
CA ARG D 224 13.20 30.30 -12.81
C ARG D 224 14.32 30.06 -11.80
N HIS D 225 14.15 30.57 -10.59
CA HIS D 225 15.16 30.42 -9.53
C HIS D 225 15.41 28.93 -9.26
N LYS D 226 14.34 28.20 -8.96
CA LYS D 226 14.43 26.77 -8.65
C LYS D 226 14.97 25.98 -9.83
N TRP D 227 14.41 26.23 -11.02
CA TRP D 227 14.82 25.52 -12.22
C TRP D 227 16.24 25.82 -12.71
N SER D 228 16.83 26.92 -12.25
CA SER D 228 18.17 27.26 -12.69
C SER D 228 19.17 26.13 -12.39
N VAL D 229 18.92 25.38 -11.33
CA VAL D 229 19.78 24.27 -10.92
C VAL D 229 19.82 23.26 -12.08
N LEU D 230 18.66 23.00 -12.68
CA LEU D 230 18.57 22.07 -13.79
C LEU D 230 18.98 22.69 -15.12
N LYS D 231 18.56 23.94 -15.34
CA LYS D 231 18.87 24.63 -16.59
C LYS D 231 20.36 24.82 -16.87
N SER D 232 21.21 24.90 -15.84
CA SER D 232 22.64 25.09 -16.05
C SER D 232 23.49 23.87 -15.76
N ARG D 233 22.86 22.76 -15.36
CA ARG D 233 23.62 21.56 -15.06
C ARG D 233 24.31 21.04 -16.31
N LYS D 234 25.44 20.38 -16.10
CA LYS D 234 26.21 19.81 -17.19
C LYS D 234 26.45 18.32 -16.94
N LEU D 235 26.50 17.56 -18.02
CA LEU D 235 26.70 16.12 -17.92
C LEU D 235 27.99 15.67 -18.60
N ALA D 236 28.53 14.57 -18.10
CA ALA D 236 29.74 13.98 -18.64
C ALA D 236 29.58 12.47 -18.56
N TYR D 237 30.01 11.78 -19.60
CA TYR D 237 29.92 10.33 -19.67
C TYR D 237 31.35 9.84 -19.67
N ARG D 238 31.71 9.09 -18.63
CA ARG D 238 33.08 8.57 -18.49
C ARG D 238 33.10 7.06 -18.37
N PRO D 239 32.78 6.35 -19.46
CA PRO D 239 32.81 4.89 -19.35
C PRO D 239 34.25 4.37 -19.33
N PRO D 240 34.50 3.30 -18.58
CA PRO D 240 35.87 2.76 -18.54
C PRO D 240 36.19 2.25 -19.94
N LYS D 241 37.43 2.39 -20.38
CA LYS D 241 37.77 1.91 -21.72
C LYS D 241 39.01 1.02 -21.71
N SER E 1 42.09 8.61 -14.52
CA SER E 1 42.12 9.00 -13.09
C SER E 1 40.99 9.94 -12.74
N HIS E 2 40.40 9.77 -11.56
CA HIS E 2 39.31 10.65 -11.16
C HIS E 2 39.84 12.07 -11.03
N THR E 3 41.16 12.19 -10.89
CA THR E 3 41.77 13.52 -10.76
C THR E 3 41.83 14.25 -12.10
N ASP E 4 41.33 13.61 -13.15
CA ASP E 4 41.31 14.26 -14.46
C ASP E 4 39.97 14.95 -14.58
N ILE E 5 39.17 14.87 -13.50
CA ILE E 5 37.85 15.47 -13.45
C ILE E 5 37.83 16.88 -12.86
N LYS E 6 37.58 17.87 -13.70
CA LYS E 6 37.51 19.26 -13.28
C LYS E 6 36.11 19.75 -13.59
N VAL E 7 35.52 20.50 -12.69
CA VAL E 7 34.20 21.06 -12.88
C VAL E 7 34.25 21.99 -14.07
N PRO E 8 33.26 21.89 -14.99
CA PRO E 8 33.28 22.78 -16.16
C PRO E 8 33.12 24.23 -15.74
N ASP E 9 33.48 25.15 -16.64
CA ASP E 9 33.37 26.57 -16.35
C ASP E 9 31.91 26.99 -16.39
N PHE E 10 31.49 27.70 -15.35
CA PHE E 10 30.11 28.18 -15.23
C PHE E 10 30.02 29.71 -15.31
N SER E 11 31.12 30.36 -15.70
CA SER E 11 31.14 31.82 -15.77
C SER E 11 30.02 32.48 -16.57
N ASP E 12 29.40 31.77 -17.50
CA ASP E 12 28.31 32.34 -18.30
C ASP E 12 26.98 32.34 -17.54
N TYR E 13 26.96 31.63 -16.41
CA TYR E 13 25.77 31.51 -15.59
C TYR E 13 25.84 32.21 -14.24
N ARG E 14 27.05 32.40 -13.74
CA ARG E 14 27.25 33.04 -12.45
C ARG E 14 26.75 34.47 -12.35
N ARG E 15 26.33 34.84 -11.15
CA ARG E 15 25.85 36.19 -10.92
C ARG E 15 27.14 36.98 -10.94
N PRO E 16 27.09 38.24 -11.37
CA PRO E 16 28.30 39.06 -11.42
C PRO E 16 29.15 39.08 -10.14
N GLU E 17 28.48 39.18 -9.00
CA GLU E 17 29.19 39.25 -7.72
C GLU E 17 29.98 38.01 -7.30
N VAL E 18 29.86 36.90 -8.03
CA VAL E 18 30.62 35.71 -7.65
C VAL E 18 31.49 35.23 -8.82
N LEU E 19 31.85 36.17 -9.70
CA LEU E 19 32.67 35.88 -10.86
C LEU E 19 34.17 35.86 -10.58
N ASP E 20 34.60 36.47 -9.48
CA ASP E 20 36.03 36.50 -9.14
C ASP E 20 36.42 35.35 -8.21
N SER E 21 37.14 34.38 -8.75
CA SER E 21 37.57 33.20 -8.00
C SER E 21 38.55 33.51 -6.87
N THR E 22 39.09 34.73 -6.85
CA THR E 22 40.04 35.10 -5.81
C THR E 22 39.37 35.89 -4.69
N LYS E 23 38.05 36.00 -4.74
CA LYS E 23 37.30 36.74 -3.75
C LYS E 23 36.27 35.84 -3.08
N SER E 24 36.04 36.05 -1.79
CA SER E 24 35.08 35.26 -1.04
C SER E 24 33.69 35.71 -1.46
N SER E 25 32.76 34.77 -1.59
CA SER E 25 31.40 35.11 -2.00
C SER E 25 30.51 35.36 -0.78
N LYS E 26 31.07 35.22 0.40
CA LYS E 26 30.30 35.43 1.62
C LYS E 26 29.87 36.88 1.83
N GLU E 27 30.55 37.81 1.17
CA GLU E 27 30.21 39.22 1.32
C GLU E 27 28.93 39.57 0.58
N SER E 28 28.58 38.79 -0.44
CA SER E 28 27.36 39.05 -1.21
C SER E 28 26.23 38.07 -0.88
N SER E 29 26.55 37.01 -0.15
CA SER E 29 25.56 35.99 0.20
C SER E 29 24.31 36.56 0.86
N GLU E 30 24.48 37.54 1.73
CA GLU E 30 23.38 38.16 2.45
C GLU E 30 22.46 38.92 1.48
N ALA E 31 23.05 39.60 0.51
CA ALA E 31 22.28 40.37 -0.46
C ALA E 31 21.57 39.43 -1.42
N ARG E 32 22.29 38.42 -1.90
CA ARG E 32 21.73 37.44 -2.83
C ARG E 32 20.54 36.68 -2.22
N LYS E 33 20.63 36.38 -0.92
CA LYS E 33 19.55 35.66 -0.24
C LYS E 33 18.43 36.62 0.16
N GLY E 34 18.81 37.83 0.56
CA GLY E 34 17.82 38.83 0.97
C GLY E 34 16.83 39.15 -0.14
N PHE E 35 17.29 39.10 -1.38
CA PHE E 35 16.44 39.38 -2.51
C PHE E 35 15.39 38.28 -2.68
N SER E 36 15.85 37.03 -2.73
CA SER E 36 14.93 35.90 -2.88
C SER E 36 13.89 35.90 -1.77
N TYR E 37 14.32 36.24 -0.55
CA TYR E 37 13.43 36.30 0.62
C TYR E 37 12.38 37.38 0.46
N LEU E 38 12.78 38.46 -0.21
CA LEU E 38 11.91 39.60 -0.44
C LEU E 38 10.85 39.17 -1.44
N VAL E 39 11.29 38.44 -2.45
CA VAL E 39 10.41 37.93 -3.49
C VAL E 39 9.36 36.99 -2.88
N THR E 40 9.78 36.10 -1.97
CA THR E 40 8.88 35.13 -1.32
C THR E 40 7.92 35.78 -0.31
N ALA E 41 8.40 36.77 0.42
CA ALA E 41 7.56 37.46 1.41
C ALA E 41 6.48 38.27 0.69
N THR E 42 6.85 38.93 -0.41
CA THR E 42 5.90 39.74 -1.16
C THR E 42 4.82 38.90 -1.81
N THR E 43 5.18 37.70 -2.25
CA THR E 43 4.23 36.79 -2.89
C THR E 43 3.23 36.31 -1.84
N THR E 44 3.74 35.96 -0.67
CA THR E 44 2.90 35.47 0.42
C THR E 44 1.86 36.50 0.82
N VAL E 45 2.28 37.77 0.92
CA VAL E 45 1.36 38.85 1.29
C VAL E 45 0.34 39.08 0.17
N GLY E 46 0.80 38.99 -1.07
CA GLY E 46 -0.10 39.18 -2.19
C GLY E 46 -1.19 38.11 -2.14
N VAL E 47 -0.79 36.86 -2.00
CA VAL E 47 -1.73 35.76 -1.93
C VAL E 47 -2.66 35.86 -0.73
N ALA E 48 -2.12 36.28 0.41
CA ALA E 48 -2.93 36.44 1.62
C ALA E 48 -4.02 37.48 1.38
N TYR E 49 -3.66 38.60 0.76
CA TYR E 49 -4.63 39.65 0.45
C TYR E 49 -5.75 39.05 -0.39
N ALA E 50 -5.35 38.42 -1.49
CA ALA E 50 -6.29 37.79 -2.41
C ALA E 50 -7.18 36.77 -1.73
N ALA E 51 -6.58 35.86 -0.97
CA ALA E 51 -7.33 34.82 -0.27
C ALA E 51 -8.30 35.38 0.75
N LYS E 52 -7.86 36.39 1.51
CA LYS E 52 -8.74 36.98 2.52
C LYS E 52 -9.96 37.58 1.84
N ASN E 53 -9.74 38.25 0.71
CA ASN E 53 -10.84 38.87 -0.02
C ASN E 53 -11.83 37.83 -0.53
N VAL E 54 -11.32 36.80 -1.21
CA VAL E 54 -12.17 35.75 -1.75
C VAL E 54 -12.97 35.03 -0.67
N VAL E 55 -12.31 34.65 0.42
CA VAL E 55 -13.00 33.96 1.50
C VAL E 55 -14.09 34.80 2.12
N SER E 56 -13.82 36.09 2.38
CA SER E 56 -14.85 36.93 2.98
C SER E 56 -16.02 37.21 2.03
N GLN E 57 -15.79 37.12 0.72
CA GLN E 57 -16.86 37.35 -0.23
C GLN E 57 -17.84 36.18 -0.16
N PHE E 58 -17.31 34.95 -0.15
CA PHE E 58 -18.14 33.76 -0.07
C PHE E 58 -18.88 33.72 1.28
N VAL E 59 -18.16 34.01 2.36
CA VAL E 59 -18.76 34.03 3.69
C VAL E 59 -19.89 35.06 3.69
N SER E 60 -19.60 36.22 3.09
CA SER E 60 -20.56 37.31 3.00
C SER E 60 -21.83 36.88 2.25
N SER E 61 -21.69 36.03 1.25
CA SER E 61 -22.83 35.56 0.48
C SER E 61 -23.87 34.81 1.31
N MET E 62 -23.45 34.30 2.46
CA MET E 62 -24.36 33.56 3.33
C MET E 62 -25.11 34.50 4.29
N SER E 63 -24.66 35.74 4.39
CA SER E 63 -25.32 36.72 5.25
C SER E 63 -26.62 37.16 4.57
N ALA E 64 -27.50 37.80 5.33
CA ALA E 64 -28.77 38.26 4.81
C ALA E 64 -28.66 38.97 3.47
N SER E 65 -29.43 38.52 2.48
CA SER E 65 -29.39 39.14 1.16
C SER E 65 -30.12 40.47 1.20
N ALA E 66 -29.90 41.32 0.19
CA ALA E 66 -30.49 42.65 0.14
C ALA E 66 -32.01 42.73 0.29
N ASP E 67 -32.71 41.69 -0.17
CA ASP E 67 -34.16 41.66 -0.08
C ASP E 67 -34.64 41.39 1.34
N VAL E 68 -33.80 40.72 2.13
CA VAL E 68 -34.11 40.42 3.52
C VAL E 68 -33.92 41.64 4.42
N LEU E 69 -33.03 42.54 4.01
CA LEU E 69 -32.74 43.75 4.76
C LEU E 69 -33.66 44.89 4.32
N ALA E 70 -34.60 44.59 3.43
CA ALA E 70 -35.54 45.58 2.91
C ALA E 70 -36.60 45.99 3.94
N MET E 71 -36.61 45.29 5.07
CA MET E 71 -37.52 45.52 6.20
C MET E 71 -38.76 46.41 6.00
N SER E 72 -39.03 47.22 7.04
CA SER E 72 -40.12 48.20 7.13
C SER E 72 -40.93 48.06 8.42
N LYS E 73 -41.47 49.19 8.90
CA LYS E 73 -42.27 49.22 10.11
C LYS E 73 -43.62 48.54 9.92
N ILE E 74 -44.42 48.48 10.97
CA ILE E 74 -45.74 47.86 10.90
C ILE E 74 -46.75 48.63 11.75
N GLU E 75 -47.93 48.90 11.17
CA GLU E 75 -48.99 49.64 11.86
C GLU E 75 -50.00 48.69 12.48
N ILE E 76 -50.31 48.87 13.76
CA ILE E 76 -51.27 48.00 14.43
C ILE E 76 -52.49 48.73 14.99
N LYS E 77 -53.65 48.10 14.81
CA LYS E 77 -54.93 48.66 15.26
C LYS E 77 -55.23 48.19 16.68
N LEU E 78 -54.99 49.07 17.63
CA LEU E 78 -55.21 48.79 19.05
C LEU E 78 -56.64 48.45 19.46
N SER E 79 -57.61 49.03 18.77
CA SER E 79 -59.01 48.77 19.09
C SER E 79 -59.40 47.32 18.84
N ASP E 80 -58.76 46.71 17.85
CA ASP E 80 -59.04 45.33 17.51
C ASP E 80 -58.57 44.34 18.56
N ILE E 81 -57.83 44.84 19.56
CA ILE E 81 -57.32 43.99 20.61
C ILE E 81 -58.01 44.26 21.94
N PRO E 82 -58.93 43.36 22.35
CA PRO E 82 -59.70 43.44 23.59
C PRO E 82 -58.81 43.36 24.83
N GLU E 83 -59.31 43.89 25.94
CA GLU E 83 -58.59 43.87 27.20
C GLU E 83 -58.36 42.42 27.59
N GLY E 84 -57.13 42.10 27.98
CA GLY E 84 -56.81 40.74 28.38
C GLY E 84 -56.28 39.87 27.27
N LYS E 85 -56.35 40.35 26.03
CA LYS E 85 -55.87 39.57 24.90
C LYS E 85 -54.44 39.90 24.47
N ASN E 86 -53.67 38.84 24.24
CA ASN E 86 -52.31 38.96 23.76
C ASN E 86 -52.46 38.60 22.30
N MET E 87 -52.08 39.50 21.41
CA MET E 87 -52.20 39.26 19.99
C MET E 87 -50.84 39.15 19.35
N ALA E 88 -50.62 38.08 18.60
CA ALA E 88 -49.34 37.85 17.93
C ALA E 88 -49.42 38.25 16.47
N PHE E 89 -48.42 38.99 16.02
CA PHE E 89 -48.34 39.47 14.65
C PHE E 89 -47.01 39.04 14.06
N LYS E 90 -46.98 38.81 12.75
CA LYS E 90 -45.74 38.42 12.14
C LYS E 90 -44.98 39.65 11.66
N TRP E 91 -43.89 39.95 12.34
CA TRP E 91 -43.05 41.09 12.01
C TRP E 91 -41.63 40.53 11.90
N ARG E 92 -41.15 40.41 10.67
CA ARG E 92 -39.80 39.90 10.40
C ARG E 92 -39.60 38.44 10.81
N GLY E 93 -40.54 37.59 10.37
CA GLY E 93 -40.48 36.16 10.67
C GLY E 93 -40.50 35.83 12.15
N LYS E 94 -40.59 36.85 12.98
CA LYS E 94 -40.63 36.69 14.42
C LYS E 94 -41.97 37.15 14.97
N PRO E 95 -42.42 36.56 16.08
CA PRO E 95 -43.70 37.00 16.62
C PRO E 95 -43.55 38.37 17.25
N LEU E 96 -44.59 39.18 17.15
CA LEU E 96 -44.60 40.50 17.77
C LEU E 96 -45.84 40.46 18.63
N PHE E 97 -45.66 40.57 19.95
CA PHE E 97 -46.80 40.54 20.86
C PHE E 97 -47.28 41.95 21.16
N VAL E 98 -48.59 42.13 21.15
CA VAL E 98 -49.20 43.41 21.50
C VAL E 98 -50.31 42.94 22.42
N ARG E 99 -50.12 43.17 23.71
CA ARG E 99 -51.06 42.72 24.72
C ARG E 99 -51.76 43.83 25.48
N HIS E 100 -53.09 43.77 25.49
CA HIS E 100 -53.92 44.74 26.17
C HIS E 100 -54.05 44.25 27.62
N ARG E 101 -53.39 44.94 28.55
CA ARG E 101 -53.42 44.53 29.96
C ARG E 101 -54.57 45.08 30.80
N THR E 102 -54.94 44.30 31.81
CA THR E 102 -56.03 44.66 32.73
C THR E 102 -55.44 45.40 33.92
N LYS E 103 -56.29 45.99 34.74
CA LYS E 103 -55.79 46.70 35.90
C LYS E 103 -55.05 45.74 36.83
N LYS E 104 -55.62 44.57 37.04
CA LYS E 104 -55.02 43.57 37.92
C LYS E 104 -53.63 43.16 37.45
N GLU E 105 -53.49 42.91 36.15
CA GLU E 105 -52.19 42.52 35.62
C GLU E 105 -51.20 43.67 35.84
N ILE E 106 -51.64 44.88 35.49
CA ILE E 106 -50.80 46.07 35.66
C ILE E 106 -50.38 46.23 37.11
N ASP E 107 -51.31 46.05 38.03
CA ASP E 107 -51.00 46.17 39.45
C ASP E 107 -50.08 45.05 39.91
N GLN E 108 -50.30 43.85 39.42
CA GLN E 108 -49.44 42.72 39.80
C GLN E 108 -48.00 43.03 39.37
N GLU E 109 -47.84 43.45 38.12
CA GLU E 109 -46.52 43.78 37.60
C GLU E 109 -45.94 45.01 38.28
N ALA E 110 -46.79 45.74 38.99
CA ALA E 110 -46.36 46.94 39.69
C ALA E 110 -45.58 46.60 40.96
N ALA E 111 -46.08 45.63 41.70
CA ALA E 111 -45.47 45.21 42.97
C ALA E 111 -44.41 44.12 42.87
N VAL E 112 -43.42 44.29 41.99
CA VAL E 112 -42.39 43.26 41.85
C VAL E 112 -40.99 43.68 42.32
N GLU E 113 -40.41 42.88 43.21
CA GLU E 113 -39.08 43.14 43.75
C GLU E 113 -38.08 43.21 42.61
N VAL E 114 -37.94 44.36 41.98
CA VAL E 114 -37.01 44.51 40.87
C VAL E 114 -35.57 44.15 41.28
N SER E 115 -35.37 43.86 42.57
CA SER E 115 -34.05 43.49 43.07
C SER E 115 -33.83 41.98 43.04
N GLN E 116 -34.93 41.24 42.93
CA GLN E 116 -34.86 39.78 42.90
C GLN E 116 -34.87 39.27 41.46
N LEU E 117 -35.09 40.18 40.52
CA LEU E 117 -35.13 39.81 39.11
C LEU E 117 -33.74 39.54 38.56
N ARG E 118 -33.62 38.53 37.71
CA ARG E 118 -32.31 38.23 37.12
C ARG E 118 -31.97 39.32 36.10
N ASP E 119 -33.01 39.90 35.52
CA ASP E 119 -32.86 40.99 34.55
C ASP E 119 -33.73 42.10 35.13
N PRO E 120 -33.23 42.79 36.16
CA PRO E 120 -33.91 43.88 36.87
C PRO E 120 -34.34 45.10 36.05
N GLN E 121 -35.65 45.25 35.93
CA GLN E 121 -36.27 46.35 35.21
C GLN E 121 -37.65 46.56 35.83
N HIS E 122 -38.04 47.81 36.00
CA HIS E 122 -39.35 48.08 36.54
C HIS E 122 -40.33 47.99 35.37
N ASP E 123 -41.54 47.51 35.63
CA ASP E 123 -42.53 47.38 34.57
C ASP E 123 -42.64 48.67 33.77
N LEU E 124 -42.62 49.80 34.47
CA LEU E 124 -42.74 51.09 33.81
C LEU E 124 -41.55 51.51 32.94
N GLU E 125 -40.50 50.68 32.92
CA GLU E 125 -39.33 50.99 32.09
C GLU E 125 -39.49 50.19 30.81
N ARG E 126 -40.52 49.35 30.76
CA ARG E 126 -40.76 48.50 29.60
C ARG E 126 -42.02 48.80 28.79
N VAL E 127 -42.81 49.78 29.25
CA VAL E 127 -44.04 50.16 28.56
C VAL E 127 -44.16 51.68 28.48
N LYS E 128 -44.94 52.18 27.52
CA LYS E 128 -45.17 53.61 27.38
C LYS E 128 -46.51 53.92 28.02
N LYS E 129 -47.48 53.06 27.73
CA LYS E 129 -48.83 53.17 28.30
C LYS E 129 -49.06 51.81 28.95
N PRO E 130 -49.21 51.79 30.28
CA PRO E 130 -49.43 50.58 31.08
C PRO E 130 -50.42 49.54 30.54
N GLU E 131 -51.53 50.00 29.98
CA GLU E 131 -52.53 49.08 29.45
C GLU E 131 -52.00 48.32 28.23
N TRP E 132 -50.89 48.78 27.68
CA TRP E 132 -50.30 48.15 26.51
C TRP E 132 -48.86 47.70 26.71
N VAL E 133 -48.62 46.41 26.54
CA VAL E 133 -47.26 45.88 26.66
C VAL E 133 -46.95 45.32 25.27
N ILE E 134 -45.84 45.75 24.70
CA ILE E 134 -45.46 45.31 23.36
C ILE E 134 -44.10 44.64 23.43
N LEU E 135 -44.05 43.39 22.99
CA LEU E 135 -42.82 42.60 23.05
C LEU E 135 -42.54 41.77 21.82
N ILE E 136 -41.27 41.41 21.65
CA ILE E 136 -40.89 40.54 20.55
C ILE E 136 -41.16 39.20 21.21
N GLY E 137 -42.10 38.45 20.66
CA GLY E 137 -42.45 37.17 21.23
C GLY E 137 -41.44 36.07 20.96
N VAL E 138 -40.21 36.27 21.42
CA VAL E 138 -39.15 35.30 21.23
C VAL E 138 -38.44 35.06 22.56
N CYS E 139 -38.56 33.84 23.09
CA CYS E 139 -37.92 33.49 24.35
C CYS E 139 -36.43 33.80 24.22
N THR E 140 -35.86 34.45 25.23
CA THR E 140 -34.44 34.80 25.17
C THR E 140 -33.46 33.64 25.38
N HIS E 141 -34.01 32.46 25.65
CA HIS E 141 -33.19 31.28 25.87
C HIS E 141 -32.74 30.79 24.52
N LEU E 142 -33.59 30.03 23.84
CA LEU E 142 -33.24 29.52 22.54
C LEU E 142 -34.23 29.78 21.39
N GLY E 143 -35.02 30.85 21.51
CA GLY E 143 -35.93 31.23 20.43
C GLY E 143 -37.36 30.77 20.24
N CYS E 144 -37.90 29.93 21.12
CA CYS E 144 -39.28 29.49 20.92
C CYS E 144 -40.25 30.60 21.24
N VAL E 145 -41.54 30.38 20.95
CA VAL E 145 -42.57 31.38 21.22
C VAL E 145 -43.29 31.12 22.55
N PRO E 146 -43.12 32.02 23.53
CA PRO E 146 -43.77 31.84 24.82
C PRO E 146 -45.29 31.85 24.68
N ILE E 147 -45.95 31.02 25.47
CA ILE E 147 -47.41 30.89 25.46
C ILE E 147 -48.02 31.86 26.45
N ALA E 148 -48.86 32.76 25.97
CA ALA E 148 -49.51 33.76 26.82
C ALA E 148 -50.46 33.14 27.85
N ASN E 149 -50.46 33.73 29.04
CA ASN E 149 -51.34 33.30 30.14
C ASN E 149 -51.00 31.94 30.74
N ALA E 150 -49.82 31.42 30.43
CA ALA E 150 -49.39 30.15 30.99
C ALA E 150 -48.21 30.42 31.90
N GLY E 151 -47.82 29.42 32.68
CA GLY E 151 -46.70 29.63 33.58
C GLY E 151 -47.20 30.04 34.94
N ASP E 152 -46.28 30.27 35.87
CA ASP E 152 -46.66 30.63 37.23
C ASP E 152 -46.77 32.13 37.54
N PHE E 153 -46.76 32.98 36.53
CA PHE E 153 -46.86 34.42 36.77
C PHE E 153 -47.85 35.15 35.86
N GLY E 154 -48.84 34.43 35.35
CA GLY E 154 -49.85 35.03 34.50
C GLY E 154 -49.32 35.74 33.27
N GLY E 155 -48.01 35.65 33.03
CA GLY E 155 -47.44 36.30 31.87
C GLY E 155 -47.34 35.36 30.69
N TYR E 156 -46.22 34.64 30.60
CA TYR E 156 -46.00 33.69 29.52
C TYR E 156 -45.17 32.50 29.98
N TYR E 157 -45.31 31.39 29.26
CA TYR E 157 -44.56 30.17 29.57
C TYR E 157 -43.96 29.62 28.28
N CYS E 158 -42.64 29.45 28.25
CA CYS E 158 -42.01 28.91 27.05
C CYS E 158 -41.94 27.40 27.20
N PRO E 159 -42.66 26.67 26.33
CA PRO E 159 -42.70 25.22 26.36
C PRO E 159 -41.43 24.48 25.97
N CYS E 160 -40.48 25.16 25.33
CA CYS E 160 -39.28 24.46 24.93
C CYS E 160 -38.42 24.01 26.11
N HIS E 161 -38.12 24.89 27.06
CA HIS E 161 -37.31 24.44 28.21
C HIS E 161 -37.77 24.97 29.56
N GLY E 162 -39.03 25.36 29.67
CA GLY E 162 -39.58 25.83 30.93
C GLY E 162 -39.30 27.23 31.43
N SER E 163 -39.23 28.22 30.53
CA SER E 163 -38.99 29.59 30.97
C SER E 163 -40.32 30.26 31.27
N HIS E 164 -40.45 30.83 32.47
CA HIS E 164 -41.66 31.52 32.90
C HIS E 164 -41.41 33.03 32.88
N TYR E 165 -42.29 33.78 32.23
CA TYR E 165 -42.15 35.24 32.19
C TYR E 165 -43.39 35.83 32.85
N ASP E 166 -43.30 37.06 33.34
CA ASP E 166 -44.49 37.68 33.94
C ASP E 166 -45.20 38.52 32.89
N ALA E 167 -46.27 39.21 33.27
CA ALA E 167 -47.04 40.02 32.32
C ALA E 167 -46.30 41.25 31.80
N SER E 168 -45.03 41.38 32.20
CA SER E 168 -44.20 42.50 31.78
C SER E 168 -43.21 41.94 30.79
N GLY E 169 -43.19 40.61 30.69
CA GLY E 169 -42.29 39.95 29.78
C GLY E 169 -40.93 39.73 30.41
N ARG E 170 -40.85 39.94 31.72
CA ARG E 170 -39.61 39.75 32.46
C ARG E 170 -39.44 38.28 32.82
N ILE E 171 -38.22 37.76 32.66
CA ILE E 171 -37.95 36.37 32.97
C ILE E 171 -37.91 36.18 34.49
N ARG E 172 -38.68 35.20 34.99
CA ARG E 172 -38.77 34.96 36.42
C ARG E 172 -38.29 33.59 36.85
N LYS E 173 -38.32 32.62 35.94
CA LYS E 173 -37.89 31.27 36.26
C LYS E 173 -37.55 30.51 35.00
N GLY E 174 -36.63 29.57 35.11
CA GLY E 174 -36.22 28.79 33.96
C GLY E 174 -34.83 29.19 33.50
N PRO E 175 -34.39 28.73 32.32
CA PRO E 175 -33.07 29.04 31.78
C PRO E 175 -32.85 30.35 31.01
N ALA E 176 -33.90 30.99 30.52
CA ALA E 176 -33.73 32.23 29.77
C ALA E 176 -32.96 33.26 30.61
N PRO E 177 -32.00 33.97 30.00
CA PRO E 177 -31.20 34.98 30.70
C PRO E 177 -31.75 36.39 30.73
N LEU E 178 -32.56 36.75 29.74
CA LEU E 178 -33.09 38.09 29.67
C LEU E 178 -34.60 38.24 29.58
N ASN E 179 -35.08 39.46 29.84
CA ASN E 179 -36.50 39.77 29.75
C ASN E 179 -36.80 39.82 28.25
N LEU E 180 -38.04 39.52 27.89
CA LEU E 180 -38.42 39.56 26.49
C LEU E 180 -38.12 40.97 25.98
N GLU E 181 -37.62 41.06 24.75
CA GLU E 181 -37.25 42.36 24.17
C GLU E 181 -38.40 43.32 23.88
N VAL E 182 -38.10 44.61 24.02
CA VAL E 182 -39.06 45.69 23.75
C VAL E 182 -38.57 46.50 22.53
N PRO E 183 -39.36 46.53 21.44
CA PRO E 183 -38.96 47.27 20.23
C PRO E 183 -39.35 48.74 20.31
N SER E 184 -38.87 49.53 19.35
CA SER E 184 -39.20 50.95 19.32
C SER E 184 -40.59 51.07 18.73
N TYR E 185 -41.38 52.02 19.23
CA TYR E 185 -42.73 52.22 18.72
C TYR E 185 -43.33 53.54 19.16
N GLU E 186 -44.33 53.99 18.41
CA GLU E 186 -45.01 55.25 18.70
C GLU E 186 -46.51 55.11 18.41
N PHE E 187 -47.34 55.71 19.24
CA PHE E 187 -48.78 55.64 19.05
C PHE E 187 -49.20 56.75 18.08
N THR E 188 -50.20 56.46 17.24
CA THR E 188 -50.68 57.41 16.23
C THR E 188 -51.96 58.17 16.59
N SER E 189 -52.36 59.06 15.67
CA SER E 189 -53.55 59.88 15.84
C SER E 189 -54.83 59.11 15.50
N ASP E 190 -54.67 57.89 15.00
CA ASP E 190 -55.80 57.05 14.65
C ASP E 190 -55.95 55.90 15.65
N ASP E 191 -55.54 56.16 16.89
CA ASP E 191 -55.62 55.19 17.99
C ASP E 191 -54.61 54.05 17.93
N MET E 192 -54.08 53.82 16.73
CA MET E 192 -53.12 52.77 16.44
C MET E 192 -51.71 52.97 16.98
N VAL E 193 -50.84 51.99 16.69
CA VAL E 193 -49.45 52.05 17.12
C VAL E 193 -48.55 51.65 15.95
N ILE E 194 -47.45 52.36 15.77
CA ILE E 194 -46.51 52.06 14.70
C ILE E 194 -45.22 51.52 15.31
N VAL E 195 -44.95 50.24 15.05
CA VAL E 195 -43.75 49.58 15.57
C VAL E 195 -42.64 49.57 14.53
N GLY E 196 -41.42 49.87 14.97
CA GLY E 196 -40.29 49.89 14.06
C GLY E 196 -39.66 51.27 13.95
N TRP F 12 14.59 7.95 -55.86
CA TRP F 12 15.34 7.29 -54.75
C TRP F 12 14.56 7.31 -53.44
N LEU F 13 14.03 6.14 -53.08
CA LEU F 13 13.27 5.95 -51.84
C LEU F 13 14.21 6.38 -50.74
N GLU F 14 15.47 6.15 -51.03
CA GLU F 14 16.62 6.43 -50.22
C GLU F 14 16.74 7.94 -50.02
N GLY F 15 16.25 8.69 -51.00
CA GLY F 15 16.31 10.14 -50.93
C GLY F 15 15.28 10.62 -49.93
N ILE F 16 14.06 10.14 -50.05
CA ILE F 16 13.02 10.51 -49.11
C ILE F 16 13.44 10.04 -47.72
N ARG F 17 14.04 8.85 -47.65
CA ARG F 17 14.49 8.27 -46.39
C ARG F 17 15.43 9.20 -45.61
N LYS F 18 16.48 9.68 -46.26
CA LYS F 18 17.40 10.56 -45.58
C LYS F 18 16.70 11.86 -45.24
N TRP F 19 15.77 12.27 -46.10
CA TRP F 19 15.01 13.49 -45.85
C TRP F 19 14.10 13.29 -44.63
N TYR F 20 13.45 12.13 -44.57
CA TYR F 20 12.56 11.84 -43.46
C TYR F 20 13.36 11.73 -42.18
N TYR F 21 14.51 11.06 -42.24
CA TYR F 21 15.36 10.90 -41.06
C TYR F 21 15.63 12.24 -40.40
N ASN F 22 16.02 13.22 -41.21
CA ASN F 22 16.31 14.54 -40.69
C ASN F 22 15.05 15.28 -40.24
N ALA F 23 13.96 15.11 -40.97
CA ALA F 23 12.70 15.77 -40.59
C ALA F 23 12.25 15.19 -39.25
N ALA F 24 12.44 13.89 -39.07
CA ALA F 24 12.05 13.23 -37.83
C ALA F 24 12.77 13.96 -36.71
N GLY F 25 14.06 14.21 -36.92
CA GLY F 25 14.87 14.95 -35.97
C GLY F 25 15.37 14.36 -34.65
N PHE F 26 15.24 13.05 -34.41
CA PHE F 26 15.75 12.54 -33.16
C PHE F 26 17.26 12.61 -33.21
N ASN F 27 17.79 12.72 -34.43
CA ASN F 27 19.23 12.81 -34.63
C ASN F 27 19.77 14.13 -34.09
N LYS F 28 18.93 15.15 -34.07
CA LYS F 28 19.32 16.47 -33.56
C LYS F 28 19.55 16.45 -32.03
N LEU F 29 19.03 15.41 -31.38
CA LEU F 29 19.19 15.25 -29.94
C LEU F 29 20.31 14.25 -29.69
N GLY F 30 20.91 13.77 -30.77
CA GLY F 30 21.99 12.81 -30.67
C GLY F 30 21.54 11.39 -30.42
N LEU F 31 20.26 11.12 -30.70
CA LEU F 31 19.68 9.78 -30.50
C LEU F 31 19.85 8.93 -31.75
N MET F 32 19.81 7.62 -31.56
CA MET F 32 19.90 6.68 -32.66
C MET F 32 18.47 6.18 -32.75
N ARG F 33 18.07 5.69 -33.92
CA ARG F 33 16.71 5.22 -34.09
C ARG F 33 16.22 4.25 -33.02
N ASP F 34 17.00 3.23 -32.69
CA ASP F 34 16.59 2.27 -31.65
C ASP F 34 16.40 2.93 -30.27
N ASP F 35 16.96 4.11 -30.04
CA ASP F 35 16.82 4.80 -28.75
C ASP F 35 15.40 5.31 -28.60
N THR F 36 14.70 5.46 -29.72
CA THR F 36 13.34 5.99 -29.73
C THR F 36 12.21 4.96 -29.78
N ILE F 37 12.55 3.68 -29.84
CA ILE F 37 11.52 2.65 -29.90
C ILE F 37 10.62 2.65 -28.67
N HIS F 38 9.33 2.41 -28.90
CA HIS F 38 8.37 2.34 -27.81
C HIS F 38 8.62 1.00 -27.12
N GLU F 39 8.85 1.04 -25.82
CA GLU F 39 9.13 -0.16 -25.05
C GLU F 39 7.92 -1.00 -24.63
N ASN F 40 7.80 -2.19 -25.22
CA ASN F 40 6.73 -3.10 -24.83
C ASN F 40 7.49 -4.18 -24.10
N ASP F 41 6.84 -5.29 -23.75
CA ASP F 41 7.55 -6.33 -23.02
C ASP F 41 8.69 -6.99 -23.80
N ASP F 42 8.54 -7.10 -25.12
CA ASP F 42 9.60 -7.70 -25.94
C ASP F 42 10.83 -6.79 -25.92
N VAL F 43 10.61 -5.49 -26.09
CA VAL F 43 11.69 -4.52 -26.09
C VAL F 43 12.42 -4.43 -24.77
N LYS F 44 11.69 -4.51 -23.65
CA LYS F 44 12.33 -4.44 -22.34
C LYS F 44 13.27 -5.62 -22.14
N GLU F 45 12.83 -6.80 -22.57
CA GLU F 45 13.66 -7.99 -22.43
C GLU F 45 14.89 -7.87 -23.32
N ALA F 46 14.71 -7.33 -24.53
CA ALA F 46 15.83 -7.17 -25.45
C ALA F 46 16.87 -6.23 -24.85
N ILE F 47 16.40 -5.13 -24.29
CA ILE F 47 17.29 -4.16 -23.66
C ILE F 47 18.04 -4.77 -22.48
N ARG F 48 17.37 -5.63 -21.73
CA ARG F 48 17.97 -6.32 -20.58
C ARG F 48 19.10 -7.25 -21.03
N ARG F 49 19.02 -7.73 -22.27
CA ARG F 49 20.03 -8.64 -22.82
C ARG F 49 21.24 -7.93 -23.46
N LEU F 50 21.17 -6.61 -23.55
CA LEU F 50 22.28 -5.86 -24.14
C LEU F 50 23.58 -5.97 -23.37
N PRO F 51 24.71 -6.04 -24.07
CA PRO F 51 25.97 -6.13 -23.34
C PRO F 51 26.14 -4.79 -22.61
N GLU F 52 26.91 -4.77 -21.53
CA GLU F 52 27.13 -3.56 -20.74
C GLU F 52 27.42 -2.26 -21.50
N ASN F 53 28.33 -2.31 -22.45
CA ASN F 53 28.68 -1.11 -23.20
C ASN F 53 27.54 -0.51 -24.02
N LEU F 54 26.74 -1.37 -24.67
CA LEU F 54 25.63 -0.89 -25.47
C LEU F 54 24.54 -0.38 -24.55
N TYR F 55 24.38 -1.02 -23.38
CA TYR F 55 23.36 -0.59 -22.46
C TYR F 55 23.72 0.77 -21.89
N ASP F 56 24.97 0.92 -21.45
CA ASP F 56 25.43 2.18 -20.90
C ASP F 56 25.42 3.33 -21.93
N ASP F 57 25.76 3.01 -23.18
CA ASP F 57 25.76 4.03 -24.25
C ASP F 57 24.34 4.51 -24.47
N ARG F 58 23.42 3.56 -24.47
CA ARG F 58 22.01 3.86 -24.69
C ARG F 58 21.51 4.77 -23.58
N VAL F 59 21.83 4.44 -22.34
CA VAL F 59 21.43 5.23 -21.20
C VAL F 59 21.94 6.67 -21.31
N PHE F 60 23.20 6.87 -21.69
CA PHE F 60 23.70 8.23 -21.80
C PHE F 60 23.07 9.02 -22.95
N ARG F 61 22.87 8.40 -24.12
CA ARG F 61 22.30 9.12 -25.25
C ARG F 61 20.89 9.57 -24.87
N ILE F 62 20.14 8.72 -24.17
CA ILE F 62 18.79 9.05 -23.76
C ILE F 62 18.80 10.16 -22.73
N LYS F 63 19.68 10.06 -21.75
CA LYS F 63 19.80 11.09 -20.72
C LYS F 63 20.19 12.43 -21.34
N ARG F 64 21.13 12.42 -22.29
CA ARG F 64 21.56 13.65 -22.95
C ARG F 64 20.38 14.25 -23.71
N ALA F 65 19.61 13.41 -24.39
CA ALA F 65 18.46 13.88 -25.16
C ALA F 65 17.38 14.48 -24.26
N LEU F 66 17.07 13.81 -23.14
CA LEU F 66 16.05 14.33 -22.25
C LEU F 66 16.46 15.68 -21.68
N ASP F 67 17.75 15.84 -21.43
CA ASP F 67 18.30 17.09 -20.90
C ASP F 67 18.15 18.20 -21.92
N LEU F 68 18.44 17.88 -23.18
CA LEU F 68 18.33 18.85 -24.27
C LEU F 68 16.87 19.26 -24.41
N SER F 69 16.00 18.26 -24.34
CA SER F 69 14.57 18.44 -24.46
C SER F 69 14.06 19.39 -23.37
N MET F 70 14.56 19.21 -22.15
CA MET F 70 14.15 20.04 -21.02
C MET F 70 14.55 21.49 -21.26
N ARG F 71 15.67 21.69 -21.94
CA ARG F 71 16.18 23.02 -22.23
C ARG F 71 15.70 23.54 -23.58
N GLN F 72 14.85 22.77 -24.24
CA GLN F 72 14.35 23.12 -25.57
C GLN F 72 15.51 23.51 -26.48
N GLN F 73 16.58 22.72 -26.42
CA GLN F 73 17.77 22.92 -27.22
C GLN F 73 18.09 21.67 -28.03
N ILE F 74 19.03 21.79 -28.96
CA ILE F 74 19.46 20.67 -29.78
C ILE F 74 20.98 20.75 -29.88
N LEU F 75 21.61 19.66 -30.26
CA LEU F 75 23.08 19.64 -30.38
C LEU F 75 23.56 20.42 -31.58
N PRO F 76 24.87 20.78 -31.59
CA PRO F 76 25.42 21.52 -32.72
C PRO F 76 25.26 20.57 -33.88
N LYS F 77 25.06 21.09 -35.09
CA LYS F 77 24.85 20.23 -36.24
C LYS F 77 25.90 19.14 -36.45
N GLU F 78 27.16 19.43 -36.15
CA GLU F 78 28.21 18.43 -36.34
C GLU F 78 28.10 17.21 -35.41
N GLN F 79 27.25 17.30 -34.40
CA GLN F 79 27.08 16.19 -33.46
C GLN F 79 25.80 15.40 -33.71
N TRP F 80 25.01 15.82 -34.70
CA TRP F 80 23.77 15.13 -35.02
C TRP F 80 24.08 13.73 -35.50
N THR F 81 23.24 12.77 -35.12
CA THR F 81 23.45 11.40 -35.54
C THR F 81 23.30 11.43 -37.04
N LYS F 82 24.14 10.70 -37.76
CA LYS F 82 24.07 10.68 -39.21
C LYS F 82 23.30 9.50 -39.76
N TYR F 83 22.41 9.81 -40.70
CA TYR F 83 21.57 8.81 -41.35
C TYR F 83 22.39 7.60 -41.75
N GLU F 84 23.50 7.88 -42.43
CA GLU F 84 24.39 6.82 -42.91
C GLU F 84 25.06 6.01 -41.81
N GLU F 85 25.24 6.59 -40.62
CA GLU F 85 25.91 5.88 -39.53
C GLU F 85 24.99 5.24 -38.50
N ASP F 86 23.69 5.49 -38.61
CA ASP F 86 22.73 4.92 -37.67
C ASP F 86 22.45 3.44 -38.00
N LYS F 87 22.85 2.54 -37.11
CA LYS F 87 22.61 1.12 -37.30
C LYS F 87 21.84 0.58 -36.10
N SER F 88 21.06 -0.47 -36.32
CA SER F 88 20.27 -1.06 -35.25
C SER F 88 21.11 -1.96 -34.35
N TYR F 89 21.30 -1.53 -33.11
CA TYR F 89 22.07 -2.30 -32.14
C TYR F 89 21.13 -3.23 -31.41
N LEU F 90 19.84 -2.92 -31.47
CA LEU F 90 18.80 -3.69 -30.80
C LEU F 90 18.24 -4.87 -31.61
N GLU F 91 18.19 -4.74 -32.93
CA GLU F 91 17.62 -5.80 -33.79
C GLU F 91 17.96 -7.26 -33.50
N PRO F 92 19.26 -7.62 -33.44
CA PRO F 92 19.48 -9.04 -33.16
C PRO F 92 18.89 -9.55 -31.85
N TYR F 93 18.90 -8.71 -30.81
CA TYR F 93 18.34 -9.13 -29.53
C TYR F 93 16.81 -9.16 -29.57
N LEU F 94 16.19 -8.12 -30.13
CA LEU F 94 14.74 -8.07 -30.21
C LEU F 94 14.16 -9.19 -31.07
N LYS F 95 14.80 -9.48 -32.20
CA LYS F 95 14.34 -10.53 -33.10
C LYS F 95 14.27 -11.87 -32.38
N GLU F 96 15.30 -12.18 -31.60
CA GLU F 96 15.34 -13.44 -30.87
C GLU F 96 14.30 -13.48 -29.76
N VAL F 97 14.06 -12.34 -29.12
CA VAL F 97 13.06 -12.31 -28.06
C VAL F 97 11.69 -12.60 -28.64
N ILE F 98 11.39 -12.03 -29.80
CA ILE F 98 10.10 -12.25 -30.45
C ILE F 98 9.97 -13.70 -30.94
N ARG F 99 11.06 -14.25 -31.43
CA ARG F 99 11.07 -15.62 -31.92
C ARG F 99 10.77 -16.59 -30.78
N GLU F 100 11.38 -16.35 -29.62
CA GLU F 100 11.17 -17.20 -28.46
C GLU F 100 9.70 -17.14 -28.03
N ARG F 101 9.13 -15.93 -27.97
CA ARG F 101 7.73 -15.78 -27.58
C ARG F 101 6.80 -16.50 -28.53
N LYS F 102 7.04 -16.35 -29.83
CA LYS F 102 6.20 -17.00 -30.82
C LYS F 102 6.24 -18.51 -30.63
N GLU F 103 7.41 -19.03 -30.27
CA GLU F 103 7.55 -20.47 -30.05
C GLU F 103 6.70 -20.91 -28.86
N ARG F 104 6.72 -20.12 -27.78
CA ARG F 104 5.93 -20.48 -26.62
C ARG F 104 4.45 -20.41 -26.97
N GLU F 105 4.07 -19.45 -27.80
CA GLU F 105 2.69 -19.31 -28.20
C GLU F 105 2.22 -20.51 -29.03
N GLU F 106 3.08 -21.04 -29.90
CA GLU F 106 2.69 -22.19 -30.71
C GLU F 106 2.50 -23.42 -29.83
N TRP F 107 3.33 -23.56 -28.81
CA TRP F 107 3.22 -24.70 -27.91
C TRP F 107 1.98 -24.57 -27.02
N ALA F 108 1.62 -23.34 -26.70
CA ALA F 108 0.44 -23.09 -25.88
C ALA F 108 -0.82 -23.44 -26.69
N LYS F 109 -0.70 -23.39 -28.02
CA LYS F 109 -1.80 -23.69 -28.93
C LYS F 109 -2.08 -25.18 -29.07
N LYS F 110 -1.06 -26.01 -28.82
CA LYS F 110 -1.25 -27.45 -28.95
C LYS F 110 -2.07 -28.00 -27.81
C GLY G 1 6.63 3.10 -6.43
N ARG G 2 6.65 3.89 -7.49
CA ARG G 2 7.90 4.32 -8.09
C ARG G 2 8.66 5.21 -7.09
N GLN G 3 9.91 4.85 -6.82
CA GLN G 3 10.71 5.57 -5.84
C GLN G 3 12.18 5.70 -6.21
N PHE G 4 12.77 6.85 -5.89
CA PHE G 4 14.18 7.08 -6.17
C PHE G 4 14.92 5.98 -5.43
N GLY G 5 15.84 5.31 -6.14
CA GLY G 5 16.59 4.25 -5.54
C GLY G 5 16.22 2.93 -6.17
N HIS G 6 15.04 2.89 -6.79
CA HIS G 6 14.53 1.68 -7.44
C HIS G 6 14.06 1.93 -8.86
N LEU G 7 14.45 3.05 -9.46
CA LEU G 7 14.03 3.35 -10.81
C LEU G 7 14.73 2.52 -11.89
N THR G 8 16.01 2.76 -12.13
CA THR G 8 16.72 1.99 -13.15
C THR G 8 18.22 1.96 -12.87
N ARG G 9 18.97 1.29 -13.73
CA ARG G 9 20.42 1.17 -13.58
C ARG G 9 21.17 2.18 -14.45
N VAL G 10 22.07 2.94 -13.82
CA VAL G 10 22.88 3.96 -14.52
C VAL G 10 24.33 3.90 -14.05
N ARG G 11 25.26 3.87 -15.00
CA ARG G 11 26.69 3.80 -14.64
C ARG G 11 27.52 4.78 -15.45
N HIS G 12 28.55 5.32 -14.80
CA HIS G 12 29.50 6.23 -15.42
C HIS G 12 29.02 7.61 -15.89
N VAL G 13 28.01 8.16 -15.23
CA VAL G 13 27.51 9.48 -15.61
C VAL G 13 27.78 10.50 -14.51
N ILE G 14 28.41 11.61 -14.87
CA ILE G 14 28.72 12.68 -13.92
C ILE G 14 27.86 13.90 -14.24
N THR G 15 27.27 14.47 -13.20
CA THR G 15 26.40 15.64 -13.34
C THR G 15 26.94 16.77 -12.46
N TYR G 16 27.11 17.96 -13.05
CA TYR G 16 27.60 19.11 -12.31
C TYR G 16 26.52 20.16 -12.23
N SER G 17 26.30 20.74 -11.04
CA SER G 17 25.27 21.75 -10.85
C SER G 17 25.69 22.88 -9.92
N LEU G 18 25.07 24.05 -10.09
CA LEU G 18 25.34 25.22 -9.27
C LEU G 18 24.12 25.56 -8.42
N SER G 19 24.37 26.12 -7.24
CA SER G 19 23.28 26.51 -6.35
C SER G 19 22.54 27.61 -7.09
N PRO G 20 21.24 27.71 -6.89
CA PRO G 20 20.52 28.77 -7.61
C PRO G 20 20.97 30.17 -7.20
N PHE G 21 21.54 30.28 -6.01
CA PHE G 21 22.01 31.56 -5.49
C PHE G 21 23.31 32.03 -6.12
N GLU G 22 24.01 31.10 -6.78
CA GLU G 22 25.29 31.41 -7.42
C GLU G 22 25.07 31.83 -8.86
N GLN G 23 23.86 31.64 -9.37
CA GLN G 23 23.60 31.99 -10.76
C GLN G 23 22.43 32.93 -11.06
N ARG G 24 22.34 33.31 -12.33
CA ARG G 24 21.29 34.19 -12.81
C ARG G 24 20.09 33.34 -13.16
N ALA G 25 18.89 33.87 -12.87
CA ALA G 25 17.67 33.14 -13.15
C ALA G 25 17.25 33.35 -14.61
N PHE G 26 17.73 34.44 -15.21
CA PHE G 26 17.41 34.76 -16.59
C PHE G 26 18.65 34.94 -17.46
N PRO G 27 19.61 34.01 -17.41
CA PRO G 27 20.80 34.19 -18.24
C PRO G 27 20.49 34.34 -19.73
N HIS G 28 20.96 35.43 -20.31
CA HIS G 28 20.76 35.70 -21.74
C HIS G 28 19.32 35.51 -22.19
N TYR G 29 18.38 35.92 -21.35
CA TYR G 29 16.96 35.79 -21.64
C TYR G 29 16.55 36.17 -23.07
N PHE G 30 17.08 37.27 -23.57
CA PHE G 30 16.75 37.74 -24.91
C PHE G 30 17.80 37.42 -25.97
N SER G 31 19.06 37.68 -25.66
CA SER G 31 20.14 37.42 -26.61
C SER G 31 20.17 35.96 -27.06
N LYS G 32 19.49 35.09 -26.32
CA LYS G 32 19.44 33.67 -26.67
C LYS G 32 18.00 33.19 -26.74
N GLY G 33 17.17 33.67 -25.82
CA GLY G 33 15.78 33.28 -25.80
C GLY G 33 15.07 33.49 -27.12
N ILE G 34 15.21 34.70 -27.69
CA ILE G 34 14.56 35.01 -28.96
C ILE G 34 15.06 34.10 -30.07
N PRO G 35 16.39 33.99 -30.24
CA PRO G 35 16.93 33.13 -31.30
C PRO G 35 16.44 31.69 -31.21
N ASN G 36 16.34 31.17 -30.00
CA ASN G 36 15.88 29.79 -29.84
C ASN G 36 14.39 29.71 -30.17
N VAL G 37 13.64 30.75 -29.80
CA VAL G 37 12.20 30.78 -30.08
C VAL G 37 12.00 30.79 -31.58
N LEU G 38 12.85 31.53 -32.29
CA LEU G 38 12.73 31.61 -33.73
C LEU G 38 13.04 30.24 -34.31
N ARG G 39 14.07 29.59 -33.78
CA ARG G 39 14.45 28.26 -34.25
C ARG G 39 13.30 27.30 -34.07
N ARG G 40 12.73 27.27 -32.87
CA ARG G 40 11.62 26.39 -32.57
C ARG G 40 10.38 26.71 -33.41
N THR G 41 10.19 27.99 -33.72
CA THR G 41 9.05 28.38 -34.53
C THR G 41 9.25 27.91 -35.96
N ARG G 42 10.37 28.29 -36.58
CA ARG G 42 10.62 27.86 -37.95
C ARG G 42 10.55 26.33 -38.04
N ALA G 43 11.02 25.68 -36.98
CA ALA G 43 11.06 24.23 -36.92
C ALA G 43 9.71 23.52 -36.93
N CYS G 44 8.64 24.19 -36.50
CA CYS G 44 7.33 23.55 -36.48
C CYS G 44 6.29 24.15 -37.42
N ILE G 45 6.41 25.44 -37.70
CA ILE G 45 5.43 26.11 -38.57
C ILE G 45 5.00 25.34 -39.83
N LEU G 46 5.92 24.57 -40.42
CA LEU G 46 5.58 23.81 -41.63
C LEU G 46 4.65 22.66 -41.31
N ARG G 47 4.65 22.22 -40.05
CA ARG G 47 3.78 21.12 -39.65
C ARG G 47 2.46 21.63 -39.06
N VAL G 48 2.56 22.74 -38.33
CA VAL G 48 1.40 23.33 -37.66
C VAL G 48 0.52 24.28 -38.45
N ALA G 49 1.13 25.28 -39.09
CA ALA G 49 0.40 26.30 -39.84
C ALA G 49 -0.48 25.93 -41.04
N PRO G 50 0.01 25.09 -41.96
CA PRO G 50 -0.81 24.73 -43.12
C PRO G 50 -2.28 24.38 -42.87
N PRO G 51 -2.56 23.45 -41.94
CA PRO G 51 -3.95 23.08 -41.67
C PRO G 51 -4.83 24.25 -41.28
N PHE G 52 -4.26 25.20 -40.54
CA PHE G 52 -5.01 26.37 -40.09
C PHE G 52 -5.20 27.38 -41.21
N VAL G 53 -4.26 27.38 -42.15
CA VAL G 53 -4.35 28.27 -43.28
C VAL G 53 -5.51 27.74 -44.10
N ALA G 54 -5.64 26.41 -44.11
CA ALA G 54 -6.72 25.76 -44.85
C ALA G 54 -8.04 26.14 -44.18
N PHE G 55 -8.08 26.05 -42.85
CA PHE G 55 -9.28 26.42 -42.11
C PHE G 55 -9.66 27.85 -42.48
N TYR G 56 -8.68 28.74 -42.41
CA TYR G 56 -8.88 30.14 -42.72
C TYR G 56 -9.50 30.33 -44.10
N LEU G 57 -8.97 29.59 -45.07
CA LEU G 57 -9.48 29.71 -46.43
C LEU G 57 -10.92 29.20 -46.53
N VAL G 58 -11.16 28.01 -46.01
CA VAL G 58 -12.49 27.42 -46.06
C VAL G 58 -13.49 28.34 -45.37
N TYR G 59 -13.06 28.95 -44.27
CA TYR G 59 -13.91 29.86 -43.51
C TYR G 59 -14.29 31.10 -44.31
N THR G 60 -13.29 31.79 -44.86
CA THR G 60 -13.55 32.99 -45.64
C THR G 60 -14.36 32.69 -46.89
N TRP G 61 -14.03 31.60 -47.57
CA TRP G 61 -14.75 31.22 -48.78
C TRP G 61 -16.19 30.86 -48.44
N GLY G 62 -16.35 30.03 -47.43
CA GLY G 62 -17.67 29.60 -47.01
C GLY G 62 -18.55 30.73 -46.52
N THR G 63 -17.98 31.64 -45.74
CA THR G 63 -18.73 32.76 -45.21
C THR G 63 -19.17 33.66 -46.36
N GLN G 64 -18.23 34.03 -47.24
CA GLN G 64 -18.56 34.89 -48.37
C GLN G 64 -19.56 34.22 -49.30
N GLU G 65 -19.44 32.91 -49.48
CA GLU G 65 -20.34 32.14 -50.33
C GLU G 65 -21.76 32.20 -49.75
N PHE G 66 -21.87 32.10 -48.44
CA PHE G 66 -23.16 32.14 -47.74
C PHE G 66 -23.83 33.49 -47.98
N GLU G 67 -23.04 34.56 -47.86
CA GLU G 67 -23.52 35.92 -48.04
C GLU G 67 -24.07 36.11 -49.45
N LYS G 68 -23.21 35.87 -50.42
CA LYS G 68 -23.56 36.02 -51.82
C LYS G 68 -24.85 35.23 -52.14
N SER G 69 -24.96 34.02 -51.62
CA SER G 69 -26.14 33.17 -51.87
C SER G 69 -27.47 33.75 -51.41
N LYS G 70 -27.45 34.64 -50.43
CA LYS G 70 -28.69 35.21 -49.94
C LYS G 70 -29.09 36.52 -50.63
N ARG G 71 -28.18 37.06 -51.46
CA ARG G 71 -28.45 38.30 -52.18
C ARG G 71 -29.22 38.08 -53.48
N LYS G 72 -29.66 39.19 -54.08
CA LYS G 72 -30.38 39.16 -55.35
C LYS G 72 -29.44 38.89 -56.52
N ASN G 73 -28.33 39.63 -56.58
CA ASN G 73 -27.35 39.48 -57.65
C ASN G 73 -25.97 39.18 -57.09
N PRO G 74 -25.65 37.88 -56.90
CA PRO G 74 -24.33 37.51 -56.37
C PRO G 74 -23.19 38.17 -57.14
N ALA G 75 -22.13 38.54 -56.41
N LEU H 13 -37.75 71.85 -31.66
CA LEU H 13 -36.71 70.89 -31.16
C LEU H 13 -36.13 70.04 -32.28
N VAL H 14 -34.80 70.01 -32.39
CA VAL H 14 -34.15 69.24 -33.44
C VAL H 14 -33.26 68.12 -32.89
N ASP H 15 -33.58 66.89 -33.27
CA ASP H 15 -32.84 65.70 -32.84
C ASP H 15 -31.51 65.65 -33.59
N PRO H 16 -30.39 65.58 -32.86
CA PRO H 16 -29.07 65.53 -33.52
C PRO H 16 -29.05 64.40 -34.55
N LEU H 17 -29.84 63.38 -34.27
CA LEU H 17 -29.94 62.21 -35.14
C LEU H 17 -30.32 62.59 -36.57
N THR H 18 -31.22 63.55 -36.72
CA THR H 18 -31.64 63.98 -38.05
C THR H 18 -30.46 64.62 -38.76
N THR H 19 -29.78 65.53 -38.07
CA THR H 19 -28.63 66.25 -38.60
C THR H 19 -27.53 65.29 -39.00
N VAL H 20 -27.16 64.40 -38.09
CA VAL H 20 -26.10 63.44 -38.34
C VAL H 20 -26.43 62.49 -39.50
N ARG H 21 -27.67 62.03 -39.57
CA ARG H 21 -28.06 61.13 -40.63
C ARG H 21 -27.90 61.84 -41.97
N GLU H 22 -28.32 63.10 -42.03
CA GLU H 22 -28.21 63.87 -43.26
C GLU H 22 -26.75 64.03 -43.71
N GLN H 23 -25.85 64.30 -42.77
CA GLN H 23 -24.44 64.46 -43.12
C GLN H 23 -23.87 63.11 -43.56
N CYS H 24 -24.23 62.06 -42.82
CA CYS H 24 -23.74 60.72 -43.13
C CYS H 24 -24.17 60.16 -44.48
N GLU H 25 -25.41 60.41 -44.91
CA GLU H 25 -25.82 59.88 -46.20
C GLU H 25 -25.25 60.65 -47.39
N GLN H 26 -24.33 61.55 -47.11
CA GLN H 26 -23.67 62.31 -48.17
C GLN H 26 -22.47 61.49 -48.64
N LEU H 27 -22.00 60.61 -47.76
CA LEU H 27 -20.86 59.77 -48.08
C LEU H 27 -21.12 58.93 -49.32
N GLU H 28 -20.08 58.77 -50.14
CA GLU H 28 -20.16 58.02 -51.38
C GLU H 28 -20.86 56.67 -51.24
N LYS H 29 -20.48 55.91 -50.22
CA LYS H 29 -21.05 54.58 -49.98
C LYS H 29 -22.57 54.66 -49.83
N CYS H 30 -23.06 55.67 -49.11
CA CYS H 30 -24.49 55.84 -48.90
C CYS H 30 -25.21 56.28 -50.17
N VAL H 31 -24.61 57.20 -50.92
CA VAL H 31 -25.24 57.68 -52.15
C VAL H 31 -25.36 56.51 -53.13
N LYS H 32 -24.32 55.69 -53.21
CA LYS H 32 -24.32 54.54 -54.09
C LYS H 32 -25.49 53.63 -53.72
N ALA H 33 -25.55 53.27 -52.45
CA ALA H 33 -26.60 52.41 -51.95
C ALA H 33 -27.97 53.05 -52.16
N ARG H 34 -28.05 54.36 -51.95
CA ARG H 34 -29.32 55.04 -52.14
C ARG H 34 -29.74 54.92 -53.60
N GLU H 35 -28.76 55.02 -54.50
CA GLU H 35 -29.05 54.92 -55.92
C GLU H 35 -29.53 53.52 -56.28
N ARG H 36 -28.98 52.50 -55.63
CA ARG H 36 -29.39 51.12 -55.89
C ARG H 36 -30.81 50.93 -55.34
N LEU H 37 -31.08 51.56 -54.20
CA LEU H 37 -32.40 51.47 -53.58
C LEU H 37 -33.45 52.12 -54.46
N GLU H 38 -33.20 53.36 -54.86
CA GLU H 38 -34.13 54.09 -55.72
C GLU H 38 -34.36 53.32 -57.01
N LEU H 39 -33.32 52.66 -57.50
CA LEU H 39 -33.42 51.89 -58.72
C LEU H 39 -34.37 50.72 -58.47
N CYS H 40 -34.21 50.06 -57.32
CA CYS H 40 -35.09 48.95 -56.98
C CYS H 40 -36.52 49.47 -56.88
N ASP H 41 -36.67 50.63 -56.26
CA ASP H 41 -37.99 51.24 -56.11
C ASP H 41 -38.69 51.34 -57.46
N GLU H 42 -38.04 51.96 -58.43
CA GLU H 42 -38.66 52.12 -59.74
C GLU H 42 -39.04 50.75 -60.31
N ARG H 43 -38.09 49.81 -60.30
CA ARG H 43 -38.35 48.46 -60.83
C ARG H 43 -39.55 47.77 -60.19
N VAL H 44 -39.55 47.66 -58.87
CA VAL H 44 -40.65 46.98 -58.17
C VAL H 44 -42.00 47.69 -58.27
N SER H 45 -42.04 49.00 -58.06
CA SER H 45 -43.29 49.74 -58.14
C SER H 45 -43.94 49.68 -59.51
N SER H 46 -43.13 49.61 -60.56
CA SER H 46 -43.68 49.56 -61.92
C SER H 46 -44.31 48.22 -62.21
N ARG H 47 -44.45 47.37 -61.21
CA ARG H 47 -45.02 46.04 -61.43
C ARG H 47 -46.27 45.74 -60.62
N SER H 48 -47.27 45.18 -61.30
CA SER H 48 -48.53 44.81 -60.68
C SER H 48 -48.36 43.53 -59.87
N GLN H 49 -47.69 42.55 -60.47
CA GLN H 49 -47.47 41.26 -59.82
C GLN H 49 -45.98 40.95 -59.76
N THR H 50 -45.48 40.71 -58.55
CA THR H 50 -44.06 40.38 -58.35
C THR H 50 -43.87 39.99 -56.89
N GLU H 51 -42.85 39.19 -56.63
CA GLU H 51 -42.58 38.78 -55.27
C GLU H 51 -41.33 39.47 -54.73
N GLU H 52 -40.75 40.37 -55.53
CA GLU H 52 -39.56 41.10 -55.11
C GLU H 52 -39.94 42.33 -54.30
N ASP H 53 -39.03 42.74 -53.42
CA ASP H 53 -39.23 43.95 -52.63
C ASP H 53 -37.84 44.50 -52.45
N CYS H 54 -37.73 45.73 -51.95
CA CYS H 54 -36.41 46.33 -51.81
C CYS H 54 -35.80 46.29 -50.43
N THR H 55 -36.04 45.21 -49.69
CA THR H 55 -35.49 45.08 -48.35
C THR H 55 -33.97 45.03 -48.42
N GLU H 56 -33.41 44.21 -49.30
CA GLU H 56 -31.96 44.10 -49.44
C GLU H 56 -31.29 45.46 -49.67
N GLU H 57 -31.77 46.18 -50.67
CA GLU H 57 -31.21 47.48 -51.00
C GLU H 57 -31.26 48.43 -49.81
N LEU H 58 -32.41 48.47 -49.12
CA LEU H 58 -32.56 49.36 -47.98
C LEU H 58 -31.59 49.01 -46.86
N LEU H 59 -31.43 47.72 -46.59
CA LEU H 59 -30.52 47.31 -45.52
C LEU H 59 -29.07 47.67 -45.84
N ASP H 60 -28.69 47.60 -47.11
CA ASP H 60 -27.33 47.95 -47.52
C ASP H 60 -27.11 49.42 -47.22
N PHE H 61 -28.13 50.22 -47.51
CA PHE H 61 -28.07 51.66 -47.27
C PHE H 61 -28.00 52.00 -45.79
N LEU H 62 -28.84 51.36 -45.00
CA LEU H 62 -28.87 51.61 -43.58
C LEU H 62 -27.58 51.15 -42.89
N HIS H 63 -26.98 50.07 -43.40
CA HIS H 63 -25.74 49.57 -42.82
C HIS H 63 -24.62 50.58 -43.03
N ALA H 64 -24.53 51.13 -44.24
CA ALA H 64 -23.49 52.09 -44.54
C ALA H 64 -23.74 53.37 -43.76
N ARG H 65 -24.99 53.84 -43.75
CA ARG H 65 -25.33 55.07 -43.04
C ARG H 65 -25.20 55.00 -41.53
N ASP H 66 -25.74 53.95 -40.93
CA ASP H 66 -25.70 53.81 -39.48
C ASP H 66 -24.30 53.59 -38.90
N HIS H 67 -23.40 53.04 -39.70
CA HIS H 67 -22.03 52.81 -39.25
C HIS H 67 -21.45 54.21 -39.02
N CYS H 68 -21.76 55.12 -39.94
CA CYS H 68 -21.29 56.50 -39.88
C CYS H 68 -21.96 57.24 -38.73
N VAL H 69 -23.28 57.11 -38.64
CA VAL H 69 -24.03 57.76 -37.58
C VAL H 69 -23.46 57.40 -36.21
N ALA H 70 -23.22 56.12 -36.02
CA ALA H 70 -22.69 55.60 -34.76
C ALA H 70 -21.34 56.18 -34.38
N HIS H 71 -20.60 56.67 -35.36
CA HIS H 71 -19.28 57.23 -35.05
C HIS H 71 -19.30 58.66 -34.54
N LYS H 72 -20.40 59.39 -34.74
CA LYS H 72 -20.44 60.76 -34.26
C LYS H 72 -21.68 61.21 -33.47
N LEU H 73 -22.79 60.49 -33.60
CA LEU H 73 -24.02 60.85 -32.91
C LEU H 73 -23.90 61.18 -31.41
N PHE H 74 -23.23 60.31 -30.65
CA PHE H 74 -23.11 60.55 -29.21
C PHE H 74 -22.43 61.86 -28.80
N ASN H 75 -21.70 62.51 -29.71
CA ASN H 75 -21.03 63.77 -29.39
C ASN H 75 -22.08 64.87 -29.22
N SER H 76 -23.32 64.56 -29.60
CA SER H 76 -24.40 65.54 -29.50
C SER H 76 -25.41 65.21 -28.42
N LEU H 77 -25.20 64.10 -27.72
CA LEU H 77 -26.11 63.70 -26.66
C LEU H 77 -25.49 63.94 -25.30
N LYS H 78 -26.34 64.11 -24.29
CA LYS H 78 -25.84 64.34 -22.94
C LYS H 78 -25.57 62.99 -22.30
N ALA I 32 36.47 6.56 21.51
CA ALA I 32 35.72 7.76 21.96
C ALA I 32 35.81 8.92 20.98
N ALA I 33 36.47 9.99 21.42
CA ALA I 33 36.62 11.20 20.64
C ALA I 33 37.28 11.09 19.26
N VAL I 34 38.42 10.41 19.19
CA VAL I 34 39.16 10.24 17.94
C VAL I 34 38.64 9.07 17.10
N PRO I 35 38.19 9.35 15.88
CA PRO I 35 37.68 8.30 15.00
C PRO I 35 38.86 7.45 14.54
N ALA I 36 38.62 6.20 14.18
CA ALA I 36 39.73 5.35 13.74
C ALA I 36 40.27 5.89 12.43
N THR I 37 41.48 5.44 12.08
CA THR I 37 42.13 5.86 10.86
C THR I 37 41.32 5.42 9.64
N SER I 38 40.73 4.23 9.74
CA SER I 38 39.92 3.67 8.67
C SER I 38 38.57 3.24 9.21
N GLU I 39 37.50 3.80 8.66
CA GLU I 39 36.16 3.45 9.11
C GLU I 39 35.67 2.24 8.35
N SER I 40 35.05 1.32 9.08
CA SER I 40 34.56 0.08 8.49
C SER I 40 33.15 0.16 7.93
N PRO I 41 32.94 -0.47 6.76
CA PRO I 41 31.70 -0.59 5.99
C PRO I 41 31.64 -2.04 5.54
N VAL I 42 30.47 -2.60 5.34
CA VAL I 42 30.45 -4.00 4.93
C VAL I 42 29.87 -4.32 3.55
N LEU I 43 28.57 -4.48 3.41
CA LEU I 43 28.06 -4.82 2.09
C LEU I 43 26.59 -4.51 1.84
CA SER I 48 43.38 -1.49 -4.27
C SER I 48 44.87 -1.21 -4.54
N VAL I 49 45.67 -2.28 -4.61
CA VAL I 49 47.11 -2.15 -4.85
C VAL I 49 47.56 -2.48 -6.28
N LEU I 50 48.40 -1.61 -6.84
CA LEU I 50 48.90 -1.77 -8.21
C LEU I 50 50.39 -1.43 -8.42
N CYS I 51 51.19 -1.52 -7.36
CA CYS I 51 52.63 -1.24 -7.46
C CYS I 51 53.38 -1.62 -6.19
N ARG I 52 54.66 -1.97 -6.32
CA ARG I 52 55.48 -2.35 -5.18
C ARG I 52 55.38 -1.36 -4.03
N GLU I 53 55.53 -0.07 -4.35
CA GLU I 53 55.46 0.99 -3.36
C GLU I 53 54.24 0.91 -2.45
N SER I 54 53.05 0.73 -3.03
CA SER I 54 51.82 0.65 -2.26
C SER I 54 51.61 -0.73 -1.66
N LEU I 55 52.42 -1.70 -2.07
CA LEU I 55 52.32 -3.07 -1.57
C LEU I 55 53.26 -3.17 -0.37
N ARG I 56 54.32 -2.37 -0.40
CA ARG I 56 55.31 -2.36 0.66
C ARG I 56 54.73 -2.05 2.04
N GLY I 57 54.87 -3.00 2.95
CA GLY I 57 54.36 -2.83 4.30
C GLY I 57 53.16 -3.70 4.58
N GLN I 58 52.54 -4.21 3.51
CA GLN I 58 51.35 -5.04 3.65
C GLN I 58 51.62 -6.46 4.16
N ALA I 59 52.83 -6.97 3.94
CA ALA I 59 53.17 -8.30 4.41
C ALA I 59 53.11 -8.28 5.94
N ALA I 60 52.53 -9.31 6.52
CA ALA I 60 52.41 -9.40 7.98
C ALA I 60 53.76 -9.72 8.63
N GLY I 61 53.99 -9.16 9.82
CA GLY I 61 55.24 -9.41 10.50
C GLY I 61 55.09 -9.85 11.94
N ARG I 62 53.89 -9.74 12.48
CA ARG I 62 53.65 -10.12 13.87
C ARG I 62 52.28 -10.77 14.08
N PRO I 63 52.04 -11.37 15.26
CA PRO I 63 50.75 -12.02 15.53
C PRO I 63 49.67 -10.96 15.46
N LEU I 64 48.42 -11.34 15.23
CA LEU I 64 47.43 -10.29 15.19
C LEU I 64 46.71 -10.04 16.48
N VAL I 65 46.17 -8.84 16.53
CA VAL I 65 45.44 -8.33 17.67
C VAL I 65 44.11 -7.86 17.12
N ALA I 66 43.03 -8.07 17.87
CA ALA I 66 41.71 -7.65 17.42
C ALA I 66 41.20 -6.71 18.47
N SER I 67 40.69 -5.57 18.05
CA SER I 67 40.18 -4.60 18.99
C SER I 67 38.76 -4.18 18.65
N VAL I 68 37.98 -3.94 19.69
CA VAL I 68 36.59 -3.53 19.55
C VAL I 68 36.43 -2.34 20.49
N SER I 69 35.59 -1.38 20.13
CA SER I 69 35.42 -0.22 20.97
C SER I 69 33.97 0.21 21.15
N LEU I 70 33.76 1.12 22.09
CA LEU I 70 32.44 1.64 22.38
C LEU I 70 32.22 2.77 21.41
N ASN I 71 33.25 3.61 21.28
CA ASN I 71 33.24 4.81 20.44
C ASN I 71 34.10 4.82 19.17
N VAL I 72 34.97 3.83 18.99
CA VAL I 72 35.86 3.83 17.85
C VAL I 72 35.77 2.60 16.95
N PRO I 73 36.07 2.76 15.65
CA PRO I 73 36.00 1.59 14.76
C PRO I 73 36.89 0.46 15.25
N ALA I 74 36.47 -0.76 14.97
CA ALA I 74 37.24 -1.92 15.38
C ALA I 74 38.49 -1.92 14.52
N SER I 75 39.48 -2.71 14.91
CA SER I 75 40.71 -2.80 14.13
C SER I 75 41.29 -4.18 14.27
N VAL I 76 42.22 -4.50 13.39
CA VAL I 76 42.90 -5.78 13.40
C VAL I 76 44.33 -5.40 13.05
N ARG I 77 45.28 -5.80 13.89
CA ARG I 77 46.68 -5.49 13.63
C ARG I 77 47.39 -6.70 13.02
N TYR I 78 48.39 -6.42 12.21
CA TYR I 78 49.18 -7.45 11.53
C TYR I 78 48.28 -8.53 10.95
N PHE J 30 1.49 48.13 4.65
CA PHE J 30 0.78 49.06 3.73
C PHE J 30 0.41 48.39 2.41
N PHE J 31 -0.58 47.51 2.48
CA PHE J 31 -1.03 46.81 1.29
C PHE J 31 -2.55 46.97 1.10
N GLU J 32 -3.34 46.12 1.75
CA GLU J 32 -4.78 46.19 1.60
C GLU J 32 -5.38 47.59 1.69
N ARG J 33 -4.90 48.39 2.62
CA ARG J 33 -5.41 49.75 2.75
C ARG J 33 -4.98 50.58 1.55
N ALA J 34 -3.67 50.75 1.40
CA ALA J 34 -3.09 51.53 0.31
C ALA J 34 -3.54 51.03 -1.04
N PHE J 35 -3.43 49.71 -1.26
CA PHE J 35 -3.83 49.11 -2.52
C PHE J 35 -5.29 49.43 -2.84
N ASP J 36 -6.18 49.15 -1.89
CA ASP J 36 -7.60 49.42 -2.10
C ASP J 36 -7.93 50.90 -2.33
N GLN J 37 -7.34 51.80 -1.55
CA GLN J 37 -7.59 53.22 -1.73
C GLN J 37 -7.04 53.73 -3.05
N GLY J 38 -5.83 53.32 -3.40
CA GLY J 38 -5.22 53.74 -4.63
C GLY J 38 -5.99 53.27 -5.85
N ALA J 39 -6.43 52.01 -5.82
CA ALA J 39 -7.19 51.46 -6.93
C ALA J 39 -8.55 52.16 -7.05
N ASP J 40 -9.19 52.39 -5.91
CA ASP J 40 -10.49 53.05 -5.92
C ASP J 40 -10.32 54.47 -6.48
N ALA J 41 -9.20 55.10 -6.12
CA ALA J 41 -8.91 56.45 -6.57
C ALA J 41 -8.77 56.47 -8.10
N ILE J 42 -8.02 55.51 -8.62
CA ILE J 42 -7.80 55.41 -10.06
C ILE J 42 -9.13 55.16 -10.76
N TYR J 43 -9.92 54.26 -10.21
CA TYR J 43 -11.22 53.92 -10.79
C TYR J 43 -12.11 55.15 -10.84
N GLU J 44 -12.20 55.85 -9.72
CA GLU J 44 -13.04 57.03 -9.65
C GLU J 44 -12.55 58.15 -10.57
N HIS J 45 -11.23 58.25 -10.74
CA HIS J 45 -10.66 59.27 -11.62
C HIS J 45 -11.03 58.97 -13.07
N ILE J 46 -10.90 57.70 -13.47
CA ILE J 46 -11.24 57.27 -14.82
C ILE J 46 -12.70 57.53 -15.13
N ASN J 47 -13.51 57.45 -14.07
CA ASN J 47 -14.96 57.65 -14.20
C ASN J 47 -15.50 58.89 -13.52
N GLU J 48 -14.68 59.93 -13.45
CA GLU J 48 -15.03 61.19 -12.84
C GLU J 48 -16.38 61.75 -13.31
N GLY J 49 -17.24 62.07 -12.35
CA GLY J 49 -18.54 62.63 -12.66
C GLY J 49 -19.63 61.67 -13.08
N LYS J 50 -19.30 60.39 -13.22
CA LYS J 50 -20.29 59.39 -13.64
C LYS J 50 -20.89 58.59 -12.49
N LEU J 51 -20.12 58.41 -11.43
CA LEU J 51 -20.56 57.62 -10.28
C LEU J 51 -21.55 58.34 -9.36
N TRP J 52 -22.39 57.55 -8.68
CA TRP J 52 -23.37 58.09 -7.76
C TRP J 52 -22.72 58.99 -6.72
N LYS J 53 -21.56 58.59 -6.20
CA LYS J 53 -20.89 59.40 -5.20
C LYS J 53 -20.48 60.77 -5.74
N HIS J 54 -20.42 60.89 -7.07
CA HIS J 54 -20.02 62.14 -7.72
C HIS J 54 -21.19 63.10 -7.96
N ILE J 55 -22.40 62.57 -8.13
CA ILE J 55 -23.57 63.40 -8.40
C ILE J 55 -24.56 63.48 -7.23
N LYS J 56 -24.31 62.61 -6.26
CA LYS J 56 -25.11 62.48 -5.04
C LYS J 56 -25.50 63.81 -4.40
N HIS J 57 -24.53 64.72 -4.28
CA HIS J 57 -24.77 66.02 -3.67
C HIS J 57 -25.94 66.80 -4.28
N LYS J 58 -26.18 66.61 -5.57
CA LYS J 58 -27.28 67.32 -6.25
C LYS J 58 -28.65 66.91 -5.76
N TYR J 59 -28.74 65.73 -5.14
CA TYR J 59 -30.03 65.24 -4.70
C TYR J 59 -30.20 65.14 -3.20
N GLU J 60 -29.08 65.19 -2.48
CA GLU J 60 -29.12 65.14 -1.03
C GLU J 60 -29.22 66.60 -0.59
N ASN J 61 -29.23 66.82 0.72
C ASN J 61 -29.43 67.23 3.91
N LYS J 62 -28.69 66.72 4.88
CA LYS J 62 -29.13 66.77 6.26
C LYS J 62 -28.13 67.52 7.14
N ALA K 2 11.78 -53.06 -33.65
CA ALA K 2 10.69 -53.36 -32.66
C ALA K 2 10.05 -52.09 -32.13
N THR K 3 8.73 -52.01 -32.24
CA THR K 3 8.00 -50.86 -31.73
C THR K 3 7.77 -51.11 -30.25
N TYR K 4 7.31 -50.09 -29.55
CA TYR K 4 7.03 -50.18 -28.13
C TYR K 4 5.94 -51.23 -27.91
N ALA K 5 5.07 -51.40 -28.89
CA ALA K 5 3.99 -52.38 -28.81
C ALA K 5 4.54 -53.81 -28.79
N GLN K 6 5.49 -54.08 -29.68
CA GLN K 6 6.09 -55.41 -29.76
C GLN K 6 6.90 -55.69 -28.50
N ALA K 7 7.42 -54.63 -27.90
CA ALA K 7 8.22 -54.77 -26.67
C ALA K 7 7.38 -55.24 -25.50
N LEU K 8 6.15 -54.73 -25.40
CA LEU K 8 5.25 -55.12 -24.30
C LEU K 8 4.82 -56.58 -24.43
N GLN K 9 4.69 -57.03 -25.67
CA GLN K 9 4.26 -58.40 -25.96
C GLN K 9 5.40 -59.42 -25.79
N SER K 10 6.64 -58.94 -25.63
CA SER K 10 7.78 -59.84 -25.49
C SER K 10 8.22 -60.11 -24.06
N VAL K 11 7.54 -59.50 -23.08
CA VAL K 11 7.90 -59.70 -21.68
C VAL K 11 7.41 -61.05 -21.18
N PRO K 12 8.31 -61.88 -20.62
CA PRO K 12 7.96 -63.20 -20.10
C PRO K 12 6.75 -63.13 -19.14
N GLU K 13 5.78 -64.03 -19.30
CA GLU K 13 4.61 -64.00 -18.41
C GLU K 13 5.02 -64.47 -17.01
N THR K 14 4.33 -63.94 -16.01
CA THR K 14 4.61 -64.30 -14.63
C THR K 14 3.88 -65.60 -14.32
N GLN K 15 4.66 -66.62 -13.97
CA GLN K 15 4.12 -67.94 -13.66
C GLN K 15 3.65 -68.02 -12.21
N VAL K 16 2.43 -68.49 -12.00
CA VAL K 16 1.89 -68.60 -10.66
C VAL K 16 1.40 -70.01 -10.31
N SER K 17 1.81 -70.48 -9.14
CA SER K 17 1.43 -71.79 -8.65
C SER K 17 0.96 -71.62 -7.22
N GLN K 18 0.44 -72.70 -6.62
CA GLN K 18 -0.04 -72.62 -5.25
C GLN K 18 0.12 -73.95 -4.52
N LEU K 19 0.62 -73.88 -3.28
CA LEU K 19 0.82 -75.07 -2.48
C LEU K 19 -0.47 -75.47 -1.79
N ASP K 20 -0.48 -76.68 -1.22
CA ASP K 20 -1.65 -77.20 -0.51
C ASP K 20 -2.06 -76.32 0.67
N ASN K 21 -1.08 -75.74 1.37
CA ASN K 21 -1.41 -74.91 2.51
C ASN K 21 -1.89 -73.51 2.13
N GLY K 22 -1.98 -73.25 0.83
CA GLY K 22 -2.47 -71.96 0.38
C GLY K 22 -1.44 -70.97 -0.11
N LEU K 23 -0.17 -71.21 0.22
CA LEU K 23 0.91 -70.33 -0.19
C LEU K 23 1.00 -70.18 -1.70
N ARG K 24 1.03 -68.94 -2.18
CA ARG K 24 1.16 -68.71 -3.61
C ARG K 24 2.62 -68.52 -3.94
N VAL K 25 3.03 -69.09 -5.07
CA VAL K 25 4.40 -69.02 -5.54
C VAL K 25 4.37 -68.41 -6.93
N ALA K 26 5.03 -67.26 -7.10
CA ALA K 26 5.03 -66.59 -8.40
C ALA K 26 6.43 -66.12 -8.80
N SER K 27 6.71 -66.19 -10.10
CA SER K 27 8.02 -65.79 -10.58
C SER K 27 8.03 -65.31 -12.03
N GLU K 28 9.04 -64.51 -12.35
CA GLU K 28 9.24 -64.03 -13.71
C GLU K 28 10.69 -64.35 -13.99
N GLN K 29 10.90 -65.20 -14.99
CA GLN K 29 12.24 -65.63 -15.36
C GLN K 29 12.89 -64.73 -16.41
N SER K 30 14.17 -64.45 -16.19
CA SER K 30 14.98 -63.64 -17.09
C SER K 30 16.29 -64.41 -17.17
N SER K 31 17.31 -63.82 -17.75
CA SER K 31 18.59 -64.53 -17.85
C SER K 31 19.65 -63.89 -16.97
N GLN K 32 19.20 -63.06 -16.03
CA GLN K 32 20.10 -62.37 -15.11
C GLN K 32 20.81 -63.38 -14.21
N PRO K 33 22.13 -63.21 -13.99
CA PRO K 33 22.88 -64.13 -13.13
C PRO K 33 22.62 -63.87 -11.65
N THR K 34 21.74 -62.92 -11.38
CA THR K 34 21.35 -62.57 -10.02
C THR K 34 19.84 -62.62 -9.96
N CYS K 35 19.31 -62.54 -8.75
CA CYS K 35 17.87 -62.59 -8.57
C CYS K 35 17.48 -61.98 -7.25
N THR K 36 16.17 -61.87 -7.06
CA THR K 36 15.60 -61.34 -5.84
C THR K 36 14.43 -62.28 -5.59
N VAL K 37 14.33 -62.78 -4.37
CA VAL K 37 13.28 -63.68 -3.99
C VAL K 37 12.81 -63.22 -2.62
N GLY K 38 11.51 -63.29 -2.39
CA GLY K 38 11.02 -62.83 -1.11
C GLY K 38 9.60 -63.26 -0.77
N VAL K 39 9.20 -62.94 0.45
CA VAL K 39 7.87 -63.27 0.95
C VAL K 39 7.11 -62.00 1.24
N TRP K 40 5.97 -61.84 0.57
CA TRP K 40 5.11 -60.70 0.78
C TRP K 40 3.92 -61.21 1.59
N ILE K 41 3.54 -60.45 2.61
CA ILE K 41 2.47 -60.87 3.50
C ILE K 41 1.34 -59.87 3.71
N ASP K 42 0.10 -60.37 3.75
CA ASP K 42 -1.03 -59.47 3.99
C ASP K 42 -1.08 -59.23 5.49
N ALA K 43 -0.13 -58.45 5.98
CA ALA K 43 -0.03 -58.10 7.39
C ALA K 43 0.50 -56.67 7.45
N GLY K 44 -0.05 -55.90 8.38
CA GLY K 44 0.38 -54.51 8.52
C GLY K 44 -0.41 -53.88 9.64
N SER K 45 -0.11 -52.62 9.96
CA SER K 45 -0.82 -51.94 11.03
C SER K 45 -2.33 -51.81 10.86
N ARG K 46 -2.84 -52.00 9.65
CA ARG K 46 -4.28 -51.89 9.43
C ARG K 46 -4.94 -53.09 10.11
N TYR K 47 -4.13 -54.13 10.33
CA TYR K 47 -4.59 -55.36 10.97
C TYR K 47 -4.40 -55.31 12.49
N GLU K 48 -3.71 -54.27 12.96
CA GLU K 48 -3.45 -54.13 14.39
C GLU K 48 -4.55 -53.34 15.11
N SER K 49 -4.67 -53.60 16.41
CA SER K 49 -5.66 -52.92 17.23
C SER K 49 -4.85 -51.92 18.06
N GLU K 50 -5.55 -51.05 18.79
CA GLU K 50 -4.88 -50.08 19.61
C GLU K 50 -3.87 -50.72 20.56
N LYS K 51 -4.20 -51.89 21.07
CA LYS K 51 -3.32 -52.57 22.02
C LYS K 51 -2.02 -53.17 21.49
N ASN K 52 -2.02 -53.64 20.24
CA ASN K 52 -0.80 -54.22 19.69
C ASN K 52 -0.25 -53.46 18.48
N ASN K 53 -0.70 -52.22 18.31
CA ASN K 53 -0.24 -51.39 17.20
C ASN K 53 1.28 -51.24 17.36
N GLY K 54 2.03 -51.64 16.33
CA GLY K 54 3.47 -51.55 16.40
C GLY K 54 4.08 -52.93 16.47
N ALA K 55 3.24 -53.94 16.66
CA ALA K 55 3.69 -55.32 16.77
C ALA K 55 4.42 -55.76 15.50
N GLY K 56 3.81 -55.51 14.35
CA GLY K 56 4.42 -55.89 13.09
C GLY K 56 5.79 -55.27 12.87
N TYR K 57 5.93 -54.00 13.23
CA TYR K 57 7.19 -53.29 13.08
C TYR K 57 8.23 -53.87 14.04
N PHE K 58 7.77 -54.26 15.22
CA PHE K 58 8.66 -54.82 16.23
C PHE K 58 9.21 -56.14 15.68
N VAL K 59 8.33 -56.93 15.08
CA VAL K 59 8.71 -58.21 14.51
C VAL K 59 9.76 -57.99 13.41
N GLU K 60 9.59 -56.96 12.60
CA GLU K 60 10.55 -56.67 11.52
C GLU K 60 11.93 -56.51 12.13
N HIS K 61 11.98 -55.93 13.33
CA HIS K 61 13.23 -55.69 14.03
C HIS K 61 13.87 -56.97 14.53
N LEU K 62 13.05 -58.00 14.73
CA LEU K 62 13.54 -59.27 15.24
C LEU K 62 13.77 -60.33 14.16
N ALA K 63 13.04 -60.21 13.05
CA ALA K 63 13.14 -61.15 11.92
C ALA K 63 14.53 -61.67 11.54
N PHE K 64 15.53 -60.79 11.54
CA PHE K 64 16.87 -61.21 11.14
C PHE K 64 17.85 -61.37 12.30
N LYS K 65 17.33 -61.35 13.54
CA LYS K 65 18.19 -61.46 14.71
C LYS K 65 18.47 -62.90 15.17
N GLY K 66 18.11 -63.88 14.35
CA GLY K 66 18.34 -65.27 14.72
C GLY K 66 17.12 -66.15 14.76
N THR K 67 17.28 -67.39 14.31
CA THR K 67 16.19 -68.36 14.28
C THR K 67 16.58 -69.56 15.14
N LYS K 68 15.63 -70.45 15.38
CA LYS K 68 15.87 -71.65 16.16
C LYS K 68 17.05 -72.41 15.57
N ASN K 69 17.04 -72.53 14.24
CA ASN K 69 18.08 -73.24 13.49
C ASN K 69 19.37 -72.46 13.34
N ARG K 70 19.26 -71.14 13.30
CA ARG K 70 20.42 -70.29 13.16
C ARG K 70 20.36 -69.17 14.19
N PRO K 71 20.74 -69.49 15.44
CA PRO K 71 20.73 -68.53 16.54
C PRO K 71 21.66 -67.34 16.38
N GLY K 72 21.27 -66.23 16.99
CA GLY K 72 22.07 -65.02 16.92
C GLY K 72 22.43 -64.53 15.54
N ASN K 73 23.71 -64.21 15.36
CA ASN K 73 24.22 -63.70 14.10
C ASN K 73 24.55 -64.78 13.08
N ALA K 74 24.14 -66.01 13.33
CA ALA K 74 24.42 -67.10 12.39
C ALA K 74 23.70 -66.90 11.05
N LEU K 75 22.47 -66.41 11.09
CA LEU K 75 21.71 -66.16 9.87
C LEU K 75 22.42 -65.09 9.07
N GLU K 76 22.85 -64.07 9.81
CA GLU K 76 23.55 -62.91 9.30
C GLU K 76 24.84 -63.34 8.56
N LYS K 77 25.68 -64.09 9.26
CA LYS K 77 26.94 -64.58 8.71
C LYS K 77 26.73 -65.35 7.42
N GLU K 78 25.68 -66.16 7.38
CA GLU K 78 25.36 -66.98 6.21
C GLU K 78 24.95 -66.12 5.00
N VAL K 79 24.12 -65.10 5.25
CA VAL K 79 23.68 -64.22 4.17
C VAL K 79 24.88 -63.46 3.62
N GLU K 80 25.67 -62.87 4.51
CA GLU K 80 26.85 -62.11 4.16
C GLU K 80 27.93 -62.90 3.43
N SER K 81 28.27 -64.08 3.96
CA SER K 81 29.30 -64.91 3.34
C SER K 81 29.03 -65.32 1.88
N MET K 82 27.77 -65.34 1.46
CA MET K 82 27.47 -65.70 0.09
C MET K 82 27.24 -64.43 -0.72
N GLY K 83 27.52 -63.29 -0.10
CA GLY K 83 27.39 -62.00 -0.76
C GLY K 83 25.96 -61.57 -1.07
N ALA K 84 25.01 -62.15 -0.35
CA ALA K 84 23.60 -61.79 -0.53
C ALA K 84 23.22 -60.59 0.31
N HIS K 85 22.02 -60.07 0.09
CA HIS K 85 21.51 -58.92 0.85
C HIS K 85 20.10 -59.27 1.34
N LEU K 86 19.84 -59.00 2.62
CA LEU K 86 18.55 -59.30 3.21
C LEU K 86 17.91 -57.98 3.67
N ASN K 87 16.69 -57.72 3.22
CA ASN K 87 16.01 -56.48 3.59
C ASN K 87 14.54 -56.72 3.91
N ALA K 88 13.88 -55.72 4.49
CA ALA K 88 12.49 -55.84 4.85
C ALA K 88 11.82 -54.48 4.94
N TYR K 89 10.50 -54.48 4.88
CA TYR K 89 9.73 -53.25 5.01
C TYR K 89 8.30 -53.57 5.42
N SER K 90 7.68 -52.65 6.13
CA SER K 90 6.32 -52.81 6.60
C SER K 90 5.53 -51.57 6.22
N THR K 91 4.26 -51.74 5.86
CA THR K 91 3.42 -50.62 5.52
C THR K 91 2.12 -50.89 6.26
N ARG K 92 1.10 -50.07 6.04
CA ARG K 92 -0.15 -50.26 6.74
C ARG K 92 -0.91 -51.54 6.31
N GLU K 93 -0.59 -52.07 5.13
CA GLU K 93 -1.26 -53.29 4.66
C GLU K 93 -0.35 -54.46 4.30
N HIS K 94 0.90 -54.18 3.96
CA HIS K 94 1.81 -55.25 3.57
C HIS K 94 3.15 -55.26 4.28
N THR K 95 3.73 -56.45 4.37
CA THR K 95 5.02 -56.63 4.99
C THR K 95 5.80 -57.53 4.03
N ALA K 96 7.09 -57.24 3.87
CA ALA K 96 7.91 -58.02 2.96
C ALA K 96 9.30 -58.28 3.50
N TYR K 97 9.82 -59.45 3.18
CA TYR K 97 11.15 -59.88 3.57
C TYR K 97 11.69 -60.43 2.26
N TYR K 98 12.81 -59.88 1.80
CA TYR K 98 13.38 -60.36 0.56
C TYR K 98 14.90 -60.41 0.56
N ILE K 99 15.44 -61.24 -0.33
CA ILE K 99 16.87 -61.42 -0.46
C ILE K 99 17.33 -61.22 -1.91
N LYS K 100 18.45 -60.53 -2.08
CA LYS K 100 19.03 -60.32 -3.40
C LYS K 100 20.23 -61.27 -3.33
N ALA K 101 20.38 -62.16 -4.31
CA ALA K 101 21.47 -63.11 -4.30
C ALA K 101 21.82 -63.57 -5.70
N LEU K 102 22.90 -64.35 -5.82
CA LEU K 102 23.30 -64.87 -7.11
C LEU K 102 22.25 -65.90 -7.43
N SER K 103 21.92 -66.01 -8.71
CA SER K 103 20.90 -66.96 -9.12
C SER K 103 21.25 -68.38 -8.69
N LYS K 104 22.53 -68.71 -8.67
CA LYS K 104 22.95 -70.04 -8.27
C LYS K 104 22.69 -70.31 -6.79
N ASP K 105 22.48 -69.26 -6.01
CA ASP K 105 22.23 -69.44 -4.57
C ASP K 105 20.76 -69.44 -4.19
N LEU K 106 19.88 -69.53 -5.18
CA LEU K 106 18.43 -69.52 -4.92
C LEU K 106 17.97 -70.53 -3.88
N PRO K 107 18.52 -71.76 -3.88
CA PRO K 107 18.08 -72.74 -2.88
C PRO K 107 18.32 -72.31 -1.43
N LYS K 108 19.51 -71.79 -1.15
CA LYS K 108 19.83 -71.34 0.19
C LYS K 108 19.02 -70.10 0.53
N ALA K 109 18.75 -69.28 -0.48
CA ALA K 109 17.98 -68.06 -0.28
C ALA K 109 16.57 -68.42 0.18
N VAL K 110 15.95 -69.39 -0.50
CA VAL K 110 14.60 -69.79 -0.14
C VAL K 110 14.58 -70.43 1.24
N GLU K 111 15.61 -71.21 1.57
CA GLU K 111 15.67 -71.87 2.86
C GLU K 111 15.73 -70.84 3.98
N LEU K 112 16.59 -69.83 3.80
CA LEU K 112 16.74 -68.79 4.80
C LEU K 112 15.44 -68.02 5.02
N LEU K 113 14.74 -67.69 3.93
CA LEU K 113 13.47 -66.98 4.03
C LEU K 113 12.48 -67.84 4.78
N ALA K 114 12.43 -69.13 4.43
CA ALA K 114 11.53 -70.06 5.08
C ALA K 114 11.86 -70.11 6.56
N ASP K 115 13.16 -70.18 6.87
CA ASP K 115 13.62 -70.23 8.24
C ASP K 115 13.23 -68.95 8.98
N ILE K 116 13.44 -67.80 8.35
CA ILE K 116 13.09 -66.52 8.95
C ILE K 116 11.59 -66.42 9.23
N VAL K 117 10.79 -66.69 8.21
CA VAL K 117 9.34 -66.62 8.32
C VAL K 117 8.66 -67.63 9.27
N GLN K 118 9.35 -68.73 9.58
CA GLN K 118 8.74 -69.73 10.45
C GLN K 118 9.43 -69.99 11.79
N ASN K 119 10.74 -69.80 11.85
CA ASN K 119 11.46 -70.11 13.08
C ASN K 119 12.16 -68.98 13.82
N CYS K 120 11.67 -67.76 13.65
CA CYS K 120 12.25 -66.61 14.33
C CYS K 120 12.34 -66.87 15.84
N SER K 121 13.53 -66.64 16.40
CA SER K 121 13.76 -66.87 17.83
C SER K 121 12.91 -66.00 18.76
N LEU K 122 13.05 -64.68 18.62
CA LEU K 122 12.33 -63.73 19.46
C LEU K 122 12.83 -63.88 20.90
N GLU K 123 14.15 -63.93 21.06
CA GLU K 123 14.77 -64.09 22.36
C GLU K 123 14.44 -62.86 23.23
N ASP K 124 13.98 -63.12 24.46
CA ASP K 124 13.60 -62.06 25.39
C ASP K 124 14.62 -60.93 25.52
N SER K 125 15.90 -61.26 25.51
CA SER K 125 16.93 -60.24 25.63
C SER K 125 17.02 -59.41 24.34
N GLN K 126 16.78 -60.06 23.20
CA GLN K 126 16.82 -59.35 21.93
C GLN K 126 15.64 -58.39 21.87
N ILE K 127 14.50 -58.85 22.39
CA ILE K 127 13.30 -58.04 22.40
C ILE K 127 13.51 -56.77 23.22
N GLU K 128 14.28 -56.88 24.30
CA GLU K 128 14.53 -55.72 25.13
C GLU K 128 15.48 -54.74 24.45
N LYS K 129 16.41 -55.27 23.65
CA LYS K 129 17.35 -54.41 22.94
C LYS K 129 16.61 -53.64 21.85
N GLU K 130 15.82 -54.35 21.05
CA GLU K 130 15.07 -53.70 19.98
C GLU K 130 14.10 -52.65 20.50
N ARG K 131 13.65 -52.84 21.74
CA ARG K 131 12.71 -51.90 22.34
C ARG K 131 13.36 -50.52 22.34
N ASP K 132 14.62 -50.45 22.76
CA ASP K 132 15.36 -49.19 22.80
C ASP K 132 15.68 -48.67 21.40
N VAL K 133 16.00 -49.57 20.47
CA VAL K 133 16.30 -49.17 19.10
C VAL K 133 15.07 -48.47 18.52
N ILE K 134 13.91 -49.11 18.67
CA ILE K 134 12.66 -48.56 18.16
C ILE K 134 12.34 -47.19 18.76
N LEU K 135 12.54 -47.03 20.06
CA LEU K 135 12.26 -45.75 20.69
C LEU K 135 13.14 -44.67 20.07
N GLN K 136 14.39 -45.01 19.79
CA GLN K 136 15.30 -44.06 19.18
C GLN K 136 14.89 -43.76 17.76
N GLU K 137 14.36 -44.75 17.05
CA GLU K 137 13.92 -44.53 15.67
C GLU K 137 12.70 -43.63 15.69
N LEU K 138 11.87 -43.73 16.73
CA LEU K 138 10.70 -42.87 16.82
C LEU K 138 11.17 -41.43 16.95
N GLN K 139 12.23 -41.21 17.72
CA GLN K 139 12.76 -39.86 17.90
C GLN K 139 13.32 -39.33 16.59
N GLU K 140 13.99 -40.18 15.83
CA GLU K 140 14.57 -39.76 14.56
C GLU K 140 13.46 -39.41 13.59
N ASN K 141 12.43 -40.25 13.52
CA ASN K 141 11.31 -40.00 12.61
C ASN K 141 10.64 -38.67 12.92
N ASP K 142 10.67 -38.27 14.19
CA ASP K 142 10.06 -37.01 14.61
C ASP K 142 10.78 -35.85 13.93
N THR K 143 12.02 -36.05 13.52
CA THR K 143 12.76 -34.98 12.87
C THR K 143 12.52 -34.94 11.35
N SER K 144 11.78 -35.92 10.84
CA SER K 144 11.45 -35.94 9.42
C SER K 144 10.07 -35.35 9.27
N MET K 145 10.01 -34.07 8.90
CA MET K 145 8.74 -33.40 8.74
C MET K 145 7.82 -34.08 7.72
N ARG K 146 8.41 -34.67 6.69
CA ARG K 146 7.62 -35.33 5.66
C ARG K 146 6.90 -36.55 6.24
N ASP K 147 7.65 -37.38 6.97
CA ASP K 147 7.07 -38.58 7.56
C ASP K 147 6.02 -38.19 8.59
N VAL K 148 6.26 -37.11 9.32
CA VAL K 148 5.30 -36.65 10.32
C VAL K 148 3.99 -36.21 9.65
N VAL K 149 4.10 -35.38 8.61
CA VAL K 149 2.91 -34.89 7.94
C VAL K 149 2.11 -36.02 7.29
N PHE K 150 2.77 -37.05 6.75
CA PHE K 150 2.01 -38.13 6.14
C PHE K 150 1.33 -38.98 7.21
N ASN K 151 1.96 -39.13 8.37
CA ASN K 151 1.34 -39.91 9.43
C ASN K 151 0.14 -39.12 9.95
N TYR K 152 0.27 -37.79 9.94
CA TYR K 152 -0.81 -36.93 10.40
C TYR K 152 -1.99 -36.99 9.43
N LEU K 153 -1.69 -37.07 8.14
CA LEU K 153 -2.73 -37.14 7.12
C LEU K 153 -3.56 -38.39 7.33
N HIS K 154 -2.89 -39.51 7.60
CA HIS K 154 -3.61 -40.78 7.83
C HIS K 154 -4.39 -40.72 9.14
N ALA K 155 -3.79 -40.12 10.16
CA ALA K 155 -4.42 -40.01 11.46
C ALA K 155 -5.76 -39.28 11.37
N THR K 156 -5.79 -38.20 10.58
CA THR K 156 -7.01 -37.43 10.45
C THR K 156 -7.98 -37.93 9.38
N ALA K 157 -7.45 -38.30 8.21
CA ALA K 157 -8.30 -38.80 7.12
C ALA K 157 -9.01 -40.10 7.50
N PHE K 158 -8.34 -40.97 8.24
CA PHE K 158 -8.92 -42.25 8.63
C PHE K 158 -9.14 -42.35 10.13
N GLN K 159 -9.38 -41.21 10.77
CA GLN K 159 -9.59 -41.16 12.22
C GLN K 159 -10.65 -42.15 12.67
N GLY K 160 -10.36 -42.85 13.77
CA GLY K 160 -11.30 -43.82 14.30
C GLY K 160 -11.25 -45.20 13.66
N THR K 161 -10.32 -45.40 12.73
CA THR K 161 -10.19 -46.67 12.04
C THR K 161 -8.75 -47.16 12.16
N PRO K 162 -8.49 -48.42 11.79
CA PRO K 162 -7.13 -48.97 11.87
C PRO K 162 -6.14 -48.28 10.94
N LEU K 163 -6.64 -47.69 9.85
CA LEU K 163 -5.75 -47.00 8.91
C LEU K 163 -5.21 -45.68 9.47
N ALA K 164 -5.78 -45.22 10.57
CA ALA K 164 -5.34 -43.98 11.19
C ALA K 164 -4.03 -44.22 11.93
N GLN K 165 -3.80 -45.48 12.28
CA GLN K 165 -2.59 -45.88 13.02
C GLN K 165 -1.30 -45.81 12.19
N SER K 166 -0.21 -45.49 12.87
CA SER K 166 1.09 -45.41 12.23
C SER K 166 1.60 -46.84 12.21
N VAL K 167 2.58 -47.12 11.36
CA VAL K 167 3.14 -48.46 11.27
C VAL K 167 3.95 -48.79 12.51
N GLU K 168 4.71 -47.82 12.98
CA GLU K 168 5.56 -47.99 14.17
C GLU K 168 4.82 -48.08 15.50
N GLY K 169 3.60 -47.56 15.54
CA GLY K 169 2.82 -47.59 16.77
C GLY K 169 3.22 -46.51 17.75
N PRO K 170 2.39 -46.25 18.76
CA PRO K 170 2.67 -45.23 19.78
C PRO K 170 3.81 -45.70 20.67
N SER K 171 4.57 -44.76 21.24
CA SER K 171 5.69 -45.13 22.08
C SER K 171 5.31 -45.99 23.28
N GLU K 172 4.14 -45.78 23.87
CA GLU K 172 3.76 -46.59 25.02
C GLU K 172 3.59 -48.06 24.63
N ASN K 173 3.16 -48.30 23.39
CA ASN K 173 2.99 -49.68 22.92
C ASN K 173 4.38 -50.30 22.75
N VAL K 174 5.34 -49.50 22.29
CA VAL K 174 6.70 -49.99 22.11
C VAL K 174 7.29 -50.40 23.46
N ARG K 175 6.97 -49.64 24.50
CA ARG K 175 7.47 -49.93 25.84
C ARG K 175 6.79 -51.11 26.50
N LYS K 176 5.58 -51.42 26.06
CA LYS K 176 4.83 -52.52 26.68
C LYS K 176 4.61 -53.81 25.90
N LEU K 177 4.81 -53.80 24.59
CA LEU K 177 4.62 -55.03 23.82
C LEU K 177 5.46 -56.15 24.42
N SER K 178 4.85 -57.32 24.58
CA SER K 178 5.53 -58.47 25.15
C SER K 178 5.74 -59.56 24.10
N ARG K 179 6.57 -60.54 24.42
CA ARG K 179 6.82 -61.62 23.48
C ARG K 179 5.49 -62.27 23.14
N ALA K 180 4.59 -62.28 24.13
CA ALA K 180 3.27 -62.86 23.94
C ALA K 180 2.53 -62.10 22.85
N ASP K 181 2.52 -60.77 22.96
CA ASP K 181 1.84 -59.95 21.97
C ASP K 181 2.34 -60.21 20.56
N LEU K 182 3.65 -60.34 20.42
CA LEU K 182 4.25 -60.58 19.11
C LEU K 182 3.95 -61.97 18.57
N THR K 183 4.19 -63.00 19.37
CA THR K 183 3.92 -64.36 18.91
C THR K 183 2.45 -64.47 18.52
N GLU K 184 1.60 -63.78 19.28
CA GLU K 184 0.16 -63.76 19.05
C GLU K 184 -0.08 -63.13 17.69
N TYR K 185 0.49 -61.94 17.47
CA TYR K 185 0.36 -61.22 16.20
C TYR K 185 0.77 -62.14 15.07
N LEU K 186 1.92 -62.79 15.23
CA LEU K 186 2.47 -63.68 14.22
C LEU K 186 1.60 -64.88 13.89
N SER K 187 1.12 -65.60 14.91
CA SER K 187 0.30 -66.77 14.67
C SER K 187 -0.97 -66.43 13.90
N ARG K 188 -1.58 -65.28 14.21
CA ARG K 188 -2.81 -64.88 13.56
C ARG K 188 -2.65 -64.41 12.11
N HIS K 189 -1.57 -63.69 11.82
CA HIS K 189 -1.34 -63.17 10.48
C HIS K 189 -0.40 -63.90 9.54
N TYR K 190 0.68 -64.46 10.08
CA TYR K 190 1.64 -65.17 9.26
C TYR K 190 1.18 -66.60 8.95
N LYS K 191 0.18 -66.70 8.08
CA LYS K 191 -0.37 -67.97 7.65
C LYS K 191 -0.10 -68.08 6.14
N ALA K 192 0.03 -69.30 5.63
CA ALA K 192 0.30 -69.51 4.20
C ALA K 192 -0.67 -68.83 3.22
N PRO K 193 -1.97 -68.85 3.53
CA PRO K 193 -2.96 -68.22 2.63
C PRO K 193 -2.81 -66.72 2.54
N ARG K 194 -2.00 -66.15 3.43
CA ARG K 194 -1.80 -64.71 3.48
C ARG K 194 -0.43 -64.31 2.95
N MET K 195 0.30 -65.29 2.43
CA MET K 195 1.64 -65.04 1.93
C MET K 195 1.84 -65.36 0.45
N VAL K 196 2.83 -64.70 -0.14
CA VAL K 196 3.20 -64.92 -1.53
C VAL K 196 4.72 -65.01 -1.60
N LEU K 197 5.21 -66.11 -2.14
CA LEU K 197 6.65 -66.29 -2.32
C LEU K 197 6.89 -65.84 -3.75
N ALA K 198 7.59 -64.73 -3.91
CA ALA K 198 7.85 -64.21 -5.25
C ALA K 198 9.35 -64.18 -5.55
N ALA K 199 9.67 -64.30 -6.84
CA ALA K 199 11.06 -64.27 -7.28
C ALA K 199 11.14 -63.80 -8.72
N ALA K 200 12.21 -63.09 -9.03
CA ALA K 200 12.46 -62.58 -10.36
C ALA K 200 13.95 -62.69 -10.61
N GLY K 201 14.32 -63.06 -11.83
CA GLY K 201 15.73 -63.18 -12.15
C GLY K 201 16.05 -64.46 -12.90
N GLY K 202 17.31 -64.87 -12.82
CA GLY K 202 17.73 -66.08 -13.51
C GLY K 202 17.42 -67.35 -12.74
N LEU K 203 16.17 -67.79 -12.86
CA LEU K 203 15.72 -69.00 -12.18
C LEU K 203 14.47 -69.49 -12.89
N GLU K 204 14.10 -70.75 -12.67
CA GLU K 204 12.91 -71.29 -13.30
C GLU K 204 11.82 -71.48 -12.25
N HIS K 205 10.57 -71.28 -12.67
CA HIS K 205 9.45 -71.41 -11.76
C HIS K 205 9.44 -72.79 -11.11
N ARG K 206 9.65 -73.84 -11.91
CA ARG K 206 9.66 -75.20 -11.38
C ARG K 206 10.63 -75.37 -10.21
N GLN K 207 11.80 -74.75 -10.29
CA GLN K 207 12.79 -74.85 -9.22
C GLN K 207 12.27 -74.12 -7.99
N LEU K 208 11.73 -72.93 -8.19
CA LEU K 208 11.18 -72.15 -7.09
C LEU K 208 10.05 -72.91 -6.41
N LEU K 209 9.14 -73.45 -7.21
CA LEU K 209 8.01 -74.20 -6.68
C LEU K 209 8.51 -75.39 -5.87
N ASP K 210 9.53 -76.05 -6.39
CA ASP K 210 10.13 -77.20 -5.74
C ASP K 210 10.61 -76.78 -4.37
N LEU K 211 11.43 -75.74 -4.36
CA LEU K 211 11.98 -75.21 -3.12
C LEU K 211 10.89 -74.75 -2.15
N ALA K 212 9.77 -74.29 -2.68
CA ALA K 212 8.67 -73.83 -1.84
C ALA K 212 8.01 -75.03 -1.20
N GLN K 213 7.82 -76.10 -1.98
CA GLN K 213 7.20 -77.31 -1.47
C GLN K 213 8.07 -77.91 -0.38
N LYS K 214 9.39 -77.80 -0.54
CA LYS K 214 10.33 -78.33 0.44
C LYS K 214 10.44 -77.52 1.72
N HIS K 215 10.50 -76.20 1.60
CA HIS K 215 10.67 -75.33 2.77
C HIS K 215 9.45 -74.63 3.39
N PHE K 216 8.34 -74.52 2.65
CA PHE K 216 7.17 -73.84 3.21
C PHE K 216 5.93 -74.70 3.50
N SER K 217 5.97 -75.98 3.15
CA SER K 217 4.82 -76.87 3.38
C SER K 217 4.28 -76.90 4.81
N GLY K 218 5.18 -76.77 5.78
CA GLY K 218 4.77 -76.81 7.16
C GLY K 218 3.96 -75.60 7.59
N LEU K 219 4.10 -74.52 6.83
CA LEU K 219 3.38 -73.28 7.12
C LEU K 219 1.89 -73.57 7.20
N SER K 220 1.25 -73.09 8.25
CA SER K 220 -0.18 -73.31 8.46
C SER K 220 -1.01 -72.66 7.35
N GLY K 221 -2.07 -73.35 6.96
CA GLY K 221 -2.93 -72.82 5.92
C GLY K 221 -4.37 -72.90 6.38
N THR K 222 -4.56 -73.08 7.68
CA THR K 222 -5.88 -73.21 8.26
C THR K 222 -6.30 -72.03 9.12
N TYR K 223 -5.69 -71.92 10.29
CA TYR K 223 -6.01 -70.89 11.27
C TYR K 223 -7.25 -71.39 11.97
N ASP K 224 -8.40 -71.24 11.30
CA ASP K 224 -9.70 -71.68 11.80
C ASP K 224 -10.82 -70.91 11.13
N GLU K 225 -11.71 -70.34 11.93
CA GLU K 225 -12.84 -69.57 11.42
C GLU K 225 -13.00 -68.31 12.25
N ASP K 226 -12.68 -68.41 13.54
CA ASP K 226 -12.80 -67.29 14.46
C ASP K 226 -11.49 -66.51 14.62
N ALA K 227 -10.49 -66.86 13.81
CA ALA K 227 -9.21 -66.17 13.85
C ALA K 227 -8.67 -65.94 12.44
N VAL K 228 -9.52 -65.42 11.56
CA VAL K 228 -9.14 -65.13 10.18
C VAL K 228 -9.28 -63.62 9.97
N PRO K 229 -8.24 -62.86 10.36
CA PRO K 229 -8.22 -61.40 10.24
C PRO K 229 -8.72 -60.84 8.90
N THR K 230 -9.96 -60.37 8.90
CA THR K 230 -10.56 -59.78 7.70
C THR K 230 -10.56 -58.26 7.90
N LEU K 231 -10.59 -57.52 6.79
CA LEU K 231 -10.57 -56.06 6.86
C LEU K 231 -11.94 -55.39 6.73
N SER K 232 -12.23 -54.49 7.65
CA SER K 232 -13.50 -53.75 7.63
C SER K 232 -13.25 -52.47 6.85
N PRO K 233 -14.27 -51.95 6.17
CA PRO K 233 -14.01 -50.71 5.43
C PRO K 233 -13.59 -49.63 6.42
N CYS K 234 -12.77 -48.69 5.95
CA CYS K 234 -12.32 -47.61 6.81
C CYS K 234 -12.93 -46.30 6.36
N ARG K 235 -13.77 -45.72 7.21
CA ARG K 235 -14.45 -44.47 6.91
C ARG K 235 -13.40 -43.40 6.66
N PHE K 236 -13.67 -42.50 5.73
CA PHE K 236 -12.78 -41.40 5.41
C PHE K 236 -13.46 -40.18 5.98
N THR K 237 -12.70 -39.24 6.51
CA THR K 237 -13.28 -38.04 7.10
C THR K 237 -12.65 -36.75 6.62
N GLY K 238 -13.45 -35.90 5.99
CA GLY K 238 -12.94 -34.63 5.53
C GLY K 238 -12.62 -33.94 6.84
N SER K 239 -11.36 -33.57 7.04
CA SER K 239 -10.95 -32.94 8.29
C SER K 239 -9.60 -32.25 8.17
N GLN K 240 -9.14 -31.66 9.27
CA GLN K 240 -7.86 -30.96 9.27
C GLN K 240 -7.09 -31.12 10.59
N ILE K 241 -5.78 -31.31 10.49
CA ILE K 241 -4.93 -31.41 11.67
C ILE K 241 -3.78 -30.47 11.39
N CYS K 242 -3.62 -29.48 12.26
CA CYS K 242 -2.59 -28.49 12.12
C CYS K 242 -1.67 -28.47 13.34
N HIS K 243 -0.41 -28.86 13.15
CA HIS K 243 0.54 -28.83 14.24
C HIS K 243 1.41 -27.62 14.01
N ARG K 244 1.10 -26.53 14.69
CA ARG K 244 1.85 -25.30 14.52
C ARG K 244 3.15 -25.31 15.31
N GLU K 245 4.25 -25.09 14.60
CA GLU K 245 5.58 -25.06 15.22
C GLU K 245 6.42 -24.02 14.47
N ASP K 246 6.30 -22.76 14.88
CA ASP K 246 7.04 -21.67 14.24
C ASP K 246 8.57 -21.78 14.34
N GLY K 247 9.04 -22.77 15.08
CA GLY K 247 10.47 -22.94 15.25
C GLY K 247 11.08 -23.67 14.07
N LEU K 248 10.25 -24.35 13.30
CA LEU K 248 10.73 -25.06 12.13
C LEU K 248 10.85 -24.10 10.94
N PRO K 249 11.95 -24.21 10.17
CA PRO K 249 12.19 -23.33 9.01
C PRO K 249 11.22 -23.36 7.83
N LEU K 250 10.68 -24.53 7.53
CA LEU K 250 9.75 -24.66 6.42
C LEU K 250 8.49 -25.41 6.83
N ALA K 251 7.37 -25.08 6.19
CA ALA K 251 6.12 -25.73 6.49
C ALA K 251 5.90 -26.89 5.53
N HIS K 252 5.30 -27.96 6.04
CA HIS K 252 4.99 -29.13 5.22
C HIS K 252 3.49 -29.24 5.25
N VAL K 253 2.88 -29.45 4.09
CA VAL K 253 1.43 -29.57 4.00
C VAL K 253 1.09 -30.73 3.09
N ALA K 254 0.15 -31.56 3.52
CA ALA K 254 -0.30 -32.69 2.73
C ALA K 254 -1.82 -32.59 2.70
N ILE K 255 -2.40 -32.70 1.51
CA ILE K 255 -3.84 -32.60 1.35
C ILE K 255 -4.30 -33.69 0.41
N ALA K 256 -5.45 -34.31 0.69
CA ALA K 256 -5.93 -35.40 -0.13
C ALA K 256 -7.44 -35.64 -0.02
N VAL K 257 -8.01 -36.20 -1.08
CA VAL K 257 -9.42 -36.53 -1.10
C VAL K 257 -9.39 -38.04 -1.03
N GLU K 258 -10.52 -38.69 -0.84
CA GLU K 258 -10.50 -40.14 -0.74
C GLU K 258 -10.33 -40.79 -2.10
N GLY K 259 -9.38 -41.73 -2.17
CA GLY K 259 -9.11 -42.44 -3.41
C GLY K 259 -9.97 -43.68 -3.50
N PRO K 260 -10.04 -44.36 -4.66
CA PRO K 260 -10.86 -45.57 -4.86
C PRO K 260 -10.42 -46.91 -4.26
N GLY K 261 -9.11 -47.09 -4.09
CA GLY K 261 -8.61 -48.36 -3.58
C GLY K 261 -7.94 -49.12 -4.71
N TRP K 262 -6.97 -49.95 -4.36
CA TRP K 262 -6.19 -50.76 -5.30
C TRP K 262 -6.85 -51.29 -6.57
N ALA K 263 -7.89 -52.10 -6.37
CA ALA K 263 -8.59 -52.76 -7.45
C ALA K 263 -9.32 -51.93 -8.51
N HIS K 264 -9.65 -50.69 -8.19
CA HIS K 264 -10.40 -49.87 -9.14
C HIS K 264 -9.69 -49.40 -10.41
N PRO K 265 -10.38 -49.55 -11.56
CA PRO K 265 -9.88 -49.17 -12.89
C PRO K 265 -9.55 -47.68 -12.97
N ASP K 266 -10.24 -46.88 -12.15
CA ASP K 266 -10.04 -45.44 -12.14
C ASP K 266 -8.64 -44.99 -11.76
N ASN K 267 -7.87 -45.86 -11.13
CA ASN K 267 -6.53 -45.51 -10.71
C ASN K 267 -5.62 -45.14 -11.88
N VAL K 268 -5.86 -45.73 -13.05
CA VAL K 268 -5.03 -45.40 -14.21
C VAL K 268 -5.26 -43.94 -14.63
N ALA K 269 -6.51 -43.55 -14.82
CA ALA K 269 -6.80 -42.17 -15.22
C ALA K 269 -6.29 -41.22 -14.15
N LEU K 270 -6.43 -41.61 -12.88
CA LEU K 270 -5.98 -40.77 -11.78
C LEU K 270 -4.46 -40.61 -11.81
N GLN K 271 -3.75 -41.66 -12.22
CA GLN K 271 -2.30 -41.59 -12.30
C GLN K 271 -1.91 -40.65 -13.44
N VAL K 272 -2.70 -40.62 -14.50
CA VAL K 272 -2.42 -39.76 -15.64
C VAL K 272 -2.60 -38.33 -15.20
N ALA K 273 -3.70 -38.05 -14.50
CA ALA K 273 -3.97 -36.70 -14.01
C ALA K 273 -2.86 -36.24 -13.07
N ASN K 274 -2.42 -37.12 -12.18
CA ASN K 274 -1.35 -36.77 -11.24
C ASN K 274 -0.04 -36.53 -11.98
N ALA K 275 0.16 -37.21 -13.10
CA ALA K 275 1.39 -37.04 -13.88
C ALA K 275 1.39 -35.68 -14.55
N ILE K 276 0.19 -35.19 -14.88
CA ILE K 276 0.06 -33.89 -15.53
C ILE K 276 0.48 -32.79 -14.57
N ILE K 277 0.00 -32.86 -13.33
CA ILE K 277 0.35 -31.88 -12.33
C ILE K 277 1.82 -32.12 -11.96
N GLY K 278 2.18 -33.39 -11.79
CA GLY K 278 3.55 -33.75 -11.50
C GLY K 278 4.19 -33.57 -10.13
N HIS K 279 5.50 -33.33 -10.16
CA HIS K 279 6.31 -33.13 -8.96
C HIS K 279 7.35 -32.06 -9.26
N TYR K 280 7.97 -31.53 -8.22
CA TYR K 280 8.96 -30.47 -8.39
C TYR K 280 9.79 -30.19 -7.14
N ASP K 281 11.01 -29.74 -7.36
CA ASP K 281 11.86 -29.32 -6.26
C ASP K 281 12.92 -28.39 -6.83
N CYS K 282 13.47 -27.56 -5.96
CA CYS K 282 14.44 -26.55 -6.35
C CYS K 282 15.63 -26.96 -7.18
N THR K 283 15.91 -28.26 -7.28
CA THR K 283 17.06 -28.69 -8.07
C THR K 283 16.71 -29.07 -9.51
N TYR K 284 15.43 -29.01 -9.86
CA TYR K 284 15.01 -29.35 -11.23
C TYR K 284 15.51 -28.34 -12.25
N GLY K 285 16.12 -28.84 -13.32
CA GLY K 285 16.65 -27.97 -14.34
C GLY K 285 15.66 -27.26 -15.26
N GLY K 286 14.43 -27.76 -15.35
CA GLY K 286 13.42 -27.16 -16.21
C GLY K 286 12.91 -25.78 -15.84
N GLY K 287 12.76 -25.51 -14.55
CA GLY K 287 12.29 -24.22 -14.09
C GLY K 287 11.01 -23.66 -14.71
N ALA K 288 11.13 -22.45 -15.23
CA ALA K 288 10.02 -21.71 -15.84
C ALA K 288 9.40 -22.37 -17.07
N HIS K 289 10.13 -23.32 -17.66
CA HIS K 289 9.66 -23.99 -18.87
C HIS K 289 8.96 -25.33 -18.66
N LEU K 290 8.91 -25.80 -17.42
CA LEU K 290 8.27 -27.06 -17.12
C LEU K 290 6.83 -27.04 -17.64
N SER K 291 6.36 -28.20 -18.12
CA SER K 291 5.01 -28.31 -18.67
C SER K 291 3.88 -28.15 -17.66
N SER K 292 4.09 -28.64 -16.45
CA SER K 292 3.08 -28.54 -15.40
C SER K 292 2.93 -27.08 -14.99
N PRO K 293 1.70 -26.54 -15.07
CA PRO K 293 1.50 -25.14 -14.69
C PRO K 293 1.95 -24.91 -13.25
N LEU K 294 1.61 -25.84 -12.36
CA LEU K 294 1.99 -25.72 -10.97
C LEU K 294 3.51 -25.68 -10.82
N ALA K 295 4.20 -26.54 -11.56
CA ALA K 295 5.66 -26.58 -11.49
C ALA K 295 6.32 -25.30 -12.01
N SER K 296 5.84 -24.77 -13.13
CA SER K 296 6.44 -23.55 -13.66
C SER K 296 6.09 -22.33 -12.82
N ILE K 297 4.86 -22.26 -12.31
CA ILE K 297 4.46 -21.11 -11.50
C ILE K 297 5.29 -21.13 -10.22
N ALA K 298 5.42 -22.30 -9.62
CA ALA K 298 6.20 -22.44 -8.40
C ALA K 298 7.66 -22.09 -8.62
N ALA K 299 8.21 -22.51 -9.75
CA ALA K 299 9.61 -22.24 -10.06
C ALA K 299 9.90 -20.78 -10.35
N THR K 300 9.06 -20.13 -11.17
CA THR K 300 9.30 -18.72 -11.51
C THR K 300 9.00 -17.78 -10.35
N ASN K 301 8.00 -18.12 -9.55
CA ASN K 301 7.62 -17.27 -8.42
C ASN K 301 8.22 -17.75 -7.09
N LYS K 302 9.06 -18.78 -7.15
CA LYS K 302 9.71 -19.32 -5.97
C LYS K 302 8.69 -19.63 -4.87
N LEU K 303 7.61 -20.29 -5.23
CA LEU K 303 6.55 -20.61 -4.27
C LEU K 303 6.80 -21.75 -3.28
N CYS K 304 7.72 -22.65 -3.62
CA CYS K 304 7.99 -23.77 -2.73
C CYS K 304 9.34 -24.38 -2.97
N GLN K 305 9.77 -25.20 -2.01
CA GLN K 305 11.04 -25.90 -2.10
C GLN K 305 10.77 -27.13 -2.93
N SER K 306 9.57 -27.69 -2.77
CA SER K 306 9.18 -28.88 -3.49
C SER K 306 7.71 -29.26 -3.31
N PHE K 307 7.22 -30.11 -4.20
CA PHE K 307 5.85 -30.59 -4.13
C PHE K 307 5.78 -31.89 -4.91
N GLN K 308 4.82 -32.74 -4.55
CA GLN K 308 4.65 -34.04 -5.18
C GLN K 308 3.20 -34.45 -5.07
N THR K 309 2.65 -34.99 -6.16
CA THR K 309 1.27 -35.46 -6.16
C THR K 309 1.44 -36.91 -5.74
N PHE K 310 0.38 -37.52 -5.25
CA PHE K 310 0.44 -38.92 -4.85
C PHE K 310 -0.92 -39.60 -4.92
N ASN K 311 -0.89 -40.92 -5.03
CA ASN K 311 -2.08 -41.73 -5.09
C ASN K 311 -1.75 -42.96 -4.25
N ILE K 312 -2.02 -42.84 -2.95
CA ILE K 312 -1.76 -43.91 -2.00
C ILE K 312 -2.98 -44.82 -1.95
N CYS K 313 -2.79 -46.08 -2.31
CA CYS K 313 -3.89 -47.04 -2.35
C CYS K 313 -3.93 -48.09 -1.24
N TYR K 314 -5.14 -48.35 -0.77
CA TYR K 314 -5.37 -49.35 0.25
C TYR K 314 -6.48 -50.18 -0.34
N ALA K 315 -6.82 -51.30 0.30
CA ALA K 315 -7.84 -52.20 -0.22
C ALA K 315 -9.08 -51.59 -0.88
N ASP K 316 -9.78 -50.76 -0.12
CA ASP K 316 -11.05 -50.18 -0.52
C ASP K 316 -11.15 -48.67 -0.35
N THR K 317 -10.00 -48.03 -0.18
CA THR K 317 -9.97 -46.60 0.00
C THR K 317 -8.54 -46.16 -0.28
N GLY K 318 -8.28 -44.87 -0.17
CA GLY K 318 -6.95 -44.38 -0.42
C GLY K 318 -6.85 -42.89 -0.27
N LEU K 319 -5.64 -42.36 -0.42
CA LEU K 319 -5.41 -40.93 -0.32
C LEU K 319 -4.90 -40.40 -1.65
N LEU K 320 -5.69 -39.52 -2.26
CA LEU K 320 -5.33 -38.94 -3.55
C LEU K 320 -5.09 -37.45 -3.33
N GLY K 321 -3.87 -36.99 -3.59
CA GLY K 321 -3.61 -35.57 -3.40
C GLY K 321 -2.18 -35.11 -3.64
N ALA K 322 -1.69 -34.24 -2.76
CA ALA K 322 -0.34 -33.72 -2.92
C ALA K 322 0.28 -33.25 -1.61
N HIS K 323 1.60 -33.13 -1.64
CA HIS K 323 2.38 -32.71 -0.49
C HIS K 323 3.34 -31.65 -1.00
N PHE K 324 3.51 -30.59 -0.21
CA PHE K 324 4.44 -29.54 -0.60
C PHE K 324 5.19 -28.98 0.59
N VAL K 325 6.38 -28.45 0.32
CA VAL K 325 7.23 -27.88 1.35
C VAL K 325 7.52 -26.45 0.92
N CYS K 326 7.20 -25.50 1.78
CA CYS K 326 7.44 -24.10 1.43
C CYS K 326 7.66 -23.18 2.61
N ASP K 327 8.02 -21.95 2.26
CA ASP K 327 8.28 -20.86 3.19
C ASP K 327 6.95 -20.47 3.83
N HIS K 328 6.99 -19.96 5.06
CA HIS K 328 5.76 -19.59 5.76
C HIS K 328 4.85 -18.58 5.05
N MET K 329 5.41 -17.76 4.17
CA MET K 329 4.60 -16.79 3.42
C MET K 329 4.06 -17.30 2.09
N SER K 330 4.39 -18.53 1.72
CA SER K 330 3.97 -19.09 0.43
C SER K 330 2.87 -20.15 0.45
N ILE K 331 2.41 -20.55 1.63
CA ILE K 331 1.40 -21.59 1.74
C ILE K 331 0.08 -21.32 1.03
N ASP K 332 -0.50 -20.14 1.24
CA ASP K 332 -1.77 -19.80 0.61
C ASP K 332 -1.67 -19.82 -0.92
N ASP K 333 -0.58 -19.25 -1.45
CA ASP K 333 -0.36 -19.21 -2.89
C ASP K 333 -0.23 -20.62 -3.43
N MET K 334 0.55 -21.45 -2.75
CA MET K 334 0.75 -22.83 -3.18
C MET K 334 -0.58 -23.58 -3.21
N MET K 335 -1.38 -23.43 -2.16
CA MET K 335 -2.68 -24.10 -2.09
C MET K 335 -3.60 -23.59 -3.20
N PHE K 336 -3.56 -22.29 -3.45
CA PHE K 336 -4.39 -21.67 -4.48
C PHE K 336 -4.08 -22.26 -5.85
N VAL K 337 -2.80 -22.28 -6.21
CA VAL K 337 -2.41 -22.82 -7.50
C VAL K 337 -2.68 -24.31 -7.62
N LEU K 338 -2.41 -25.08 -6.56
CA LEU K 338 -2.64 -26.52 -6.58
C LEU K 338 -4.11 -26.84 -6.80
N GLN K 339 -4.99 -26.25 -6.00
CA GLN K 339 -6.42 -26.50 -6.15
C GLN K 339 -6.94 -26.03 -7.51
N GLY K 340 -6.38 -24.94 -8.02
CA GLY K 340 -6.80 -24.43 -9.31
C GLY K 340 -6.47 -25.43 -10.39
N GLN K 341 -5.38 -26.17 -10.18
CA GLN K 341 -4.98 -27.16 -11.17
C GLN K 341 -5.92 -28.37 -11.12
N TRP K 342 -6.41 -28.72 -9.93
CA TRP K 342 -7.33 -29.85 -9.84
C TRP K 342 -8.63 -29.47 -10.53
N MET K 343 -9.08 -28.24 -10.32
CA MET K 343 -10.32 -27.77 -10.93
C MET K 343 -10.20 -27.64 -12.45
N ARG K 344 -9.02 -27.25 -12.93
CA ARG K 344 -8.83 -27.11 -14.36
C ARG K 344 -8.90 -28.49 -15.02
N LEU K 345 -8.39 -29.51 -14.34
CA LEU K 345 -8.43 -30.86 -14.88
C LEU K 345 -9.86 -31.41 -14.88
N CYS K 346 -10.62 -31.11 -13.83
CA CYS K 346 -12.00 -31.57 -13.72
C CYS K 346 -12.87 -31.01 -14.83
N THR K 347 -12.68 -29.73 -15.14
CA THR K 347 -13.49 -29.06 -16.14
C THR K 347 -12.90 -28.79 -17.52
N SER K 348 -11.57 -28.71 -17.63
CA SER K 348 -10.98 -28.38 -18.92
C SER K 348 -9.72 -29.09 -19.37
N ALA K 349 -9.48 -30.32 -18.92
CA ALA K 349 -8.29 -31.04 -19.34
C ALA K 349 -8.26 -31.09 -20.87
N THR K 350 -7.10 -30.81 -21.46
CA THR K 350 -6.98 -30.81 -22.92
C THR K 350 -6.40 -32.14 -23.40
N GLU K 351 -6.68 -32.49 -24.65
CA GLU K 351 -6.16 -33.75 -25.19
C GLU K 351 -4.64 -33.79 -25.16
N SER K 352 -3.99 -32.67 -25.49
CA SER K 352 -2.53 -32.64 -25.50
C SER K 352 -1.89 -32.83 -24.13
N GLU K 353 -2.45 -32.24 -23.07
CA GLU K 353 -1.82 -32.42 -21.77
C GLU K 353 -2.09 -33.83 -21.26
N VAL K 354 -3.23 -34.40 -21.63
CA VAL K 354 -3.56 -35.75 -21.21
C VAL K 354 -2.63 -36.72 -21.91
N LEU K 355 -2.27 -36.42 -23.16
CA LEU K 355 -1.34 -37.29 -23.88
C LEU K 355 0.01 -37.24 -23.18
N ARG K 356 0.40 -36.07 -22.70
CA ARG K 356 1.68 -35.95 -22.01
C ARG K 356 1.60 -36.79 -20.75
N GLY K 357 0.48 -36.67 -20.06
CA GLY K 357 0.29 -37.43 -18.84
C GLY K 357 0.38 -38.92 -19.11
N LYS K 358 -0.22 -39.35 -20.20
CA LYS K 358 -0.19 -40.76 -20.55
C LYS K 358 1.23 -41.21 -20.84
N ASN K 359 2.00 -40.38 -21.54
CA ASN K 359 3.37 -40.74 -21.86
C ASN K 359 4.24 -40.76 -20.61
N LEU K 360 3.95 -39.87 -19.67
CA LEU K 360 4.72 -39.83 -18.43
C LEU K 360 4.46 -41.13 -17.68
N LEU K 361 3.20 -41.54 -17.64
CA LEU K 361 2.82 -42.76 -16.94
C LEU K 361 3.44 -43.98 -17.60
N ARG K 362 3.48 -44.00 -18.93
CA ARG K 362 4.07 -45.13 -19.64
C ARG K 362 5.54 -45.27 -19.23
N ASN K 363 6.28 -44.16 -19.29
CA ASN K 363 7.69 -44.18 -18.95
C ASN K 363 7.91 -44.58 -17.49
N ALA K 364 7.06 -44.10 -16.58
CA ALA K 364 7.20 -44.43 -15.17
C ALA K 364 6.98 -45.91 -14.92
N LEU K 365 5.91 -46.48 -15.50
CA LEU K 365 5.62 -47.90 -15.30
C LEU K 365 6.77 -48.80 -15.74
N VAL K 366 7.31 -48.56 -16.94
CA VAL K 366 8.41 -49.39 -17.44
C VAL K 366 9.73 -49.13 -16.73
N SER K 367 10.11 -47.86 -16.56
CA SER K 367 11.38 -47.57 -15.88
C SER K 367 11.36 -48.02 -14.43
N HIS K 368 10.17 -48.24 -13.87
CA HIS K 368 10.10 -48.70 -12.48
C HIS K 368 10.46 -50.17 -12.39
N LEU K 369 10.02 -50.97 -13.36
CA LEU K 369 10.28 -52.40 -13.37
C LEU K 369 11.66 -52.68 -13.96
N ASP K 370 12.65 -51.99 -13.44
CA ASP K 370 14.03 -52.12 -13.93
C ASP K 370 14.95 -52.75 -12.89
N GLY K 371 15.13 -54.07 -12.99
CA GLY K 371 15.96 -54.80 -12.05
C GLY K 371 15.15 -55.89 -11.40
N THR K 372 15.80 -56.91 -10.87
CA THR K 372 15.09 -58.02 -10.24
C THR K 372 14.31 -57.64 -8.98
N THR K 373 14.81 -56.67 -8.22
CA THR K 373 14.11 -56.30 -7.00
C THR K 373 12.78 -55.59 -7.30
N PRO K 374 12.78 -54.58 -8.19
CA PRO K 374 11.52 -53.91 -8.48
C PRO K 374 10.50 -54.88 -9.09
N VAL K 375 10.98 -55.80 -9.93
CA VAL K 375 10.10 -56.77 -10.55
C VAL K 375 9.53 -57.74 -9.52
N CYS K 376 10.39 -58.25 -8.64
CA CYS K 376 9.96 -59.19 -7.62
C CYS K 376 8.92 -58.56 -6.71
N GLU K 377 9.11 -57.28 -6.39
CA GLU K 377 8.18 -56.57 -5.52
C GLU K 377 6.84 -56.39 -6.23
N ASP K 378 6.88 -56.17 -7.54
CA ASP K 378 5.67 -55.97 -8.31
C ASP K 378 4.89 -57.28 -8.30
N ILE K 379 5.59 -58.41 -8.42
CA ILE K 379 4.94 -59.71 -8.41
C ILE K 379 4.28 -59.98 -7.06
N GLY K 380 5.05 -59.84 -5.99
CA GLY K 380 4.52 -60.07 -4.65
C GLY K 380 3.32 -59.21 -4.31
N ARG K 381 3.48 -57.89 -4.44
CA ARG K 381 2.39 -56.95 -4.14
C ARG K 381 1.17 -57.14 -5.04
N SER K 382 1.40 -57.35 -6.34
CA SER K 382 0.30 -57.53 -7.28
C SER K 382 -0.55 -58.75 -6.91
N LEU K 383 0.10 -59.85 -6.58
CA LEU K 383 -0.62 -61.06 -6.20
C LEU K 383 -1.47 -60.81 -4.96
N LEU K 384 -0.96 -59.99 -4.04
CA LEU K 384 -1.72 -59.69 -2.82
C LEU K 384 -2.86 -58.73 -3.11
N THR K 385 -2.62 -57.72 -3.93
CA THR K 385 -3.65 -56.73 -4.24
C THR K 385 -4.63 -57.08 -5.36
N TYR K 386 -4.13 -57.46 -6.53
CA TYR K 386 -5.01 -57.81 -7.64
C TYR K 386 -5.30 -59.30 -7.72
N GLY K 387 -4.44 -60.10 -7.10
CA GLY K 387 -4.62 -61.54 -7.13
C GLY K 387 -4.03 -62.09 -8.42
N ARG K 388 -3.34 -61.22 -9.15
CA ARG K 388 -2.71 -61.59 -10.40
C ARG K 388 -1.70 -60.53 -10.81
N ARG K 389 -0.77 -60.89 -11.67
CA ARG K 389 0.23 -59.95 -12.15
C ARG K 389 -0.40 -59.35 -13.40
N ILE K 390 -0.52 -58.02 -13.42
CA ILE K 390 -1.11 -57.34 -14.57
C ILE K 390 0.02 -57.10 -15.55
N PRO K 391 -0.08 -57.69 -16.76
CA PRO K 391 0.99 -57.49 -17.75
C PRO K 391 1.06 -56.07 -18.33
N LEU K 392 2.25 -55.69 -18.77
CA LEU K 392 2.47 -54.37 -19.35
C LEU K 392 1.51 -54.09 -20.49
N ALA K 393 1.25 -55.12 -21.29
CA ALA K 393 0.34 -54.97 -22.43
C ALA K 393 -1.05 -54.57 -21.93
N GLU K 394 -1.44 -55.03 -20.75
CA GLU K 394 -2.74 -54.68 -20.21
C GLU K 394 -2.68 -53.24 -19.73
N TRP K 395 -1.61 -52.89 -19.04
CA TRP K 395 -1.45 -51.52 -18.54
C TRP K 395 -1.53 -50.55 -19.71
N GLU K 396 -0.85 -50.88 -20.80
CA GLU K 396 -0.87 -50.02 -21.98
C GLU K 396 -2.29 -49.86 -22.47
N SER K 397 -3.04 -50.96 -22.56
CA SER K 397 -4.43 -50.88 -23.01
C SER K 397 -5.25 -49.97 -22.11
N ARG K 398 -5.01 -50.07 -20.80
CA ARG K 398 -5.75 -49.25 -19.84
C ARG K 398 -5.38 -47.78 -20.01
N ILE K 399 -4.08 -47.52 -20.19
CA ILE K 399 -3.60 -46.15 -20.37
C ILE K 399 -4.13 -45.59 -21.69
N ALA K 400 -4.04 -46.40 -22.74
CA ALA K 400 -4.49 -46.00 -24.07
C ALA K 400 -5.93 -45.51 -24.12
N GLU K 401 -6.82 -46.13 -23.35
CA GLU K 401 -8.20 -45.71 -23.38
C GLU K 401 -8.48 -44.39 -22.67
N VAL K 402 -7.49 -43.86 -21.94
CA VAL K 402 -7.68 -42.60 -21.27
C VAL K 402 -7.52 -41.41 -22.21
N ASP K 403 -8.48 -40.50 -22.19
CA ASP K 403 -8.41 -39.29 -23.01
C ASP K 403 -8.89 -38.12 -22.16
N ALA K 404 -8.93 -36.92 -22.73
CA ALA K 404 -9.36 -35.75 -21.98
C ALA K 404 -10.72 -35.91 -21.32
N ARG K 405 -11.65 -36.54 -22.01
CA ARG K 405 -12.99 -36.75 -21.49
C ARG K 405 -12.94 -37.62 -20.24
N VAL K 406 -12.18 -38.71 -20.31
CA VAL K 406 -12.04 -39.62 -19.19
C VAL K 406 -11.36 -38.94 -17.99
N VAL K 407 -10.39 -38.08 -18.27
CA VAL K 407 -9.70 -37.37 -17.19
C VAL K 407 -10.63 -36.39 -16.48
N ARG K 408 -11.41 -35.62 -17.25
CA ARG K 408 -12.33 -34.67 -16.65
C ARG K 408 -13.35 -35.38 -15.78
N GLU K 409 -13.94 -36.46 -16.31
CA GLU K 409 -14.94 -37.21 -15.57
C GLU K 409 -14.40 -37.91 -14.33
N VAL K 410 -13.23 -38.55 -14.44
CA VAL K 410 -12.66 -39.24 -13.28
C VAL K 410 -12.21 -38.24 -12.22
N CYS K 411 -11.57 -37.15 -12.65
CA CYS K 411 -11.12 -36.14 -11.71
C CYS K 411 -12.32 -35.51 -11.02
N SER K 412 -13.37 -35.24 -11.78
CA SER K 412 -14.57 -34.63 -11.21
C SER K 412 -15.16 -35.55 -10.14
N LYS K 413 -15.08 -36.85 -10.39
CA LYS K 413 -15.60 -37.86 -9.49
C LYS K 413 -14.91 -37.86 -8.13
N TYR K 414 -13.58 -37.70 -8.11
CA TYR K 414 -12.83 -37.73 -6.86
C TYR K 414 -12.45 -36.38 -6.25
N PHE K 415 -12.25 -35.37 -7.08
CA PHE K 415 -11.86 -34.03 -6.60
C PHE K 415 -12.99 -33.01 -6.49
N TYR K 416 -13.82 -32.93 -7.52
CA TYR K 416 -14.87 -31.93 -7.53
C TYR K 416 -15.86 -31.93 -6.37
N ASP K 417 -15.90 -30.81 -5.68
CA ASP K 417 -16.80 -30.61 -4.55
C ASP K 417 -16.76 -31.76 -3.56
N GLN K 418 -15.55 -32.21 -3.23
CA GLN K 418 -15.36 -33.29 -2.27
C GLN K 418 -14.60 -32.73 -1.05
N CYS K 419 -14.84 -33.29 0.12
CA CYS K 419 -14.18 -32.85 1.34
C CYS K 419 -12.79 -33.45 1.48
N PRO K 420 -11.74 -32.61 1.56
CA PRO K 420 -10.40 -33.18 1.70
C PRO K 420 -9.95 -33.35 3.14
N ALA K 421 -8.83 -34.06 3.31
CA ALA K 421 -8.25 -34.28 4.63
C ALA K 421 -6.98 -33.44 4.50
N VAL K 422 -6.69 -32.62 5.51
CA VAL K 422 -5.53 -31.74 5.46
C VAL K 422 -4.62 -31.88 6.69
N ALA K 423 -3.31 -31.96 6.45
CA ALA K 423 -2.35 -32.06 7.54
C ALA K 423 -1.27 -31.02 7.31
N GLY K 424 -0.98 -30.24 8.35
CA GLY K 424 0.05 -29.22 8.27
C GLY K 424 0.99 -29.31 9.46
N PHE K 425 2.26 -28.99 9.23
CA PHE K 425 3.26 -29.06 10.28
C PHE K 425 4.34 -27.99 10.08
N GLY K 426 4.61 -27.21 11.12
CA GLY K 426 5.62 -26.16 11.02
C GLY K 426 5.06 -24.75 11.15
N PRO K 427 5.71 -23.76 10.53
CA PRO K 427 5.26 -22.36 10.60
C PRO K 427 4.05 -22.21 9.66
N ILE K 428 2.92 -22.75 10.09
CA ILE K 428 1.70 -22.75 9.28
C ILE K 428 0.60 -21.71 9.57
N GLU K 429 0.98 -20.55 10.10
CA GLU K 429 -0.01 -19.51 10.39
C GLU K 429 -0.79 -19.14 9.14
N GLN K 430 -0.15 -19.28 7.98
CA GLN K 430 -0.78 -18.94 6.71
C GLN K 430 -1.51 -20.08 6.00
N LEU K 431 -1.56 -21.26 6.60
CA LEU K 431 -2.27 -22.38 6.00
C LEU K 431 -3.74 -21.98 6.00
N PRO K 432 -4.38 -21.98 4.82
CA PRO K 432 -5.79 -21.61 4.72
C PRO K 432 -6.76 -22.35 5.62
N ASP K 433 -7.77 -21.64 6.07
CA ASP K 433 -8.83 -22.16 6.92
C ASP K 433 -9.47 -23.29 6.13
N TYR K 434 -9.98 -24.31 6.83
CA TYR K 434 -10.60 -25.43 6.13
C TYR K 434 -11.75 -25.04 5.20
N ASN K 435 -12.57 -24.07 5.60
CA ASN K 435 -13.69 -23.63 4.75
C ASN K 435 -13.20 -23.07 3.43
N ARG K 436 -12.09 -22.35 3.49
CA ARG K 436 -11.53 -21.76 2.29
C ARG K 436 -10.96 -22.87 1.41
N ILE K 437 -10.37 -23.88 2.04
CA ILE K 437 -9.81 -25.00 1.30
C ILE K 437 -10.96 -25.76 0.66
N ARG K 438 -12.03 -25.98 1.42
CA ARG K 438 -13.20 -26.70 0.91
C ARG K 438 -13.83 -25.99 -0.27
N SER K 439 -13.90 -24.66 -0.22
CA SER K 439 -14.47 -23.88 -1.31
C SER K 439 -13.57 -23.96 -2.54
N GLY K 440 -12.29 -24.26 -2.30
CA GLY K 440 -11.34 -24.35 -3.38
C GLY K 440 -11.57 -25.62 -4.18
N MET K 441 -12.40 -26.51 -3.65
CA MET K 441 -12.69 -27.77 -4.32
C MET K 441 -13.80 -27.65 -5.36
N PHE K 442 -14.21 -26.42 -5.69
CA PHE K 442 -15.26 -26.25 -6.69
C PHE K 442 -15.32 -24.84 -7.29
N TRP K 443 -14.54 -23.93 -6.74
N GLU L 12 8.48 -67.60 -17.13
CA GLU L 12 8.41 -68.00 -18.56
C GLU L 12 9.76 -67.69 -19.22
N VAL L 17 10.17 -68.53 -20.16
CA VAL L 17 11.45 -68.32 -20.84
C VAL L 17 11.57 -66.91 -21.40
N PRO L 18 12.70 -66.24 -21.13
CA PRO L 18 13.00 -64.87 -21.58
C PRO L 18 13.30 -64.75 -23.07
N PRO L 19 13.15 -63.53 -23.63
CA PRO L 19 13.39 -63.28 -25.05
C PRO L 19 14.73 -63.86 -25.52
CA HIS L 20 18.04 -62.66 -27.13
C HIS L 20 18.08 -63.84 -26.16
N PRO L 21 18.81 -63.69 -25.04
CA PRO L 21 19.57 -62.49 -24.67
C PRO L 21 20.69 -62.19 -25.65
N GLN L 22 20.53 -61.10 -26.39
CA GLN L 22 21.51 -60.70 -27.38
C GLN L 22 22.82 -60.22 -26.77
N ASP L 23 23.81 -60.00 -27.63
CA ASP L 23 25.11 -59.52 -27.17
C ASP L 23 25.29 -58.05 -27.39
N LEU L 24 26.24 -57.49 -26.65
CA LEU L 24 26.58 -56.08 -26.73
C LEU L 24 27.31 -55.86 -28.06
N GLU L 25 26.82 -54.91 -28.85
CA GLU L 25 27.46 -54.60 -30.12
C GLU L 25 28.38 -53.42 -29.91
N PHE L 26 29.57 -53.49 -30.50
CA PHE L 26 30.59 -52.47 -30.33
C PHE L 26 31.07 -51.98 -31.70
N THR L 27 31.26 -50.67 -31.81
CA THR L 27 31.75 -50.05 -33.03
C THR L 27 32.57 -48.83 -32.68
N ARG L 28 33.77 -48.76 -33.23
CA ARG L 28 34.63 -47.61 -32.99
C ARG L 28 34.75 -46.90 -34.34
N LEU L 29 34.45 -45.61 -34.35
CA LEU L 29 34.54 -44.84 -35.58
C LEU L 29 35.96 -44.35 -35.78
N PRO L 30 36.30 -43.91 -37.02
CA PRO L 30 37.63 -43.41 -37.35
C PRO L 30 38.10 -42.26 -36.46
N ASN L 31 37.17 -41.40 -36.07
CA ASN L 31 37.53 -40.25 -35.24
C ASN L 31 37.77 -40.64 -33.79
N GLY L 32 37.61 -41.92 -33.47
CA GLY L 32 37.85 -42.40 -32.12
C GLY L 32 36.61 -42.59 -31.25
N LEU L 33 35.47 -42.10 -31.71
CA LEU L 33 34.25 -42.24 -30.93
C LEU L 33 33.79 -43.68 -30.90
N VAL L 34 33.45 -44.16 -29.71
CA VAL L 34 32.98 -45.52 -29.50
C VAL L 34 31.46 -45.55 -29.35
N ILE L 35 30.82 -46.53 -29.99
CA ILE L 35 29.38 -46.70 -29.87
C ILE L 35 29.18 -48.13 -29.39
N ALA L 36 28.31 -48.30 -28.42
CA ALA L 36 28.05 -49.62 -27.87
C ALA L 36 26.58 -49.71 -27.50
N SER L 37 25.92 -50.76 -27.97
CA SER L 37 24.51 -50.92 -27.66
C SER L 37 24.11 -52.37 -27.42
N LEU L 38 23.04 -52.53 -26.67
CA LEU L 38 22.49 -53.83 -26.34
C LEU L 38 20.98 -53.75 -26.54
N GLU L 39 20.46 -54.57 -27.44
CA GLU L 39 19.02 -54.58 -27.66
C GLU L 39 18.45 -55.61 -26.69
N ASN L 40 17.67 -55.14 -25.73
CA ASN L 40 17.08 -56.04 -24.76
C ASN L 40 15.59 -56.20 -25.03
N TYR L 41 15.14 -55.57 -26.11
CA TYR L 41 13.76 -55.62 -26.54
C TYR L 41 12.80 -55.03 -25.49
N ALA L 42 13.33 -54.15 -24.66
CA ALA L 42 12.52 -53.50 -23.62
C ALA L 42 11.64 -52.44 -24.26
N PRO L 43 10.55 -52.05 -23.59
CA PRO L 43 9.64 -51.03 -24.11
C PRO L 43 10.24 -49.62 -24.09
N ALA L 44 11.25 -49.43 -23.24
CA ALA L 44 11.92 -48.14 -23.11
C ALA L 44 13.41 -48.22 -23.41
N SER L 45 13.97 -47.11 -23.84
CA SER L 45 15.38 -47.05 -24.18
C SER L 45 16.13 -46.11 -23.26
N ARG L 46 17.43 -46.34 -23.14
CA ARG L 46 18.29 -45.53 -22.31
C ARG L 46 19.57 -45.30 -23.10
N ILE L 47 19.87 -44.04 -23.36
CA ILE L 47 21.05 -43.68 -24.12
C ILE L 47 21.89 -42.67 -23.39
N GLY L 48 23.20 -42.90 -23.37
CA GLY L 48 24.07 -41.98 -22.67
C GLY L 48 25.33 -41.66 -23.45
N LEU L 49 25.78 -40.40 -23.33
CA LEU L 49 27.00 -39.98 -24.00
C LEU L 49 27.99 -39.70 -22.88
N PHE L 50 28.98 -40.58 -22.78
CA PHE L 50 30.01 -40.44 -21.76
C PHE L 50 31.18 -39.65 -22.33
N ILE L 51 31.68 -38.70 -21.53
CA ILE L 51 32.78 -37.84 -21.95
C ILE L 51 33.85 -37.69 -20.86
N LYS L 52 35.10 -37.63 -21.28
CA LYS L 52 36.18 -37.43 -20.30
C LYS L 52 36.22 -35.93 -20.07
N ALA L 53 35.34 -35.46 -19.19
CA ALA L 53 35.27 -34.03 -18.89
C ALA L 53 34.94 -33.74 -17.42
N GLY L 54 35.22 -34.70 -16.55
CA GLY L 54 34.96 -34.51 -15.14
C GLY L 54 35.77 -33.35 -14.58
N SER L 55 35.53 -33.02 -13.32
CA SER L 55 36.24 -31.91 -12.67
C SER L 55 37.77 -31.94 -12.68
N ARG L 56 38.37 -33.12 -12.87
CA ARG L 56 39.82 -33.18 -12.86
C ARG L 56 40.45 -32.36 -13.98
N TYR L 57 39.67 -32.06 -15.01
CA TYR L 57 40.19 -31.30 -16.14
C TYR L 57 40.12 -29.79 -15.99
N GLU L 58 39.58 -29.32 -14.87
CA GLU L 58 39.49 -27.88 -14.62
C GLU L 58 40.86 -27.52 -14.04
N ASN L 59 41.27 -26.26 -14.17
CA ASN L 59 42.53 -25.86 -13.59
C ASN L 59 42.23 -24.74 -12.64
N SER L 60 43.26 -24.22 -11.99
CA SER L 60 43.14 -23.15 -11.01
C SER L 60 42.36 -21.91 -11.48
N ASN L 61 42.35 -21.65 -12.79
CA ASN L 61 41.67 -20.48 -13.31
C ASN L 61 40.20 -20.65 -13.72
N ASN L 62 39.73 -21.88 -13.79
CA ASN L 62 38.35 -22.10 -14.17
C ASN L 62 37.60 -23.11 -13.33
N LEU L 63 37.97 -23.20 -12.05
CA LEU L 63 37.33 -24.13 -11.13
C LEU L 63 35.81 -23.91 -11.11
N GLY L 64 35.08 -25.02 -11.09
CA GLY L 64 33.63 -24.94 -11.04
C GLY L 64 32.98 -24.85 -12.40
N THR L 65 33.77 -24.68 -13.45
CA THR L 65 33.21 -24.59 -14.79
C THR L 65 32.44 -25.87 -15.15
N SER L 66 32.97 -27.05 -14.81
CA SER L 66 32.26 -28.28 -15.13
C SER L 66 30.99 -28.44 -14.28
N HIS L 67 30.92 -27.79 -13.11
CA HIS L 67 29.73 -27.91 -12.28
C HIS L 67 28.62 -27.16 -12.98
N LEU L 68 28.92 -25.94 -13.44
CA LEU L 68 27.92 -25.13 -14.12
C LEU L 68 27.50 -25.82 -15.40
N LEU L 69 28.45 -26.42 -16.11
CA LEU L 69 28.15 -27.13 -17.35
C LEU L 69 27.13 -28.22 -17.06
N ARG L 70 27.32 -28.92 -15.95
CA ARG L 70 26.43 -30.00 -15.53
C ARG L 70 25.00 -29.48 -15.31
N LEU L 71 24.88 -28.23 -14.88
CA LEU L 71 23.58 -27.62 -14.61
C LEU L 71 22.98 -26.89 -15.81
N ALA L 72 23.77 -26.75 -16.87
CA ALA L 72 23.33 -26.03 -18.05
C ALA L 72 22.76 -26.87 -19.21
N SER L 73 22.48 -28.15 -18.97
CA SER L 73 21.96 -29.00 -20.03
C SER L 73 20.69 -28.52 -20.74
N SER L 74 19.87 -27.67 -20.10
CA SER L 74 18.65 -27.22 -20.78
C SER L 74 18.73 -25.78 -21.29
N LEU L 75 19.95 -25.26 -21.41
CA LEU L 75 20.10 -23.89 -21.91
C LEU L 75 19.95 -23.96 -23.43
N THR L 76 19.72 -22.83 -24.08
CA THR L 76 19.54 -22.78 -25.52
C THR L 76 20.73 -23.33 -26.32
N THR L 77 20.42 -24.05 -27.40
CA THR L 77 21.41 -24.63 -28.28
C THR L 77 21.08 -24.15 -29.70
N LYS L 78 21.99 -24.37 -30.63
CA LYS L 78 21.78 -23.94 -32.00
C LYS L 78 20.52 -24.53 -32.64
N GLY L 79 20.21 -25.78 -32.32
CA GLY L 79 19.04 -26.42 -32.92
C GLY L 79 17.79 -26.48 -32.07
N ALA L 80 17.88 -26.07 -30.81
CA ALA L 80 16.70 -26.12 -29.94
C ALA L 80 16.80 -25.12 -28.79
N SER L 81 15.72 -24.35 -28.61
CA SER L 81 15.68 -23.35 -27.57
C SER L 81 15.54 -24.04 -26.22
N SER L 82 15.89 -23.31 -25.16
CA SER L 82 15.79 -23.84 -23.81
C SER L 82 14.35 -24.30 -23.59
N PHE L 83 13.41 -23.48 -24.05
CA PHE L 83 11.99 -23.77 -23.92
C PHE L 83 11.62 -25.06 -24.62
N LYS L 84 12.11 -25.25 -25.85
CA LYS L 84 11.82 -26.46 -26.60
C LYS L 84 12.41 -27.72 -25.98
N ILE L 85 13.62 -27.62 -25.44
CA ILE L 85 14.26 -28.78 -24.83
C ILE L 85 13.40 -29.31 -23.69
N THR L 86 12.94 -28.42 -22.82
CA THR L 86 12.13 -28.84 -21.68
C THR L 86 10.75 -29.37 -22.10
N ARG L 87 10.02 -28.58 -22.88
CA ARG L 87 8.69 -28.99 -23.34
C ARG L 87 8.75 -30.21 -24.26
N GLY L 88 9.74 -30.26 -25.13
CA GLY L 88 9.87 -31.37 -26.06
C GLY L 88 10.14 -32.70 -25.40
N ILE L 89 11.01 -32.71 -24.40
CA ILE L 89 11.32 -33.93 -23.70
C ILE L 89 10.16 -34.34 -22.80
N GLU L 90 9.50 -33.36 -22.18
CA GLU L 90 8.37 -33.66 -21.31
C GLU L 90 7.16 -34.16 -22.09
N ALA L 91 7.01 -33.70 -23.33
CA ALA L 91 5.88 -34.11 -24.16
C ALA L 91 5.83 -35.61 -24.34
N VAL L 92 7.00 -36.25 -24.39
CA VAL L 92 7.03 -37.71 -24.57
C VAL L 92 7.40 -38.40 -23.26
N GLY L 93 7.22 -37.69 -22.15
CA GLY L 93 7.51 -38.22 -20.83
C GLY L 93 8.94 -38.69 -20.68
N GLY L 94 9.83 -38.04 -21.41
CA GLY L 94 11.23 -38.40 -21.40
C GLY L 94 12.02 -37.83 -20.25
N LYS L 95 13.33 -38.09 -20.26
CA LYS L 95 14.21 -37.64 -19.18
C LYS L 95 15.61 -37.29 -19.71
N LEU L 96 16.20 -36.25 -19.14
CA LEU L 96 17.55 -35.82 -19.53
C LEU L 96 18.29 -35.48 -18.26
N SER L 97 19.42 -36.15 -18.03
CA SER L 97 20.19 -35.86 -16.83
C SER L 97 21.68 -35.86 -17.13
N VAL L 98 22.42 -35.16 -16.27
CA VAL L 98 23.87 -35.08 -16.42
C VAL L 98 24.47 -35.57 -15.12
N THR L 99 25.39 -36.53 -15.24
CA THR L 99 26.03 -37.10 -14.07
C THR L 99 27.54 -36.93 -14.23
N SER L 100 28.21 -36.55 -13.15
CA SER L 100 29.64 -36.33 -13.21
C SER L 100 30.39 -36.96 -12.04
N THR L 101 31.63 -37.33 -12.30
CA THR L 101 32.51 -37.88 -11.29
C THR L 101 33.72 -36.99 -11.50
N ARG L 102 34.82 -37.29 -10.84
CA ARG L 102 36.01 -36.47 -11.00
C ARG L 102 36.68 -36.65 -12.35
N GLU L 103 36.27 -37.68 -13.08
CA GLU L 103 36.87 -37.93 -14.39
C GLU L 103 35.95 -37.88 -15.61
N ASN L 104 34.71 -38.31 -15.44
CA ASN L 104 33.76 -38.36 -16.56
C ASN L 104 32.49 -37.56 -16.34
N MET L 105 31.79 -37.30 -17.45
CA MET L 105 30.52 -36.59 -17.43
C MET L 105 29.69 -37.47 -18.32
N ALA L 106 28.46 -37.75 -17.89
CA ALA L 106 27.59 -38.61 -18.68
C ALA L 106 26.24 -37.93 -18.86
N TYR L 107 25.88 -37.72 -20.12
CA TYR L 107 24.59 -37.12 -20.45
C TYR L 107 23.70 -38.29 -20.85
N THR L 108 22.62 -38.49 -20.11
CA THR L 108 21.73 -39.61 -20.39
C THR L 108 20.29 -39.21 -20.66
N VAL L 109 19.67 -39.88 -21.62
CA VAL L 109 18.29 -39.63 -21.97
C VAL L 109 17.54 -40.94 -21.82
N GLU L 110 16.28 -40.85 -21.41
CA GLU L 110 15.43 -42.02 -21.20
C GLU L 110 14.08 -41.71 -21.87
N CYS L 111 13.50 -42.70 -22.55
CA CYS L 111 12.23 -42.51 -23.22
C CYS L 111 11.73 -43.84 -23.75
N LEU L 112 10.51 -43.86 -24.25
CA LEU L 112 9.94 -45.08 -24.79
C LEU L 112 10.72 -45.30 -26.07
N ARG L 113 10.89 -46.55 -26.50
CA ARG L 113 11.69 -46.80 -27.68
C ARG L 113 11.32 -46.11 -29.00
N ASP L 114 10.05 -45.77 -29.20
CA ASP L 114 9.66 -45.10 -30.45
C ASP L 114 10.06 -43.63 -30.48
N ASP L 115 10.43 -43.06 -29.33
CA ASP L 115 10.79 -41.65 -29.27
C ASP L 115 12.29 -41.34 -29.16
N VAL L 116 13.12 -42.34 -29.41
CA VAL L 116 14.56 -42.15 -29.32
C VAL L 116 15.05 -41.06 -30.29
N ASP L 117 14.41 -40.96 -31.45
CA ASP L 117 14.81 -39.95 -32.43
C ASP L 117 14.74 -38.56 -31.83
N ILE L 118 13.68 -38.30 -31.07
CA ILE L 118 13.48 -37.01 -30.43
C ILE L 118 14.51 -36.72 -29.34
N LEU L 119 14.68 -37.66 -28.41
CA LEU L 119 15.62 -37.49 -27.32
C LEU L 119 17.06 -37.38 -27.83
N MET L 120 17.37 -38.10 -28.90
CA MET L 120 18.71 -38.07 -29.47
C MET L 120 19.06 -36.70 -30.05
N GLU L 121 18.08 -36.05 -30.68
CA GLU L 121 18.29 -34.74 -31.29
C GLU L 121 18.60 -33.72 -30.21
N PHE L 122 17.91 -33.81 -29.07
CA PHE L 122 18.16 -32.88 -27.98
C PHE L 122 19.51 -33.19 -27.38
N LEU L 123 19.80 -34.47 -27.17
CA LEU L 123 21.07 -34.89 -26.60
C LEU L 123 22.23 -34.36 -27.43
N LEU L 124 22.11 -34.46 -28.75
CA LEU L 124 23.16 -33.98 -29.65
C LEU L 124 23.30 -32.46 -29.63
N ASN L 125 22.19 -31.75 -29.51
CA ASN L 125 22.21 -30.29 -29.48
C ASN L 125 22.89 -29.80 -28.21
N VAL L 126 22.52 -30.43 -27.09
CA VAL L 126 23.06 -30.10 -25.79
C VAL L 126 24.56 -30.29 -25.69
N THR L 127 25.06 -31.40 -26.25
CA THR L 127 26.48 -31.71 -26.20
C THR L 127 27.38 -31.21 -27.33
N THR L 128 26.83 -30.95 -28.51
CA THR L 128 27.67 -30.47 -29.61
C THR L 128 27.33 -29.08 -30.17
N ALA L 129 26.23 -28.49 -29.70
CA ALA L 129 25.86 -27.17 -30.18
C ALA L 129 25.28 -26.20 -29.15
N PRO L 130 25.83 -26.20 -27.92
CA PRO L 130 25.31 -25.28 -26.92
C PRO L 130 25.73 -23.86 -27.28
N GLU L 131 24.90 -22.88 -26.92
CA GLU L 131 25.24 -21.48 -27.25
C GLU L 131 25.77 -20.69 -26.07
N PHE L 132 25.44 -21.14 -24.87
CA PHE L 132 25.88 -20.48 -23.63
C PHE L 132 25.68 -18.99 -23.76
N ARG L 133 24.43 -18.61 -24.04
CA ARG L 133 24.07 -17.21 -24.21
C ARG L 133 24.36 -16.50 -22.89
N ARG L 134 24.98 -15.34 -23.02
CA ARG L 134 25.38 -14.49 -21.90
C ARG L 134 24.32 -14.31 -20.80
N TRP L 135 23.10 -13.94 -21.19
CA TRP L 135 22.03 -13.73 -20.22
C TRP L 135 21.50 -15.02 -19.57
N GLU L 136 21.52 -16.13 -20.31
CA GLU L 136 21.07 -17.40 -19.77
C GLU L 136 22.11 -17.93 -18.80
N VAL L 137 23.39 -17.73 -19.13
CA VAL L 137 24.46 -18.18 -18.25
C VAL L 137 24.45 -17.39 -16.95
N ALA L 138 24.21 -16.09 -17.04
CA ALA L 138 24.16 -15.25 -15.85
C ALA L 138 23.00 -15.68 -14.95
N ALA L 139 21.84 -15.88 -15.55
CA ALA L 139 20.63 -16.27 -14.83
C ALA L 139 20.74 -17.63 -14.14
N LEU L 140 21.64 -18.49 -14.64
CA LEU L 140 21.80 -19.83 -14.09
C LEU L 140 22.75 -19.88 -12.89
N GLN L 141 23.65 -18.90 -12.78
CA GLN L 141 24.61 -18.88 -11.67
C GLN L 141 24.03 -19.17 -10.28
N PRO L 142 22.93 -18.51 -9.88
CA PRO L 142 22.36 -18.78 -8.55
C PRO L 142 22.12 -20.26 -8.28
N GLN L 143 21.84 -21.01 -9.34
CA GLN L 143 21.57 -22.44 -9.20
C GLN L 143 22.78 -23.19 -8.63
N LEU L 144 23.98 -22.64 -8.83
CA LEU L 144 25.19 -23.29 -8.34
C LEU L 144 25.15 -23.30 -6.83
N ARG L 145 24.66 -22.21 -6.25
CA ARG L 145 24.55 -22.07 -4.81
C ARG L 145 23.52 -23.05 -4.23
N ILE L 146 22.35 -23.13 -4.88
CA ILE L 146 21.29 -24.03 -4.44
C ILE L 146 21.73 -25.49 -4.54
N ASP L 147 22.26 -25.87 -5.71
CA ASP L 147 22.71 -27.24 -5.95
C ASP L 147 23.78 -27.69 -4.95
N LYS L 148 24.73 -26.80 -4.66
CA LYS L 148 25.82 -27.12 -3.74
C LYS L 148 25.31 -27.25 -2.31
N ALA L 149 24.43 -26.32 -1.90
CA ALA L 149 23.88 -26.36 -0.55
C ALA L 149 23.13 -27.66 -0.31
N VAL L 150 22.41 -28.12 -1.33
CA VAL L 150 21.66 -29.36 -1.22
C VAL L 150 22.61 -30.54 -1.05
N ALA L 151 23.61 -30.63 -1.93
CA ALA L 151 24.58 -31.72 -1.84
C ALA L 151 25.33 -31.69 -0.52
N LEU L 152 25.75 -30.51 -0.09
CA LEU L 152 26.50 -30.41 1.15
C LEU L 152 25.69 -30.60 2.44
N GLN L 153 24.42 -30.97 2.32
CA GLN L 153 23.61 -31.22 3.52
C GLN L 153 24.09 -32.57 4.01
N ASN L 154 24.80 -33.27 3.12
CA ASN L 154 25.34 -34.58 3.43
C ASN L 154 26.78 -34.43 3.90
N PRO L 155 27.04 -34.76 5.17
CA PRO L 155 28.41 -34.64 5.67
C PRO L 155 29.42 -35.42 4.85
N GLN L 156 28.98 -36.56 4.30
CA GLN L 156 29.86 -37.39 3.50
C GLN L 156 30.42 -36.58 2.34
N ALA L 157 29.60 -35.70 1.78
CA ALA L 157 30.02 -34.88 0.66
C ALA L 157 31.15 -33.96 1.09
N HIS L 158 31.01 -33.36 2.27
CA HIS L 158 32.03 -32.46 2.83
C HIS L 158 33.33 -33.22 2.96
N VAL L 159 33.26 -34.36 3.64
CA VAL L 159 34.44 -35.19 3.88
C VAL L 159 35.10 -35.74 2.62
N ILE L 160 34.32 -36.30 1.70
CA ILE L 160 34.93 -36.84 0.49
C ILE L 160 35.55 -35.77 -0.39
N GLU L 161 34.95 -34.59 -0.47
CA GLU L 161 35.53 -33.52 -1.29
C GLU L 161 36.85 -33.06 -0.65
N ASN L 162 36.82 -32.86 0.68
CA ASN L 162 38.02 -32.44 1.39
C ASN L 162 39.09 -33.51 1.32
N LEU L 163 38.69 -34.78 1.36
CA LEU L 163 39.66 -35.86 1.31
C LEU L 163 40.47 -35.78 0.02
N HIS L 164 39.79 -35.60 -1.12
CA HIS L 164 40.49 -35.50 -2.40
C HIS L 164 41.36 -34.24 -2.45
N ALA L 165 40.87 -33.14 -1.89
CA ALA L 165 41.64 -31.90 -1.89
C ALA L 165 42.90 -32.06 -1.05
N ALA L 166 42.82 -32.87 -0.01
CA ALA L 166 43.95 -33.10 0.89
C ALA L 166 44.97 -34.07 0.29
N ALA L 167 44.49 -35.07 -0.42
CA ALA L 167 45.34 -36.09 -1.01
C ALA L 167 46.13 -35.68 -2.26
N TYR L 168 45.52 -34.89 -3.14
CA TYR L 168 46.18 -34.50 -4.39
C TYR L 168 46.60 -33.04 -4.53
N ARG L 169 47.70 -32.83 -5.25
CA ARG L 169 48.23 -31.48 -5.50
C ARG L 169 47.42 -30.82 -6.60
N ASN L 170 46.76 -31.63 -7.41
CA ASN L 170 46.01 -31.12 -8.55
C ASN L 170 44.95 -32.08 -9.06
N ALA L 171 44.49 -31.82 -10.29
CA ALA L 171 43.49 -32.62 -10.98
C ALA L 171 42.42 -33.28 -10.13
N LEU L 172 42.71 -34.49 -9.64
CA LEU L 172 41.74 -35.21 -8.82
C LEU L 172 41.42 -34.46 -7.54
N ALA L 173 42.17 -33.40 -7.28
CA ALA L 173 41.98 -32.59 -6.09
C ALA L 173 40.77 -31.70 -6.23
N ASN L 174 40.40 -31.39 -7.48
CA ASN L 174 39.25 -30.54 -7.75
C ASN L 174 37.91 -31.10 -7.26
N SER L 175 37.07 -30.21 -6.76
CA SER L 175 35.76 -30.59 -6.26
C SER L 175 34.73 -30.69 -7.38
N LEU L 176 33.71 -31.50 -7.13
CA LEU L 176 32.64 -31.71 -8.09
C LEU L 176 31.75 -30.50 -8.09
N TYR L 177 31.87 -29.72 -7.02
CA TYR L 177 31.07 -28.53 -6.85
C TYR L 177 31.88 -27.24 -6.97
N CYS L 178 31.25 -26.23 -7.57
CA CYS L 178 31.88 -24.94 -7.79
C CYS L 178 32.28 -24.25 -6.49
N PRO L 179 33.52 -23.73 -6.41
CA PRO L 179 33.98 -23.03 -5.20
C PRO L 179 33.09 -21.80 -5.01
N ASP L 180 32.82 -21.41 -3.77
CA ASP L 180 31.96 -20.25 -3.52
C ASP L 180 32.39 -18.97 -4.24
N TYR L 181 33.69 -18.68 -4.25
CA TYR L 181 34.16 -17.45 -4.88
C TYR L 181 33.93 -17.41 -6.37
N ARG L 182 33.72 -18.57 -6.98
CA ARG L 182 33.50 -18.63 -8.40
C ARG L 182 32.03 -18.51 -8.81
N ILE L 183 31.11 -18.70 -7.88
CA ILE L 183 29.69 -18.59 -8.17
C ILE L 183 29.38 -17.17 -8.61
N GLY L 184 28.87 -17.05 -9.84
CA GLY L 184 28.54 -15.75 -10.39
C GLY L 184 29.65 -15.26 -11.29
N LYS L 185 30.75 -16.01 -11.31
CA LYS L 185 31.92 -15.65 -12.11
C LYS L 185 32.24 -16.57 -13.29
N VAL L 186 31.55 -17.70 -13.41
CA VAL L 186 31.81 -18.60 -14.54
C VAL L 186 31.25 -17.94 -15.79
N THR L 187 32.14 -17.67 -16.75
CA THR L 187 31.77 -17.00 -18.00
C THR L 187 31.41 -17.91 -19.15
N PRO L 188 30.70 -17.35 -20.15
CA PRO L 188 30.28 -18.10 -21.34
C PRO L 188 31.51 -18.61 -22.07
N VAL L 189 32.56 -17.79 -22.13
CA VAL L 189 33.78 -18.18 -22.81
C VAL L 189 34.45 -19.39 -22.12
N GLU L 190 34.38 -19.45 -20.78
CA GLU L 190 34.98 -20.57 -20.07
C GLU L 190 34.18 -21.84 -20.36
N LEU L 191 32.87 -21.69 -20.51
CA LEU L 191 32.02 -22.85 -20.79
C LEU L 191 32.33 -23.36 -22.20
N HIS L 192 32.42 -22.44 -23.16
CA HIS L 192 32.72 -22.79 -24.54
C HIS L 192 34.08 -23.47 -24.62
N ASP L 193 35.06 -22.85 -23.95
CA ASP L 193 36.43 -23.35 -23.91
C ASP L 193 36.45 -24.78 -23.37
N TYR L 194 35.72 -25.00 -22.29
CA TYR L 194 35.67 -26.31 -21.64
C TYR L 194 35.06 -27.36 -22.57
N VAL L 195 33.95 -27.03 -23.23
CA VAL L 195 33.31 -27.98 -24.13
C VAL L 195 34.20 -28.28 -25.33
N GLN L 196 34.81 -27.24 -25.89
CA GLN L 196 35.70 -27.38 -27.04
C GLN L 196 36.99 -28.16 -26.75
N ASN L 197 37.53 -28.05 -25.54
CA ASN L 197 38.75 -28.75 -25.18
C ASN L 197 38.49 -30.20 -24.73
N HIS L 198 37.27 -30.48 -24.28
CA HIS L 198 36.99 -31.85 -23.79
C HIS L 198 35.89 -32.70 -24.44
N PHE L 199 34.89 -32.07 -25.04
CA PHE L 199 33.84 -32.84 -25.69
C PHE L 199 34.33 -33.15 -27.10
N THR L 200 35.35 -34.02 -27.21
CA THR L 200 35.89 -34.39 -28.50
C THR L 200 35.71 -35.89 -28.78
N SER L 201 35.68 -36.24 -30.06
CA SER L 201 35.49 -37.62 -30.51
C SER L 201 36.30 -38.71 -29.78
N ALA L 202 37.60 -38.49 -29.59
CA ALA L 202 38.44 -39.48 -28.92
C ALA L 202 38.26 -39.51 -27.40
N ARG L 203 37.37 -38.67 -26.89
CA ARG L 203 37.10 -38.62 -25.47
C ARG L 203 35.62 -38.98 -25.19
N MET L 204 34.91 -39.42 -26.24
CA MET L 204 33.49 -39.76 -26.11
C MET L 204 33.08 -41.19 -26.46
N ALA L 205 32.01 -41.64 -25.81
CA ALA L 205 31.45 -42.96 -26.04
C ALA L 205 29.91 -42.84 -25.98
N LEU L 206 29.24 -43.30 -27.04
CA LEU L 206 27.78 -43.24 -27.08
C LEU L 206 27.29 -44.65 -26.77
N ILE L 207 26.64 -44.79 -25.62
CA ILE L 207 26.14 -46.08 -25.19
C ILE L 207 24.61 -46.15 -25.20
N GLY L 208 24.08 -47.30 -25.61
CA GLY L 208 22.64 -47.42 -25.65
C GLY L 208 22.13 -48.79 -25.20
N LEU L 209 20.96 -48.76 -24.56
CA LEU L 209 20.31 -49.96 -24.08
C LEU L 209 18.85 -49.88 -24.54
N GLY L 210 18.37 -50.93 -25.17
CA GLY L 210 16.99 -50.93 -25.64
C GLY L 210 16.82 -50.13 -26.91
N VAL L 211 17.79 -50.27 -27.80
CA VAL L 211 17.78 -49.57 -29.07
C VAL L 211 18.60 -50.47 -29.99
N SER L 212 18.37 -50.41 -31.29
CA SER L 212 19.12 -51.26 -32.20
C SER L 212 20.47 -50.62 -32.51
N HIS L 213 21.50 -51.45 -32.61
CA HIS L 213 22.84 -50.95 -32.89
C HIS L 213 22.92 -50.18 -34.21
N PRO L 214 22.21 -50.63 -35.24
CA PRO L 214 22.26 -49.91 -36.52
C PRO L 214 21.80 -48.46 -36.42
N VAL L 215 20.67 -48.21 -35.75
CA VAL L 215 20.19 -46.83 -35.66
C VAL L 215 21.16 -45.97 -34.86
N LEU L 216 21.64 -46.51 -33.73
CA LEU L 216 22.56 -45.75 -32.91
C LEU L 216 23.84 -45.49 -33.71
N LYS L 217 24.26 -46.46 -34.52
CA LYS L 217 25.46 -46.31 -35.35
C LYS L 217 25.26 -45.24 -36.41
N GLN L 218 24.09 -45.21 -37.04
CA GLN L 218 23.82 -44.20 -38.06
C GLN L 218 23.67 -42.82 -37.45
N VAL L 219 23.22 -42.75 -36.21
CA VAL L 219 23.06 -41.47 -35.54
C VAL L 219 24.45 -40.91 -35.27
N ALA L 220 25.33 -41.75 -34.74
CA ALA L 220 26.70 -41.34 -34.42
C ALA L 220 27.48 -40.97 -35.67
N GLU L 221 27.30 -41.75 -36.72
CA GLU L 221 28.00 -41.50 -37.98
C GLU L 221 27.61 -40.17 -38.61
N GLN L 222 26.32 -39.86 -38.62
CA GLN L 222 25.85 -38.63 -39.24
C GLN L 222 25.94 -37.37 -38.37
N PHE L 223 25.68 -37.50 -37.07
CA PHE L 223 25.70 -36.33 -36.19
C PHE L 223 26.81 -36.21 -35.16
N LEU L 224 27.55 -37.28 -34.91
CA LEU L 224 28.64 -37.24 -33.94
C LEU L 224 29.98 -37.43 -34.63
N ASN L 225 30.01 -37.12 -35.92
CA ASN L 225 31.21 -37.23 -36.72
C ASN L 225 32.02 -35.97 -36.50
N ILE L 226 32.22 -35.61 -35.23
CA ILE L 226 33.01 -34.43 -34.88
C ILE L 226 34.50 -34.77 -34.94
N ARG L 227 35.33 -33.85 -34.49
CA ARG L 227 36.78 -34.08 -34.48
C ARG L 227 37.33 -33.71 -33.10
N GLY L 228 38.51 -33.11 -33.05
CA GLY L 228 39.06 -32.72 -31.77
C GLY L 228 39.99 -33.78 -31.21
N GLY L 229 39.99 -34.96 -31.82
CA GLY L 229 40.85 -36.04 -31.37
C GLY L 229 40.77 -36.35 -29.88
N LEU L 230 41.93 -36.49 -29.25
CA LEU L 230 42.01 -36.79 -27.82
C LEU L 230 41.76 -35.54 -26.97
N GLY L 231 41.65 -34.39 -27.62
CA GLY L 231 41.40 -33.16 -26.88
C GLY L 231 42.51 -32.78 -25.92
N LEU L 232 42.18 -31.93 -24.96
CA LEU L 232 43.17 -31.48 -23.98
C LEU L 232 43.11 -32.31 -22.71
N SER L 233 43.98 -33.31 -22.65
CA SER L 233 44.07 -34.16 -21.48
C SER L 233 44.61 -33.26 -20.38
N GLY L 234 44.53 -33.71 -19.13
CA GLY L 234 45.02 -32.88 -18.05
C GLY L 234 46.40 -33.33 -17.64
N ALA L 235 46.89 -32.79 -16.53
CA ALA L 235 48.19 -33.18 -16.03
C ALA L 235 47.88 -34.43 -15.23
N LYS L 236 48.88 -35.26 -15.01
CA LYS L 236 48.66 -36.48 -14.26
C LYS L 236 48.41 -36.08 -12.82
N ALA L 237 47.56 -36.81 -12.12
CA ALA L 237 47.25 -36.49 -10.73
C ALA L 237 48.48 -36.80 -9.90
N LYS L 238 48.90 -35.83 -9.09
CA LYS L 238 50.05 -36.02 -8.24
C LYS L 238 49.63 -36.18 -6.79
N TYR L 239 49.76 -37.41 -6.27
CA TYR L 239 49.39 -37.65 -4.89
C TYR L 239 50.37 -36.91 -3.99
N HIS L 240 49.82 -36.31 -2.95
CA HIS L 240 50.60 -35.50 -2.02
C HIS L 240 50.45 -35.95 -0.57
N GLY L 241 49.19 -36.08 -0.14
CA GLY L 241 48.93 -36.47 1.23
C GLY L 241 48.76 -35.19 2.00
N GLY L 242 47.97 -35.26 3.08
CA GLY L 242 47.74 -34.09 3.89
C GLY L 242 46.44 -34.28 4.65
N GLU L 243 46.01 -33.25 5.37
CA GLU L 243 44.77 -33.37 6.11
C GLU L 243 44.02 -32.06 6.19
N ILE L 244 42.71 -32.17 6.11
CA ILE L 244 41.83 -31.02 6.18
C ILE L 244 40.85 -31.34 7.28
N ARG L 245 40.79 -30.47 8.29
CA ARG L 245 39.89 -30.65 9.43
C ARG L 245 38.85 -29.55 9.42
N GLU L 246 37.59 -29.95 9.40
CA GLU L 246 36.50 -28.99 9.37
C GLU L 246 35.69 -29.06 10.66
N GLN L 247 35.96 -28.13 11.56
CA GLN L 247 35.27 -28.06 12.85
C GLN L 247 33.90 -27.44 12.61
N ASN L 248 32.85 -28.14 13.03
CA ASN L 248 31.50 -27.63 12.88
C ASN L 248 30.60 -28.00 14.05
N GLY L 249 31.21 -28.56 15.09
CA GLY L 249 30.50 -28.93 16.32
C GLY L 249 29.35 -29.92 16.26
N ASP L 250 29.25 -30.70 15.19
CA ASP L 250 28.16 -31.67 15.12
C ASP L 250 28.38 -32.79 16.12
N SER L 251 27.29 -33.30 16.68
CA SER L 251 27.34 -34.38 17.65
C SER L 251 28.14 -35.56 17.12
N LEU L 252 28.13 -35.74 15.80
CA LEU L 252 28.82 -36.86 15.18
C LEU L 252 30.00 -36.40 14.33
N VAL L 253 31.09 -37.14 14.39
CA VAL L 253 32.28 -36.82 13.62
C VAL L 253 32.37 -37.78 12.44
N HIS L 254 32.59 -37.22 11.26
CA HIS L 254 32.75 -38.00 10.04
C HIS L 254 34.22 -37.86 9.71
N ALA L 255 34.88 -38.96 9.39
CA ALA L 255 36.30 -38.90 9.09
C ALA L 255 36.69 -39.99 8.11
N ALA L 256 37.69 -39.69 7.28
CA ALA L 256 38.19 -40.63 6.30
C ALA L 256 39.71 -40.58 6.31
N LEU L 257 40.32 -41.75 6.28
CA LEU L 257 41.78 -41.88 6.29
C LEU L 257 42.14 -42.79 5.14
N VAL L 258 42.96 -42.29 4.22
CA VAL L 258 43.38 -43.07 3.07
C VAL L 258 44.86 -42.92 2.73
N ALA L 259 45.30 -43.72 1.76
CA ALA L 259 46.68 -43.71 1.29
C ALA L 259 46.52 -43.98 -0.19
N GLU L 260 47.53 -43.66 -1.00
CA GLU L 260 47.41 -43.89 -2.43
C GLU L 260 47.41 -45.39 -2.65
N SER L 261 46.45 -45.86 -3.45
CA SER L 261 46.35 -47.28 -3.75
C SER L 261 46.77 -47.61 -5.17
N ALA L 262 45.81 -47.85 -6.06
CA ALA L 262 46.18 -48.17 -7.44
C ALA L 262 45.17 -47.70 -8.49
N ALA L 263 45.68 -47.44 -9.68
CA ALA L 263 44.83 -46.99 -10.80
C ALA L 263 43.87 -48.09 -11.24
N ILE L 264 42.66 -47.68 -11.59
CA ILE L 264 41.65 -48.62 -12.04
C ILE L 264 42.19 -49.26 -13.31
N GLY L 265 41.98 -50.57 -13.46
CA GLY L 265 42.47 -51.28 -14.62
C GLY L 265 43.69 -52.13 -14.33
N SER L 266 44.35 -51.91 -13.21
CA SER L 266 45.53 -52.69 -12.86
C SER L 266 45.12 -53.87 -12.00
N ALA L 267 45.98 -54.89 -11.94
CA ALA L 267 45.71 -56.08 -11.15
C ALA L 267 45.72 -55.72 -9.66
N GLU L 268 46.57 -54.76 -9.31
CA GLU L 268 46.68 -54.32 -7.92
C GLU L 268 45.37 -53.69 -7.48
N ALA L 269 44.62 -53.13 -8.43
CA ALA L 269 43.35 -52.50 -8.10
C ALA L 269 42.39 -53.58 -7.63
N ASN L 270 42.50 -54.77 -8.20
CA ASN L 270 41.63 -55.89 -7.81
C ASN L 270 41.93 -56.32 -6.38
N ALA L 271 43.20 -56.26 -5.99
CA ALA L 271 43.59 -56.66 -4.65
C ALA L 271 42.91 -55.71 -3.68
N PHE L 272 42.95 -54.42 -3.98
CA PHE L 272 42.35 -53.42 -3.12
C PHE L 272 40.82 -53.61 -3.02
N SER L 273 40.18 -53.99 -4.12
CA SER L 273 38.73 -54.19 -4.11
C SER L 273 38.41 -55.37 -3.20
N VAL L 274 39.25 -56.40 -3.20
CA VAL L 274 39.01 -57.55 -2.33
C VAL L 274 39.30 -57.16 -0.88
N LEU L 275 40.35 -56.36 -0.67
CA LEU L 275 40.68 -55.93 0.68
C LEU L 275 39.52 -55.11 1.23
N GLN L 276 38.91 -54.30 0.37
CA GLN L 276 37.79 -53.49 0.77
C GLN L 276 36.67 -54.36 1.33
N HIS L 277 36.38 -55.48 0.68
CA HIS L 277 35.31 -56.36 1.16
C HIS L 277 35.69 -57.25 2.33
N VAL L 278 36.98 -57.35 2.62
CA VAL L 278 37.43 -58.16 3.74
C VAL L 278 37.13 -57.30 4.95
N LEU L 279 37.54 -56.02 4.85
CA LEU L 279 37.35 -55.05 5.92
C LEU L 279 35.88 -54.72 6.16
N GLY L 280 35.08 -54.72 5.10
CA GLY L 280 33.67 -54.39 5.22
C GLY L 280 33.39 -53.22 4.30
N ALA L 281 32.51 -53.40 3.34
CA ALA L 281 32.19 -52.35 2.38
C ALA L 281 30.74 -51.88 2.30
N GLY L 282 29.99 -52.08 3.36
CA GLY L 282 28.60 -51.67 3.38
C GLY L 282 27.75 -52.77 3.98
N PRO L 283 26.55 -52.46 4.47
CA PRO L 283 25.69 -53.49 5.06
C PRO L 283 25.05 -54.46 4.05
N HIS L 284 24.80 -55.68 4.52
CA HIS L 284 24.20 -56.74 3.71
C HIS L 284 22.85 -57.15 4.29
N VAL L 285 22.64 -56.82 5.55
CA VAL L 285 21.41 -57.18 6.24
C VAL L 285 20.79 -55.98 6.95
N LYS L 286 19.52 -55.71 6.71
CA LYS L 286 18.85 -54.57 7.33
C LYS L 286 18.96 -54.64 8.85
N ARG L 287 19.65 -53.66 9.41
CA ARG L 287 19.86 -53.57 10.86
C ARG L 287 20.74 -54.69 11.41
N GLY L 288 21.52 -55.33 10.54
CA GLY L 288 22.37 -56.42 10.96
C GLY L 288 23.57 -55.93 11.76
N SER L 289 24.31 -56.86 12.37
CA SER L 289 25.47 -56.48 13.16
C SER L 289 26.77 -56.57 12.35
N ASN L 290 26.64 -56.88 11.06
CA ASN L 290 27.78 -56.97 10.17
C ASN L 290 28.82 -57.95 10.70
N ALA L 291 28.35 -59.13 11.06
CA ALA L 291 29.21 -60.18 11.61
C ALA L 291 30.48 -60.50 10.82
N THR L 292 30.44 -60.38 9.50
CA THR L 292 31.64 -60.70 8.72
C THR L 292 32.42 -59.48 8.24
N SER L 293 32.10 -58.30 8.80
CA SER L 293 32.84 -57.10 8.45
C SER L 293 33.96 -56.97 9.47
N SER L 294 35.19 -57.13 8.99
CA SER L 294 36.36 -57.06 9.83
C SER L 294 36.56 -55.75 10.59
N LEU L 295 36.39 -54.62 9.89
CA LEU L 295 36.55 -53.32 10.54
C LEU L 295 35.46 -53.06 11.56
N TYR L 296 34.23 -53.40 11.19
CA TYR L 296 33.10 -53.19 12.07
C TYR L 296 33.22 -53.98 13.38
N GLN L 297 33.56 -55.26 13.27
CA GLN L 297 33.70 -56.09 14.46
C GLN L 297 34.86 -55.65 15.35
N ALA L 298 35.91 -55.09 14.73
CA ALA L 298 37.07 -54.64 15.48
C ALA L 298 36.71 -53.41 16.31
N VAL L 299 35.94 -52.49 15.72
CA VAL L 299 35.54 -51.30 16.43
C VAL L 299 34.53 -51.66 17.51
N ALA L 300 33.55 -52.48 17.16
CA ALA L 300 32.50 -52.92 18.08
C ALA L 300 33.08 -53.48 19.38
N LYS L 301 34.18 -54.21 19.27
CA LYS L 301 34.82 -54.81 20.44
C LYS L 301 35.25 -53.71 21.39
N GLY L 302 35.75 -52.62 20.82
CA GLY L 302 36.21 -51.50 21.62
C GLY L 302 35.34 -50.27 21.43
N VAL L 303 34.04 -50.43 21.68
CA VAL L 303 33.11 -49.32 21.54
C VAL L 303 31.66 -49.82 21.50
N HIS L 304 30.81 -49.20 22.30
CA HIS L 304 29.40 -49.57 22.36
C HIS L 304 28.53 -48.34 22.16
N GLN L 305 29.18 -47.18 22.09
C GLN L 305 28.79 -47.18 19.44
N PRO L 306 27.75 -46.33 19.54
CA PRO L 306 27.03 -45.90 18.34
C PRO L 306 28.05 -45.38 17.34
N PHE L 307 28.25 -46.10 16.25
CA PHE L 307 29.24 -45.69 15.26
C PHE L 307 28.96 -46.44 13.97
N ASP L 308 29.75 -46.12 12.95
CA ASP L 308 29.68 -46.81 11.67
C ASP L 308 31.07 -46.70 11.09
N VAL L 309 31.49 -47.73 10.38
CA VAL L 309 32.79 -47.74 9.78
C VAL L 309 32.70 -48.53 8.50
N SER L 310 33.52 -48.17 7.53
CA SER L 310 33.50 -48.84 6.25
C SER L 310 34.78 -48.61 5.47
N ALA L 311 35.21 -49.63 4.75
CA ALA L 311 36.40 -49.51 3.94
C ALA L 311 36.01 -48.55 2.82
N PHE L 312 36.96 -47.71 2.41
CA PHE L 312 36.71 -46.75 1.34
C PHE L 312 37.65 -47.07 0.18
N ASN L 313 37.10 -47.14 -1.03
CA ASN L 313 37.92 -47.45 -2.18
C ASN L 313 37.50 -46.62 -3.40
N ALA L 314 38.44 -45.80 -3.87
CA ALA L 314 38.20 -44.95 -5.03
C ALA L 314 39.34 -45.23 -5.99
N SER L 315 39.00 -45.67 -7.20
CA SER L 315 40.00 -45.97 -8.20
C SER L 315 39.81 -45.09 -9.42
N TYR L 316 40.88 -44.42 -9.81
CA TYR L 316 40.83 -43.52 -10.95
C TYR L 316 41.75 -43.99 -12.07
N SER L 317 41.77 -43.27 -13.20
CA SER L 317 42.60 -43.65 -14.34
C SER L 317 44.09 -43.68 -14.08
N ASP L 318 44.60 -42.72 -13.30
CA ASP L 318 46.03 -42.67 -13.03
C ASP L 318 46.40 -42.71 -11.55
N SER L 319 45.44 -43.07 -10.71
CA SER L 319 45.68 -43.14 -9.28
C SER L 319 44.47 -43.74 -8.59
N GLY L 320 44.55 -43.81 -7.26
CA GLY L 320 43.47 -44.37 -6.49
C GLY L 320 43.70 -44.06 -5.03
N LEU L 321 42.62 -44.11 -4.25
CA LEU L 321 42.69 -43.85 -2.83
C LEU L 321 42.03 -45.00 -2.11
N PHE L 322 42.67 -45.48 -1.05
CA PHE L 322 42.10 -46.58 -0.29
C PHE L 322 42.30 -46.34 1.18
N GLY L 323 41.30 -46.74 1.95
CA GLY L 323 41.34 -46.57 3.38
C GLY L 323 39.99 -46.89 4.00
N PHE L 324 39.59 -46.12 5.00
CA PHE L 324 38.31 -46.35 5.64
C PHE L 324 37.63 -45.05 6.06
N TYR L 325 36.33 -45.14 6.27
CA TYR L 325 35.51 -44.00 6.66
C TYR L 325 34.81 -44.33 7.97
N THR L 326 34.82 -43.37 8.91
CA THR L 326 34.18 -43.59 10.21
C THR L 326 33.16 -42.51 10.56
N ILE L 327 32.14 -42.90 11.32
CA ILE L 327 31.12 -41.98 11.81
C ILE L 327 30.94 -42.36 13.26
N SER L 328 31.14 -41.40 14.16
CA SER L 328 31.02 -41.71 15.58
C SER L 328 30.71 -40.46 16.39
N GLN L 329 30.39 -40.68 17.65
CA GLN L 329 30.11 -39.55 18.53
C GLN L 329 31.47 -38.86 18.65
N ALA L 330 31.45 -37.54 18.75
CA ALA L 330 32.67 -36.75 18.85
C ALA L 330 33.72 -37.20 19.85
N ALA L 331 33.28 -37.59 21.05
CA ALA L 331 34.23 -38.02 22.07
C ALA L 331 34.92 -39.37 21.77
N SER L 332 34.27 -40.20 20.97
CA SER L 332 34.79 -41.52 20.61
C SER L 332 35.53 -41.57 19.27
N ALA L 333 35.70 -40.42 18.61
CA ALA L 333 36.38 -40.38 17.33
C ALA L 333 37.76 -41.04 17.35
N GLY L 334 38.58 -40.72 18.35
CA GLY L 334 39.90 -41.30 18.41
C GLY L 334 39.87 -42.81 18.61
N ASP L 335 38.98 -43.28 19.49
CA ASP L 335 38.89 -44.71 19.75
C ASP L 335 38.46 -45.50 18.52
N VAL L 336 37.47 -44.99 17.79
CA VAL L 336 37.00 -45.67 16.58
C VAL L 336 38.04 -45.70 15.47
N ILE L 337 38.64 -44.55 15.19
CA ILE L 337 39.66 -44.43 14.15
C ILE L 337 40.89 -45.29 14.45
N LYS L 338 41.35 -45.28 15.70
CA LYS L 338 42.52 -46.07 16.05
C LYS L 338 42.22 -47.56 16.00
N ALA L 339 41.04 -47.95 16.46
CA ALA L 339 40.65 -49.36 16.46
C ALA L 339 40.55 -49.85 15.02
N ALA L 340 39.98 -49.03 14.15
CA ALA L 340 39.84 -49.40 12.75
C ALA L 340 41.21 -49.52 12.10
N TYR L 341 42.07 -48.55 12.38
CA TYR L 341 43.41 -48.55 11.81
C TYR L 341 44.18 -49.78 12.28
N ASN L 342 44.16 -50.06 13.58
CA ASN L 342 44.86 -51.22 14.10
C ASN L 342 44.39 -52.50 13.44
N GLN L 343 43.10 -52.60 13.16
CA GLN L 343 42.55 -53.79 12.52
C GLN L 343 43.16 -53.98 11.14
N VAL L 344 43.43 -52.90 10.43
CA VAL L 344 44.03 -53.01 9.11
C VAL L 344 45.50 -53.39 9.25
N LYS L 345 46.11 -52.95 10.35
CA LYS L 345 47.51 -53.28 10.61
C LYS L 345 47.70 -54.77 10.81
N THR L 346 46.72 -55.44 11.39
CA THR L 346 46.84 -56.88 11.62
C THR L 346 46.79 -57.63 10.30
N ILE L 347 46.02 -57.12 9.35
CA ILE L 347 45.94 -57.76 8.04
C ILE L 347 47.29 -57.61 7.37
N ALA L 348 47.87 -56.42 7.51
CA ALA L 348 49.18 -56.14 6.92
C ALA L 348 50.26 -57.01 7.53
N GLN L 349 50.01 -57.51 8.74
CA GLN L 349 50.98 -58.37 9.43
C GLN L 349 50.76 -59.82 9.04
N GLY L 350 49.81 -60.05 8.16
CA GLY L 350 49.53 -61.41 7.71
C GLY L 350 48.37 -62.15 8.36
N ASN L 351 47.75 -61.55 9.36
CA ASN L 351 46.63 -62.20 10.04
C ASN L 351 45.35 -62.14 9.21
N LEU L 352 45.30 -62.95 8.16
CA LEU L 352 44.17 -63.01 7.23
C LEU L 352 43.87 -64.46 6.86
N SER L 353 42.65 -64.93 7.15
CA SER L 353 42.29 -66.31 6.85
C SER L 353 41.68 -66.48 5.46
N ASN L 354 41.93 -67.63 4.85
CA ASN L 354 41.41 -67.92 3.53
C ASN L 354 39.89 -67.82 3.47
N PRO L 355 39.18 -68.27 4.52
CA PRO L 355 37.72 -68.17 4.49
C PRO L 355 37.27 -66.72 4.40
N ASP L 356 38.01 -65.82 5.03
CA ASP L 356 37.66 -64.40 5.01
C ASP L 356 37.81 -63.86 3.60
N VAL L 357 38.88 -64.24 2.92
CA VAL L 357 39.12 -63.77 1.57
C VAL L 357 38.07 -64.30 0.59
N GLN L 358 37.65 -65.55 0.77
CA GLN L 358 36.65 -66.12 -0.12
C GLN L 358 35.31 -65.40 0.05
N ALA L 359 34.97 -65.11 1.29
CA ALA L 359 33.72 -64.43 1.59
C ALA L 359 33.76 -63.05 0.93
N ALA L 360 34.91 -62.39 1.05
CA ALA L 360 35.09 -61.06 0.47
C ALA L 360 34.91 -61.13 -1.05
N LYS L 361 35.48 -62.16 -1.65
CA LYS L 361 35.37 -62.35 -3.09
C LYS L 361 33.92 -62.58 -3.50
N ASN L 362 33.17 -63.29 -2.66
CA ASN L 362 31.78 -63.58 -2.94
C ASN L 362 30.98 -62.28 -2.91
N LYS L 363 31.24 -61.46 -1.89
CA LYS L 363 30.53 -60.19 -1.77
C LYS L 363 30.84 -59.32 -2.98
N LEU L 364 32.11 -59.30 -3.36
CA LEU L 364 32.56 -58.48 -4.48
C LEU L 364 31.95 -58.94 -5.80
N LYS L 365 31.99 -60.24 -6.05
CA LYS L 365 31.43 -60.79 -7.29
C LYS L 365 29.92 -60.60 -7.35
N ALA L 366 29.23 -60.91 -6.25
CA ALA L 366 27.78 -60.74 -6.20
C ALA L 366 27.45 -59.26 -6.32
N GLY L 367 28.29 -58.42 -5.71
CA GLY L 367 28.08 -57.00 -5.76
C GLY L 367 28.19 -56.43 -7.16
N TYR L 368 29.20 -56.85 -7.90
CA TYR L 368 29.41 -56.37 -9.26
C TYR L 368 28.23 -56.74 -10.15
N LEU L 369 27.79 -58.00 -10.07
CA LEU L 369 26.68 -58.47 -10.87
C LEU L 369 25.39 -57.74 -10.54
N MET L 370 25.19 -57.43 -9.27
CA MET L 370 23.98 -56.73 -8.84
C MET L 370 23.97 -55.28 -9.33
N SER L 371 25.16 -54.70 -9.47
CA SER L 371 25.29 -53.31 -9.92
C SER L 371 25.04 -53.07 -11.40
N VAL L 372 25.03 -54.13 -12.19
CA VAL L 372 24.78 -54.00 -13.63
C VAL L 372 23.45 -54.66 -13.97
N GLU L 373 22.64 -54.83 -12.94
CA GLU L 373 21.34 -55.47 -13.04
C GLU L 373 20.31 -54.50 -13.64
N SER L 374 20.42 -53.22 -13.28
CA SER L 374 19.51 -52.21 -13.80
C SER L 374 20.14 -51.50 -15.00
N SER L 375 19.31 -50.86 -15.81
CA SER L 375 19.79 -50.14 -16.98
C SER L 375 20.80 -49.06 -16.61
N GLU L 376 20.55 -48.38 -15.49
CA GLU L 376 21.45 -47.32 -15.03
C GLU L 376 22.84 -47.86 -14.74
N GLY L 377 22.91 -48.94 -13.96
CA GLY L 377 24.19 -49.53 -13.61
C GLY L 377 24.86 -50.11 -14.85
N PHE L 378 24.09 -50.77 -15.69
CA PHE L 378 24.62 -51.35 -16.92
C PHE L 378 25.28 -50.28 -17.78
N LEU L 379 24.53 -49.21 -18.05
CA LEU L 379 25.02 -48.11 -18.86
C LEU L 379 26.29 -47.47 -18.28
N ASP L 380 26.28 -47.25 -16.97
CA ASP L 380 27.43 -46.66 -16.30
C ASP L 380 28.66 -47.56 -16.40
N GLU L 381 28.45 -48.87 -16.32
CA GLU L 381 29.53 -49.83 -16.42
C GLU L 381 30.13 -49.86 -17.82
N VAL L 382 29.29 -50.01 -18.83
CA VAL L 382 29.74 -50.05 -20.22
C VAL L 382 30.37 -48.72 -20.62
N GLY L 383 29.72 -47.62 -20.27
CA GLY L 383 30.24 -46.31 -20.61
C GLY L 383 31.59 -46.03 -19.99
N SER L 384 31.79 -46.46 -18.75
CA SER L 384 33.06 -46.23 -18.07
C SER L 384 34.18 -47.09 -18.68
N GLN L 385 33.86 -48.34 -19.00
CA GLN L 385 34.86 -49.22 -19.61
C GLN L 385 35.27 -48.62 -20.95
N ALA L 386 34.28 -48.15 -21.70
CA ALA L 386 34.52 -47.56 -23.01
C ALA L 386 35.49 -46.38 -22.96
N LEU L 387 35.43 -45.59 -21.90
CA LEU L 387 36.30 -44.43 -21.76
C LEU L 387 37.62 -44.77 -21.07
N ALA L 388 37.58 -45.74 -20.17
CA ALA L 388 38.78 -46.13 -19.43
C ALA L 388 39.72 -47.03 -20.21
N ALA L 389 39.18 -48.08 -20.81
CA ALA L 389 39.99 -49.02 -21.57
C ALA L 389 39.64 -49.11 -23.05
N GLY L 390 38.63 -48.35 -23.48
CA GLY L 390 38.23 -48.39 -24.87
C GLY L 390 38.02 -49.82 -25.33
N SER L 391 37.49 -50.64 -24.43
CA SER L 391 37.22 -52.04 -24.71
C SER L 391 36.16 -52.54 -23.75
N TYR L 392 35.66 -53.76 -23.99
CA TYR L 392 34.65 -54.32 -23.11
C TYR L 392 35.09 -55.65 -22.48
N THR L 393 35.06 -55.69 -21.16
CA THR L 393 35.41 -56.88 -20.40
C THR L 393 34.09 -57.40 -19.85
N PRO L 394 33.67 -58.61 -20.27
CA PRO L 394 32.40 -59.17 -19.80
C PRO L 394 32.44 -59.67 -18.35
N PRO L 395 31.26 -59.77 -17.72
CA PRO L 395 31.11 -60.23 -16.33
C PRO L 395 31.94 -61.47 -16.06
N SER L 396 31.83 -62.45 -16.97
CA SER L 396 32.56 -63.70 -16.85
C SER L 396 34.03 -63.44 -16.55
N THR L 397 34.65 -62.59 -17.35
CA THR L 397 36.06 -62.27 -17.19
C THR L 397 36.34 -61.51 -15.90
N VAL L 398 35.46 -60.57 -15.55
CA VAL L 398 35.64 -59.79 -14.34
C VAL L 398 35.69 -60.70 -13.12
N LEU L 399 34.76 -61.65 -13.07
CA LEU L 399 34.70 -62.58 -11.94
C LEU L 399 35.96 -63.43 -11.86
N GLN L 400 36.51 -63.78 -13.01
CA GLN L 400 37.74 -64.57 -13.04
C GLN L 400 38.89 -63.74 -12.50
N GLN L 401 38.94 -62.46 -12.91
CA GLN L 401 40.00 -61.56 -12.46
C GLN L 401 39.89 -61.41 -10.94
N ILE L 402 38.67 -61.55 -10.41
CA ILE L 402 38.45 -61.44 -8.97
C ILE L 402 38.95 -62.70 -8.29
N ASP L 403 38.60 -63.86 -8.84
CA ASP L 403 39.04 -65.14 -8.27
C ASP L 403 40.56 -65.24 -8.29
N ALA L 404 41.16 -64.61 -9.29
CA ALA L 404 42.62 -64.65 -9.45
C ALA L 404 43.40 -63.90 -8.38
N VAL L 405 42.74 -63.01 -7.64
CA VAL L 405 43.43 -62.27 -6.58
C VAL L 405 43.89 -63.24 -5.49
N ALA L 406 45.16 -63.14 -5.12
CA ALA L 406 45.73 -64.02 -4.11
C ALA L 406 45.71 -63.40 -2.72
N ASP L 407 45.63 -64.27 -1.72
CA ASP L 407 45.62 -63.83 -0.33
C ASP L 407 46.81 -62.90 -0.07
N ALA L 408 47.95 -63.23 -0.65
CA ALA L 408 49.16 -62.44 -0.47
C ALA L 408 49.02 -61.05 -1.10
N ASP L 409 48.23 -60.96 -2.17
CA ASP L 409 48.01 -59.69 -2.85
C ASP L 409 47.21 -58.78 -1.93
N VAL L 410 46.25 -59.37 -1.24
CA VAL L 410 45.39 -58.63 -0.33
C VAL L 410 46.22 -58.12 0.85
N ILE L 411 47.08 -59.00 1.38
CA ILE L 411 47.95 -58.64 2.49
C ILE L 411 48.89 -57.52 2.07
N ASN L 412 49.43 -57.61 0.86
CA ASN L 412 50.33 -56.59 0.32
C ASN L 412 49.65 -55.26 0.11
N ALA L 413 48.36 -55.29 -0.23
CA ALA L 413 47.61 -54.07 -0.43
C ALA L 413 47.49 -53.38 0.93
N ALA L 414 47.21 -54.18 1.95
CA ALA L 414 47.06 -53.66 3.30
C ALA L 414 48.38 -53.03 3.74
N LYS L 415 49.50 -53.65 3.38
CA LYS L 415 50.81 -53.14 3.76
C LYS L 415 51.12 -51.83 3.02
N LYS L 416 50.61 -51.70 1.81
CA LYS L 416 50.83 -50.47 1.05
C LYS L 416 50.08 -49.33 1.73
N PHE L 417 48.90 -49.64 2.27
CA PHE L 417 48.09 -48.65 2.96
C PHE L 417 48.78 -48.20 4.24
N VAL L 418 49.15 -49.16 5.07
CA VAL L 418 49.79 -48.90 6.34
C VAL L 418 51.08 -48.08 6.25
N SER L 419 51.97 -48.40 5.31
CA SER L 419 53.23 -47.66 5.18
C SER L 419 53.17 -46.43 4.28
N GLY L 420 52.08 -46.29 3.54
CA GLY L 420 51.94 -45.16 2.62
C GLY L 420 51.63 -43.83 3.29
N ARG L 421 52.05 -42.74 2.66
CA ARG L 421 51.79 -41.42 3.21
C ARG L 421 50.29 -41.25 3.19
N LYS L 422 49.71 -40.83 4.32
CA LYS L 422 48.27 -40.69 4.46
C LYS L 422 47.64 -39.34 4.13
N SER L 423 46.34 -39.39 3.86
CA SER L 423 45.54 -38.22 3.55
C SER L 423 44.33 -38.43 4.46
N MET L 424 43.86 -37.36 5.10
CA MET L 424 42.75 -37.49 6.03
C MET L 424 41.86 -36.26 5.96
N ALA L 425 40.56 -36.46 6.18
CA ALA L 425 39.59 -35.39 6.18
C ALA L 425 38.59 -35.71 7.27
N ALA L 426 38.21 -34.70 8.03
CA ALA L 426 37.26 -34.91 9.12
C ALA L 426 36.39 -33.69 9.34
N SER L 427 35.16 -33.92 9.77
CA SER L 427 34.23 -32.84 10.03
C SER L 427 33.38 -33.20 11.23
N GLY L 428 33.12 -32.19 12.06
CA GLY L 428 32.33 -32.36 13.26
C GLY L 428 33.04 -31.66 14.41
N ASN L 429 32.69 -31.99 15.65
CA ASN L 429 33.38 -31.39 16.79
C ASN L 429 34.62 -32.24 16.89
N LEU L 430 35.75 -31.71 16.45
CA LEU L 430 37.01 -32.46 16.42
C LEU L 430 37.93 -32.49 17.66
N GLY L 431 37.39 -32.11 18.82
CA GLY L 431 38.20 -32.09 20.03
C GLY L 431 38.95 -33.39 20.33
N HIS L 432 38.37 -34.53 19.95
CA HIS L 432 39.00 -35.82 20.20
C HIS L 432 39.33 -36.57 18.92
N THR L 433 39.42 -35.84 17.82
CA THR L 433 39.73 -36.46 16.54
C THR L 433 41.23 -36.30 16.31
N PRO L 434 41.97 -37.43 16.27
CA PRO L 434 43.42 -37.39 16.06
C PRO L 434 43.89 -36.95 14.69
N PHE L 435 45.16 -36.51 14.69
CA PHE L 435 45.84 -36.06 13.48
C PHE L 435 46.53 -37.28 12.93
N ILE L 436 46.90 -37.23 11.65
CA ILE L 436 47.59 -38.35 11.01
C ILE L 436 48.79 -38.82 11.81
N ASP L 437 49.61 -37.87 12.26
CA ASP L 437 50.81 -38.23 13.04
C ASP L 437 50.55 -38.80 14.42
N GLU L 438 49.28 -38.95 14.79
CA GLU L 438 48.95 -39.52 16.09
C GLU L 438 48.37 -40.92 15.91
N LEU L 439 48.39 -41.38 14.67
CA LEU L 439 47.88 -42.70 14.32
C LEU L 439 48.99 -43.73 14.16
CA ASN M 15 -9.14 -7.23 -0.75
C ASN M 15 -8.87 -7.01 0.75
N ASN M 16 -7.97 -6.08 1.06
CA ASN M 16 -7.62 -5.80 2.44
C ASN M 16 -8.62 -4.89 3.12
N ALA M 17 -9.86 -5.38 3.18
CA ALA M 17 -10.98 -4.69 3.81
C ALA M 17 -11.95 -5.82 4.06
N PHE M 18 -11.61 -6.97 3.48
CA PHE M 18 -12.44 -8.16 3.59
C PHE M 18 -11.63 -9.47 3.56
N ILE M 19 -11.95 -10.29 2.57
CA ILE M 19 -11.34 -11.61 2.34
C ILE M 19 -10.34 -12.20 3.33
N ASP M 20 -9.05 -11.87 3.20
CA ASP M 20 -8.04 -12.44 4.10
C ASP M 20 -7.71 -11.60 5.32
N LEU M 21 -8.57 -10.66 5.65
CA LEU M 21 -8.35 -9.82 6.81
C LEU M 21 -8.39 -10.71 8.04
N PRO M 22 -7.33 -10.68 8.86
CA PRO M 22 -7.38 -11.54 10.05
C PRO M 22 -8.35 -10.94 11.05
N ALA M 23 -9.17 -11.77 11.67
CA ALA M 23 -10.12 -11.28 12.65
C ALA M 23 -10.11 -12.19 13.88
N PRO M 24 -10.43 -11.63 15.06
CA PRO M 24 -10.43 -12.46 16.26
C PRO M 24 -11.44 -13.59 16.08
N SER M 25 -11.16 -14.75 16.66
CA SER M 25 -12.05 -15.88 16.53
C SER M 25 -13.28 -15.74 17.42
N ASN M 26 -13.13 -14.93 18.46
CA ASN M 26 -14.20 -14.77 19.44
C ASN M 26 -15.06 -13.52 19.52
N ILE M 27 -15.12 -12.68 18.49
CA ILE M 27 -15.96 -11.50 18.62
C ILE M 27 -17.42 -11.93 18.55
N SER M 28 -18.25 -11.25 19.34
CA SER M 28 -19.68 -11.53 19.42
C SER M 28 -20.48 -10.64 18.52
N SER M 29 -21.80 -10.76 18.60
CA SER M 29 -22.71 -9.96 17.77
C SER M 29 -22.58 -8.46 18.02
N TRP M 30 -21.97 -8.08 19.13
CA TRP M 30 -21.82 -6.66 19.41
C TRP M 30 -20.85 -6.04 18.42
N TRP M 31 -20.14 -6.89 17.69
CA TRP M 31 -19.18 -6.41 16.69
C TRP M 31 -19.84 -6.29 15.31
N ASN M 32 -21.14 -6.59 15.25
CA ASN M 32 -21.91 -6.53 13.99
C ASN M 32 -22.38 -5.13 13.66
N PHE M 33 -22.46 -4.27 14.68
CA PHE M 33 -22.95 -2.92 14.48
C PHE M 33 -22.14 -2.01 13.56
N GLY M 34 -20.86 -2.32 13.36
CA GLY M 34 -20.05 -1.50 12.48
C GLY M 34 -20.57 -1.63 11.07
N SER M 35 -20.82 -2.86 10.64
CA SER M 35 -21.32 -3.11 9.30
C SER M 35 -22.76 -2.64 9.17
N LEU M 36 -23.55 -2.77 10.24
CA LEU M 36 -24.93 -2.32 10.19
C LEU M 36 -24.95 -0.82 10.00
N LEU M 37 -23.95 -0.13 10.56
CA LEU M 37 -23.87 1.32 10.44
C LEU M 37 -23.54 1.68 8.98
N GLY M 38 -22.71 0.87 8.35
CA GLY M 38 -22.34 1.12 6.96
C GLY M 38 -23.57 0.92 6.11
N ILE M 39 -24.38 -0.07 6.48
CA ILE M 39 -25.60 -0.37 5.74
C ILE M 39 -26.62 0.74 5.95
N CYS M 40 -26.74 1.21 7.17
CA CYS M 40 -27.68 2.29 7.45
C CYS M 40 -27.28 3.50 6.61
N LEU M 41 -25.99 3.79 6.55
CA LEU M 41 -25.50 4.94 5.77
C LEU M 41 -25.79 4.80 4.29
N ILE M 42 -25.62 3.60 3.74
CA ILE M 42 -25.88 3.38 2.32
C ILE M 42 -27.37 3.47 2.07
N LEU M 43 -28.16 2.93 3.00
CA LEU M 43 -29.61 2.97 2.82
C LEU M 43 -30.10 4.42 2.87
N GLN M 44 -29.54 5.21 3.78
CA GLN M 44 -29.94 6.61 3.90
C GLN M 44 -29.53 7.37 2.65
N ILE M 45 -28.35 7.08 2.11
CA ILE M 45 -27.88 7.76 0.91
C ILE M 45 -28.75 7.41 -0.30
N LEU M 46 -29.14 6.14 -0.41
CA LEU M 46 -29.96 5.73 -1.54
C LEU M 46 -31.37 6.28 -1.47
N THR M 47 -32.07 6.05 -0.37
CA THR M 47 -33.43 6.57 -0.23
C THR M 47 -33.38 8.09 -0.28
N GLY M 48 -32.33 8.67 0.29
CA GLY M 48 -32.19 10.11 0.31
C GLY M 48 -32.08 10.70 -1.08
N LEU M 49 -31.25 10.09 -1.92
CA LEU M 49 -31.06 10.58 -3.28
C LEU M 49 -32.37 10.50 -4.04
N PHE M 50 -33.13 9.43 -3.82
CA PHE M 50 -34.39 9.29 -4.52
C PHE M 50 -35.41 10.31 -4.01
N LEU M 51 -35.33 10.69 -2.74
CA LEU M 51 -36.25 11.68 -2.21
C LEU M 51 -35.88 13.05 -2.77
N ALA M 52 -34.57 13.31 -2.87
CA ALA M 52 -34.09 14.58 -3.38
C ALA M 52 -34.51 14.80 -4.84
N MET M 53 -34.85 13.73 -5.54
CA MET M 53 -35.27 13.83 -6.94
C MET M 53 -36.66 14.44 -7.06
N HIS M 54 -37.38 14.55 -5.95
CA HIS M 54 -38.73 15.10 -5.94
C HIS M 54 -38.96 16.26 -4.97
N TYR M 55 -38.04 16.39 -4.01
CA TYR M 55 -38.14 17.44 -3.00
C TYR M 55 -37.71 18.83 -3.48
N THR M 56 -38.45 19.84 -3.05
CA THR M 56 -38.11 21.23 -3.40
C THR M 56 -37.95 21.96 -2.08
N SER M 57 -36.86 22.71 -1.96
CA SER M 57 -36.58 23.43 -0.71
C SER M 57 -37.14 24.82 -0.49
N ASP M 58 -38.11 25.24 -1.30
CA ASP M 58 -38.72 26.55 -1.15
C ASP M 58 -39.71 26.40 0.00
N THR M 59 -39.73 27.34 0.94
CA THR M 59 -40.65 27.24 2.08
C THR M 59 -42.10 27.15 1.67
N THR M 60 -42.44 27.66 0.49
CA THR M 60 -43.82 27.61 0.03
C THR M 60 -44.18 26.23 -0.49
N THR M 61 -43.19 25.46 -0.92
CA THR M 61 -43.45 24.13 -1.47
C THR M 61 -42.82 22.91 -0.79
N ALA M 62 -41.93 23.12 0.17
CA ALA M 62 -41.28 22.00 0.85
C ALA M 62 -42.23 20.92 1.37
N PHE M 63 -43.11 21.30 2.29
CA PHE M 63 -44.06 20.38 2.91
C PHE M 63 -44.93 19.69 1.85
N SER M 64 -45.41 20.46 0.88
CA SER M 64 -46.27 19.91 -0.17
C SER M 64 -45.50 18.91 -1.02
N SER M 65 -44.22 19.18 -1.27
CA SER M 65 -43.45 18.25 -2.08
C SER M 65 -43.28 16.92 -1.33
N VAL M 66 -43.24 16.96 0.00
CA VAL M 66 -43.10 15.72 0.75
C VAL M 66 -44.41 14.96 0.70
N THR M 67 -45.56 15.64 0.79
CA THR M 67 -46.83 14.92 0.72
C THR M 67 -46.99 14.35 -0.70
N HIS M 68 -46.45 15.06 -1.69
CA HIS M 68 -46.54 14.62 -3.07
C HIS M 68 -45.76 13.32 -3.22
N ILE M 69 -44.60 13.25 -2.57
CA ILE M 69 -43.76 12.06 -2.62
C ILE M 69 -44.55 10.87 -2.06
N CYS M 70 -45.13 11.06 -0.88
CA CYS M 70 -45.88 10.00 -0.21
C CYS M 70 -47.23 9.62 -0.86
N ARG M 71 -47.86 10.56 -1.56
CA ARG M 71 -49.16 10.30 -2.17
C ARG M 71 -49.17 9.96 -3.68
N ASP M 72 -48.34 10.65 -4.47
CA ASP M 72 -48.35 10.41 -5.91
C ASP M 72 -47.12 9.78 -6.57
N VAL M 73 -45.96 9.85 -5.93
CA VAL M 73 -44.77 9.24 -6.52
C VAL M 73 -44.86 7.74 -6.30
N ASN M 74 -44.63 6.95 -7.35
CA ASN M 74 -44.71 5.50 -7.23
C ASN M 74 -43.77 5.04 -6.12
N TYR M 75 -44.33 4.35 -5.13
CA TYR M 75 -43.58 3.84 -4.00
C TYR M 75 -42.86 4.94 -3.24
N GLY M 76 -43.31 6.17 -3.45
CA GLY M 76 -42.70 7.30 -2.77
C GLY M 76 -42.83 7.17 -1.27
N TRP M 77 -43.96 6.62 -0.83
CA TRP M 77 -44.20 6.45 0.60
C TRP M 77 -43.24 5.51 1.27
N ILE M 78 -42.90 4.39 0.62
CA ILE M 78 -41.99 3.45 1.24
C ILE M 78 -40.57 4.02 1.29
N ILE M 79 -40.19 4.79 0.27
CA ILE M 79 -38.86 5.39 0.25
C ILE M 79 -38.77 6.44 1.34
N ARG M 80 -39.85 7.21 1.49
CA ARG M 80 -39.90 8.27 2.49
C ARG M 80 -39.82 7.70 3.90
N TYR M 81 -40.68 6.73 4.21
CA TYR M 81 -40.66 6.15 5.54
C TYR M 81 -39.44 5.27 5.85
N MET M 82 -38.79 4.76 4.80
CA MET M 82 -37.59 3.95 5.00
C MET M 82 -36.50 4.95 5.40
N HIS M 83 -36.55 6.15 4.81
CA HIS M 83 -35.55 7.18 5.12
C HIS M 83 -35.76 7.67 6.55
N ALA M 84 -37.00 7.94 6.93
CA ALA M 84 -37.29 8.40 8.28
C ALA M 84 -36.91 7.38 9.34
N ASN M 85 -37.40 6.15 9.18
CA ASN M 85 -37.11 5.10 10.15
C ASN M 85 -35.67 4.64 10.04
N GLY M 86 -35.08 4.87 8.87
CA GLY M 86 -33.69 4.47 8.68
C GLY M 86 -32.84 5.32 9.59
N ALA M 87 -33.23 6.57 9.76
CA ALA M 87 -32.50 7.48 10.61
C ALA M 87 -32.53 6.97 12.03
N SER M 88 -33.66 6.40 12.42
CA SER M 88 -33.83 5.85 13.77
C SER M 88 -32.96 4.60 13.97
N MET M 89 -32.92 3.75 12.95
CA MET M 89 -32.14 2.53 13.04
C MET M 89 -30.66 2.92 13.14
N PHE M 90 -30.30 4.00 12.43
CA PHE M 90 -28.94 4.52 12.42
C PHE M 90 -28.52 4.82 13.87
N PHE M 91 -29.36 5.54 14.60
CA PHE M 91 -29.02 5.86 15.98
C PHE M 91 -29.02 4.66 16.92
N ILE M 92 -29.96 3.73 16.76
CA ILE M 92 -29.98 2.56 17.60
C ILE M 92 -28.62 1.89 17.44
N CYS M 93 -28.19 1.74 16.19
CA CYS M 93 -26.91 1.11 15.91
C CYS M 93 -25.72 1.91 16.44
N LEU M 94 -25.79 3.24 16.35
CA LEU M 94 -24.72 4.09 16.83
C LEU M 94 -24.52 3.90 18.32
N TYR M 95 -25.62 3.94 19.07
CA TYR M 95 -25.54 3.80 20.52
C TYR M 95 -25.08 2.41 20.94
N MET M 96 -25.45 1.38 20.19
CA MET M 96 -25.02 0.02 20.53
C MET M 96 -23.51 -0.06 20.25
N HIS M 97 -23.08 0.51 19.12
CA HIS M 97 -21.69 0.53 18.67
C HIS M 97 -20.81 1.21 19.72
N VAL M 98 -21.24 2.39 20.17
CA VAL M 98 -20.48 3.14 21.17
C VAL M 98 -20.48 2.37 22.50
N GLY M 99 -21.63 1.80 22.85
CA GLY M 99 -21.73 1.05 24.09
C GLY M 99 -20.74 -0.09 24.08
N ARG M 100 -20.64 -0.79 22.96
CA ARG M 100 -19.71 -1.92 22.84
C ARG M 100 -18.30 -1.42 23.09
N GLY M 101 -17.99 -0.29 22.46
CA GLY M 101 -16.67 0.33 22.59
C GLY M 101 -16.30 0.63 24.03
N LEU M 102 -17.23 1.21 24.78
CA LEU M 102 -16.98 1.57 26.15
C LEU M 102 -16.77 0.36 27.04
N TYR M 103 -17.71 -0.58 26.97
CA TYR M 103 -17.64 -1.80 27.77
C TYR M 103 -16.37 -2.61 27.55
N TYR M 104 -15.96 -2.78 26.29
CA TYR M 104 -14.80 -3.59 25.97
C TYR M 104 -13.47 -2.87 25.88
N GLY M 105 -13.45 -1.58 26.15
CA GLY M 105 -12.21 -0.83 26.12
C GLY M 105 -11.64 -0.65 24.73
N SER M 106 -12.51 -0.65 23.73
CA SER M 106 -12.08 -0.48 22.35
C SER M 106 -11.56 0.94 22.11
N TYR M 107 -11.93 1.86 22.99
CA TYR M 107 -11.49 3.24 22.86
C TYR M 107 -9.98 3.42 22.98
N THR M 108 -9.26 2.37 23.38
CA THR M 108 -7.82 2.50 23.50
C THR M 108 -7.21 2.62 22.11
N PHE M 109 -8.01 2.34 21.08
CA PHE M 109 -7.55 2.53 19.70
C PHE M 109 -7.94 4.01 19.58
N LEU M 110 -7.07 4.89 20.07
CA LEU M 110 -7.33 6.33 20.07
C LEU M 110 -7.74 7.00 18.76
N GLU M 111 -7.02 6.73 17.68
CA GLU M 111 -7.35 7.33 16.39
C GLU M 111 -8.73 6.88 15.91
N THR M 112 -8.95 5.56 15.92
CA THR M 112 -10.23 4.98 15.49
C THR M 112 -11.36 5.55 16.32
N TRP M 113 -11.15 5.61 17.63
CA TRP M 113 -12.17 6.10 18.55
C TRP M 113 -12.48 7.57 18.35
N ASN M 114 -11.45 8.41 18.27
CA ASN M 114 -11.69 9.84 18.07
C ASN M 114 -12.38 10.15 16.73
N ILE M 115 -12.05 9.41 15.68
CA ILE M 115 -12.70 9.60 14.40
C ILE M 115 -14.16 9.23 14.64
N GLY M 116 -14.33 8.21 15.47
CA GLY M 116 -15.65 7.73 15.80
C GLY M 116 -16.48 8.82 16.44
N VAL M 117 -15.86 9.62 17.30
CA VAL M 117 -16.56 10.69 17.97
C VAL M 117 -16.98 11.72 16.93
N ILE M 118 -16.12 11.98 15.95
CA ILE M 118 -16.43 12.94 14.90
C ILE M 118 -17.60 12.41 14.07
N LEU M 119 -17.61 11.11 13.83
CA LEU M 119 -18.69 10.49 13.05
C LEU M 119 -20.02 10.65 13.78
N LEU M 120 -20.03 10.42 15.10
CA LEU M 120 -21.26 10.56 15.89
C LEU M 120 -21.80 11.99 15.77
N LEU M 121 -20.93 12.97 15.93
CA LEU M 121 -21.32 14.37 15.85
C LEU M 121 -21.84 14.77 14.48
N THR M 122 -21.21 14.24 13.43
CA THR M 122 -21.60 14.57 12.07
C THR M 122 -22.96 13.95 11.72
N VAL M 123 -23.21 12.73 12.20
CA VAL M 123 -24.48 12.08 11.92
C VAL M 123 -25.58 12.84 12.64
N MET M 124 -25.30 13.31 13.87
CA MET M 124 -26.30 14.06 14.63
C MET M 124 -26.69 15.34 13.87
N ALA M 125 -25.68 16.04 13.39
CA ALA M 125 -25.88 17.29 12.67
C ALA M 125 -26.66 17.03 11.38
N THR M 126 -26.32 15.92 10.71
CA THR M 126 -26.98 15.54 9.46
C THR M 126 -28.44 15.22 9.69
N ALA M 127 -28.73 14.41 10.71
CA ALA M 127 -30.11 14.04 11.02
C ALA M 127 -30.94 15.26 11.43
N PHE M 128 -30.31 16.19 12.16
CA PHE M 128 -30.97 17.40 12.59
C PHE M 128 -31.44 18.17 11.36
N MET M 129 -30.51 18.45 10.45
CA MET M 129 -30.85 19.20 9.24
C MET M 129 -31.88 18.48 8.39
N GLY M 130 -31.80 17.16 8.34
CA GLY M 130 -32.77 16.40 7.56
C GLY M 130 -34.16 16.60 8.12
N TYR M 131 -34.28 16.57 9.44
CA TYR M 131 -35.57 16.73 10.10
C TYR M 131 -36.20 18.09 9.79
N VAL M 132 -35.37 19.06 9.44
CA VAL M 132 -35.85 20.40 9.14
C VAL M 132 -36.48 20.52 7.75
N LEU M 133 -36.01 19.69 6.81
CA LEU M 133 -36.49 19.73 5.43
C LEU M 133 -38.01 19.65 5.15
N PRO M 134 -38.75 18.75 5.83
CA PRO M 134 -40.19 18.76 5.48
C PRO M 134 -40.95 20.01 5.91
N TRP M 135 -40.29 20.86 6.70
CA TRP M 135 -40.83 22.12 7.18
C TRP M 135 -42.15 21.98 7.97
N GLY M 136 -42.19 21.04 8.91
CA GLY M 136 -43.38 20.85 9.71
C GLY M 136 -43.12 21.66 10.95
N GLN M 137 -43.96 21.56 11.97
CA GLN M 137 -43.75 22.34 13.18
C GLN M 137 -42.48 21.96 13.93
N MET M 138 -42.20 20.66 14.02
CA MET M 138 -41.00 20.23 14.72
C MET M 138 -39.79 20.68 13.93
N SER M 139 -39.92 20.67 12.60
CA SER M 139 -38.84 21.09 11.71
C SER M 139 -38.42 22.51 12.00
N PHE M 140 -39.40 23.41 11.98
CA PHE M 140 -39.15 24.83 12.19
C PHE M 140 -38.63 25.18 13.58
N TRP M 141 -39.20 24.59 14.63
CA TRP M 141 -38.73 24.91 15.98
C TRP M 141 -37.42 24.21 16.35
N GLY M 142 -37.15 23.07 15.71
CA GLY M 142 -35.91 22.37 15.97
C GLY M 142 -34.81 23.22 15.38
N ALA M 143 -35.06 23.72 14.17
CA ALA M 143 -34.08 24.56 13.48
C ALA M 143 -33.86 25.82 14.30
N THR M 144 -34.92 26.35 14.89
CA THR M 144 -34.81 27.55 15.70
C THR M 144 -33.95 27.33 16.94
N VAL M 145 -34.35 26.35 17.74
CA VAL M 145 -33.64 26.02 18.98
C VAL M 145 -32.20 25.53 18.83
N ILE M 146 -31.96 24.56 17.96
CA ILE M 146 -30.62 24.04 17.79
C ILE M 146 -29.60 25.05 17.25
N THR M 147 -30.01 25.85 16.26
CA THR M 147 -29.07 26.85 15.73
C THR M 147 -28.80 27.89 16.80
N ASN M 148 -29.81 28.24 17.60
CA ASN M 148 -29.62 29.22 18.65
C ASN M 148 -28.66 28.78 19.76
N LEU M 149 -28.26 27.53 19.74
CA LEU M 149 -27.33 27.04 20.75
C LEU M 149 -26.07 27.90 20.63
N LEU M 150 -25.79 28.35 19.42
CA LEU M 150 -24.62 29.18 19.15
C LEU M 150 -24.73 30.57 19.80
N SER M 151 -25.95 31.02 20.07
CA SER M 151 -26.11 32.34 20.68
C SER M 151 -25.53 32.36 22.09
N ALA M 152 -25.17 31.19 22.61
CA ALA M 152 -24.58 31.09 23.93
C ALA M 152 -23.13 31.52 23.89
N ILE M 153 -22.56 31.57 22.69
CA ILE M 153 -21.18 32.00 22.54
C ILE M 153 -21.10 33.49 22.81
N PRO M 154 -20.26 33.91 23.76
CA PRO M 154 -20.12 35.32 24.11
C PRO M 154 -19.80 36.27 22.95
N TYR M 155 -20.51 37.39 22.94
CA TYR M 155 -20.35 38.47 21.96
C TYR M 155 -20.68 38.26 20.48
N ILE M 156 -20.31 37.12 19.92
CA ILE M 156 -20.55 36.85 18.51
C ILE M 156 -21.60 35.79 18.26
N GLY M 157 -22.06 35.17 19.35
CA GLY M 157 -23.07 34.14 19.24
C GLY M 157 -24.23 34.56 18.35
N THR M 158 -24.88 35.67 18.69
CA THR M 158 -26.02 36.16 17.93
C THR M 158 -25.69 36.38 16.45
N ASN M 159 -24.50 36.91 16.18
CA ASN M 159 -24.07 37.16 14.80
C ASN M 159 -23.92 35.85 14.05
N LEU M 160 -23.37 34.84 14.73
CA LEU M 160 -23.18 33.53 14.11
C LEU M 160 -24.53 32.90 13.75
N VAL M 161 -25.50 33.02 14.64
CA VAL M 161 -26.81 32.44 14.39
C VAL M 161 -27.47 33.06 13.18
N GLU M 162 -27.47 34.38 13.11
CA GLU M 162 -28.09 35.09 11.99
C GLU M 162 -27.34 34.81 10.69
N TRP M 163 -26.06 34.54 10.81
CA TRP M 163 -25.25 34.24 9.64
C TRP M 163 -25.69 32.89 9.12
N ILE M 164 -25.85 31.93 10.02
CA ILE M 164 -26.27 30.57 9.65
C ILE M 164 -27.68 30.62 9.06
N TRP M 165 -28.58 31.39 9.68
CA TRP M 165 -29.95 31.51 9.20
C TRP M 165 -30.02 32.24 7.87
N GLY M 166 -29.13 33.20 7.70
CA GLY M 166 -29.14 33.97 6.48
C GLY M 166 -30.17 35.05 6.64
N GLY M 167 -30.40 35.44 7.89
CA GLY M 167 -31.37 36.47 8.17
C GLY M 167 -31.59 36.61 9.66
N PHE M 168 -32.63 37.34 10.05
CA PHE M 168 -32.91 37.58 11.47
C PHE M 168 -33.79 36.52 12.10
N SER M 169 -34.16 35.52 11.31
CA SER M 169 -34.99 34.43 11.78
C SER M 169 -34.89 33.27 10.80
N VAL M 170 -35.38 32.11 11.23
CA VAL M 170 -35.38 30.94 10.38
C VAL M 170 -36.38 31.27 9.26
N ASP M 171 -35.94 31.16 8.01
CA ASP M 171 -36.81 31.49 6.88
C ASP M 171 -36.33 30.77 5.62
N LYS M 172 -36.77 31.27 4.47
CA LYS M 172 -36.40 30.70 3.17
C LYS M 172 -34.91 30.37 3.00
N ALA M 173 -34.03 31.35 3.28
CA ALA M 173 -32.58 31.15 3.13
C ALA M 173 -32.07 29.98 3.96
N THR M 174 -32.66 29.75 5.12
CA THR M 174 -32.26 28.68 6.03
C THR M 174 -32.56 27.30 5.46
N LEU M 175 -33.79 27.11 5.02
CA LEU M 175 -34.22 25.83 4.47
C LEU M 175 -33.42 25.45 3.23
N THR M 176 -33.19 26.41 2.33
CA THR M 176 -32.45 26.11 1.11
C THR M 176 -31.02 25.68 1.41
N ARG M 177 -30.36 26.33 2.37
CA ARG M 177 -28.99 25.91 2.65
C ARG M 177 -28.95 24.61 3.43
N PHE M 178 -29.99 24.34 4.23
CA PHE M 178 -30.03 23.10 5.00
C PHE M 178 -30.20 21.91 4.06
N PHE M 179 -30.91 22.10 2.95
CA PHE M 179 -31.09 21.01 1.98
C PHE M 179 -29.70 20.71 1.43
N ALA M 180 -28.97 21.75 1.05
CA ALA M 180 -27.64 21.61 0.50
C ALA M 180 -26.66 20.94 1.47
N PHE M 181 -26.70 21.34 2.74
CA PHE M 181 -25.80 20.77 3.76
C PHE M 181 -26.16 19.31 4.02
N HIS M 182 -27.46 19.04 4.11
CA HIS M 182 -27.95 17.69 4.38
C HIS M 182 -27.61 16.74 3.24
N PHE M 183 -27.59 17.27 2.01
CA PHE M 183 -27.30 16.49 0.81
C PHE M 183 -25.84 16.04 0.83
N ILE M 184 -24.92 16.98 1.01
CA ILE M 184 -23.49 16.67 1.00
C ILE M 184 -22.87 16.01 2.25
N LEU M 185 -23.25 16.43 3.46
CA LEU M 185 -22.66 15.86 4.67
C LEU M 185 -22.58 14.32 4.72
N PRO M 186 -23.65 13.60 4.30
CA PRO M 186 -23.60 12.14 4.35
C PRO M 186 -22.46 11.54 3.55
N PHE M 187 -22.06 12.23 2.49
CA PHE M 187 -20.96 11.73 1.65
C PHE M 187 -19.64 12.01 2.34
N ILE M 188 -19.61 13.06 3.16
CA ILE M 188 -18.40 13.39 3.89
C ILE M 188 -18.27 12.34 4.98
N ILE M 189 -19.42 11.97 5.55
CA ILE M 189 -19.49 10.94 6.59
C ILE M 189 -18.94 9.64 6.04
N MET M 190 -19.29 9.31 4.80
CA MET M 190 -18.81 8.09 4.17
C MET M 190 -17.28 8.10 4.08
N ALA M 191 -16.70 9.23 3.69
CA ALA M 191 -15.25 9.35 3.57
C ALA M 191 -14.62 9.16 4.95
N ILE M 192 -15.12 9.89 5.94
CA ILE M 192 -14.61 9.80 7.30
C ILE M 192 -14.72 8.37 7.83
N ALA M 193 -15.79 7.68 7.45
CA ALA M 193 -16.00 6.31 7.89
C ALA M 193 -14.91 5.41 7.32
N MET M 194 -14.48 5.70 6.10
CA MET M 194 -13.44 4.89 5.48
C MET M 194 -12.11 5.12 6.18
N VAL M 195 -11.91 6.32 6.73
CA VAL M 195 -10.68 6.61 7.44
C VAL M 195 -10.77 5.88 8.80
N HIS M 196 -11.98 5.84 9.36
CA HIS M 196 -12.28 5.16 10.64
C HIS M 196 -11.76 3.73 10.50
N LEU M 197 -12.08 3.12 9.37
CA LEU M 197 -11.68 1.74 9.08
C LEU M 197 -10.22 1.55 8.74
N LEU M 198 -9.60 2.55 8.10
CA LEU M 198 -8.19 2.42 7.77
C LEU M 198 -7.38 2.42 9.05
N PHE M 199 -7.81 3.20 10.03
CA PHE M 199 -7.10 3.25 11.30
C PHE M 199 -7.31 1.95 12.06
N LEU M 200 -8.51 1.40 11.99
CA LEU M 200 -8.80 0.15 12.69
C LEU M 200 -8.01 -1.01 12.11
N HIS M 201 -7.83 -1.03 10.80
CA HIS M 201 -7.07 -2.12 10.17
C HIS M 201 -5.62 -2.15 10.59
N GLU M 202 -5.10 -1.02 11.06
CA GLU M 202 -3.71 -1.00 11.48
C GLU M 202 -3.51 -1.85 12.72
N THR M 203 -4.55 -1.95 13.53
CA THR M 203 -4.48 -2.73 14.77
C THR M 203 -5.29 -4.02 14.71
N GLY M 204 -6.38 -3.99 13.97
CA GLY M 204 -7.22 -5.16 13.87
C GLY M 204 -8.22 -4.94 14.98
N SER M 205 -9.24 -5.79 15.06
CA SER M 205 -10.29 -5.65 16.08
C SER M 205 -9.95 -6.08 17.50
N ASN M 206 -10.65 -5.49 18.46
CA ASN M 206 -10.50 -5.82 19.89
C ASN M 206 -11.45 -7.02 20.00
N ASN M 207 -11.53 -7.64 21.17
CA ASN M 207 -12.44 -8.78 21.33
C ASN M 207 -12.98 -8.76 22.76
N PRO M 208 -14.04 -9.53 23.05
CA PRO M 208 -14.63 -9.57 24.38
C PRO M 208 -13.69 -9.70 25.60
N THR M 209 -12.61 -10.48 25.49
CA THR M 209 -11.69 -10.64 26.63
C THR M 209 -10.76 -9.46 26.79
N GLY M 210 -10.60 -8.71 25.71
CA GLY M 210 -9.71 -7.56 25.75
C GLY M 210 -8.26 -7.95 25.60
N ILE M 211 -8.01 -9.26 25.57
CA ILE M 211 -6.66 -9.82 25.41
C ILE M 211 -6.31 -9.91 23.92
N SER M 212 -5.05 -9.66 23.58
CA SER M 212 -4.63 -9.73 22.18
C SER M 212 -5.06 -11.06 21.57
N SER M 213 -5.56 -11.01 20.33
CA SER M 213 -6.01 -12.23 19.67
C SER M 213 -5.12 -12.68 18.53
N ASP M 214 -3.89 -12.17 18.47
CA ASP M 214 -2.98 -12.54 17.40
C ASP M 214 -2.71 -14.05 17.35
N VAL M 215 -2.83 -14.73 18.49
CA VAL M 215 -2.58 -16.19 18.52
C VAL M 215 -3.78 -17.01 18.06
N ASP M 216 -4.89 -16.33 17.75
CA ASP M 216 -6.08 -17.05 17.29
C ASP M 216 -6.96 -16.21 16.35
N LYS M 217 -6.43 -15.92 15.15
CA LYS M 217 -7.18 -15.14 14.17
C LYS M 217 -7.75 -16.11 13.15
N ILE M 218 -8.86 -15.72 12.53
CA ILE M 218 -9.49 -16.52 11.49
C ILE M 218 -9.79 -15.56 10.35
N PRO M 219 -9.94 -16.07 9.11
CA PRO M 219 -10.21 -15.20 7.97
C PRO M 219 -11.57 -14.53 8.07
N PHE M 220 -11.64 -13.27 7.67
CA PHE M 220 -12.88 -12.52 7.73
C PHE M 220 -13.91 -13.29 6.92
N HIS M 221 -13.49 -13.78 5.76
CA HIS M 221 -14.36 -14.55 4.90
C HIS M 221 -13.97 -16.01 5.09
N PRO M 222 -14.96 -16.91 5.28
CA PRO M 222 -16.41 -16.74 5.30
C PRO M 222 -17.06 -16.44 6.67
N TYR M 223 -16.33 -16.63 7.75
CA TYR M 223 -16.86 -16.40 9.09
C TYR M 223 -17.66 -15.12 9.39
N TYR M 224 -17.06 -13.95 9.19
CA TYR M 224 -17.78 -12.72 9.46
C TYR M 224 -18.56 -12.14 8.28
N THR M 225 -18.28 -12.63 7.08
CA THR M 225 -19.04 -12.15 5.93
C THR M 225 -20.44 -12.74 6.10
N ILE M 226 -20.53 -14.00 6.53
CA ILE M 226 -21.84 -14.61 6.72
C ILE M 226 -22.53 -14.02 7.95
N LYS M 227 -21.79 -13.73 9.02
CA LYS M 227 -22.41 -13.16 10.21
C LYS M 227 -22.93 -11.76 9.87
N ASP M 228 -22.16 -11.01 9.09
CA ASP M 228 -22.56 -9.67 8.70
C ASP M 228 -23.85 -9.71 7.86
N ILE M 229 -23.98 -10.72 7.01
CA ILE M 229 -25.17 -10.85 6.18
C ILE M 229 -26.37 -11.17 7.05
N LEU M 230 -26.17 -12.04 8.04
CA LEU M 230 -27.26 -12.40 8.93
C LEU M 230 -27.69 -11.14 9.67
N GLY M 231 -26.70 -10.37 10.12
CA GLY M 231 -26.99 -9.13 10.82
C GLY M 231 -27.77 -8.18 9.94
N ALA M 232 -27.34 -8.06 8.69
CA ALA M 232 -27.98 -7.17 7.74
C ALA M 232 -29.44 -7.55 7.58
N LEU M 233 -29.72 -8.85 7.52
CA LEU M 233 -31.09 -9.33 7.37
C LEU M 233 -31.94 -8.94 8.58
N LEU M 234 -31.37 -9.08 9.77
CA LEU M 234 -32.09 -8.72 10.99
C LEU M 234 -32.34 -7.22 11.02
N LEU M 235 -31.36 -6.43 10.59
CA LEU M 235 -31.51 -4.98 10.56
C LEU M 235 -32.66 -4.63 9.63
N ILE M 236 -32.67 -5.24 8.46
CA ILE M 236 -33.72 -4.99 7.48
C ILE M 236 -35.09 -5.41 8.03
N LEU M 237 -35.11 -6.48 8.80
CA LEU M 237 -36.37 -6.95 9.37
C LEU M 237 -36.90 -5.89 10.31
N ALA M 238 -36.03 -5.37 11.17
CA ALA M 238 -36.40 -4.36 12.14
C ALA M 238 -36.83 -3.06 11.47
N LEU M 239 -36.14 -2.67 10.40
CA LEU M 239 -36.48 -1.46 9.67
C LEU M 239 -37.84 -1.60 9.01
N MET M 240 -38.07 -2.72 8.33
CA MET M 240 -39.33 -2.91 7.64
C MET M 240 -40.52 -3.18 8.55
N LEU M 241 -40.27 -3.63 9.78
CA LEU M 241 -41.37 -3.88 10.70
C LEU M 241 -41.89 -2.50 11.04
N LEU M 242 -40.97 -1.56 11.18
CA LEU M 242 -41.33 -0.18 11.48
C LEU M 242 -42.02 0.46 10.28
N VAL M 243 -41.38 0.38 9.12
CA VAL M 243 -41.94 0.96 7.91
C VAL M 243 -43.28 0.40 7.45
N LEU M 244 -43.44 -0.91 7.52
CA LEU M 244 -44.69 -1.54 7.05
C LEU M 244 -45.79 -1.75 8.10
N PHE M 245 -45.45 -1.76 9.38
CA PHE M 245 -46.45 -1.97 10.42
C PHE M 245 -46.62 -0.82 11.43
N ALA M 246 -45.61 0.04 11.53
CA ALA M 246 -45.69 1.16 12.49
C ALA M 246 -44.78 2.31 12.07
N PRO M 247 -45.00 2.86 10.87
CA PRO M 247 -44.19 3.97 10.33
C PRO M 247 -44.10 5.29 11.15
N ASP M 248 -45.09 5.58 12.00
CA ASP M 248 -45.05 6.82 12.78
C ASP M 248 -44.70 6.57 14.25
N LEU M 249 -44.56 5.31 14.63
CA LEU M 249 -44.24 4.95 16.01
C LEU M 249 -43.13 5.78 16.63
N LEU M 250 -42.01 5.92 15.93
CA LEU M 250 -40.88 6.68 16.45
C LEU M 250 -40.86 8.14 16.01
N GLY M 251 -41.94 8.58 15.37
CA GLY M 251 -42.02 9.94 14.88
C GLY M 251 -42.89 10.82 15.76
N ASP M 252 -43.03 12.09 15.40
CA ASP M 252 -43.84 13.04 16.17
C ASP M 252 -45.01 13.54 15.34
N PRO M 253 -46.24 13.43 15.87
CA PRO M 253 -47.43 13.88 15.15
C PRO M 253 -47.37 15.35 14.76
N ASP M 254 -46.73 16.16 15.60
CA ASP M 254 -46.63 17.59 15.32
C ASP M 254 -45.92 17.95 14.02
N ASN M 255 -45.10 17.07 13.45
CA ASN M 255 -44.46 17.45 12.21
C ASN M 255 -45.38 17.24 11.01
N TYR M 256 -46.59 16.76 11.28
CA TYR M 256 -47.56 16.56 10.21
C TYR M 256 -48.34 17.84 10.03
N THR M 257 -47.97 18.87 10.80
CA THR M 257 -48.57 20.19 10.74
C THR M 257 -47.54 21.15 10.14
N PRO M 258 -47.92 21.92 9.12
CA PRO M 258 -46.96 22.86 8.51
C PRO M 258 -46.37 23.82 9.53
N ALA M 259 -45.15 24.27 9.27
CA ALA M 259 -44.47 25.20 10.17
C ALA M 259 -45.30 26.47 10.34
N ASN M 260 -45.39 26.95 11.59
CA ASN M 260 -46.11 28.17 11.94
C ASN M 260 -45.14 28.96 12.81
N PRO M 261 -44.50 30.00 12.23
CA PRO M 261 -43.54 30.81 12.98
C PRO M 261 -44.08 31.63 14.13
N LEU M 262 -45.40 31.67 14.28
CA LEU M 262 -46.00 32.45 15.36
C LEU M 262 -46.48 31.57 16.51
N ASN M 263 -46.28 30.26 16.38
CA ASN M 263 -46.75 29.36 17.41
C ASN M 263 -45.93 28.07 17.63
N THR M 264 -45.42 27.92 18.84
CA THR M 264 -44.63 26.75 19.21
C THR M 264 -45.55 25.78 19.94
N PRO M 265 -45.69 24.54 19.42
CA PRO M 265 -46.55 23.54 20.05
C PRO M 265 -46.27 23.44 21.55
N PRO M 266 -47.32 23.39 22.38
CA PRO M 266 -47.16 23.30 23.84
C PRO M 266 -46.44 22.09 24.43
N HIS M 267 -46.36 20.99 23.68
CA HIS M 267 -45.67 19.81 24.21
C HIS M 267 -44.52 19.38 23.34
N ILE M 268 -44.01 20.36 22.58
CA ILE M 268 -42.90 20.15 21.69
C ILE M 268 -41.80 19.36 22.38
N LYS M 269 -41.21 18.43 21.64
CA LYS M 269 -40.11 17.64 22.18
C LYS M 269 -39.28 17.12 21.02
N PRO M 270 -37.98 16.88 21.27
CA PRO M 270 -37.01 16.39 20.30
C PRO M 270 -37.24 14.96 19.82
N GLU M 271 -36.56 14.64 18.73
CA GLU M 271 -36.65 13.30 18.16
C GLU M 271 -36.17 12.43 19.31
N TRP M 272 -36.67 11.20 19.42
CA TRP M 272 -36.28 10.32 20.53
C TRP M 272 -34.77 10.14 20.78
N TYR M 273 -33.97 10.02 19.73
CA TYR M 273 -32.54 9.84 19.93
C TYR M 273 -31.78 11.05 20.49
N PHE M 274 -32.50 12.17 20.65
CA PHE M 274 -31.89 13.39 21.19
C PHE M 274 -32.44 13.67 22.59
N LEU M 275 -33.40 12.86 23.04
CA LEU M 275 -34.03 13.06 24.34
C LEU M 275 -33.12 13.09 25.57
N PHE M 276 -32.15 12.18 25.67
CA PHE M 276 -31.25 12.19 26.83
C PHE M 276 -30.45 13.48 26.91
N ALA M 277 -30.00 13.99 25.76
CA ALA M 277 -29.21 15.22 25.70
C ALA M 277 -30.10 16.43 26.03
N TYR M 278 -31.36 16.33 25.64
CA TYR M 278 -32.35 17.39 25.87
C TYR M 278 -32.63 17.49 27.35
N ALA M 279 -32.72 16.34 28.01
CA ALA M 279 -32.99 16.30 29.44
C ALA M 279 -31.83 16.93 30.20
N ILE M 280 -30.60 16.65 29.77
CA ILE M 280 -29.44 17.21 30.43
C ILE M 280 -29.44 18.74 30.30
N LEU M 281 -29.67 19.24 29.09
CA LEU M 281 -29.68 20.68 28.88
C LEU M 281 -30.80 21.32 29.69
N ARG M 282 -31.99 20.72 29.66
CA ARG M 282 -33.14 21.26 30.42
C ARG M 282 -32.92 21.27 31.93
N SER M 283 -32.02 20.42 32.42
CA SER M 283 -31.76 20.33 33.85
C SER M 283 -30.99 21.50 34.44
N ILE M 284 -30.43 22.35 33.58
CA ILE M 284 -29.63 23.46 34.04
C ILE M 284 -30.32 24.81 33.78
N PRO M 285 -30.75 25.49 34.86
CA PRO M 285 -31.43 26.79 34.78
C PRO M 285 -30.52 27.97 34.48
N ASN M 286 -29.61 27.75 33.54
CA ASN M 286 -28.68 28.78 33.09
C ASN M 286 -28.45 28.48 31.62
N LYS M 287 -28.52 29.51 30.78
CA LYS M 287 -28.34 29.32 29.34
C LYS M 287 -26.98 28.76 28.96
N LEU M 288 -25.91 29.47 29.25
CA LEU M 288 -24.58 29.00 28.90
C LEU M 288 -24.26 27.65 29.57
N GLY M 289 -24.68 27.48 30.82
CA GLY M 289 -24.42 26.25 31.53
C GLY M 289 -25.06 25.04 30.89
N GLY M 290 -26.29 25.21 30.40
CA GLY M 290 -26.99 24.10 29.76
C GLY M 290 -26.37 23.71 28.44
N VAL M 291 -25.96 24.70 27.66
CA VAL M 291 -25.35 24.47 26.37
C VAL M 291 -23.99 23.81 26.54
N LEU M 292 -23.26 24.19 27.58
CA LEU M 292 -21.96 23.61 27.84
C LEU M 292 -22.14 22.16 28.27
N ALA M 293 -23.16 21.91 29.10
CA ALA M 293 -23.43 20.57 29.58
C ALA M 293 -23.84 19.71 28.40
N LEU M 294 -24.61 20.29 27.49
CA LEU M 294 -25.06 19.57 26.31
C LEU M 294 -23.86 19.13 25.49
N ALA M 295 -22.98 20.08 25.18
CA ALA M 295 -21.79 19.80 24.40
C ALA M 295 -20.92 18.76 25.09
N PHE M 296 -20.72 18.92 26.40
CA PHE M 296 -19.89 17.97 27.14
C PHE M 296 -20.51 16.58 27.21
N SER M 297 -21.84 16.48 27.16
CA SER M 297 -22.49 15.18 27.24
C SER M 297 -22.02 14.28 26.10
N ILE M 298 -21.62 14.89 24.98
CA ILE M 298 -21.14 14.12 23.84
C ILE M 298 -19.62 14.11 23.76
N LEU M 299 -19.02 15.29 23.87
CA LEU M 299 -17.57 15.42 23.80
C LEU M 299 -16.83 14.64 24.90
N ILE M 300 -17.52 14.30 25.98
CA ILE M 300 -16.87 13.56 27.07
C ILE M 300 -16.37 12.21 26.55
N LEU M 301 -16.93 11.73 25.44
CA LEU M 301 -16.53 10.45 24.87
C LEU M 301 -15.05 10.48 24.53
N ALA M 302 -14.58 11.66 24.09
CA ALA M 302 -13.17 11.81 23.72
C ALA M 302 -12.26 11.76 24.93
N LEU M 303 -12.85 11.89 26.13
CA LEU M 303 -12.09 11.86 27.38
C LEU M 303 -11.95 10.46 27.97
N ILE M 304 -12.89 9.58 27.63
CA ILE M 304 -12.89 8.23 28.15
C ILE M 304 -11.52 7.54 28.14
N PRO M 305 -10.78 7.61 27.04
CA PRO M 305 -9.46 6.95 27.02
C PRO M 305 -8.52 7.46 28.12
N LEU M 306 -8.61 8.75 28.44
CA LEU M 306 -7.76 9.35 29.47
C LEU M 306 -8.22 8.98 30.89
N LEU M 307 -9.47 8.56 31.02
CA LEU M 307 -10.03 8.18 32.31
C LEU M 307 -9.89 6.70 32.65
N HIS M 308 -9.29 5.92 31.73
CA HIS M 308 -9.10 4.50 31.93
C HIS M 308 -8.03 4.25 32.98
N THR M 309 -8.43 3.64 34.10
CA THR M 309 -7.50 3.34 35.18
C THR M 309 -7.17 1.84 35.32
N SER M 310 -8.08 0.98 34.89
CA SER M 310 -7.89 -0.46 34.96
C SER M 310 -6.64 -0.97 34.24
N LYS M 311 -6.08 -2.06 34.75
CA LYS M 311 -4.89 -2.66 34.17
C LYS M 311 -5.34 -3.61 33.09
N GLN M 312 -6.65 -3.82 33.00
CA GLN M 312 -7.25 -4.68 32.01
C GLN M 312 -8.05 -3.81 31.07
N ARG M 313 -8.08 -4.21 29.80
CA ARG M 313 -8.77 -3.46 28.75
C ARG M 313 -10.29 -3.54 28.76
N SER M 314 -10.81 -4.76 28.86
CA SER M 314 -12.25 -5.02 28.84
C SER M 314 -12.90 -5.09 30.23
N MET M 315 -14.22 -4.94 30.26
CA MET M 315 -14.95 -5.01 31.52
C MET M 315 -15.38 -6.46 31.78
N MET M 316 -15.09 -7.33 30.83
CA MET M 316 -15.46 -8.74 30.97
C MET M 316 -15.07 -9.34 32.29
N PHE M 317 -13.85 -9.01 32.76
CA PHE M 317 -13.36 -9.56 34.02
C PHE M 317 -13.42 -8.55 35.15
N ARG M 318 -14.22 -7.51 34.99
CA ARG M 318 -14.33 -6.47 36.01
C ARG M 318 -15.78 -6.27 36.48
N PRO M 319 -16.21 -7.04 37.49
CA PRO M 319 -17.56 -6.98 38.06
C PRO M 319 -18.08 -5.60 38.49
N LEU M 320 -17.26 -4.83 39.20
CA LEU M 320 -17.69 -3.50 39.65
C LEU M 320 -17.90 -2.56 38.48
N SER M 321 -16.98 -2.58 37.52
CA SER M 321 -17.11 -1.73 36.36
C SER M 321 -18.39 -2.07 35.61
N GLN M 322 -18.71 -3.36 35.53
CA GLN M 322 -19.91 -3.82 34.85
C GLN M 322 -21.15 -3.21 35.49
N CYS M 323 -21.26 -3.29 36.81
CA CYS M 323 -22.42 -2.73 37.50
C CYS M 323 -22.57 -1.25 37.16
N LEU M 324 -21.46 -0.52 37.24
CA LEU M 324 -21.49 0.91 36.94
C LEU M 324 -21.88 1.15 35.48
N PHE M 325 -21.42 0.29 34.58
CA PHE M 325 -21.73 0.44 33.16
C PHE M 325 -23.23 0.36 32.97
N TRP M 326 -23.84 -0.66 33.57
CA TRP M 326 -25.27 -0.86 33.42
C TRP M 326 -26.04 0.23 34.15
N ALA M 327 -25.42 0.84 35.16
CA ALA M 327 -26.06 1.92 35.88
C ALA M 327 -26.09 3.12 34.93
N LEU M 328 -25.03 3.25 34.13
CA LEU M 328 -24.94 4.34 33.16
C LEU M 328 -25.99 4.16 32.05
N VAL M 329 -26.25 2.92 31.67
CA VAL M 329 -27.24 2.64 30.63
C VAL M 329 -28.62 2.93 31.19
N ALA M 330 -28.88 2.47 32.42
CA ALA M 330 -30.16 2.70 33.07
C ALA M 330 -30.37 4.20 33.22
N ASP M 331 -29.28 4.92 33.43
CA ASP M 331 -29.35 6.35 33.63
C ASP M 331 -29.68 7.10 32.34
N LEU M 332 -29.19 6.58 31.22
CA LEU M 332 -29.47 7.21 29.93
C LEU M 332 -30.92 6.94 29.59
N LEU M 333 -31.41 5.78 30.02
CA LEU M 333 -32.79 5.41 29.78
C LEU M 333 -33.63 6.34 30.62
N THR M 334 -33.15 6.62 31.84
CA THR M 334 -33.85 7.52 32.74
C THR M 334 -33.93 8.90 32.11
N LEU M 335 -32.80 9.40 31.61
CA LEU M 335 -32.76 10.71 30.97
C LEU M 335 -33.67 10.78 29.74
N THR M 336 -33.72 9.68 28.98
CA THR M 336 -34.58 9.62 27.79
C THR M 336 -36.02 9.79 28.21
N TRP M 337 -36.41 9.08 29.27
CA TRP M 337 -37.78 9.16 29.78
C TRP M 337 -38.08 10.59 30.23
N ILE M 338 -37.21 11.16 31.04
CA ILE M 338 -37.40 12.52 31.53
C ILE M 338 -37.47 13.53 30.40
N GLY M 339 -36.66 13.36 29.36
CA GLY M 339 -36.69 14.29 28.25
C GLY M 339 -38.03 14.33 27.58
N GLY M 340 -38.82 13.27 27.80
CA GLY M 340 -40.14 13.18 27.20
C GLY M 340 -41.28 13.65 28.08
N GLN M 341 -40.94 14.09 29.29
CA GLN M 341 -41.95 14.57 30.24
C GLN M 341 -41.92 16.09 30.37
N PRO M 342 -43.01 16.69 30.87
CA PRO M 342 -43.05 18.13 31.03
C PRO M 342 -42.08 18.58 32.12
N VAL M 343 -41.71 19.86 32.12
CA VAL M 343 -40.79 20.37 33.13
C VAL M 343 -41.58 20.65 34.40
N GLU M 344 -41.94 19.58 35.09
CA GLU M 344 -42.72 19.69 36.32
C GLU M 344 -42.21 18.73 37.39
N HIS M 345 -42.58 19.01 38.63
CA HIS M 345 -42.21 18.15 39.73
C HIS M 345 -42.99 16.84 39.50
N PRO M 346 -42.37 15.69 39.80
CA PRO M 346 -41.02 15.44 40.31
C PRO M 346 -39.96 15.25 39.24
N TYR M 347 -40.35 15.36 37.98
CA TYR M 347 -39.42 15.16 36.87
C TYR M 347 -38.22 16.11 36.84
N ILE M 348 -38.38 17.34 37.32
CA ILE M 348 -37.28 18.30 37.32
C ILE M 348 -36.12 17.81 38.18
N THR M 349 -36.45 17.29 39.37
CA THR M 349 -35.44 16.80 40.29
C THR M 349 -34.83 15.49 39.81
N ILE M 350 -35.66 14.59 39.30
CA ILE M 350 -35.15 13.32 38.82
C ILE M 350 -34.19 13.59 37.66
N GLY M 351 -34.58 14.50 36.77
CA GLY M 351 -33.73 14.84 35.65
C GLY M 351 -32.41 15.44 36.07
N GLN M 352 -32.41 16.22 37.14
CA GLN M 352 -31.19 16.85 37.62
C GLN M 352 -30.28 15.81 38.27
N LEU M 353 -30.87 14.87 38.99
CA LEU M 353 -30.10 13.82 39.63
C LEU M 353 -29.52 12.91 38.55
N ALA M 354 -30.33 12.60 37.54
CA ALA M 354 -29.90 11.74 36.45
C ALA M 354 -28.76 12.39 35.68
N SER M 355 -28.85 13.70 35.50
CA SER M 355 -27.81 14.42 34.78
C SER M 355 -26.49 14.40 35.54
N VAL M 356 -26.57 14.64 36.83
CA VAL M 356 -25.39 14.63 37.68
C VAL M 356 -24.75 13.26 37.72
N LEU M 357 -25.58 12.22 37.83
CA LEU M 357 -25.08 10.85 37.88
C LEU M 357 -24.36 10.45 36.59
N TYR M 358 -24.85 10.95 35.46
CA TYR M 358 -24.25 10.66 34.16
C TYR M 358 -22.78 11.03 34.18
N PHE M 359 -22.52 12.29 34.55
CA PHE M 359 -21.16 12.80 34.60
C PHE M 359 -20.37 12.21 35.77
N LEU M 360 -21.04 11.95 36.89
CA LEU M 360 -20.38 11.38 38.06
C LEU M 360 -19.89 9.96 37.76
N LEU M 361 -20.70 9.20 37.03
CA LEU M 361 -20.35 7.82 36.68
C LEU M 361 -19.11 7.77 35.79
N ILE M 362 -19.12 8.55 34.72
CA ILE M 362 -18.02 8.60 33.76
C ILE M 362 -16.72 9.23 34.28
N LEU M 363 -16.84 10.35 34.96
CA LEU M 363 -15.69 11.09 35.48
C LEU M 363 -15.10 10.65 36.81
N VAL M 364 -15.91 10.04 37.67
CA VAL M 364 -15.44 9.64 38.99
C VAL M 364 -15.58 8.18 39.40
N LEU M 365 -16.82 7.69 39.34
CA LEU M 365 -17.12 6.33 39.74
C LEU M 365 -16.43 5.24 38.93
N MET M 366 -16.48 5.30 37.59
CA MET M 366 -15.83 4.26 36.80
C MET M 366 -14.30 4.25 36.96
N PRO M 367 -13.66 5.44 36.87
CA PRO M 367 -12.21 5.44 37.03
C PRO M 367 -11.81 4.92 38.41
N THR M 368 -12.61 5.27 39.42
CA THR M 368 -12.34 4.84 40.79
C THR M 368 -12.48 3.33 40.92
N ALA M 369 -13.53 2.78 40.33
CA ALA M 369 -13.77 1.34 40.40
C ALA M 369 -12.61 0.60 39.74
N GLY M 370 -12.05 1.19 38.69
CA GLY M 370 -10.95 0.57 38.02
C GLY M 370 -9.75 0.43 38.94
N THR M 371 -9.53 1.46 39.75
CA THR M 371 -8.40 1.47 40.68
C THR M 371 -8.66 0.49 41.81
N ILE M 372 -9.92 0.37 42.21
CA ILE M 372 -10.29 -0.55 43.29
C ILE M 372 -10.08 -1.98 42.80
N GLU M 373 -10.51 -2.26 41.59
CA GLU M 373 -10.36 -3.59 41.01
C GLU M 373 -8.88 -3.93 40.89
N ASN M 374 -8.06 -2.94 40.53
CA ASN M 374 -6.62 -3.17 40.41
C ASN M 374 -6.04 -3.63 41.74
N LYS M 375 -6.39 -2.94 42.82
CA LYS M 375 -5.88 -3.30 44.14
C LYS M 375 -6.34 -4.68 44.55
N LEU M 376 -7.58 -5.03 44.23
CA LEU M 376 -8.10 -6.35 44.57
C LEU M 376 -7.32 -7.48 43.89
N LEU M 377 -6.74 -7.19 42.72
CA LEU M 377 -5.96 -8.19 42.00
C LEU M 377 -4.47 -8.03 42.29
N LYS M 378 -4.14 -7.11 43.19
CA LYS M 378 -2.76 -6.85 43.60
C LYS M 378 -1.78 -6.28 42.58
N TRP M 379 -2.20 -5.29 41.80
CA TRP M 379 -1.31 -4.65 40.83
C TRP M 379 -1.83 -3.25 40.54
N SER N 1 -59.03 23.90 31.37
CA SER N 1 -58.02 23.56 32.42
C SER N 1 -56.86 22.80 31.80
N ASP N 2 -55.78 22.68 32.56
CA ASP N 2 -54.60 21.99 32.09
C ASP N 2 -54.79 20.48 32.27
N LEU N 3 -55.89 20.10 32.91
CA LEU N 3 -56.20 18.70 33.12
C LEU N 3 -56.43 18.05 31.75
N GLU N 4 -56.05 16.79 31.64
CA GLU N 4 -56.18 16.06 30.37
C GLU N 4 -57.07 14.82 30.44
N LEU N 5 -57.67 14.45 29.31
CA LEU N 5 -58.50 13.26 29.20
C LEU N 5 -58.06 12.60 27.89
N HIS N 6 -57.47 11.42 27.98
CA HIS N 6 -57.02 10.72 26.80
C HIS N 6 -58.10 9.80 26.26
N PRO N 7 -58.20 9.70 24.92
CA PRO N 7 -59.21 8.85 24.29
C PRO N 7 -58.96 7.36 24.50
N PRO N 8 -60.04 6.57 24.59
CA PRO N 8 -59.86 5.13 24.77
C PRO N 8 -59.54 4.52 23.42
N SER N 9 -59.22 3.24 23.39
CA SER N 9 -58.88 2.58 22.13
C SER N 9 -60.09 1.86 21.53
N TYR N 10 -60.56 2.34 20.39
CA TYR N 10 -61.71 1.71 19.75
C TYR N 10 -61.22 0.58 18.86
N PRO N 11 -62.00 -0.51 18.77
CA PRO N 11 -61.59 -1.63 17.94
C PRO N 11 -61.83 -1.44 16.44
N TRP N 12 -61.15 -0.47 15.84
CA TRP N 12 -61.28 -0.21 14.42
C TRP N 12 -61.00 -1.49 13.65
N SER N 13 -61.71 -1.73 12.56
CA SER N 13 -61.50 -2.94 11.80
C SER N 13 -60.10 -2.94 11.16
N HIS N 14 -59.47 -1.77 11.12
CA HIS N 14 -58.13 -1.67 10.54
C HIS N 14 -57.04 -1.61 11.60
N ARG N 15 -57.40 -1.86 12.86
CA ARG N 15 -56.43 -1.82 13.94
C ARG N 15 -55.35 -2.90 13.88
N GLY N 16 -55.74 -4.13 13.56
CA GLY N 16 -54.79 -5.24 13.47
C GLY N 16 -53.64 -5.05 12.49
N LEU N 17 -52.51 -5.68 12.77
CA LEU N 17 -51.32 -5.57 11.93
C LEU N 17 -51.54 -5.89 10.44
N LEU N 18 -52.36 -6.88 10.15
CA LEU N 18 -52.61 -7.27 8.77
C LEU N 18 -54.02 -6.89 8.34
N SER N 19 -54.67 -6.05 9.16
CA SER N 19 -56.03 -5.61 8.90
C SER N 19 -56.14 -4.35 8.03
N SER N 20 -56.78 -4.48 6.88
CA SER N 20 -56.95 -3.36 5.96
C SER N 20 -58.10 -2.48 6.40
N LEU N 21 -58.24 -1.35 5.72
CA LEU N 21 -59.30 -0.41 5.99
C LEU N 21 -60.54 -1.04 5.40
N ASP N 22 -61.70 -0.62 5.88
CA ASP N 22 -62.98 -1.12 5.39
C ASP N 22 -63.36 -0.10 4.33
N HIS N 23 -63.25 -0.47 3.06
CA HIS N 23 -63.54 0.49 2.00
C HIS N 23 -64.97 0.99 1.85
N THR N 24 -65.95 0.24 2.36
CA THR N 24 -67.32 0.72 2.29
C THR N 24 -67.43 1.85 3.31
N SER N 25 -66.71 1.70 4.42
CA SER N 25 -66.71 2.70 5.47
C SER N 25 -65.97 3.94 4.98
N ILE N 26 -64.95 3.77 4.14
CA ILE N 26 -64.23 4.91 3.60
C ILE N 26 -65.19 5.68 2.71
N ARG N 27 -65.94 4.95 1.90
CA ARG N 27 -66.92 5.55 0.99
C ARG N 27 -67.93 6.37 1.77
N ARG N 28 -68.48 5.82 2.85
CA ARG N 28 -69.45 6.57 3.65
C ARG N 28 -68.77 7.77 4.31
N GLY N 29 -67.54 7.56 4.79
CA GLY N 29 -66.81 8.64 5.42
C GLY N 29 -66.61 9.82 4.50
N PHE N 30 -66.37 9.53 3.22
CA PHE N 30 -66.17 10.58 2.24
C PHE N 30 -67.43 11.41 2.13
N GLN N 31 -68.58 10.73 2.17
CA GLN N 31 -69.86 11.42 2.08
C GLN N 31 -70.02 12.38 3.26
N VAL N 32 -69.54 11.97 4.43
CA VAL N 32 -69.64 12.82 5.61
C VAL N 32 -68.77 14.06 5.39
N TYR N 33 -67.56 13.86 4.92
CA TYR N 33 -66.67 15.00 4.66
C TYR N 33 -67.28 15.93 3.62
N LYS N 34 -67.75 15.34 2.53
CA LYS N 34 -68.34 16.09 1.44
C LYS N 34 -69.53 16.93 1.89
N GLN N 35 -70.51 16.29 2.54
CA GLN N 35 -71.70 16.99 2.98
C GLN N 35 -71.63 17.80 4.28
N VAL N 36 -70.72 17.44 5.17
CA VAL N 36 -70.63 18.15 6.45
C VAL N 36 -69.36 18.96 6.74
N CYS N 37 -68.22 18.29 6.84
CA CYS N 37 -66.96 18.95 7.15
C CYS N 37 -66.41 19.93 6.12
N SER N 38 -66.61 19.64 4.83
CA SER N 38 -66.09 20.51 3.79
C SER N 38 -66.54 21.96 3.81
N SER N 39 -67.65 22.27 4.48
CA SER N 39 -68.10 23.66 4.52
C SER N 39 -67.14 24.53 5.33
N CYS N 40 -66.36 23.89 6.22
CA CYS N 40 -65.42 24.64 7.06
C CYS N 40 -63.96 24.19 6.99
N HIS N 41 -63.75 22.90 6.74
CA HIS N 41 -62.40 22.32 6.65
C HIS N 41 -61.93 22.02 5.24
N SER N 42 -60.68 22.36 4.94
CA SER N 42 -60.11 22.07 3.63
C SER N 42 -59.47 20.70 3.72
N MET N 43 -59.08 20.16 2.57
CA MET N 43 -58.41 18.86 2.51
C MET N 43 -57.55 19.02 1.27
N ASP N 44 -56.64 19.99 1.38
CA ASP N 44 -55.72 20.37 0.33
C ASP N 44 -54.92 19.30 -0.40
N TYR N 45 -54.59 18.19 0.26
CA TYR N 45 -53.77 17.17 -0.39
C TYR N 45 -54.50 16.00 -1.02
N VAL N 46 -55.83 16.04 -1.07
CA VAL N 46 -56.58 14.94 -1.66
C VAL N 46 -57.29 15.44 -2.91
N ALA N 47 -57.25 14.63 -3.98
CA ALA N 47 -57.88 14.99 -5.24
C ALA N 47 -58.90 13.92 -5.59
N TYR N 48 -59.85 14.27 -6.46
CA TYR N 48 -60.88 13.34 -6.86
C TYR N 48 -60.29 12.07 -7.43
N ARG N 49 -59.16 12.18 -8.12
CA ARG N 49 -58.52 11.00 -8.71
C ARG N 49 -58.06 9.99 -7.65
N HIS N 50 -57.77 10.46 -6.44
CA HIS N 50 -57.31 9.59 -5.38
C HIS N 50 -58.42 8.63 -4.90
N LEU N 51 -59.67 9.01 -5.14
CA LEU N 51 -60.82 8.20 -4.74
C LEU N 51 -61.02 6.99 -5.64
N VAL N 52 -60.54 7.08 -6.88
CA VAL N 52 -60.69 5.99 -7.84
C VAL N 52 -59.98 4.69 -7.43
N GLY N 53 -60.76 3.62 -7.38
CA GLY N 53 -60.22 2.32 -7.01
C GLY N 53 -60.05 2.15 -5.51
N VAL N 54 -60.49 3.15 -4.75
CA VAL N 54 -60.40 3.09 -3.29
C VAL N 54 -61.80 2.98 -2.71
N CYS N 55 -62.71 3.82 -3.19
CA CYS N 55 -64.07 3.80 -2.69
C CYS N 55 -65.11 4.23 -3.74
N TYR N 56 -64.64 4.56 -4.93
CA TYR N 56 -65.50 4.98 -6.03
C TYR N 56 -64.88 4.53 -7.35
N THR N 57 -65.72 4.29 -8.37
CA THR N 57 -65.19 3.89 -9.68
C THR N 57 -64.70 5.17 -10.32
N GLU N 58 -64.02 5.05 -11.45
CA GLU N 58 -63.51 6.24 -12.13
C GLU N 58 -64.69 7.10 -12.58
N ASP N 59 -65.74 6.47 -13.10
CA ASP N 59 -66.91 7.22 -13.55
C ASP N 59 -67.59 7.95 -12.38
N GLU N 60 -67.65 7.30 -11.22
CA GLU N 60 -68.26 7.91 -10.05
C GLU N 60 -67.43 9.10 -9.60
N ALA N 61 -66.11 8.93 -9.54
CA ALA N 61 -65.22 10.02 -9.12
C ALA N 61 -65.29 11.19 -10.11
N LYS N 62 -65.41 10.88 -11.41
CA LYS N 62 -65.51 11.93 -12.43
C LYS N 62 -66.76 12.73 -12.15
N ALA N 63 -67.82 12.03 -11.75
CA ALA N 63 -69.10 12.67 -11.46
C ALA N 63 -69.02 13.51 -10.19
N LEU N 64 -68.27 13.03 -9.21
CA LEU N 64 -68.12 13.77 -7.96
C LEU N 64 -67.36 15.07 -8.24
N ALA N 65 -66.35 14.98 -9.10
CA ALA N 65 -65.54 16.15 -9.43
C ALA N 65 -66.37 17.18 -10.21
N GLU N 66 -67.24 16.71 -11.09
CA GLU N 66 -68.05 17.61 -11.88
C GLU N 66 -69.12 18.33 -11.07
N GLU N 67 -69.25 17.98 -9.80
CA GLU N 67 -70.22 18.60 -8.90
C GLU N 67 -69.73 19.97 -8.46
N VAL N 68 -68.43 20.20 -8.56
CA VAL N 68 -67.87 21.47 -8.14
C VAL N 68 -67.39 22.30 -9.32
N GLU N 69 -67.34 23.61 -9.11
CA GLU N 69 -66.87 24.56 -10.13
C GLU N 69 -65.53 25.05 -9.61
N VAL N 70 -64.50 24.93 -10.43
CA VAL N 70 -63.18 25.37 -10.02
C VAL N 70 -62.68 26.44 -10.96
N GLN N 71 -61.84 27.33 -10.44
CA GLN N 71 -61.31 28.41 -11.25
C GLN N 71 -60.20 27.85 -12.12
N ASP N 72 -60.04 28.42 -13.30
CA ASP N 72 -59.01 27.99 -14.23
C ASP N 72 -58.66 29.20 -15.08
N GLY N 73 -57.74 29.01 -16.04
CA GLY N 73 -57.34 30.11 -16.89
C GLY N 73 -55.95 30.58 -16.53
N PRO N 74 -55.55 31.79 -16.97
CA PRO N 74 -56.33 32.74 -17.77
C PRO N 74 -56.60 32.26 -19.19
N ASN N 75 -57.68 32.76 -19.80
CA ASN N 75 -58.03 32.38 -21.16
C ASN N 75 -57.32 33.30 -22.14
N GLU N 76 -57.72 33.27 -23.40
CA GLU N 76 -57.09 34.11 -24.41
C GLU N 76 -57.27 35.61 -24.20
N ASP N 77 -58.20 35.98 -23.32
CA ASP N 77 -58.42 37.39 -23.03
C ASP N 77 -57.66 37.76 -21.76
N GLY N 78 -57.02 36.77 -21.16
CA GLY N 78 -56.28 36.99 -19.94
C GLY N 78 -57.18 36.98 -18.71
N GLU N 79 -58.36 36.39 -18.87
CA GLU N 79 -59.34 36.30 -17.80
C GLU N 79 -59.39 34.92 -17.14
N MET N 80 -59.69 34.91 -15.85
CA MET N 80 -59.80 33.65 -15.11
C MET N 80 -61.26 33.27 -15.28
N PHE N 81 -61.58 31.98 -15.23
CA PHE N 81 -62.96 31.55 -15.42
C PHE N 81 -63.30 30.28 -14.64
N MET N 82 -64.58 29.95 -14.61
CA MET N 82 -65.06 28.75 -13.90
C MET N 82 -65.33 27.57 -14.84
N ARG N 83 -65.13 26.36 -14.33
CA ARG N 83 -65.36 25.15 -15.11
C ARG N 83 -65.72 24.01 -14.19
N PRO N 84 -66.30 22.93 -14.74
CA PRO N 84 -66.67 21.78 -13.90
C PRO N 84 -65.36 21.17 -13.42
N GLY N 85 -65.35 20.64 -12.21
CA GLY N 85 -64.13 20.04 -11.71
C GLY N 85 -63.84 18.76 -12.47
N LYS N 86 -62.63 18.25 -12.31
CA LYS N 86 -62.25 17.01 -12.98
C LYS N 86 -61.33 16.22 -12.07
N LEU N 87 -61.07 14.97 -12.44
CA LEU N 87 -60.25 14.09 -11.61
C LEU N 87 -58.94 14.69 -11.09
N SER N 88 -58.27 15.49 -11.90
CA SER N 88 -57.00 16.08 -11.47
C SER N 88 -57.11 17.20 -10.43
N ASP N 89 -58.30 17.78 -10.27
CA ASP N 89 -58.48 18.86 -9.28
C ASP N 89 -58.45 18.35 -7.84
N TYR N 90 -57.94 19.18 -6.94
CA TYR N 90 -57.90 18.83 -5.53
C TYR N 90 -59.20 19.30 -4.92
N PHE N 91 -59.58 18.73 -3.79
CA PHE N 91 -60.83 19.11 -3.15
C PHE N 91 -60.86 20.62 -2.93
N PRO N 92 -62.01 21.26 -3.24
CA PRO N 92 -62.18 22.71 -3.08
C PRO N 92 -61.92 23.18 -1.65
N LYS N 93 -61.32 24.37 -1.53
CA LYS N 93 -61.03 24.95 -0.22
C LYS N 93 -62.23 25.80 0.13
N PRO N 94 -62.73 25.68 1.37
CA PRO N 94 -63.89 26.50 1.72
C PRO N 94 -63.57 28.00 1.84
N TYR N 95 -62.30 28.33 2.05
CA TYR N 95 -61.88 29.72 2.19
C TYR N 95 -60.63 30.00 1.36
N PRO N 96 -60.47 31.24 0.88
CA PRO N 96 -59.30 31.59 0.08
C PRO N 96 -58.02 31.71 0.90
N ASN N 97 -58.18 31.92 2.20
CA ASN N 97 -57.04 32.05 3.09
C ASN N 97 -57.44 31.86 4.55
N PRO N 98 -56.46 31.53 5.42
CA PRO N 98 -56.73 31.32 6.84
C PRO N 98 -57.35 32.53 7.56
N GLU N 99 -57.06 33.74 7.08
CA GLU N 99 -57.62 34.93 7.70
C GLU N 99 -59.14 34.89 7.55
N ALA N 100 -59.60 34.56 6.34
CA ALA N 100 -61.03 34.47 6.08
C ALA N 100 -61.68 33.34 6.87
N ALA N 101 -60.97 32.22 6.99
CA ALA N 101 -61.49 31.07 7.73
C ALA N 101 -61.76 31.48 9.18
N ARG N 102 -60.82 32.21 9.79
CA ARG N 102 -60.99 32.64 11.17
C ARG N 102 -62.15 33.63 11.26
N ALA N 103 -62.21 34.54 10.29
CA ALA N 103 -63.25 35.56 10.26
C ALA N 103 -64.64 34.92 10.22
N ALA N 104 -64.72 33.75 9.59
CA ALA N 104 -66.00 33.05 9.47
C ALA N 104 -66.27 32.07 10.62
N ASN N 105 -65.29 31.90 11.49
CA ASN N 105 -65.44 31.00 12.63
C ASN N 105 -65.08 31.62 13.98
N ASN N 106 -65.52 32.86 14.19
CA ASN N 106 -65.26 33.58 15.43
C ASN N 106 -63.79 33.60 15.84
N GLY N 107 -62.89 33.74 14.88
CA GLY N 107 -61.48 33.78 15.20
C GLY N 107 -60.79 32.43 15.22
N ALA N 108 -61.58 31.35 15.25
CA ALA N 108 -60.99 30.02 15.28
C ALA N 108 -60.67 29.55 13.87
N LEU N 109 -59.59 28.79 13.73
CA LEU N 109 -59.17 28.28 12.43
C LEU N 109 -59.37 26.79 12.28
N PRO N 110 -60.31 26.38 11.41
CA PRO N 110 -60.55 24.94 11.22
C PRO N 110 -59.33 24.42 10.47
N PRO N 111 -58.58 23.49 11.06
CA PRO N 111 -57.40 23.00 10.34
C PRO N 111 -57.68 22.11 9.14
N ASP N 112 -56.70 22.01 8.25
CA ASP N 112 -56.85 21.17 7.06
C ASP N 112 -56.93 19.76 7.60
N LEU N 113 -57.81 18.95 7.04
CA LEU N 113 -57.99 17.58 7.54
C LEU N 113 -57.24 16.47 6.82
N SER N 114 -56.46 16.81 5.79
CA SER N 114 -55.70 15.81 5.05
C SER N 114 -54.87 14.86 5.92
N TYR N 115 -54.25 15.41 6.96
CA TYR N 115 -53.40 14.64 7.87
C TYR N 115 -53.83 14.71 9.32
N ILE N 116 -55.01 15.25 9.59
CA ILE N 116 -55.45 15.39 10.97
C ILE N 116 -55.25 14.16 11.86
N VAL N 117 -55.51 12.98 11.31
CA VAL N 117 -55.37 11.75 12.07
C VAL N 117 -53.91 11.41 12.40
N ARG N 118 -52.98 11.88 11.57
CA ARG N 118 -51.55 11.66 11.83
C ARG N 118 -50.97 12.83 12.61
N ALA N 119 -51.65 13.98 12.53
CA ALA N 119 -51.21 15.19 13.20
C ALA N 119 -51.71 15.30 14.63
N ARG N 120 -52.38 14.27 15.13
CA ARG N 120 -52.90 14.29 16.49
C ARG N 120 -52.61 13.00 17.25
N HIS N 121 -52.17 13.13 18.49
CA HIS N 121 -51.91 11.95 19.31
C HIS N 121 -53.28 11.32 19.52
N GLY N 122 -53.34 10.00 19.36
CA GLY N 122 -54.63 9.33 19.52
C GLY N 122 -55.28 9.01 18.18
N GLY N 123 -54.84 9.68 17.12
CA GLY N 123 -55.38 9.44 15.80
C GLY N 123 -56.88 9.42 15.74
N GLU N 124 -57.46 8.43 15.06
CA GLU N 124 -58.90 8.33 14.95
C GLU N 124 -59.60 8.12 16.28
N ASP N 125 -58.88 7.61 17.28
CA ASP N 125 -59.49 7.41 18.58
C ASP N 125 -59.81 8.79 19.15
N TYR N 126 -58.90 9.74 18.92
CA TYR N 126 -59.06 11.10 19.39
C TYR N 126 -60.17 11.81 18.63
N VAL N 127 -60.12 11.72 17.29
CA VAL N 127 -61.13 12.38 16.46
C VAL N 127 -62.52 11.82 16.75
N PHE N 128 -62.65 10.51 16.92
CA PHE N 128 -63.95 9.91 17.21
C PHE N 128 -64.45 10.38 18.57
N SER N 129 -63.57 10.33 19.57
CA SER N 129 -63.91 10.76 20.93
C SER N 129 -64.32 12.22 20.96
N LEU N 130 -63.63 13.04 20.17
CA LEU N 130 -63.91 14.47 20.10
C LEU N 130 -65.28 14.71 19.46
N LEU N 131 -65.52 14.07 18.32
CA LEU N 131 -66.78 14.22 17.59
C LEU N 131 -68.01 13.76 18.35
N THR N 132 -67.87 12.68 19.12
CA THR N 132 -68.98 12.14 19.89
C THR N 132 -68.89 12.50 21.38
N GLY N 133 -67.96 13.39 21.72
CA GLY N 133 -67.80 13.74 23.12
C GLY N 133 -68.27 15.07 23.66
N TYR N 134 -69.01 15.86 22.88
CA TYR N 134 -69.49 17.14 23.37
C TYR N 134 -70.49 16.90 24.49
N CYS N 135 -70.42 17.71 25.52
CA CYS N 135 -71.34 17.60 26.65
C CYS N 135 -71.43 18.97 27.29
N GLU N 136 -72.33 19.14 28.25
CA GLU N 136 -72.45 20.43 28.90
C GLU N 136 -71.28 20.65 29.84
N PRO N 137 -70.85 21.93 29.99
CA PRO N 137 -69.74 22.30 30.86
C PRO N 137 -69.99 21.85 32.30
N PRO N 138 -68.93 21.51 33.04
CA PRO N 138 -69.14 21.08 34.43
C PRO N 138 -69.40 22.31 35.31
N THR N 139 -69.83 22.11 36.56
CA THR N 139 -70.13 23.21 37.48
C THR N 139 -68.90 24.08 37.76
N GLY N 140 -69.07 25.39 37.65
CA GLY N 140 -67.95 26.29 37.91
C GLY N 140 -67.21 26.73 36.65
N VAL N 141 -67.54 26.08 35.54
CA VAL N 141 -66.91 26.40 34.26
C VAL N 141 -67.85 27.28 33.43
N SER N 142 -67.33 28.41 32.98
CA SER N 142 -68.09 29.35 32.18
C SER N 142 -67.32 29.63 30.90
N LEU N 143 -67.94 29.30 29.77
CA LEU N 143 -67.28 29.50 28.48
C LEU N 143 -67.72 30.77 27.77
N ARG N 144 -66.74 31.44 27.16
CA ARG N 144 -66.99 32.67 26.43
C ARG N 144 -67.83 32.35 25.21
N GLU N 145 -68.44 33.39 24.65
CA GLU N 145 -69.28 33.24 23.47
C GLU N 145 -68.47 32.62 22.34
N GLY N 146 -69.07 31.67 21.63
CA GLY N 146 -68.37 31.03 20.52
C GLY N 146 -67.63 29.75 20.86
N LEU N 147 -67.45 29.48 22.15
CA LEU N 147 -66.75 28.28 22.57
C LEU N 147 -67.65 27.20 23.16
N TYR N 148 -67.34 25.95 22.84
CA TYR N 148 -68.11 24.81 23.32
C TYR N 148 -67.27 23.92 24.21
N PHE N 149 -67.91 23.27 25.16
CA PHE N 149 -67.19 22.40 26.06
C PHE N 149 -67.01 21.02 25.48
N ASN N 150 -65.76 20.59 25.41
CA ASN N 150 -65.46 19.25 24.92
C ASN N 150 -64.31 18.73 25.78
N PRO N 151 -64.59 17.71 26.59
CA PRO N 151 -63.61 17.10 27.48
C PRO N 151 -62.36 16.53 26.80
N TYR N 152 -62.45 16.24 25.51
CA TYR N 152 -61.32 15.67 24.79
C TYR N 152 -60.41 16.70 24.14
N PHE N 153 -60.88 17.93 24.00
CA PHE N 153 -60.07 18.99 23.40
C PHE N 153 -59.15 19.59 24.48
N PRO N 154 -57.87 19.82 24.14
CA PRO N 154 -56.96 20.38 25.15
C PRO N 154 -57.55 21.70 25.68
N GLY N 155 -57.65 21.81 27.01
CA GLY N 155 -58.20 23.02 27.61
C GLY N 155 -59.71 22.92 27.78
N GLN N 156 -60.31 21.99 27.05
CA GLN N 156 -61.75 21.72 27.09
C GLN N 156 -62.69 22.71 26.40
N ALA N 157 -62.17 23.84 25.92
CA ALA N 157 -63.02 24.83 25.23
C ALA N 157 -62.63 24.86 23.76
N ILE N 158 -63.52 24.37 22.90
CA ILE N 158 -63.26 24.33 21.48
C ILE N 158 -64.15 25.29 20.69
N GLY N 159 -63.61 25.82 19.59
CA GLY N 159 -64.34 26.76 18.76
C GLY N 159 -65.24 26.16 17.70
N MET N 160 -65.34 24.83 17.68
CA MET N 160 -66.20 24.13 16.73
C MET N 160 -67.42 23.61 17.46
N ALA N 161 -68.62 23.93 16.95
CA ALA N 161 -69.85 23.47 17.55
C ALA N 161 -70.07 22.03 17.09
N PRO N 162 -70.77 21.20 17.89
CA PRO N 162 -71.01 19.81 17.50
C PRO N 162 -71.39 19.74 16.02
N PRO N 163 -70.49 19.22 15.16
CA PRO N 163 -70.82 19.15 13.73
C PRO N 163 -71.76 18.04 13.29
N ILE N 164 -71.83 16.95 14.06
CA ILE N 164 -72.70 15.85 13.68
C ILE N 164 -73.70 15.42 14.74
N TYR N 165 -74.77 14.79 14.28
CA TYR N 165 -75.86 14.31 15.12
C TYR N 165 -76.68 13.32 14.31
N ASN N 166 -77.63 12.65 14.94
CA ASN N 166 -78.47 11.70 14.21
C ASN N 166 -79.07 12.32 12.95
N GLU N 167 -78.94 11.60 11.84
CA GLU N 167 -79.49 12.01 10.56
C GLU N 167 -78.92 13.30 9.98
N VAL N 168 -77.68 13.66 10.35
CA VAL N 168 -77.11 14.88 9.81
C VAL N 168 -77.00 14.73 8.29
N LEU N 169 -77.04 13.48 7.83
CA LEU N 169 -76.99 13.18 6.40
C LEU N 169 -77.60 11.82 6.15
N GLU N 170 -77.82 11.51 4.87
CA GLU N 170 -78.40 10.23 4.45
C GLU N 170 -77.30 9.53 3.64
N PHE N 171 -76.98 8.28 4.00
CA PHE N 171 -75.95 7.54 3.28
C PHE N 171 -76.48 6.88 2.01
N ASP N 172 -75.62 6.78 1.00
CA ASP N 172 -75.99 6.19 -0.28
C ASP N 172 -76.38 4.72 -0.21
N ASP N 173 -75.97 4.04 0.87
CA ASP N 173 -76.31 2.63 1.00
C ASP N 173 -77.39 2.34 2.03
N GLY N 174 -78.04 3.38 2.53
CA GLY N 174 -79.10 3.21 3.50
C GLY N 174 -78.69 3.03 4.96
N THR N 175 -77.39 2.91 5.23
CA THR N 175 -76.91 2.74 6.60
C THR N 175 -77.51 3.81 7.52
N PRO N 176 -78.08 3.39 8.66
CA PRO N 176 -78.67 4.37 9.59
C PRO N 176 -77.62 5.41 9.99
N ALA N 177 -77.89 6.69 9.71
CA ALA N 177 -76.94 7.75 10.03
C ALA N 177 -77.03 8.28 11.45
N THR N 178 -76.73 7.44 12.44
CA THR N 178 -76.75 7.86 13.83
C THR N 178 -75.43 8.62 14.03
N MET N 179 -75.36 9.46 15.05
CA MET N 179 -74.14 10.24 15.28
C MET N 179 -72.90 9.38 15.35
N SER N 180 -72.94 8.31 16.16
CA SER N 180 -71.79 7.45 16.30
C SER N 180 -71.38 6.76 14.99
N GLN N 181 -72.36 6.42 14.16
CA GLN N 181 -72.08 5.77 12.89
C GLN N 181 -71.38 6.75 11.95
N VAL N 182 -71.87 7.98 11.93
CA VAL N 182 -71.29 9.01 11.09
C VAL N 182 -69.83 9.31 11.51
N ALA N 183 -69.57 9.36 12.82
CA ALA N 183 -68.23 9.64 13.31
C ALA N 183 -67.28 8.48 12.96
N LYS N 184 -67.76 7.26 13.16
CA LYS N 184 -66.98 6.07 12.88
C LYS N 184 -66.58 6.05 11.41
N ASP N 185 -67.50 6.42 10.51
CA ASP N 185 -67.19 6.41 9.08
C ASP N 185 -66.27 7.56 8.65
N VAL N 186 -66.49 8.76 9.17
CA VAL N 186 -65.63 9.88 8.76
C VAL N 186 -64.21 9.68 9.30
N CYS N 187 -64.09 9.06 10.46
CA CYS N 187 -62.77 8.80 11.05
C CYS N 187 -62.02 7.78 10.20
N THR N 188 -62.75 6.82 9.64
CA THR N 188 -62.14 5.80 8.81
C THR N 188 -61.67 6.46 7.51
N PHE N 189 -62.48 7.37 6.99
CA PHE N 189 -62.15 8.08 5.77
C PHE N 189 -60.92 8.94 6.03
N LEU N 190 -60.87 9.58 7.20
CA LEU N 190 -59.74 10.43 7.53
C LEU N 190 -58.46 9.64 7.68
N ARG N 191 -58.58 8.37 8.05
CA ARG N 191 -57.42 7.51 8.20
C ARG N 191 -56.85 7.27 6.82
N TRP N 192 -57.74 6.99 5.87
CA TRP N 192 -57.31 6.75 4.51
C TRP N 192 -56.71 8.02 3.92
N ALA N 193 -57.32 9.16 4.20
CA ALA N 193 -56.84 10.43 3.68
C ALA N 193 -55.44 10.79 4.17
N ALA N 194 -55.12 10.42 5.41
CA ALA N 194 -53.81 10.71 5.98
C ALA N 194 -52.78 9.66 5.62
N GLU N 195 -53.25 8.43 5.40
CA GLU N 195 -52.36 7.33 5.06
C GLU N 195 -52.92 6.44 3.96
N PRO N 196 -53.01 6.95 2.72
CA PRO N 196 -53.54 6.16 1.60
C PRO N 196 -52.75 4.88 1.30
N GLU N 197 -51.50 4.86 1.75
CA GLU N 197 -50.66 3.70 1.55
C GLU N 197 -50.94 2.61 2.60
N HIS N 198 -51.88 2.92 3.49
CA HIS N 198 -52.26 2.01 4.58
C HIS N 198 -52.42 0.53 4.25
N ASP N 199 -53.32 0.20 3.32
CA ASP N 199 -53.58 -1.20 2.95
C ASP N 199 -52.40 -1.84 2.26
N HIS N 200 -51.69 -1.08 1.42
CA HIS N 200 -50.57 -1.64 0.69
C HIS N 200 -49.38 -1.95 1.57
N ARG N 201 -49.08 -1.11 2.55
CA ARG N 201 -47.94 -1.39 3.42
C ARG N 201 -48.19 -2.68 4.20
N LYS N 202 -49.42 -2.92 4.62
CA LYS N 202 -49.72 -4.14 5.35
C LYS N 202 -49.61 -5.38 4.48
N ARG N 203 -50.04 -5.29 3.22
CA ARG N 203 -49.96 -6.44 2.32
C ARG N 203 -48.47 -6.74 2.12
N MET N 204 -47.69 -5.69 1.91
CA MET N 204 -46.25 -5.85 1.71
C MET N 204 -45.62 -6.40 2.99
N GLY N 205 -46.14 -5.96 4.13
CA GLY N 205 -45.63 -6.41 5.41
C GLY N 205 -45.78 -7.90 5.57
N LEU N 206 -46.91 -8.43 5.10
CA LEU N 206 -47.19 -9.86 5.19
C LEU N 206 -46.17 -10.62 4.36
N LYS N 207 -45.91 -10.12 3.16
CA LYS N 207 -44.94 -10.75 2.26
C LYS N 207 -43.55 -10.66 2.84
N MET N 208 -43.24 -9.54 3.50
CA MET N 208 -41.93 -9.35 4.11
C MET N 208 -41.75 -10.38 5.22
N LEU N 209 -42.79 -10.57 6.03
CA LEU N 209 -42.73 -11.52 7.13
C LEU N 209 -42.57 -12.94 6.62
N LEU N 210 -43.28 -13.29 5.55
CA LEU N 210 -43.19 -14.63 4.99
C LEU N 210 -41.80 -14.89 4.43
N MET N 211 -41.24 -13.86 3.78
CA MET N 211 -39.92 -13.99 3.17
C MET N 211 -38.82 -14.07 4.23
N MET N 212 -38.96 -13.31 5.31
CA MET N 212 -37.99 -13.33 6.40
C MET N 212 -38.11 -14.64 7.16
N GLY N 213 -39.32 -15.17 7.20
CA GLY N 213 -39.55 -16.43 7.89
C GLY N 213 -38.80 -17.53 7.19
N LEU N 214 -38.54 -17.32 5.90
CA LEU N 214 -37.83 -18.28 5.07
C LEU N 214 -36.33 -18.04 5.12
N LEU N 215 -35.92 -16.86 4.68
CA LEU N 215 -34.51 -16.47 4.61
C LEU N 215 -33.71 -16.46 5.92
N LEU N 216 -34.29 -15.96 7.01
CA LEU N 216 -33.53 -15.93 8.26
C LEU N 216 -33.08 -17.31 8.75
N PRO N 217 -33.98 -18.29 8.81
CA PRO N 217 -33.51 -19.61 9.27
C PRO N 217 -32.50 -20.24 8.32
N LEU N 218 -32.64 -19.96 7.03
CA LEU N 218 -31.74 -20.50 6.03
C LEU N 218 -30.34 -19.91 6.14
N VAL N 219 -30.25 -18.59 6.25
CA VAL N 219 -28.95 -17.92 6.37
C VAL N 219 -28.32 -18.30 7.71
N TYR N 220 -29.15 -18.48 8.73
CA TYR N 220 -28.67 -18.86 10.06
C TYR N 220 -28.07 -20.27 9.98
N ALA N 221 -28.64 -21.10 9.11
CA ALA N 221 -28.15 -22.46 8.94
C ALA N 221 -26.81 -22.41 8.22
N MET N 222 -26.67 -21.43 7.32
CA MET N 222 -25.43 -21.26 6.57
C MET N 222 -24.35 -20.81 7.54
N LYS N 223 -24.73 -19.93 8.46
CA LYS N 223 -23.82 -19.42 9.47
C LYS N 223 -23.30 -20.56 10.36
N ARG N 224 -24.22 -21.36 10.89
CA ARG N 224 -23.86 -22.50 11.74
C ARG N 224 -23.02 -23.53 10.99
N HIS N 225 -23.35 -23.76 9.72
CA HIS N 225 -22.62 -24.70 8.86
C HIS N 225 -21.15 -24.32 8.80
N LYS N 226 -20.86 -23.09 8.38
CA LYS N 226 -19.49 -22.60 8.29
C LYS N 226 -18.78 -22.60 9.64
N TRP N 227 -19.43 -22.05 10.65
CA TRP N 227 -18.83 -21.97 11.98
C TRP N 227 -18.61 -23.30 12.68
N SER N 228 -19.28 -24.36 12.22
CA SER N 228 -19.12 -25.66 12.86
C SER N 228 -17.67 -26.10 12.87
N VAL N 229 -16.92 -25.69 11.86
CA VAL N 229 -15.50 -26.03 11.77
C VAL N 229 -14.77 -25.51 13.00
N LEU N 230 -15.12 -24.30 13.41
CA LEU N 230 -14.50 -23.67 14.57
C LEU N 230 -15.12 -24.13 15.88
N LYS N 231 -16.46 -24.24 15.88
CA LYS N 231 -17.17 -24.65 17.09
C LYS N 231 -16.81 -26.04 17.60
N SER N 232 -16.41 -26.93 16.70
CA SER N 232 -16.07 -28.28 17.13
C SER N 232 -14.58 -28.55 17.14
N ARG N 233 -13.77 -27.56 16.78
CA ARG N 233 -12.32 -27.77 16.76
C ARG N 233 -11.81 -28.01 18.18
N LYS N 234 -10.73 -28.80 18.27
CA LYS N 234 -10.12 -29.13 19.55
C LYS N 234 -8.65 -28.75 19.53
N LEU N 235 -8.14 -28.35 20.68
CA LEU N 235 -6.75 -27.94 20.78
C LEU N 235 -5.94 -28.84 21.73
N ALA N 236 -4.65 -28.95 21.45
CA ALA N 236 -3.75 -29.75 22.26
C ALA N 236 -2.43 -28.99 22.34
N TYR N 237 -1.85 -28.95 23.53
CA TYR N 237 -0.59 -28.25 23.76
C TYR N 237 0.42 -29.34 24.07
N ARG N 238 1.43 -29.47 23.22
CA ARG N 238 2.46 -30.49 23.38
C ARG N 238 3.86 -29.90 23.47
N PRO N 239 4.17 -29.17 24.56
CA PRO N 239 5.52 -28.61 24.64
C PRO N 239 6.55 -29.70 24.92
N PRO N 240 7.75 -29.54 24.38
CA PRO N 240 8.80 -30.53 24.60
C PRO N 240 9.27 -30.52 26.05
N LYS N 241 9.92 -31.61 26.45
CA LYS N 241 10.47 -31.80 27.79
C LYS N 241 10.65 -33.30 27.97
N SER O 1 6.80 -39.00 20.89
CA SER O 1 6.69 -39.37 19.45
C SER O 1 5.44 -38.79 18.82
N HIS O 2 5.56 -38.33 17.57
CA HIS O 2 4.40 -37.76 16.91
C HIS O 2 3.35 -38.84 16.71
N THR O 3 3.78 -40.10 16.80
CA THR O 3 2.86 -41.21 16.62
C THR O 3 1.98 -41.40 17.85
N ASP O 4 2.20 -40.58 18.88
CA ASP O 4 1.39 -40.68 20.09
C ASP O 4 0.22 -39.74 19.89
N ILE O 5 0.16 -39.13 18.71
CA ILE O 5 -0.91 -38.18 18.39
C ILE O 5 -2.10 -38.83 17.68
N LYS O 6 -3.22 -38.83 18.40
CA LYS O 6 -4.48 -39.42 17.95
C LYS O 6 -5.56 -38.35 17.88
N VAL O 7 -6.28 -38.28 16.77
CA VAL O 7 -7.35 -37.31 16.60
C VAL O 7 -8.39 -37.61 17.68
N PRO O 8 -8.83 -36.58 18.43
CA PRO O 8 -9.83 -36.83 19.48
C PRO O 8 -11.11 -37.35 18.88
N ASP O 9 -11.96 -37.93 19.71
CA ASP O 9 -13.24 -38.46 19.25
C ASP O 9 -14.22 -37.32 19.01
N PHE O 10 -14.79 -37.29 17.80
CA PHE O 10 -15.76 -36.26 17.40
C PHE O 10 -17.18 -36.82 17.29
N SER O 11 -17.42 -38.01 17.83
CA SER O 11 -18.75 -38.63 17.74
C SER O 11 -19.94 -37.78 18.21
N ASP O 12 -19.70 -36.82 19.09
CA ASP O 12 -20.78 -35.98 19.59
C ASP O 12 -21.17 -34.89 18.60
N TYR O 13 -20.37 -34.74 17.54
CA TYR O 13 -20.61 -33.71 16.52
C TYR O 13 -20.97 -34.26 15.15
N ARG O 14 -20.54 -35.48 14.88
CA ARG O 14 -20.80 -36.12 13.59
C ARG O 14 -22.27 -36.28 13.25
N ARG O 15 -22.57 -36.22 11.96
CA ARG O 15 -23.94 -36.43 11.51
C ARG O 15 -24.13 -37.93 11.71
N PRO O 16 -25.37 -38.36 11.98
CA PRO O 16 -25.63 -39.78 12.20
C PRO O 16 -25.08 -40.73 11.11
N GLU O 17 -25.23 -40.32 9.86
CA GLU O 17 -24.79 -41.14 8.74
C GLU O 17 -23.29 -41.38 8.58
N VAL O 18 -22.47 -40.72 9.39
CA VAL O 18 -21.02 -40.93 9.31
C VAL O 18 -20.46 -41.34 10.66
N LEU O 19 -21.33 -41.91 11.49
CA LEU O 19 -20.94 -42.37 12.82
C LEU O 19 -20.27 -43.74 12.85
N ASP O 20 -20.45 -44.54 11.80
CA ASP O 20 -19.86 -45.87 11.75
C ASP O 20 -18.49 -45.85 11.05
N SER O 21 -17.43 -46.03 11.83
CA SER O 21 -16.07 -46.03 11.33
C SER O 21 -15.75 -47.19 10.39
N THR O 22 -16.62 -48.19 10.34
CA THR O 22 -16.38 -49.33 9.46
C THR O 22 -17.18 -49.23 8.16
N LYS O 23 -17.82 -48.08 7.95
CA LYS O 23 -18.61 -47.87 6.74
C LYS O 23 -18.09 -46.66 5.98
N SER O 24 -18.12 -46.74 4.66
CA SER O 24 -17.67 -45.63 3.82
C SER O 24 -18.70 -44.52 3.92
N SER O 25 -18.24 -43.27 3.96
CA SER O 25 -19.14 -42.13 4.04
C SER O 25 -19.52 -41.61 2.66
N LYS O 26 -18.97 -42.23 1.62
CA LYS O 26 -19.26 -41.81 0.25
C LYS O 26 -20.68 -42.09 -0.18
N GLU O 27 -21.37 -42.99 0.52
CA GLU O 27 -22.74 -43.32 0.16
C GLU O 27 -23.71 -42.21 0.57
N SER O 28 -23.34 -41.43 1.58
CA SER O 28 -24.19 -40.34 2.05
C SER O 28 -23.70 -38.96 1.62
N SER O 29 -22.49 -38.90 1.06
CA SER O 29 -21.90 -37.63 0.63
C SER O 29 -22.81 -36.84 -0.32
N GLU O 30 -23.47 -37.53 -1.24
CA GLU O 30 -24.37 -36.86 -2.18
C GLU O 30 -25.58 -36.25 -1.48
N ALA O 31 -26.12 -36.97 -0.50
CA ALA O 31 -27.29 -36.48 0.24
C ALA O 31 -26.90 -35.31 1.12
N ARG O 32 -25.77 -35.44 1.82
CA ARG O 32 -25.31 -34.38 2.71
C ARG O 32 -24.99 -33.10 1.95
N LYS O 33 -24.44 -33.21 0.74
CA LYS O 33 -24.13 -32.03 -0.06
C LYS O 33 -25.37 -31.50 -0.77
N GLY O 34 -26.23 -32.42 -1.21
CA GLY O 34 -27.45 -32.02 -1.90
C GLY O 34 -28.33 -31.12 -1.05
N PHE O 35 -28.32 -31.36 0.26
CA PHE O 35 -29.13 -30.56 1.17
C PHE O 35 -28.58 -29.15 1.24
N SER O 36 -27.29 -29.02 1.51
CA SER O 36 -26.65 -27.71 1.61
C SER O 36 -26.85 -26.87 0.36
N TYR O 37 -26.78 -27.51 -0.80
CA TYR O 37 -26.95 -26.75 -2.03
C TYR O 37 -28.40 -26.43 -2.32
N LEU O 38 -29.31 -27.14 -1.66
CA LEU O 38 -30.74 -26.87 -1.79
C LEU O 38 -30.99 -25.62 -0.96
N VAL O 39 -30.38 -25.59 0.22
CA VAL O 39 -30.49 -24.47 1.14
C VAL O 39 -29.93 -23.24 0.44
N THR O 40 -28.78 -23.44 -0.17
CA THR O 40 -28.15 -22.34 -0.85
C THR O 40 -28.98 -21.88 -2.05
N ALA O 41 -29.63 -22.83 -2.71
CA ALA O 41 -30.45 -22.50 -3.87
C ALA O 41 -31.72 -21.76 -3.46
N THR O 42 -32.35 -22.21 -2.39
CA THR O 42 -33.58 -21.58 -1.90
C THR O 42 -33.31 -20.16 -1.39
N THR O 43 -32.15 -19.96 -0.78
CA THR O 43 -31.79 -18.65 -0.24
C THR O 43 -31.57 -17.69 -1.40
N THR O 44 -30.89 -18.18 -2.43
CA THR O 44 -30.60 -17.38 -3.61
C THR O 44 -31.87 -16.90 -4.29
N VAL O 45 -32.85 -17.79 -4.40
CA VAL O 45 -34.13 -17.45 -5.01
C VAL O 45 -34.89 -16.46 -4.13
N GLY O 46 -34.82 -16.67 -2.82
CA GLY O 46 -35.50 -15.77 -1.91
C GLY O 46 -34.94 -14.36 -2.07
N VAL O 47 -33.62 -14.23 -2.03
CA VAL O 47 -32.96 -12.95 -2.17
C VAL O 47 -33.24 -12.31 -3.54
N ALA O 48 -33.26 -13.13 -4.59
CA ALA O 48 -33.52 -12.63 -5.93
C ALA O 48 -34.93 -12.03 -5.99
N TYR O 49 -35.90 -12.70 -5.39
CA TYR O 49 -37.28 -12.21 -5.37
C TYR O 49 -37.29 -10.86 -4.70
N ALA O 50 -36.69 -10.81 -3.52
CA ALA O 50 -36.62 -9.58 -2.73
C ALA O 50 -35.92 -8.46 -3.49
N ALA O 51 -34.75 -8.74 -4.05
CA ALA O 51 -34.00 -7.74 -4.80
C ALA O 51 -34.76 -7.22 -6.03
N LYS O 52 -35.42 -8.12 -6.76
CA LYS O 52 -36.17 -7.71 -7.94
C LYS O 52 -37.26 -6.74 -7.55
N ASN O 53 -37.95 -7.04 -6.46
CA ASN O 53 -39.02 -6.19 -5.99
C ASN O 53 -38.52 -4.81 -5.57
N VAL O 54 -37.49 -4.79 -4.74
CA VAL O 54 -36.92 -3.53 -4.27
C VAL O 54 -36.40 -2.66 -5.42
N VAL O 55 -35.64 -3.25 -6.32
CA VAL O 55 -35.08 -2.50 -7.43
C VAL O 55 -36.17 -1.92 -8.32
N SER O 56 -37.18 -2.72 -8.65
CA SER O 56 -38.25 -2.21 -9.50
C SER O 56 -39.10 -1.12 -8.82
N GLN O 57 -39.15 -1.15 -7.49
CA GLN O 57 -39.91 -0.12 -6.78
C GLN O 57 -39.18 1.21 -6.91
N PHE O 58 -37.86 1.21 -6.71
CA PHE O 58 -37.08 2.43 -6.84
C PHE O 58 -37.11 2.94 -8.28
N VAL O 59 -36.95 2.04 -9.24
CA VAL O 59 -36.98 2.41 -10.65
C VAL O 59 -38.35 3.00 -10.94
N SER O 60 -39.38 2.34 -10.43
CA SER O 60 -40.76 2.79 -10.63
C SER O 60 -40.95 4.22 -10.10
N SER O 61 -40.28 4.56 -9.01
CA SER O 61 -40.41 5.87 -8.42
C SER O 61 -40.00 7.00 -9.35
N MET O 62 -39.16 6.69 -10.33
CA MET O 62 -38.71 7.72 -11.27
C MET O 62 -39.66 7.87 -12.45
N SER O 63 -40.58 6.92 -12.61
CA SER O 63 -41.55 6.97 -13.70
C SER O 63 -42.60 8.02 -13.35
N ALA O 64 -43.36 8.45 -14.34
CA ALA O 64 -44.40 9.46 -14.15
C ALA O 64 -45.23 9.21 -12.91
N SER O 65 -45.33 10.21 -12.04
CA SER O 65 -46.12 10.08 -10.82
C SER O 65 -47.60 10.15 -11.15
N ALA O 66 -48.45 9.71 -10.23
CA ALA O 66 -49.90 9.70 -10.45
C ALA O 66 -50.56 10.99 -10.90
N ASP O 67 -50.01 12.13 -10.49
CA ASP O 67 -50.55 13.44 -10.87
C ASP O 67 -50.24 13.80 -12.32
N VAL O 68 -49.20 13.18 -12.85
CA VAL O 68 -48.76 13.43 -14.22
C VAL O 68 -49.56 12.64 -15.26
N LEU O 69 -50.10 11.50 -14.85
CA LEU O 69 -50.86 10.65 -15.77
C LEU O 69 -52.31 11.07 -16.00
N ALA O 70 -52.81 12.00 -15.19
CA ALA O 70 -54.18 12.48 -15.34
C ALA O 70 -54.36 13.29 -16.61
N MET O 71 -54.92 12.67 -17.64
CA MET O 71 -55.12 13.34 -18.93
C MET O 71 -56.58 13.55 -19.32
N SER O 72 -56.80 14.46 -20.28
CA SER O 72 -58.13 14.80 -20.77
C SER O 72 -58.03 15.46 -22.14
N LYS O 73 -59.13 15.43 -22.89
CA LYS O 73 -59.18 16.02 -24.23
C LYS O 73 -59.17 17.54 -24.15
N ILE O 74 -59.18 18.20 -25.31
CA ILE O 74 -59.18 19.66 -25.38
C ILE O 74 -60.07 20.16 -26.53
N GLU O 75 -60.93 21.14 -26.24
CA GLU O 75 -61.84 21.71 -27.24
C GLU O 75 -61.26 22.98 -27.85
N ILE O 76 -61.22 23.05 -29.17
CA ILE O 76 -60.67 24.24 -29.83
C ILE O 76 -61.68 24.96 -30.73
N LYS O 77 -61.65 26.30 -30.66
CA LYS O 77 -62.53 27.15 -31.43
C LYS O 77 -61.89 27.51 -32.77
N LEU O 78 -62.32 26.82 -33.81
CA LEU O 78 -61.80 27.02 -35.16
C LEU O 78 -61.98 28.43 -35.74
N SER O 79 -63.05 29.10 -35.35
CA SER O 79 -63.30 30.44 -35.85
C SER O 79 -62.23 31.46 -35.43
N ASP O 80 -61.61 31.24 -34.28
CA ASP O 80 -60.56 32.15 -33.78
C ASP O 80 -59.28 32.04 -34.61
N ILE O 81 -59.18 31.01 -35.44
CA ILE O 81 -57.98 30.80 -36.25
C ILE O 81 -58.15 31.15 -37.73
N PRO O 82 -57.59 32.30 -38.16
CA PRO O 82 -57.64 32.81 -39.53
C PRO O 82 -56.92 31.91 -40.53
N GLU O 83 -57.33 32.02 -41.79
CA GLU O 83 -56.72 31.24 -42.86
C GLU O 83 -55.24 31.58 -42.93
N GLY O 84 -54.39 30.56 -42.99
CA GLY O 84 -52.96 30.79 -43.07
C GLY O 84 -52.25 30.77 -41.73
N LYS O 85 -53.02 30.80 -40.64
CA LYS O 85 -52.43 30.81 -39.31
C LYS O 85 -52.28 29.44 -38.66
N ASN O 86 -51.09 29.21 -38.11
CA ASN O 86 -50.79 27.98 -37.39
C ASN O 86 -50.88 28.44 -35.94
N MET O 87 -51.77 27.83 -35.18
CA MET O 87 -51.96 28.20 -33.78
C MET O 87 -51.47 27.08 -32.87
N ALA O 88 -50.65 27.44 -31.89
CA ALA O 88 -50.11 26.45 -30.95
C ALA O 88 -50.80 26.52 -29.61
N PHE O 89 -51.12 25.35 -29.06
CA PHE O 89 -51.77 25.24 -27.76
C PHE O 89 -50.94 24.25 -26.95
N LYS O 90 -50.99 24.37 -25.64
CA LYS O 90 -50.28 23.43 -24.78
C LYS O 90 -51.33 22.34 -24.54
N TRP O 91 -50.96 21.08 -24.77
CA TRP O 91 -51.89 19.97 -24.57
C TRP O 91 -51.17 18.68 -24.20
N ARG O 92 -51.60 18.06 -23.10
CA ARG O 92 -51.00 16.83 -22.61
C ARG O 92 -49.48 16.99 -22.50
N GLY O 93 -49.05 18.22 -22.23
CA GLY O 93 -47.64 18.52 -22.07
C GLY O 93 -46.88 19.14 -23.23
N LYS O 94 -47.29 18.85 -24.46
CA LYS O 94 -46.58 19.35 -25.64
C LYS O 94 -47.38 20.35 -26.48
N PRO O 95 -46.76 20.90 -27.54
CA PRO O 95 -47.50 21.85 -28.38
C PRO O 95 -48.52 21.08 -29.20
N LEU O 96 -49.65 21.70 -29.49
CA LEU O 96 -50.68 21.10 -30.33
C LEU O 96 -50.88 22.14 -31.40
N PHE O 97 -50.63 21.76 -32.65
CA PHE O 97 -50.80 22.70 -33.74
C PHE O 97 -52.16 22.52 -34.41
N VAL O 98 -52.84 23.63 -34.67
CA VAL O 98 -54.11 23.60 -35.37
C VAL O 98 -53.89 24.70 -36.40
N ARG O 99 -53.71 24.28 -37.64
CA ARG O 99 -53.42 25.20 -38.72
C ARG O 99 -54.50 25.27 -39.80
N HIS O 100 -54.95 26.50 -40.08
CA HIS O 100 -55.97 26.77 -41.08
C HIS O 100 -55.24 26.93 -42.42
N ARG O 101 -55.35 25.93 -43.30
CA ARG O 101 -54.66 25.96 -44.59
C ARG O 101 -55.40 26.67 -45.74
N THR O 102 -54.61 27.23 -46.66
CA THR O 102 -55.12 27.95 -47.83
C THR O 102 -55.29 26.99 -48.98
N LYS O 103 -55.99 27.40 -50.03
CA LYS O 103 -56.18 26.53 -51.20
C LYS O 103 -54.84 26.16 -51.80
N LYS O 104 -53.95 27.14 -51.92
CA LYS O 104 -52.64 26.90 -52.48
C LYS O 104 -51.84 25.87 -51.69
N GLU O 105 -51.88 25.98 -50.36
CA GLU O 105 -51.15 25.03 -49.52
C GLU O 105 -51.75 23.65 -49.74
N ILE O 106 -53.07 23.57 -49.69
CA ILE O 106 -53.80 22.32 -49.90
C ILE O 106 -53.42 21.70 -51.24
N ASP O 107 -53.41 22.52 -52.29
CA ASP O 107 -53.06 22.02 -53.62
C ASP O 107 -51.59 21.60 -53.68
N GLN O 108 -50.71 22.36 -53.02
CA GLN O 108 -49.30 22.01 -53.04
C GLN O 108 -49.14 20.63 -52.41
N GLU O 109 -49.78 20.41 -51.25
CA GLU O 109 -49.67 19.13 -50.58
C GLU O 109 -50.26 18.01 -51.42
N ALA O 110 -51.28 18.31 -52.22
CA ALA O 110 -51.89 17.28 -53.07
C ALA O 110 -50.94 16.82 -54.19
N ALA O 111 -50.10 17.73 -54.66
CA ALA O 111 -49.17 17.45 -55.75
C ALA O 111 -47.93 16.65 -55.37
N VAL O 112 -47.69 16.43 -54.08
CA VAL O 112 -46.50 15.69 -53.65
C VAL O 112 -46.46 14.26 -54.17
N GLU O 113 -45.30 13.86 -54.67
CA GLU O 113 -45.11 12.51 -55.17
C GLU O 113 -44.83 11.66 -53.93
N VAL O 114 -45.89 11.02 -53.46
CA VAL O 114 -45.87 10.19 -52.26
C VAL O 114 -44.85 9.06 -52.16
N SER O 115 -44.60 8.35 -53.25
CA SER O 115 -43.65 7.24 -53.20
C SER O 115 -42.21 7.67 -52.91
N GLN O 116 -41.96 8.97 -52.91
CA GLN O 116 -40.61 9.48 -52.66
C GLN O 116 -40.41 9.98 -51.24
N LEU O 117 -41.47 9.95 -50.44
CA LEU O 117 -41.41 10.39 -49.06
C LEU O 117 -40.77 9.31 -48.18
N ARG O 118 -40.02 9.72 -47.16
CA ARG O 118 -39.38 8.75 -46.28
C ARG O 118 -40.47 8.10 -45.42
N ASP O 119 -41.52 8.86 -45.17
CA ASP O 119 -42.65 8.37 -44.39
C ASP O 119 -43.86 8.63 -45.31
N PRO O 120 -44.04 7.77 -46.33
CA PRO O 120 -45.10 7.85 -47.34
C PRO O 120 -46.54 7.82 -46.84
N GLN O 121 -47.19 8.96 -47.00
CA GLN O 121 -48.59 9.15 -46.62
C GLN O 121 -49.16 10.23 -47.52
N HIS O 122 -50.39 10.03 -47.99
CA HIS O 122 -51.00 11.04 -48.84
C HIS O 122 -51.55 12.10 -47.87
N ASP O 123 -51.57 13.36 -48.29
CA ASP O 123 -52.07 14.43 -47.43
C ASP O 123 -53.45 14.08 -46.91
N LEU O 124 -54.29 13.51 -47.77
CA LEU O 124 -55.64 13.16 -47.38
C LEU O 124 -55.77 12.01 -46.37
N GLU O 125 -54.64 11.42 -45.99
CA GLU O 125 -54.67 10.34 -45.01
C GLU O 125 -54.30 10.94 -43.67
N ARG O 126 -53.95 12.22 -43.69
CA ARG O 126 -53.56 12.92 -42.47
C ARG O 126 -54.51 14.03 -41.99
N VAL O 127 -55.57 14.29 -42.76
CA VAL O 127 -56.56 15.31 -42.39
C VAL O 127 -57.98 14.79 -42.60
N LYS O 128 -58.94 15.41 -41.92
CA LYS O 128 -60.34 15.01 -42.06
C LYS O 128 -60.97 16.04 -43.00
N LYS O 129 -60.60 17.30 -42.77
CA LYS O 129 -61.05 18.42 -43.57
C LYS O 129 -59.76 19.11 -44.00
N PRO O 130 -59.47 19.10 -45.31
CA PRO O 130 -58.28 19.71 -45.90
C PRO O 130 -57.85 21.10 -45.40
N GLU O 131 -58.82 21.97 -45.17
CA GLU O 131 -58.50 23.32 -44.71
C GLU O 131 -57.92 23.30 -43.30
N TRP O 132 -58.05 22.16 -42.63
CA TRP O 132 -57.55 22.04 -41.26
C TRP O 132 -56.55 20.91 -41.07
N VAL O 133 -55.33 21.25 -40.64
CA VAL O 133 -54.33 20.24 -40.38
C VAL O 133 -54.05 20.36 -38.89
N ILE O 134 -54.16 19.25 -38.18
CA ILE O 134 -53.94 19.24 -36.74
C ILE O 134 -52.80 18.28 -36.41
N LEU O 135 -51.77 18.79 -35.74
CA LEU O 135 -50.59 17.99 -35.42
C LEU O 135 -50.03 18.23 -34.03
N ILE O 136 -49.26 17.28 -33.55
CA ILE O 136 -48.61 17.42 -32.26
C ILE O 136 -47.35 18.12 -32.72
N GLY O 137 -47.14 19.36 -32.24
CA GLY O 137 -45.99 20.14 -32.64
C GLY O 137 -44.65 19.72 -32.03
N VAL O 138 -44.26 18.48 -32.28
CA VAL O 138 -42.99 17.96 -31.76
C VAL O 138 -42.21 17.27 -32.88
N CYS O 139 -41.06 17.82 -33.24
CA CYS O 139 -40.20 17.26 -34.27
C CYS O 139 -39.94 15.79 -33.91
N THR O 140 -40.09 14.89 -34.87
CA THR O 140 -39.87 13.47 -34.60
C THR O 140 -38.40 13.08 -34.44
N HIS O 141 -37.49 14.01 -34.70
CA HIS O 141 -36.06 13.74 -34.55
C HIS O 141 -35.73 13.70 -33.06
N LEU O 142 -35.56 14.88 -32.46
CA LEU O 142 -35.20 14.93 -31.04
C LEU O 142 -36.08 15.85 -30.17
N GLY O 143 -37.34 16.05 -30.58
CA GLY O 143 -38.26 16.84 -29.78
C GLY O 143 -38.44 18.36 -29.78
N CYS O 144 -37.72 19.10 -30.63
CA CYS O 144 -37.90 20.56 -30.61
C CYS O 144 -39.22 20.92 -31.27
N VAL O 145 -39.57 22.20 -31.21
CA VAL O 145 -40.82 22.67 -31.81
C VAL O 145 -40.58 23.29 -33.20
N PRO O 146 -41.12 22.64 -34.25
CA PRO O 146 -40.94 23.18 -35.60
C PRO O 146 -41.57 24.56 -35.76
N ILE O 147 -40.91 25.42 -36.53
CA ILE O 147 -41.37 26.77 -36.76
C ILE O 147 -42.26 26.82 -38.00
N ALA O 148 -43.50 27.24 -37.83
CA ALA O 148 -44.46 27.33 -38.94
C ALA O 148 -44.05 28.33 -40.02
N ASN O 149 -44.32 27.98 -41.26
CA ASN O 149 -44.03 28.82 -42.42
C ASN O 149 -42.55 29.01 -42.74
N ALA O 150 -41.70 28.16 -42.16
CA ALA O 150 -40.27 28.25 -42.40
C ALA O 150 -39.85 26.98 -43.11
N GLY O 151 -38.62 26.96 -43.60
CA GLY O 151 -38.17 25.79 -44.32
C GLY O 151 -38.44 25.92 -45.81
N ASP O 152 -38.08 24.89 -46.57
CA ASP O 152 -38.27 24.93 -48.02
C ASP O 152 -39.58 24.39 -48.58
N PHE O 153 -40.55 24.08 -47.70
CA PHE O 153 -41.83 23.56 -48.17
C PHE O 153 -43.07 24.23 -47.60
N GLY O 154 -42.92 25.48 -47.18
CA GLY O 154 -44.04 26.23 -46.65
C GLY O 154 -44.72 25.60 -45.46
N GLY O 155 -44.20 24.48 -44.97
CA GLY O 155 -44.79 23.81 -43.82
C GLY O 155 -44.17 24.26 -42.52
N TYR O 156 -43.12 23.56 -42.10
CA TYR O 156 -42.42 23.89 -40.86
C TYR O 156 -40.94 23.58 -40.97
N TYR O 157 -40.14 24.25 -40.13
CA TYR O 157 -38.70 24.05 -40.10
C TYR O 157 -38.25 23.89 -38.66
N CYS O 158 -37.59 22.77 -38.35
CA CYS O 158 -37.13 22.57 -36.97
C CYS O 158 -35.72 23.14 -36.89
N PRO O 159 -35.53 24.18 -36.08
CA PRO O 159 -34.23 24.84 -35.91
C PRO O 159 -33.16 24.04 -35.17
N CYS O 160 -33.54 22.98 -34.48
CA CYS O 160 -32.53 22.23 -33.76
C CYS O 160 -31.54 21.53 -34.66
N HIS O 161 -32.01 20.75 -35.64
CA HIS O 161 -31.05 20.09 -36.54
C HIS O 161 -31.40 20.13 -38.03
N GLY O 162 -32.24 21.07 -38.40
CA GLY O 162 -32.59 21.23 -39.81
C GLY O 162 -33.64 20.33 -40.44
N SER O 163 -34.69 19.95 -39.73
CA SER O 163 -35.72 19.09 -40.32
C SER O 163 -36.78 19.98 -40.96
N HIS O 164 -37.07 19.72 -42.23
CA HIS O 164 -38.06 20.50 -42.98
C HIS O 164 -39.30 19.65 -43.15
N TYR O 165 -40.47 20.20 -42.82
CA TYR O 165 -41.73 19.47 -42.98
C TYR O 165 -42.60 20.28 -43.96
N ASP O 166 -43.58 19.63 -44.59
CA ASP O 166 -44.46 20.37 -45.49
C ASP O 166 -45.71 20.79 -44.72
N ALA O 167 -46.67 21.43 -45.39
CA ALA O 167 -47.89 21.90 -44.72
C ALA O 167 -48.82 20.77 -44.26
N SER O 168 -48.36 19.53 -44.43
CA SER O 168 -49.13 18.35 -44.04
C SER O 168 -48.45 17.79 -42.81
N GLY O 169 -47.26 18.32 -42.53
CA GLY O 169 -46.51 17.89 -41.38
C GLY O 169 -45.65 16.69 -41.70
N ARG O 170 -45.53 16.38 -42.98
CA ARG O 170 -44.72 15.26 -43.42
C ARG O 170 -43.26 15.69 -43.49
N ILE O 171 -42.35 14.82 -43.05
CA ILE O 171 -40.93 15.11 -43.08
C ILE O 171 -40.41 15.01 -44.52
N ARG O 172 -39.74 16.05 -44.98
CA ARG O 172 -39.25 16.08 -46.35
C ARG O 172 -37.74 16.18 -46.48
N LYS O 173 -37.09 16.70 -45.45
CA LYS O 173 -35.64 16.84 -45.49
C LYS O 173 -35.07 17.00 -44.10
N GLY O 174 -33.85 16.51 -43.90
CA GLY O 174 -33.26 16.61 -42.59
C GLY O 174 -33.19 15.24 -41.92
N PRO O 175 -32.86 15.18 -40.62
CA PRO O 175 -32.76 13.92 -39.88
C PRO O 175 -34.02 13.26 -39.30
N ALA O 176 -35.10 14.01 -39.12
CA ALA O 176 -36.32 13.41 -38.55
C ALA O 176 -36.76 12.18 -39.38
N PRO O 177 -37.14 11.09 -38.71
CA PRO O 177 -37.56 9.87 -39.39
C PRO O 177 -39.04 9.78 -39.75
N LEU O 178 -39.89 10.46 -38.99
CA LEU O 178 -41.31 10.38 -39.23
C LEU O 178 -42.05 11.69 -39.43
N ASN O 179 -43.27 11.58 -39.98
CA ASN O 179 -44.12 12.75 -40.21
C ASN O 179 -44.60 13.16 -38.84
N LEU O 180 -44.90 14.44 -38.67
CA LEU O 180 -45.39 14.93 -37.39
C LEU O 180 -46.64 14.13 -37.04
N GLU O 181 -46.78 13.76 -35.77
CA GLU O 181 -47.91 12.96 -35.33
C GLU O 181 -49.24 13.66 -35.46
N VAL O 182 -50.22 12.91 -35.95
CA VAL O 182 -51.58 13.39 -36.10
C VAL O 182 -52.38 12.78 -34.96
N PRO O 183 -52.91 13.61 -34.06
CA PRO O 183 -53.67 13.04 -32.95
C PRO O 183 -55.10 12.75 -33.39
N SER O 184 -55.83 12.01 -32.55
CA SER O 184 -57.22 11.69 -32.86
C SER O 184 -58.02 12.95 -32.57
N TYR O 185 -59.04 13.21 -33.38
CA TYR O 185 -59.88 14.38 -33.16
C TYR O 185 -61.18 14.29 -33.94
N GLU O 186 -62.17 15.07 -33.49
CA GLU O 186 -63.48 15.10 -34.13
C GLU O 186 -64.03 16.52 -34.11
N PHE O 187 -64.67 16.93 -35.20
CA PHE O 187 -65.25 18.27 -35.26
C PHE O 187 -66.65 18.18 -34.70
N THR O 188 -67.12 19.24 -34.06
CA THR O 188 -68.46 19.23 -33.51
C THR O 188 -69.21 20.28 -34.32
N SER O 189 -70.45 20.58 -33.93
CA SER O 189 -71.20 21.60 -34.63
C SER O 189 -70.50 22.91 -34.25
N ASP O 190 -71.26 23.98 -34.05
CA ASP O 190 -70.68 25.27 -33.66
C ASP O 190 -69.17 25.23 -33.87
N ASP O 191 -68.78 25.24 -35.14
CA ASP O 191 -67.38 25.14 -35.56
C ASP O 191 -66.28 25.10 -34.51
N MET O 192 -66.11 23.92 -33.93
CA MET O 192 -65.06 23.66 -32.98
C MET O 192 -64.55 22.25 -33.25
N VAL O 193 -63.41 21.91 -32.66
CA VAL O 193 -62.81 20.60 -32.84
C VAL O 193 -62.40 20.08 -31.48
N ILE O 194 -62.63 18.79 -31.24
CA ILE O 194 -62.26 18.19 -29.97
C ILE O 194 -61.12 17.21 -30.21
N VAL O 195 -59.96 17.53 -29.66
CA VAL O 195 -58.77 16.72 -29.82
C VAL O 195 -58.56 15.81 -28.61
N GLY O 196 -58.25 14.54 -28.86
CA GLY O 196 -58.04 13.61 -27.77
C GLY O 196 -59.01 12.45 -27.81
N TRP P 12 -10.36 -6.24 55.12
CA TRP P 12 -11.08 -7.49 54.71
C TRP P 12 -10.44 -8.00 53.43
N LEU P 13 -9.39 -7.29 53.02
CA LEU P 13 -8.65 -7.59 51.80
C LEU P 13 -7.91 -8.93 51.62
N GLU P 14 -8.65 -10.04 51.72
CA GLU P 14 -8.14 -11.39 51.47
C GLU P 14 -9.40 -12.22 51.22
N GLY P 15 -10.44 -11.94 52.00
CA GLY P 15 -11.70 -12.63 51.83
C GLY P 15 -12.36 -12.04 50.60
N ILE P 16 -12.39 -10.71 50.53
CA ILE P 16 -12.98 -10.03 49.38
C ILE P 16 -12.15 -10.40 48.16
N ARG P 17 -10.84 -10.43 48.34
CA ARG P 17 -9.92 -10.77 47.26
C ARG P 17 -10.25 -12.08 46.55
N LYS P 18 -10.36 -13.18 47.31
CA LYS P 18 -10.67 -14.46 46.68
C LYS P 18 -12.06 -14.39 46.06
N TRP P 19 -12.96 -13.62 46.68
CA TRP P 19 -14.32 -13.48 46.15
C TRP P 19 -14.26 -12.72 44.82
N TYR P 20 -13.49 -11.65 44.80
CA TYR P 20 -13.38 -10.85 43.59
C TYR P 20 -12.74 -11.66 42.49
N TYR P 21 -11.67 -12.38 42.82
CA TYR P 21 -10.96 -13.22 41.87
C TYR P 21 -11.94 -14.10 41.10
N ASN P 22 -12.83 -14.76 41.82
CA ASN P 22 -13.81 -15.64 41.19
C ASN P 22 -14.89 -14.86 40.44
N ALA P 23 -15.28 -13.69 40.97
CA ALA P 23 -16.29 -12.90 40.29
C ALA P 23 -15.70 -12.38 38.99
N ALA P 24 -14.42 -12.01 39.04
CA ALA P 24 -13.73 -11.53 37.85
C ALA P 24 -13.90 -12.62 36.80
N GLY P 25 -13.62 -13.85 37.20
CA GLY P 25 -13.79 -15.00 36.31
C GLY P 25 -12.84 -15.36 35.19
N PHE P 26 -11.68 -14.71 35.11
CA PHE P 26 -10.78 -15.09 34.04
C PHE P 26 -10.25 -16.48 34.34
N ASN P 27 -10.36 -16.88 35.61
CA ASN P 27 -9.89 -18.20 36.03
C ASN P 27 -10.77 -19.27 35.42
N LYS P 28 -12.01 -18.92 35.11
CA LYS P 28 -12.95 -19.88 34.52
C LYS P 28 -12.57 -20.22 33.08
N LEU P 29 -11.73 -19.40 32.48
CA LEU P 29 -11.25 -19.63 31.12
C LEU P 29 -9.86 -20.25 31.19
N GLY P 30 -9.38 -20.49 32.41
CA GLY P 30 -8.08 -21.09 32.62
C GLY P 30 -6.92 -20.10 32.51
N LEU P 31 -7.23 -18.82 32.56
CA LEU P 31 -6.23 -17.76 32.47
C LEU P 31 -5.63 -17.42 33.82
N MET P 32 -4.43 -16.86 33.80
CA MET P 32 -3.75 -16.44 35.01
C MET P 32 -3.87 -14.93 34.91
N ARG P 33 -3.83 -14.25 36.04
CA ARG P 33 -3.97 -12.81 36.02
C ARG P 33 -3.09 -12.06 35.02
N ASP P 34 -1.79 -12.39 34.98
CA ASP P 34 -0.91 -11.72 34.01
C ASP P 34 -1.31 -11.95 32.55
N ASP P 35 -2.09 -13.00 32.27
CA ASP P 35 -2.52 -13.29 30.90
C ASP P 35 -3.52 -12.23 30.44
N THR P 36 -4.14 -11.53 31.40
CA THR P 36 -5.15 -10.53 31.08
C THR P 36 -4.67 -9.07 31.08
N ILE P 37 -3.40 -8.85 31.34
CA ILE P 37 -2.89 -7.49 31.37
C ILE P 37 -3.01 -6.79 30.01
N HIS P 38 -3.32 -5.51 30.04
CA HIS P 38 -3.43 -4.73 28.82
C HIS P 38 -2.01 -4.47 28.34
N GLU P 39 -1.71 -4.85 27.11
CA GLU P 39 -0.36 -4.68 26.58
C GLU P 39 0.00 -3.28 26.09
N ASN P 40 0.93 -2.63 26.77
CA ASN P 40 1.40 -1.33 26.33
C ASN P 40 2.83 -1.65 25.88
N ASP P 41 3.61 -0.65 25.52
CA ASP P 41 4.97 -0.94 25.08
C ASP P 41 5.87 -1.60 26.13
N ASP P 42 5.66 -1.28 27.41
CA ASP P 42 6.47 -1.89 28.47
C ASP P 42 6.16 -3.37 28.55
N VAL P 43 4.86 -3.68 28.51
CA VAL P 43 4.40 -5.06 28.59
C VAL P 43 4.85 -5.91 27.40
N LYS P 44 4.82 -5.34 26.20
CA LYS P 44 5.24 -6.08 25.02
C LYS P 44 6.72 -6.47 25.12
N GLU P 45 7.53 -5.56 25.63
CA GLU P 45 8.95 -5.83 25.78
C GLU P 45 9.17 -6.90 26.86
N ALA P 46 8.41 -6.82 27.95
CA ALA P 46 8.52 -7.80 29.01
C ALA P 46 8.19 -9.19 28.48
N ILE P 47 7.10 -9.29 27.72
CA ILE P 47 6.69 -10.57 27.15
C ILE P 47 7.75 -11.10 26.20
N ARG P 48 8.40 -10.22 25.44
CA ARG P 48 9.45 -10.61 24.51
C ARG P 48 10.65 -11.20 25.25
N ARG P 49 10.83 -10.80 26.50
CA ARG P 49 11.95 -11.29 27.32
C ARG P 49 11.67 -12.60 28.05
N LEU P 50 10.44 -13.08 27.99
CA LEU P 50 10.07 -14.31 28.69
C LEU P 50 10.83 -15.52 28.17
N PRO P 51 11.21 -16.43 29.07
CA PRO P 51 11.92 -17.61 28.57
C PRO P 51 10.91 -18.41 27.73
N GLU P 52 11.41 -19.21 26.80
CA GLU P 52 10.54 -20.02 25.92
C GLU P 52 9.34 -20.71 26.55
N ASN P 53 9.56 -21.44 27.64
CA ASN P 53 8.46 -22.17 28.28
C ASN P 53 7.34 -21.27 28.80
N LEU P 54 7.69 -20.15 29.42
CA LEU P 54 6.68 -19.24 29.93
C LEU P 54 5.96 -18.55 28.78
N TYR P 55 6.69 -18.26 27.70
CA TYR P 55 6.07 -17.62 26.54
C TYR P 55 5.09 -18.57 25.89
N ASP P 56 5.52 -19.82 25.67
CA ASP P 56 4.65 -20.82 25.05
C ASP P 56 3.44 -21.17 25.91
N ASP P 57 3.62 -21.21 27.24
CA ASP P 57 2.50 -21.51 28.15
C ASP P 57 1.47 -20.40 28.05
N ARG P 58 1.95 -19.17 28.02
CA ARG P 58 1.09 -18.00 27.94
C ARG P 58 0.28 -18.05 26.66
N VAL P 59 0.95 -18.37 25.57
CA VAL P 59 0.31 -18.45 24.28
C VAL P 59 -0.82 -19.48 24.29
N PHE P 60 -0.58 -20.65 24.86
CA PHE P 60 -1.64 -21.66 24.87
C PHE P 60 -2.80 -21.31 25.78
N ARG P 61 -2.53 -20.74 26.95
CA ARG P 61 -3.62 -20.38 27.85
C ARG P 61 -4.52 -19.33 27.19
N ILE P 62 -3.90 -18.37 26.49
CA ILE P 62 -4.68 -17.34 25.82
C ILE P 62 -5.49 -17.93 24.67
N LYS P 63 -4.86 -18.81 23.88
CA LYS P 63 -5.55 -19.44 22.76
C LYS P 63 -6.73 -20.29 23.25
N ARG P 64 -6.52 -21.00 24.34
CA ARG P 64 -7.58 -21.84 24.91
C ARG P 64 -8.74 -20.95 25.38
N ALA P 65 -8.41 -19.83 26.02
CA ALA P 65 -9.44 -18.91 26.52
C ALA P 65 -10.22 -18.26 25.38
N LEU P 66 -9.52 -17.84 24.33
CA LEU P 66 -10.21 -17.23 23.19
C LEU P 66 -11.16 -18.24 22.55
N ASP P 67 -10.75 -19.51 22.50
CA ASP P 67 -11.56 -20.57 21.92
C ASP P 67 -12.81 -20.78 22.77
N LEU P 68 -12.65 -20.78 24.09
CA LEU P 68 -13.78 -20.96 25.00
C LEU P 68 -14.74 -19.78 24.83
N SER P 69 -14.16 -18.58 24.76
CA SER P 69 -14.93 -17.35 24.58
C SER P 69 -15.77 -17.41 23.32
N MET P 70 -15.17 -17.93 22.24
CA MET P 70 -15.88 -18.04 20.97
C MET P 70 -17.09 -18.96 21.08
N ARG P 71 -16.95 -19.98 21.91
CA ARG P 71 -18.02 -20.98 22.10
C ARG P 71 -18.92 -20.62 23.27
N GLN P 72 -18.67 -19.45 23.87
CA GLN P 72 -19.43 -18.98 25.02
C GLN P 72 -19.48 -20.09 26.07
N GLN P 73 -18.33 -20.70 26.32
CA GLN P 73 -18.20 -21.77 27.31
C GLN P 73 -17.06 -21.49 28.28
N ILE P 74 -17.04 -22.25 29.36
CA ILE P 74 -15.98 -22.12 30.37
C ILE P 74 -15.50 -23.53 30.70
N LEU P 75 -14.34 -23.63 31.32
CA LEU P 75 -13.77 -24.93 31.67
C LEU P 75 -14.52 -25.57 32.83
N PRO P 76 -14.32 -26.88 33.02
CA PRO P 76 -15.00 -27.57 34.12
C PRO P 76 -14.41 -26.91 35.37
N LYS P 77 -15.20 -26.77 36.42
CA LYS P 77 -14.70 -26.11 37.63
C LYS P 77 -13.34 -26.60 38.14
N GLU P 78 -13.05 -27.89 38.03
CA GLU P 78 -11.77 -28.41 38.52
C GLU P 78 -10.56 -27.93 37.74
N GLN P 79 -10.79 -27.28 36.60
CA GLN P 79 -9.66 -26.78 35.79
C GLN P 79 -9.51 -25.26 35.91
N TRP P 80 -10.37 -24.64 36.70
CA TRP P 80 -10.30 -23.19 36.88
C TRP P 80 -9.01 -22.85 37.59
N THR P 81 -8.38 -21.75 37.18
CA THR P 81 -7.14 -21.32 37.83
C THR P 81 -7.54 -21.05 39.27
N LYS P 82 -6.68 -21.43 40.21
CA LYS P 82 -7.00 -21.20 41.61
C LYS P 82 -6.35 -19.94 42.17
N TYR P 83 -7.15 -19.17 42.89
CA TYR P 83 -6.69 -17.93 43.50
C TYR P 83 -5.35 -18.14 44.19
N GLU P 84 -5.29 -19.19 45.00
CA GLU P 84 -4.10 -19.53 45.76
C GLU P 84 -2.88 -19.91 44.91
N GLU P 85 -3.10 -20.38 43.69
CA GLU P 85 -1.99 -20.81 42.84
C GLU P 85 -1.57 -19.82 41.77
N ASP P 86 -2.34 -18.75 41.60
CA ASP P 86 -2.01 -17.74 40.61
C ASP P 86 -0.86 -16.85 41.08
N LYS P 87 0.26 -16.90 40.36
CA LYS P 87 1.41 -16.08 40.71
C LYS P 87 1.80 -15.25 39.48
N SER P 88 2.49 -14.13 39.71
CA SER P 88 2.90 -13.28 38.60
C SER P 88 4.21 -13.73 37.97
N TYR P 89 4.11 -14.26 36.75
CA TYR P 89 5.29 -14.72 36.03
C TYR P 89 5.90 -13.56 35.28
N LEU P 90 5.10 -12.53 35.06
CA LEU P 90 5.52 -11.35 34.32
C LEU P 90 6.22 -10.27 35.13
N GLU P 91 5.85 -10.12 36.41
CA GLU P 91 6.44 -9.08 37.27
C GLU P 91 7.95 -8.83 37.22
N PRO P 92 8.79 -9.85 37.44
CA PRO P 92 10.21 -9.49 37.38
C PRO P 92 10.66 -8.87 36.06
N TYR P 93 10.12 -9.35 34.94
CA TYR P 93 10.50 -8.82 33.65
C TYR P 93 9.94 -7.42 33.44
N LEU P 94 8.65 -7.24 33.71
CA LEU P 94 8.02 -5.92 33.53
C LEU P 94 8.65 -4.85 34.42
N LYS P 95 8.93 -5.17 35.68
CA LYS P 95 9.55 -4.24 36.60
C LYS P 95 10.87 -3.71 36.05
N GLU P 96 11.70 -4.60 35.51
CA GLU P 96 12.99 -4.19 34.97
C GLU P 96 12.82 -3.35 33.70
N VAL P 97 11.81 -3.67 32.89
CA VAL P 97 11.59 -2.90 31.67
C VAL P 97 11.21 -1.48 32.03
N ILE P 98 10.36 -1.31 33.05
CA ILE P 98 9.95 0.02 33.49
C ILE P 98 11.11 0.79 34.11
N ARG P 99 11.95 0.09 34.86
CA ARG P 99 13.11 0.69 35.50
C ARG P 99 14.08 1.22 34.45
N GLU P 100 14.31 0.45 33.39
CA GLU P 100 15.21 0.88 32.32
C GLU P 100 14.65 2.14 31.65
N ARG P 101 13.35 2.15 31.36
CA ARG P 101 12.74 3.31 30.71
C ARG P 101 12.85 4.54 31.57
N LYS P 102 12.54 4.41 32.85
CA LYS P 102 12.63 5.54 33.75
C LYS P 102 14.05 6.11 33.75
N GLU P 103 15.06 5.23 33.70
CA GLU P 103 16.45 5.67 33.68
C GLU P 103 16.73 6.47 32.42
N ARG P 104 16.20 6.03 31.27
CA ARG P 104 16.43 6.75 30.03
C ARG P 104 15.75 8.10 30.11
N GLU P 105 14.59 8.14 30.75
CA GLU P 105 13.84 9.39 30.89
C GLU P 105 14.58 10.40 31.78
N GLU P 106 15.21 9.94 32.85
CA GLU P 106 15.97 10.84 33.72
C GLU P 106 17.17 11.42 32.98
N TRP P 107 17.80 10.61 32.12
CA TRP P 107 18.95 11.09 31.35
C TRP P 107 18.52 12.06 30.25
N ALA P 108 17.33 11.85 29.72
CA ALA P 108 16.82 12.71 28.65
C ALA P 108 16.59 14.11 29.21
N LYS P 109 16.58 14.20 30.53
CA LYS P 109 16.39 15.47 31.19
C LYS P 109 17.70 15.87 31.86
N LYS P 110 18.65 16.36 31.06
CA LYS P 110 19.93 16.80 31.58
C LYS P 110 20.47 17.93 30.72
C GLY Q 1 -0.86 -5.59 7.86
N ARG Q 2 -1.91 -5.96 8.57
CA ARG Q 2 -1.92 -7.20 9.32
C ARG Q 2 -2.23 -8.34 8.36
N GLN Q 3 -1.37 -9.36 8.34
CA GLN Q 3 -1.51 -10.48 7.43
C GLN Q 3 -1.11 -11.82 8.03
N PHE Q 4 -1.85 -12.87 7.67
CA PHE Q 4 -1.55 -14.21 8.16
C PHE Q 4 -0.13 -14.53 7.72
N GLY Q 5 0.69 -14.99 8.66
CA GLY Q 5 2.07 -15.29 8.34
C GLY Q 5 3.00 -14.31 9.05
N HIS Q 6 2.44 -13.17 9.46
CA HIS Q 6 3.20 -12.14 10.15
C HIS Q 6 2.54 -11.66 11.43
N LEU Q 7 1.57 -12.42 11.94
CA LEU Q 7 0.88 -11.98 13.14
C LEU Q 7 1.73 -12.14 14.41
N THR Q 8 1.92 -13.37 14.88
CA THR Q 8 2.73 -13.59 16.07
C THR Q 8 3.40 -14.96 16.06
N ARG Q 9 4.15 -15.25 17.12
CA ARG Q 9 4.87 -16.52 17.24
C ARG Q 9 4.11 -17.53 18.10
N VAL Q 10 3.88 -18.72 17.55
CA VAL Q 10 3.19 -19.80 18.25
C VAL Q 10 3.90 -21.13 18.06
N ARG Q 11 4.12 -21.87 19.16
CA ARG Q 11 4.79 -23.16 19.06
C ARG Q 11 4.09 -24.24 19.88
N HIS Q 12 4.15 -25.47 19.37
CA HIS Q 12 3.59 -26.66 20.02
C HIS Q 12 2.08 -26.76 20.22
N VAL Q 13 1.31 -26.12 19.35
CA VAL Q 13 -0.14 -26.19 19.44
C VAL Q 13 -0.75 -26.97 18.27
N ILE Q 14 -1.57 -27.96 18.60
CA ILE Q 14 -2.24 -28.78 17.60
C ILE Q 14 -3.73 -28.50 17.62
N THR Q 15 -4.29 -28.33 16.42
CA THR Q 15 -5.71 -28.04 16.26
C THR Q 15 -6.36 -29.10 15.37
N TYR Q 16 -7.46 -29.69 15.83
CA TYR Q 16 -8.16 -30.71 15.04
C TYR Q 16 -9.53 -30.18 14.65
N SER Q 17 -9.91 -30.36 13.38
CA SER Q 17 -11.21 -29.88 12.90
C SER Q 17 -11.88 -30.83 11.90
N LEU Q 18 -13.21 -30.76 11.83
CA LEU Q 18 -14.00 -31.57 10.91
C LEU Q 18 -14.62 -30.71 9.83
N SER Q 19 -14.79 -31.29 8.64
CA SER Q 19 -15.41 -30.58 7.55
C SER Q 19 -16.83 -30.29 8.00
N PRO Q 20 -17.41 -29.17 7.56
CA PRO Q 20 -18.78 -28.90 8.00
C PRO Q 20 -19.77 -29.93 7.49
N PHE Q 21 -19.42 -30.62 6.41
CA PHE Q 21 -20.30 -31.63 5.83
C PHE Q 21 -20.31 -32.95 6.62
N GLU Q 22 -19.34 -33.11 7.51
CA GLU Q 22 -19.24 -34.32 8.33
C GLU Q 22 -19.97 -34.15 9.64
N GLN Q 23 -20.41 -32.93 9.94
CA GLN Q 23 -21.07 -32.69 11.22
C GLN Q 23 -22.43 -32.00 11.20
N ARG Q 24 -23.03 -31.92 12.37
CA ARG Q 24 -24.33 -31.30 12.53
C ARG Q 24 -24.12 -29.81 12.78
N ALA Q 25 -24.99 -28.99 12.20
CA ALA Q 25 -24.89 -27.54 12.36
C ALA Q 25 -25.52 -27.11 13.67
N PHE Q 26 -26.41 -27.95 14.21
CA PHE Q 26 -27.10 -27.65 15.46
C PHE Q 26 -26.93 -28.74 16.51
N PRO Q 27 -25.70 -29.21 16.74
CA PRO Q 27 -25.54 -30.26 17.74
C PRO Q 27 -26.10 -29.88 19.13
N HIS Q 28 -26.99 -30.71 19.65
CA HIS Q 28 -27.58 -30.48 20.97
C HIS Q 28 -28.06 -29.06 21.19
N TYR Q 29 -28.65 -28.48 20.14
CA TYR Q 29 -29.14 -27.11 20.19
C TYR Q 29 -29.92 -26.75 21.44
N PHE Q 30 -30.78 -27.65 21.90
CA PHE Q 30 -31.59 -27.38 23.08
C PHE Q 30 -31.09 -28.08 24.34
N SER Q 31 -30.76 -29.36 24.23
CA SER Q 31 -30.28 -30.12 25.39
C SER Q 31 -29.05 -29.48 26.02
N LYS Q 32 -28.39 -28.59 25.29
CA LYS Q 32 -27.20 -27.91 25.78
C LYS Q 32 -27.35 -26.41 25.67
N GLY Q 33 -27.94 -25.96 24.56
CA GLY Q 33 -28.13 -24.54 24.35
C GLY Q 33 -28.85 -23.85 25.50
N ILE Q 34 -29.98 -24.41 25.90
CA ILE Q 34 -30.76 -23.83 26.99
C ILE Q 34 -29.97 -23.77 28.29
N PRO Q 35 -29.36 -24.91 28.70
CA PRO Q 35 -28.59 -24.91 29.94
C PRO Q 35 -27.47 -23.87 29.95
N ASN Q 36 -26.81 -23.69 28.82
CA ASN Q 36 -25.73 -22.71 28.76
C ASN Q 36 -26.31 -21.30 28.82
N VAL Q 37 -27.46 -21.10 28.19
CA VAL Q 37 -28.10 -19.78 28.21
C VAL Q 37 -28.48 -19.44 29.64
N LEU Q 38 -28.94 -20.45 30.38
CA LEU Q 38 -29.33 -20.23 31.77
C LEU Q 38 -28.08 -19.87 32.57
N ARG Q 39 -26.98 -20.57 32.28
CA ARG Q 39 -25.73 -20.32 32.98
C ARG Q 39 -25.29 -18.89 32.73
N ARG Q 40 -25.28 -18.49 31.46
CA ARG Q 40 -24.86 -17.15 31.09
C ARG Q 40 -25.80 -16.08 31.64
N THR Q 41 -27.09 -16.40 31.73
CA THR Q 41 -28.05 -15.44 32.25
C THR Q 41 -27.82 -15.28 33.75
N ARG Q 42 -27.83 -16.38 34.48
CA ARG Q 42 -27.61 -16.35 35.91
C ARG Q 42 -26.26 -15.70 36.24
N ALA Q 43 -25.31 -15.84 35.33
CA ALA Q 43 -23.97 -15.29 35.53
C ALA Q 43 -23.87 -13.77 35.39
N CYS Q 44 -24.81 -13.15 34.69
CA CYS Q 44 -24.75 -11.70 34.50
C CYS Q 44 -25.87 -10.91 35.17
N ILE Q 45 -27.04 -11.51 35.31
CA ILE Q 45 -28.19 -10.83 35.90
C ILE Q 45 -27.92 -9.98 37.16
N LEU Q 46 -26.98 -10.39 38.00
CA LEU Q 46 -26.71 -9.63 39.21
C LEU Q 46 -25.96 -8.34 38.88
N ARG Q 47 -25.33 -8.30 37.71
CA ARG Q 47 -24.58 -7.11 37.29
C ARG Q 47 -25.46 -6.21 36.41
N VAL Q 48 -26.27 -6.84 35.57
CA VAL Q 48 -27.14 -6.13 34.64
C VAL Q 48 -28.50 -5.63 35.15
N ALA Q 49 -29.27 -6.54 35.76
CA ALA Q 49 -30.62 -6.24 36.24
C ALA Q 49 -30.87 -5.16 37.29
N PRO Q 50 -30.11 -5.14 38.39
CA PRO Q 50 -30.32 -4.12 39.43
C PRO Q 50 -30.53 -2.67 38.97
N PRO Q 51 -29.65 -2.14 38.12
CA PRO Q 51 -29.81 -0.75 37.66
C PRO Q 51 -31.17 -0.50 36.98
N PHE Q 52 -31.64 -1.48 36.22
CA PHE Q 52 -32.91 -1.34 35.51
C PHE Q 52 -34.10 -1.49 36.45
N VAL Q 53 -33.89 -2.24 37.53
CA VAL Q 53 -34.95 -2.42 38.52
C VAL Q 53 -35.08 -1.06 39.20
N ALA Q 54 -33.95 -0.36 39.32
CA ALA Q 54 -33.94 0.95 39.93
C ALA Q 54 -34.67 1.92 39.01
N PHE Q 55 -34.37 1.85 37.71
CA PHE Q 55 -35.03 2.70 36.74
C PHE Q 55 -36.53 2.49 36.85
N TYR Q 56 -36.92 1.22 36.84
CA TYR Q 56 -38.32 0.85 36.93
C TYR Q 56 -38.99 1.47 38.14
N LEU Q 57 -38.32 1.39 39.29
CA LEU Q 57 -38.87 1.95 40.52
C LEU Q 57 -39.01 3.46 40.42
N VAL Q 58 -37.93 4.13 40.03
CA VAL Q 58 -37.94 5.58 39.89
C VAL Q 58 -39.04 6.02 38.93
N TYR Q 59 -39.20 5.26 37.85
CA TYR Q 59 -40.21 5.57 36.84
C TYR Q 59 -41.62 5.48 37.40
N THR Q 60 -41.95 4.35 38.02
CA THR Q 60 -43.28 4.17 38.57
C THR Q 60 -43.57 5.16 39.69
N TRP Q 61 -42.58 5.38 40.57
CA TRP Q 61 -42.76 6.31 41.67
C TRP Q 61 -42.95 7.72 41.12
N GLY Q 62 -42.06 8.12 40.22
CA GLY Q 62 -42.12 9.45 39.65
C GLY Q 62 -43.40 9.69 38.87
N THR Q 63 -43.83 8.71 38.08
CA THR Q 63 -45.05 8.86 37.31
C THR Q 63 -46.25 8.99 38.22
N GLN Q 64 -46.36 8.10 39.19
CA GLN Q 64 -47.48 8.14 40.12
C GLN Q 64 -47.46 9.43 40.95
N GLU Q 65 -46.26 9.89 41.29
CA GLU Q 65 -46.10 11.13 42.07
C GLU Q 65 -46.61 12.33 41.26
N PHE Q 66 -46.32 12.31 39.96
CA PHE Q 66 -46.74 13.37 39.05
C PHE Q 66 -48.26 13.45 38.98
N GLU Q 67 -48.88 12.28 38.87
CA GLU Q 67 -50.33 12.17 38.79
C GLU Q 67 -50.97 12.74 40.05
N LYS Q 68 -50.55 12.21 41.20
CA LYS Q 68 -51.06 12.64 42.49
C LYS Q 68 -50.95 14.15 42.66
N SER Q 69 -49.82 14.70 42.26
CA SER Q 69 -49.57 16.13 42.40
C SER Q 69 -50.54 17.03 41.63
N LYS Q 70 -51.15 16.51 40.56
CA LYS Q 70 -52.07 17.31 39.77
C LYS Q 70 -53.52 17.21 40.21
N ARG Q 71 -53.82 16.25 41.08
CA ARG Q 71 -55.17 16.08 41.55
C ARG Q 71 -55.53 17.18 42.56
N LYS Q 72 -56.72 17.73 42.38
CA LYS Q 72 -57.25 18.80 43.23
C LYS Q 72 -56.84 18.64 44.68
N ASN Q 73 -56.31 19.69 45.27
CA ASN Q 73 -55.94 19.67 46.67
C ASN Q 73 -56.97 20.60 47.30
N PRO Q 74 -58.07 20.03 47.82
CA PRO Q 74 -59.12 20.85 48.43
C PRO Q 74 -58.62 22.01 49.27
N ALA Q 75 -58.92 23.22 48.80
CA ALA Q 75 -58.54 24.45 49.47
C ALA Q 75 -59.80 25.19 49.89
N ALA Q 76 -59.78 25.78 51.08
N LEU R 13 -85.12 6.98 15.42
CA LEU R 13 -83.69 6.60 15.27
C LEU R 13 -82.93 6.86 16.57
N VAL R 14 -82.57 5.78 17.26
CA VAL R 14 -81.84 5.83 18.52
C VAL R 14 -80.36 5.47 18.33
N ASP R 15 -79.47 6.36 18.78
CA ASP R 15 -78.03 6.14 18.67
C ASP R 15 -77.58 5.08 19.65
N PRO R 16 -76.91 4.02 19.16
CA PRO R 16 -76.45 2.96 20.05
C PRO R 16 -75.63 3.56 21.19
N LEU R 17 -75.00 4.69 20.89
CA LEU R 17 -74.17 5.39 21.86
C LEU R 17 -74.92 5.74 23.14
N THR R 18 -76.18 6.15 23.00
CA THR R 18 -76.99 6.51 24.16
C THR R 18 -77.20 5.27 25.03
N THR R 19 -77.60 4.18 24.37
CA THR R 19 -77.87 2.91 25.04
C THR R 19 -76.63 2.41 25.76
N VAL R 20 -75.52 2.35 25.04
CA VAL R 20 -74.27 1.87 25.59
C VAL R 20 -73.77 2.73 26.75
N ARG R 21 -73.91 4.05 26.63
CA ARG R 21 -73.48 4.94 27.71
C ARG R 21 -74.28 4.66 28.96
N GLU R 22 -75.58 4.47 28.79
CA GLU R 22 -76.45 4.19 29.92
C GLU R 22 -76.09 2.88 30.63
N GLN R 23 -75.76 1.85 29.87
CA GLN R 23 -75.39 0.56 30.46
C GLN R 23 -74.05 0.72 31.16
N CYS R 24 -73.12 1.38 30.48
CA CYS R 24 -71.79 1.59 31.03
C CYS R 24 -71.72 2.39 32.32
N GLU R 25 -72.54 3.43 32.47
CA GLU R 25 -72.46 4.21 33.70
C GLU R 25 -73.15 3.53 34.88
N GLN R 26 -73.51 2.26 34.70
CA GLN R 26 -74.13 1.48 35.77
C GLN R 26 -72.98 0.85 36.57
N LEU R 27 -71.85 0.68 35.89
CA LEU R 27 -70.68 0.09 36.53
C LEU R 27 -70.28 0.85 37.78
N GLU R 28 -69.85 0.11 38.79
CA GLU R 28 -69.43 0.65 40.08
C GLU R 28 -68.51 1.86 39.95
N LYS R 29 -67.48 1.73 39.13
CA LYS R 29 -66.50 2.79 38.93
C LYS R 29 -67.17 4.11 38.48
N CYS R 30 -68.13 4.01 37.57
CA CYS R 30 -68.82 5.18 37.08
C CYS R 30 -69.76 5.79 38.12
N VAL R 31 -70.47 4.93 38.84
CA VAL R 31 -71.39 5.42 39.87
C VAL R 31 -70.59 6.17 40.94
N LYS R 32 -69.44 5.62 41.30
CA LYS R 32 -68.58 6.22 42.31
C LYS R 32 -68.19 7.61 41.82
N ALA R 33 -67.66 7.66 40.60
CA ALA R 33 -67.23 8.92 40.01
C ALA R 33 -68.40 9.89 39.89
N ARG R 34 -69.56 9.37 39.50
CA ARG R 34 -70.72 10.22 39.35
C ARG R 34 -71.06 10.82 40.70
N GLU R 35 -70.93 10.02 41.76
CA GLU R 35 -71.22 10.50 43.10
C GLU R 35 -70.23 11.59 43.52
N ARG R 36 -68.97 11.45 43.11
CA ARG R 36 -67.98 12.47 43.46
C ARG R 36 -68.28 13.74 42.67
N LEU R 37 -68.75 13.57 41.43
CA LEU R 37 -69.09 14.70 40.58
C LEU R 37 -70.27 15.47 41.16
N GLU R 38 -71.34 14.74 41.45
CA GLU R 38 -72.54 15.34 42.02
C GLU R 38 -72.21 16.04 43.33
N LEU R 39 -71.25 15.49 44.06
CA LEU R 39 -70.84 16.07 45.32
C LEU R 39 -70.12 17.39 45.04
N CYS R 40 -69.29 17.41 44.01
CA CYS R 40 -68.58 18.63 43.65
C CYS R 40 -69.61 19.67 43.21
N ASP R 41 -70.60 19.22 42.42
CA ASP R 41 -71.65 20.12 41.95
C ASP R 41 -72.26 20.81 43.17
N GLU R 42 -72.64 20.00 44.15
CA GLU R 42 -73.22 20.48 45.40
C GLU R 42 -72.39 21.61 46.01
N ARG R 43 -71.12 21.30 46.25
CA ARG R 43 -70.18 22.22 46.85
C ARG R 43 -69.95 23.52 46.07
N VAL R 44 -69.63 23.41 44.79
CA VAL R 44 -69.36 24.58 43.97
C VAL R 44 -70.56 25.50 43.75
N SER R 45 -71.70 24.93 43.36
CA SER R 45 -72.89 25.73 43.11
C SER R 45 -73.38 26.46 44.36
N SER R 46 -73.16 25.87 45.54
CA SER R 46 -73.59 26.46 46.81
C SER R 46 -72.87 27.77 47.10
N ARG R 47 -71.55 27.70 47.18
CA ARG R 47 -70.72 28.86 47.46
C ARG R 47 -70.99 30.01 46.49
N SER R 48 -71.05 31.22 47.04
CA SER R 48 -71.28 32.42 46.25
C SER R 48 -70.03 32.82 45.49
N GLN R 49 -68.88 32.79 46.17
CA GLN R 49 -67.61 33.15 45.57
C GLN R 49 -66.60 32.01 45.73
N THR R 50 -66.07 31.53 44.60
CA THR R 50 -65.09 30.47 44.60
C THR R 50 -64.55 30.31 43.19
N GLU R 51 -63.33 29.80 43.09
CA GLU R 51 -62.73 29.61 41.77
C GLU R 51 -62.68 28.12 41.40
N GLU R 52 -63.22 27.28 42.28
CA GLU R 52 -63.25 25.83 42.01
C GLU R 52 -64.36 25.46 41.04
N ASP R 53 -64.07 24.47 40.18
CA ASP R 53 -65.03 23.96 39.21
C ASP R 53 -64.90 22.45 39.24
N CYS R 54 -65.84 21.75 38.62
CA CYS R 54 -65.82 20.30 38.66
C CYS R 54 -65.26 19.58 37.44
N THR R 55 -64.29 20.19 36.76
CA THR R 55 -63.69 19.56 35.60
C THR R 55 -63.03 18.22 35.97
N GLU R 56 -62.22 18.22 37.03
CA GLU R 56 -61.55 16.99 37.45
C GLU R 56 -62.54 15.85 37.64
N GLU R 57 -63.57 16.08 38.46
CA GLU R 57 -64.56 15.07 38.74
C GLU R 57 -65.21 14.55 37.45
N LEU R 58 -65.61 15.46 36.57
CA LEU R 58 -66.24 15.07 35.32
C LEU R 58 -65.33 14.22 34.45
N LEU R 59 -64.05 14.60 34.36
CA LEU R 59 -63.11 13.84 33.56
C LEU R 59 -62.90 12.43 34.10
N ASP R 60 -62.89 12.29 35.43
CA ASP R 60 -62.72 10.96 36.03
C ASP R 60 -63.88 10.08 35.61
N PHE R 61 -65.07 10.67 35.61
CA PHE R 61 -66.29 9.96 35.25
C PHE R 61 -66.28 9.57 33.78
N LEU R 62 -65.90 10.50 32.92
CA LEU R 62 -65.87 10.24 31.48
C LEU R 62 -64.80 9.21 31.12
N HIS R 63 -63.70 9.21 31.86
CA HIS R 63 -62.63 8.26 31.60
C HIS R 63 -63.09 6.84 31.91
N ALA R 64 -63.76 6.67 33.06
CA ALA R 64 -64.25 5.36 33.44
C ALA R 64 -65.35 4.93 32.48
N ARG R 65 -66.27 5.83 32.18
CA ARG R 65 -67.38 5.49 31.28
C ARG R 65 -67.00 5.22 29.84
N ASP R 66 -66.15 6.07 29.26
CA ASP R 66 -65.76 5.89 27.87
C ASP R 66 -64.88 4.67 27.62
N HIS R 67 -64.15 4.24 28.63
CA HIS R 67 -63.31 3.06 28.47
C HIS R 67 -64.27 1.89 28.21
N CYS R 68 -65.36 1.88 28.95
CA CYS R 68 -66.39 0.84 28.83
C CYS R 68 -67.11 0.98 27.50
N VAL R 69 -67.51 2.21 27.16
CA VAL R 69 -68.21 2.45 25.91
C VAL R 69 -67.41 1.93 24.73
N ALA R 70 -66.12 2.25 24.73
CA ALA R 70 -65.21 1.84 23.67
C ALA R 70 -65.09 0.33 23.49
N HIS R 71 -65.40 -0.42 24.54
CA HIS R 71 -65.29 -1.87 24.43
C HIS R 71 -66.48 -2.56 23.76
N LYS R 72 -67.62 -1.87 23.67
CA LYS R 72 -68.77 -2.50 23.03
C LYS R 72 -69.53 -1.70 21.97
N LEU R 73 -69.38 -0.38 21.97
CA LEU R 73 -70.09 0.45 20.99
C LEU R 73 -70.01 0.00 19.54
N PHE R 74 -68.81 -0.32 19.06
CA PHE R 74 -68.63 -0.73 17.67
C PHE R 74 -69.38 -2.00 17.23
N ASN R 75 -69.79 -2.83 18.18
CA ASN R 75 -70.51 -4.05 17.85
C ASN R 75 -71.89 -3.70 17.30
N SER R 76 -72.34 -2.48 17.56
CA SER R 76 -73.65 -2.01 17.11
C SER R 76 -73.57 -1.14 15.87
N LEU R 77 -72.36 -0.89 15.39
CA LEU R 77 -72.17 -0.05 14.22
C LEU R 77 -71.78 -0.88 12.99
N LYS R 78 -71.96 -0.30 11.80
CA LYS R 78 -71.63 -1.00 10.56
C LYS R 78 -70.26 -0.62 10.02
N ALA S 32 11.51 -37.76 -16.26
CA ALA S 32 10.15 -38.34 -16.37
C ALA S 32 9.37 -38.11 -15.08
N ALA S 33 8.22 -38.78 -14.96
CA ALA S 33 7.38 -38.63 -13.80
C ALA S 33 7.76 -39.48 -12.59
N VAL S 34 9.01 -39.97 -12.53
CA VAL S 34 9.40 -40.69 -11.32
C VAL S 34 10.18 -39.67 -10.51
N PRO S 35 9.57 -39.21 -9.43
CA PRO S 35 10.22 -38.23 -8.56
C PRO S 35 11.39 -38.94 -7.88
N ALA S 36 12.38 -38.19 -7.43
CA ALA S 36 13.52 -38.82 -6.78
C ALA S 36 13.07 -39.42 -5.46
N THR S 37 13.89 -40.30 -4.92
CA THR S 37 13.58 -40.95 -3.67
C THR S 37 13.50 -39.94 -2.54
N SER S 38 14.35 -38.92 -2.61
CA SER S 38 14.40 -37.86 -1.61
C SER S 38 14.34 -36.51 -2.29
N GLU S 39 13.34 -35.71 -1.95
CA GLU S 39 13.19 -34.38 -2.53
C GLU S 39 14.01 -33.38 -1.74
N SER S 40 14.72 -32.52 -2.45
CA SER S 40 15.56 -31.53 -1.82
C SER S 40 14.88 -30.21 -1.46
N PRO S 41 15.20 -29.68 -0.27
CA PRO S 41 14.72 -28.44 0.33
C PRO S 41 15.96 -27.77 0.90
N VAL S 42 15.99 -26.44 1.00
CA VAL S 42 17.19 -25.82 1.54
C VAL S 42 17.02 -25.00 2.80
N LEU S 43 16.69 -23.72 2.65
CA LEU S 43 16.54 -22.81 3.78
C LEU S 43 15.10 -22.51 4.20
CA SER S 48 18.52 -37.27 12.16
C SER S 48 18.80 -38.68 12.66
N VAL S 49 20.07 -38.96 12.99
CA VAL S 49 20.47 -40.28 13.45
C VAL S 49 20.71 -40.39 14.96
N LEU S 50 20.17 -41.44 15.57
CA LEU S 50 20.29 -41.66 17.01
C LEU S 50 20.54 -43.12 17.44
N CYS S 51 21.08 -43.94 16.54
CA CYS S 51 21.38 -45.34 16.86
C CYS S 51 22.21 -46.02 15.78
N ARG S 52 23.03 -47.00 16.17
CA ARG S 52 23.88 -47.73 15.23
C ARG S 52 23.12 -48.18 13.98
N GLU S 53 21.97 -48.81 14.20
CA GLU S 53 21.14 -49.31 13.11
C GLU S 53 20.89 -48.27 12.02
N SER S 54 20.49 -47.06 12.41
CA SER S 54 20.20 -46.00 11.45
C SER S 54 21.46 -45.30 10.96
N LEU S 55 22.58 -45.60 11.60
CA LEU S 55 23.86 -45.00 11.22
C LEU S 55 24.52 -45.95 10.21
N ARG S 56 24.21 -47.23 10.34
CA ARG S 56 24.75 -48.26 9.47
C ARG S 56 24.46 -48.02 7.99
N GLY S 57 25.52 -47.87 7.21
CA GLY S 57 25.38 -47.65 5.79
C GLY S 57 25.74 -46.22 5.40
N GLN S 58 25.80 -45.34 6.38
CA GLN S 58 26.12 -43.94 6.14
C GLN S 58 27.59 -43.66 5.82
N ALA S 59 28.49 -44.50 6.31
CA ALA S 59 29.91 -44.30 6.04
C ALA S 59 30.11 -44.44 4.53
N ALA S 60 30.92 -43.56 3.96
CA ALA S 60 31.18 -43.59 2.52
C ALA S 60 32.10 -44.75 2.15
N GLY S 61 31.88 -45.33 0.97
CA GLY S 61 32.71 -46.45 0.52
C GLY S 61 33.28 -46.28 -0.88
N ARG S 62 32.79 -45.31 -1.63
CA ARG S 62 33.25 -45.11 -2.99
C ARG S 62 33.33 -43.62 -3.36
N PRO S 63 33.97 -43.28 -4.49
CA PRO S 63 34.10 -41.89 -4.92
C PRO S 63 32.71 -41.35 -5.15
N LEU S 64 32.53 -40.03 -5.09
CA LEU S 64 31.19 -39.55 -5.32
C LEU S 64 30.89 -39.15 -6.74
N VAL S 65 29.59 -39.18 -7.01
CA VAL S 65 29.02 -38.87 -8.32
C VAL S 65 27.99 -37.80 -8.04
N ALA S 66 27.87 -36.82 -8.93
CA ALA S 66 26.90 -35.77 -8.75
C ALA S 66 26.01 -35.81 -9.97
N SER S 67 24.70 -35.80 -9.74
CA SER S 67 23.76 -35.85 -10.85
C SER S 67 22.77 -34.69 -10.80
N VAL S 68 22.43 -34.20 -11.98
CA VAL S 68 21.50 -33.10 -12.14
C VAL S 68 20.51 -33.54 -13.21
N SER S 69 19.25 -33.15 -13.07
CA SER S 69 18.25 -33.56 -14.04
C SER S 69 17.33 -32.43 -14.47
N LEU S 70 16.60 -32.70 -15.54
CA LEU S 70 15.67 -31.76 -16.11
C LEU S 70 14.39 -31.94 -15.32
N ASN S 71 14.04 -33.21 -15.09
CA ASN S 71 12.82 -33.61 -14.41
C ASN S 71 12.91 -34.26 -13.02
N VAL S 72 14.11 -34.59 -12.59
CA VAL S 72 14.27 -35.27 -11.30
C VAL S 72 15.21 -34.57 -10.33
N PRO S 73 14.98 -34.75 -9.01
CA PRO S 73 15.86 -34.10 -8.04
C PRO S 73 17.31 -34.50 -8.24
N ALA S 74 18.20 -33.59 -7.93
CA ALA S 74 19.62 -33.85 -8.08
C ALA S 74 19.99 -34.87 -7.01
N SER S 75 21.15 -35.50 -7.16
CA SER S 75 21.58 -36.48 -6.19
C SER S 75 23.09 -36.44 -6.09
N VAL S 76 23.60 -37.04 -5.03
CA VAL S 76 25.03 -37.13 -4.80
C VAL S 76 25.19 -38.54 -4.24
N ARG S 77 26.06 -39.33 -4.86
CA ARG S 77 26.27 -40.68 -4.40
C ARG S 77 27.55 -40.77 -3.57
N TYR S 78 27.57 -41.70 -2.62
CA TYR S 78 28.71 -41.90 -1.73
C TYR S 78 29.26 -40.57 -1.22
N VAL T 1 -32.37 -50.05 -4.57
CA VAL T 1 -31.01 -49.69 -5.07
C VAL T 1 -31.05 -48.36 -5.83
N ALA T 2 -30.76 -47.27 -5.12
CA ALA T 2 -30.76 -45.93 -5.69
C ALA T 2 -30.53 -44.87 -4.61
N PRO T 3 -30.24 -43.61 -5.02
CA PRO T 3 -30.00 -42.51 -4.08
C PRO T 3 -31.28 -42.03 -3.39
N THR T 4 -31.16 -40.98 -2.59
CA THR T 4 -32.30 -40.42 -1.87
C THR T 4 -32.78 -39.12 -2.52
N LEU T 5 -33.57 -38.35 -1.78
CA LEU T 5 -34.11 -37.08 -2.27
C LEU T 5 -33.02 -36.06 -2.58
N THR T 6 -32.35 -35.59 -1.53
CA THR T 6 -31.30 -34.59 -1.65
C THR T 6 -30.12 -35.04 -2.51
N ALA T 7 -29.87 -36.35 -2.54
CA ALA T 7 -28.77 -36.88 -3.32
C ALA T 7 -29.05 -36.78 -4.81
N ARG T 8 -30.33 -36.75 -5.16
CA ARG T 8 -30.74 -36.64 -6.56
C ARG T 8 -30.62 -35.20 -7.06
N LEU T 9 -31.12 -34.26 -6.27
CA LEU T 9 -31.06 -32.84 -6.63
C LEU T 9 -29.63 -32.38 -6.76
N TYR T 10 -28.77 -32.90 -5.88
CA TYR T 10 -27.36 -32.54 -5.88
C TYR T 10 -26.65 -32.96 -7.17
N SER T 11 -26.64 -34.25 -7.43
CA SER T 11 -25.99 -34.78 -8.62
C SER T 11 -26.60 -34.18 -9.88
N LEU T 12 -27.92 -34.04 -9.88
CA LEU T 12 -28.65 -33.49 -11.01
C LEU T 12 -28.56 -31.99 -11.23
N LEU T 13 -28.97 -31.20 -10.24
CA LEU T 13 -28.96 -29.75 -10.39
C LEU T 13 -27.98 -28.90 -9.60
N PHE T 14 -27.35 -29.44 -8.56
CA PHE T 14 -26.43 -28.61 -7.78
C PHE T 14 -24.94 -28.81 -8.04
N ARG T 15 -24.53 -30.02 -8.44
CA ARG T 15 -23.11 -30.27 -8.69
C ARG T 15 -22.49 -29.34 -9.72
N ARG T 16 -23.30 -28.84 -10.65
CA ARG T 16 -22.79 -27.93 -11.67
C ARG T 16 -23.06 -26.48 -11.25
N THR T 17 -22.37 -25.55 -11.90
CA THR T 17 -22.55 -24.14 -11.60
C THR T 17 -23.55 -23.58 -12.60
N SER T 18 -23.52 -24.13 -13.81
CA SER T 18 -24.41 -23.70 -14.88
C SER T 18 -25.85 -24.17 -14.68
N THR T 19 -26.02 -25.36 -14.13
CA THR T 19 -27.35 -25.90 -13.90
C THR T 19 -27.89 -25.41 -12.56
N PHE T 20 -27.00 -25.28 -11.57
CA PHE T 20 -27.38 -24.80 -10.24
C PHE T 20 -27.94 -23.39 -10.34
N ALA T 21 -27.37 -22.59 -11.23
CA ALA T 21 -27.80 -21.22 -11.42
C ALA T 21 -29.15 -21.23 -12.14
N LEU T 22 -29.31 -22.17 -13.07
CA LEU T 22 -30.54 -22.29 -13.85
C LEU T 22 -31.69 -22.72 -12.95
N THR T 23 -31.37 -23.49 -11.93
CA THR T 23 -32.37 -23.98 -10.96
C THR T 23 -32.86 -22.80 -10.14
N ILE T 24 -31.93 -21.92 -9.80
CA ILE T 24 -32.23 -20.73 -9.03
C ILE T 24 -33.05 -19.78 -9.88
N VAL T 25 -32.71 -19.72 -11.16
CA VAL T 25 -33.41 -18.85 -12.10
C VAL T 25 -34.87 -19.29 -12.23
N VAL T 26 -35.09 -20.38 -12.94
CA VAL T 26 -36.43 -20.91 -13.14
C VAL T 26 -37.15 -21.08 -11.81
N GLY T 27 -36.41 -21.46 -10.77
CA GLY T 27 -37.00 -21.63 -9.47
C GLY T 27 -37.54 -20.30 -8.98
N ALA T 28 -36.84 -19.23 -9.36
CA ALA T 28 -37.22 -17.88 -8.97
C ALA T 28 -38.57 -17.50 -9.57
N LEU T 29 -38.74 -17.75 -10.87
CA LEU T 29 -40.00 -17.43 -11.53
C LEU T 29 -41.18 -18.16 -10.91
N PHE T 30 -41.09 -19.48 -10.80
CA PHE T 30 -42.18 -20.25 -10.21
C PHE T 30 -42.39 -19.85 -8.76
N PHE T 31 -41.31 -19.58 -8.05
CA PHE T 31 -41.44 -19.18 -6.65
C PHE T 31 -42.22 -17.88 -6.57
N GLU T 32 -41.83 -16.92 -7.41
CA GLU T 32 -42.48 -15.61 -7.43
C GLU T 32 -43.99 -15.67 -7.63
N ARG T 33 -44.44 -16.37 -8.67
CA ARG T 33 -45.86 -16.48 -8.95
C ARG T 33 -46.64 -17.09 -7.79
N ALA T 34 -46.20 -18.27 -7.34
CA ALA T 34 -46.86 -18.95 -6.25
C ALA T 34 -46.84 -18.14 -4.97
N PHE T 35 -45.67 -17.61 -4.63
CA PHE T 35 -45.53 -16.81 -3.42
C PHE T 35 -46.47 -15.61 -3.44
N ASP T 36 -46.41 -14.83 -4.52
CA ASP T 36 -47.26 -13.65 -4.63
C ASP T 36 -48.76 -13.96 -4.59
N GLN T 37 -49.19 -14.99 -5.33
CA GLN T 37 -50.60 -15.34 -5.36
C GLN T 37 -51.09 -15.86 -4.00
N GLY T 38 -50.27 -16.70 -3.38
CA GLY T 38 -50.61 -17.25 -2.08
C GLY T 38 -50.70 -16.17 -1.02
N ALA T 39 -49.74 -15.26 -1.02
CA ALA T 39 -49.72 -14.17 -0.06
C ALA T 39 -50.91 -13.24 -0.27
N ASP T 40 -51.22 -12.95 -1.54
CA ASP T 40 -52.35 -12.07 -1.84
C ASP T 40 -53.64 -12.75 -1.39
N ALA T 41 -53.72 -14.06 -1.59
CA ALA T 41 -54.89 -14.83 -1.20
C ALA T 41 -55.11 -14.74 0.31
N ILE T 42 -54.04 -14.90 1.05
CA ILE T 42 -54.09 -14.85 2.51
C ILE T 42 -54.51 -13.47 2.96
N TYR T 43 -53.95 -12.45 2.32
CA TYR T 43 -54.27 -11.07 2.66
C TYR T 43 -55.74 -10.79 2.41
N GLU T 44 -56.21 -11.15 1.23
CA GLU T 44 -57.59 -10.93 0.85
C GLU T 44 -58.55 -11.72 1.75
N HIS T 45 -58.14 -12.91 2.17
CA HIS T 45 -58.97 -13.73 3.05
C HIS T 45 -59.11 -13.06 4.42
N ILE T 46 -57.99 -12.57 4.96
CA ILE T 46 -57.98 -11.90 6.26
C ILE T 46 -58.86 -10.66 6.21
N ASN T 47 -58.94 -10.05 5.04
CA ASN T 47 -59.71 -8.82 4.86
C ASN T 47 -60.92 -8.97 3.96
N GLU T 48 -61.51 -10.15 3.98
CA GLU T 48 -62.68 -10.46 3.17
C GLU T 48 -63.80 -9.42 3.30
N GLY T 49 -64.28 -8.93 2.16
CA GLY T 49 -65.36 -7.97 2.15
C GLY T 49 -64.99 -6.51 2.41
N LYS T 50 -63.74 -6.25 2.76
CA LYS T 50 -63.31 -4.89 3.05
C LYS T 50 -62.62 -4.17 1.89
N LEU T 51 -61.96 -4.93 1.03
CA LEU T 51 -61.24 -4.36 -0.10
C LEU T 51 -62.11 -3.92 -1.28
N TRP T 52 -61.60 -2.95 -2.04
CA TRP T 52 -62.32 -2.43 -3.19
C TRP T 52 -62.69 -3.53 -4.17
N LYS T 53 -61.78 -4.48 -4.38
CA LYS T 53 -62.05 -5.56 -5.31
C LYS T 53 -63.21 -6.44 -4.84
N HIS T 54 -63.55 -6.35 -3.55
CA HIS T 54 -64.62 -7.16 -2.98
C HIS T 54 -66.00 -6.48 -3.08
N ILE T 55 -66.04 -5.15 -3.08
CA ILE T 55 -67.31 -4.42 -3.14
C ILE T 55 -67.53 -3.72 -4.47
N LYS T 56 -66.50 -3.75 -5.30
CA LYS T 56 -66.48 -3.16 -6.62
C LYS T 56 -67.72 -3.46 -7.47
N HIS T 57 -68.15 -4.71 -7.47
CA HIS T 57 -69.30 -5.13 -8.26
C HIS T 57 -70.58 -4.33 -7.98
N LYS T 58 -70.73 -3.85 -6.75
CA LYS T 58 -71.91 -3.08 -6.38
C LYS T 58 -72.00 -1.75 -7.10
N TYR T 59 -70.88 -1.28 -7.62
CA TYR T 59 -70.85 0.03 -8.27
C TYR T 59 -70.47 0.08 -9.75
N GLU T 60 -69.75 -0.94 -10.22
CA GLU T 60 -69.31 -0.96 -11.61
C GLU T 60 -70.43 -1.09 -12.63
N ASN T 61 -70.08 -0.88 -13.89
C ASN T 61 -68.71 -3.12 -14.92
N LYS T 62 -67.99 -2.07 -15.31
CA LYS T 62 -68.16 -1.47 -16.63
C LYS T 62 -68.07 -2.51 -17.74
#